data_8SB0
#
_entry.id   8SB0
#
_cell.length_a   1.00
_cell.length_b   1.00
_cell.length_c   1.00
_cell.angle_alpha   90.00
_cell.angle_beta   90.00
_cell.angle_gamma   90.00
#
_symmetry.space_group_name_H-M   'P 1'
#
loop_
_entity.id
_entity.type
_entity.pdbx_description
1 polymer 'CH848.10.17.SOSIP gp120'
2 polymer 'CH848.10.17.SOSIP gp41'
3 polymer 'DH270.I4.6 variable heavy chain'
4 polymer 'DH270.I4.6 variable light chain'
5 branched alpha-D-mannopyranose-(1-2)-alpha-D-mannopyranose-(1-3)-beta-D-mannopyranose-(1-4)-2-acetamido-2-deoxy-beta-D-glucopyranose-(1-4)-2-acetamido-2-deoxy-beta-D-glucopyranose
6 branched alpha-D-mannopyranose-(1-2)-alpha-D-mannopyranose-(1-2)-alpha-D-mannopyranose-(1-3)-[alpha-D-mannopyranose-(1-2)-alpha-D-mannopyranose-(1-6)-[alpha-D-mannopyranose-(1-3)]alpha-D-mannopyranose-(1-6)]beta-D-mannopyranose-(1-4)-2-acetamido-2-deoxy-beta-D-glucopyranose-(1-4)-2-acetamido-2-deoxy-beta-D-glucopyranose
7 branched 2-acetamido-2-deoxy-beta-D-glucopyranose-(1-4)-2-acetamido-2-deoxy-beta-D-glucopyranose
8 branched alpha-D-mannopyranose-(1-2)-alpha-D-mannopyranose-(1-3)-[alpha-D-mannopyranose-(1-6)]beta-D-mannopyranose-(1-4)-2-acetamido-2-deoxy-beta-D-glucopyranose-(1-4)-2-acetamido-2-deoxy-beta-D-glucopyranose
9 branched alpha-D-mannopyranose-(1-3)-beta-D-mannopyranose-(1-4)-2-acetamido-2-deoxy-beta-D-glucopyranose-(1-4)-2-acetamido-2-deoxy-beta-D-glucopyranose
#
loop_
_entity_poly.entity_id
_entity_poly.type
_entity_poly.pdbx_seq_one_letter_code
_entity_poly.pdbx_strand_id
1 'polypeptide(L)'
;AENLWVTVYYGVPVWKEAKTTLFCASDARAYEKEVHNVWATHACVPTDPSPQELVLGNVTENFNMWKNDMVDQMHEDIIS
LWDQSLKPCVKLTPLCVTLICSNATVKNGTVEEMKNCSFNTTTEIRDKEKKEYALFYKPDIVPLSETNNTSEYRLINCNT
SACTQACPKVTFEPIPIHYCAPAGYAILKCNDETFNGTGPCSNVSTVQCTHGIRPVVSTQLLLNGSLAEKEIVIRSENLT
NNAKIIIVHLHTPVEIVCTRPNNNTRKSVRIGPGQTFYATGDIIGDIKQAHCNISEEKWNDTLQKVGIELQKHFPNKTIK
YNQSAGGDMEITTHSFNCGGEFFYCNTSNLFNGTYNGTYISTNSSANSTSTITLQCRIKQIINMWQGVGRCMYAPPIAGN
ITCRSNITGLLLTRDGGTNSNETETFRPAGGDMRDNWRSELYKYKVVKIEPLGVAPTRCKRRVVGRRRRRR
;
A,F,K
2 'polypeptide(L)'
;AVGIGAVFLGFLGAAGSTMGAASMTLTVQARNLLSGTVWGIKQLQARVLAVERYLRDQQLLGIWGCSGKLICCTNVPWNS
SWSNRNLSEIWDNMTWLQWDKEISNYTQIIYGLLEESQNQQEKNEQDLLALD
;
B,G,L
3 'polypeptide(L)'
;QVQLVQSGAEVKKPGASVKVSCKASGYTFTDYYIHWVRQAPGQGLEWMAWINPTTGRTNSARKFQGRVTMTRDTSISTAY
MELRRLRSDDTAVYYCARGGWIGLYVDYSGYPNFDSWGQGTLVTVSS
;
C,H,M
4 'polypeptide(L)'
;QSALTQPASVSGSPGQSITISCTGTSYDVGSYNLVSWYQQHPGKAPKLMIYEVSKWPSGVSNRFSGSKSGNTASLTISGL
QAEDEADYYCCSYAGSSTVIFGGGTKLTVL
;
D,I,N
#
loop_
_chem_comp.id
_chem_comp.type
_chem_comp.name
_chem_comp.formula
BMA D-saccharide, beta linking beta-D-mannopyranose 'C6 H12 O6'
MAN D-saccharide, alpha linking alpha-D-mannopyranose 'C6 H12 O6'
NAG D-saccharide, beta linking 2-acetamido-2-deoxy-beta-D-glucopyranose 'C8 H15 N O6'
#
# COMPACT_ATOMS: atom_id res chain seq x y z
N GLU A 2 54.52 8.14 -42.19
CA GLU A 2 53.80 7.17 -43.07
C GLU A 2 52.89 6.26 -42.27
N ASN A 3 53.49 5.41 -41.44
CA ASN A 3 52.73 4.44 -40.68
C ASN A 3 51.87 5.15 -39.62
N LEU A 4 50.84 4.43 -39.14
CA LEU A 4 49.86 5.00 -38.24
C LEU A 4 49.56 4.03 -37.10
N TRP A 5 48.94 4.62 -36.07
CA TRP A 5 48.79 4.06 -34.75
C TRP A 5 47.51 4.70 -34.20
N VAL A 6 47.02 4.25 -33.04
CA VAL A 6 45.68 4.62 -32.58
C VAL A 6 45.75 5.70 -31.52
N THR A 7 44.67 6.49 -31.40
CA THR A 7 44.47 7.46 -30.33
C THR A 7 43.00 7.46 -29.91
N VAL A 8 42.71 8.04 -28.75
CA VAL A 8 41.36 8.09 -28.19
C VAL A 8 41.00 9.53 -27.87
N TYR A 9 39.77 9.91 -28.19
CA TYR A 9 39.22 11.23 -27.90
C TYR A 9 38.24 11.12 -26.74
N TYR A 10 38.12 12.21 -25.98
CA TYR A 10 37.01 12.39 -25.06
C TYR A 10 36.26 13.66 -25.44
N GLY A 11 34.93 13.60 -25.40
CA GLY A 11 34.09 14.70 -25.83
C GLY A 11 33.58 14.62 -27.25
N VAL A 12 33.57 13.44 -27.85
CA VAL A 12 33.13 13.30 -29.24
C VAL A 12 31.62 13.47 -29.32
N PRO A 13 31.07 14.22 -30.30
CA PRO A 13 29.62 14.16 -30.53
C PRO A 13 29.21 12.95 -31.36
N VAL A 14 28.60 11.96 -30.72
CA VAL A 14 28.06 10.77 -31.39
C VAL A 14 26.73 10.44 -30.73
N TRP A 15 25.80 9.94 -31.55
CA TRP A 15 24.43 9.65 -31.11
C TRP A 15 24.08 8.20 -31.39
N LYS A 16 23.09 7.70 -30.66
CA LYS A 16 22.56 6.37 -30.90
C LYS A 16 21.19 6.25 -30.25
N GLU A 17 20.29 5.54 -30.93
CA GLU A 17 18.95 5.32 -30.40
C GLU A 17 19.01 4.53 -29.10
N ALA A 18 18.10 4.84 -28.17
CA ALA A 18 18.10 4.16 -26.88
C ALA A 18 16.76 4.30 -26.20
N LYS A 19 16.53 3.41 -25.23
CA LYS A 19 15.40 3.51 -24.31
C LYS A 19 15.87 4.10 -22.99
N THR A 20 15.01 4.87 -22.34
CA THR A 20 15.41 5.51 -21.08
C THR A 20 14.18 6.01 -20.34
N THR A 21 14.35 6.21 -19.04
CA THR A 21 13.36 6.91 -18.24
C THR A 21 13.50 8.41 -18.44
N LEU A 22 12.52 9.16 -17.94
CA LEU A 22 12.44 10.60 -18.18
C LEU A 22 11.93 11.33 -16.95
N PHE A 23 12.36 12.57 -16.81
CA PHE A 23 11.91 13.45 -15.74
C PHE A 23 10.46 13.85 -15.97
N CYS A 24 9.94 14.75 -15.14
CA CYS A 24 8.93 15.69 -15.58
C CYS A 24 9.32 17.05 -15.02
N ALA A 25 9.08 18.10 -15.80
CA ALA A 25 9.36 19.46 -15.38
C ALA A 25 8.19 20.35 -15.76
N SER A 26 7.98 21.40 -14.96
CA SER A 26 6.85 22.30 -15.15
C SER A 26 7.30 23.71 -14.84
N ASP A 27 6.38 24.66 -15.04
CA ASP A 27 6.65 26.04 -14.70
C ASP A 27 6.82 26.19 -13.20
N ALA A 28 7.49 27.27 -12.79
CA ALA A 28 8.07 27.33 -11.45
C ALA A 28 7.03 27.52 -10.35
N ARG A 29 5.88 28.13 -10.65
CA ARG A 29 5.00 28.64 -9.60
C ARG A 29 3.87 27.67 -9.27
N ALA A 30 4.16 26.37 -9.28
CA ALA A 30 3.14 25.35 -9.08
C ALA A 30 3.02 24.86 -7.64
N TYR A 31 3.81 25.38 -6.70
CA TYR A 31 3.97 24.79 -5.38
C TYR A 31 3.24 25.53 -4.27
N GLU A 32 2.24 26.36 -4.59
CA GLU A 32 1.63 27.19 -3.57
C GLU A 32 0.53 26.50 -2.78
N LYS A 33 -0.14 25.49 -3.36
CA LYS A 33 -1.31 24.89 -2.75
C LYS A 33 -0.90 23.65 -1.95
N GLU A 34 -1.89 22.86 -1.51
CA GLU A 34 -1.63 21.68 -0.72
C GLU A 34 -1.05 20.57 -1.59
N VAL A 35 -0.85 19.40 -0.98
CA VAL A 35 -0.26 18.28 -1.70
C VAL A 35 -1.22 17.77 -2.78
N HIS A 36 -0.65 17.34 -3.90
CA HIS A 36 -1.39 16.69 -5.00
C HIS A 36 -2.53 17.57 -5.49
N ASN A 37 -2.30 18.88 -5.53
CA ASN A 37 -3.20 19.85 -6.15
C ASN A 37 -2.36 20.63 -7.17
N VAL A 38 -2.17 20.05 -8.36
CA VAL A 38 -2.59 18.80 -8.98
C VAL A 38 -1.26 18.06 -9.16
N TRP A 39 -1.24 16.88 -9.81
CA TRP A 39 -0.07 16.00 -9.88
C TRP A 39 1.24 16.74 -10.17
N ALA A 40 1.19 17.86 -10.91
CA ALA A 40 2.40 18.59 -11.24
C ALA A 40 3.11 19.16 -10.03
N THR A 41 2.37 19.54 -8.98
CA THR A 41 2.99 20.15 -7.82
C THR A 41 3.85 19.17 -7.04
N HIS A 42 3.52 17.88 -7.10
CA HIS A 42 4.18 16.88 -6.26
C HIS A 42 5.56 16.51 -6.80
N ALA A 43 5.63 16.11 -8.07
CA ALA A 43 6.81 15.44 -8.59
C ALA A 43 7.79 16.42 -9.22
N CYS A 44 7.29 17.29 -10.09
CA CYS A 44 8.12 17.84 -11.14
C CYS A 44 9.09 18.89 -10.60
N VAL A 45 10.26 18.95 -11.22
CA VAL A 45 11.31 19.92 -10.89
C VAL A 45 10.96 21.25 -11.56
N PRO A 46 11.31 22.40 -11.00
CA PRO A 46 11.11 23.66 -11.74
C PRO A 46 11.96 23.70 -13.00
N THR A 47 11.40 24.28 -14.07
CA THR A 47 12.12 24.40 -15.32
C THR A 47 13.09 25.57 -15.26
N ASP A 48 14.06 25.54 -16.18
CA ASP A 48 15.11 26.56 -16.27
C ASP A 48 15.27 26.95 -17.74
N PRO A 49 15.15 28.24 -18.10
CA PRO A 49 15.35 28.61 -19.51
C PRO A 49 16.74 28.31 -20.05
N SER A 50 17.76 28.23 -19.19
CA SER A 50 19.14 28.04 -19.62
C SER A 50 19.45 26.55 -19.76
N PRO A 51 19.92 26.04 -20.92
CA PRO A 51 20.12 26.69 -22.23
C PRO A 51 18.82 26.74 -23.04
N GLN A 52 18.66 27.74 -23.90
CA GLN A 52 17.56 27.72 -24.84
C GLN A 52 17.82 26.66 -25.91
N GLU A 53 16.82 26.45 -26.77
CA GLU A 53 16.94 25.44 -27.81
C GLU A 53 18.08 25.77 -28.75
N LEU A 54 18.91 24.77 -29.05
CA LEU A 54 20.16 24.95 -29.78
C LEU A 54 20.04 24.36 -31.18
N VAL A 55 20.56 25.08 -32.16
CA VAL A 55 20.54 24.65 -33.55
C VAL A 55 21.85 23.95 -33.89
N LEU A 56 21.75 22.90 -34.70
CA LEU A 56 22.89 22.17 -35.24
C LEU A 56 22.98 22.48 -36.73
N GLY A 57 24.18 22.87 -37.19
CA GLY A 57 24.31 23.45 -38.51
C GLY A 57 24.43 22.46 -39.66
N ASN A 58 25.06 21.31 -39.43
CA ASN A 58 25.49 20.45 -40.53
C ASN A 58 25.19 18.98 -40.21
N VAL A 59 23.95 18.70 -39.79
CA VAL A 59 23.55 17.35 -39.35
C VAL A 59 22.28 16.95 -40.07
N THR A 60 21.95 15.66 -39.94
CA THR A 60 20.76 15.07 -40.53
C THR A 60 20.43 13.80 -39.77
N GLU A 61 19.14 13.52 -39.60
CA GLU A 61 18.69 12.42 -38.74
C GLU A 61 17.40 11.82 -39.27
N ASN A 62 17.06 10.66 -38.73
CA ASN A 62 15.83 9.95 -39.03
C ASN A 62 14.88 10.07 -37.84
N PHE A 63 13.58 10.16 -38.13
CA PHE A 63 12.54 10.20 -37.12
C PHE A 63 11.44 9.21 -37.49
N ASN A 64 10.71 8.74 -36.47
CA ASN A 64 9.59 7.84 -36.71
C ASN A 64 8.53 8.13 -35.65
N MET A 65 7.39 8.65 -36.09
CA MET A 65 6.28 8.89 -35.17
C MET A 65 5.77 7.60 -34.55
N TRP A 66 5.40 6.63 -35.36
CA TRP A 66 4.60 5.52 -34.89
C TRP A 66 5.42 4.46 -34.16
N LYS A 67 6.75 4.49 -34.31
CA LYS A 67 7.64 3.68 -33.52
C LYS A 67 8.25 4.43 -32.34
N ASN A 68 7.84 5.68 -32.10
CA ASN A 68 8.43 6.48 -31.05
C ASN A 68 8.13 5.86 -29.69
N ASP A 69 9.13 5.88 -28.80
CA ASP A 69 8.97 5.26 -27.50
C ASP A 69 8.35 6.20 -26.48
N MET A 70 8.43 7.51 -26.71
CA MET A 70 7.99 8.46 -25.69
C MET A 70 6.50 8.35 -25.42
N VAL A 71 5.71 8.06 -26.45
CA VAL A 71 4.27 7.90 -26.26
C VAL A 71 3.99 6.70 -25.37
N ASP A 72 4.72 5.60 -25.58
CA ASP A 72 4.50 4.41 -24.77
C ASP A 72 4.94 4.59 -23.32
N GLN A 73 5.65 5.67 -23.00
CA GLN A 73 5.97 6.01 -21.62
C GLN A 73 4.99 7.03 -21.04
N MET A 74 4.54 7.99 -21.85
CA MET A 74 3.59 8.98 -21.37
C MET A 74 2.28 8.34 -20.96
N HIS A 75 1.84 7.31 -21.69
CA HIS A 75 0.61 6.63 -21.35
C HIS A 75 0.71 5.99 -19.96
N GLU A 76 1.80 5.28 -19.70
CA GLU A 76 2.01 4.70 -18.38
C GLU A 76 2.10 5.77 -17.31
N ASP A 77 2.79 6.88 -17.61
CA ASP A 77 2.91 7.97 -16.65
C ASP A 77 1.55 8.52 -16.26
N ILE A 78 0.70 8.81 -17.24
CA ILE A 78 -0.58 9.44 -16.93
C ILE A 78 -1.51 8.44 -16.27
N ILE A 79 -1.43 7.16 -16.66
CA ILE A 79 -2.25 6.16 -15.98
C ILE A 79 -1.84 6.05 -14.51
N SER A 80 -0.54 6.08 -14.23
CA SER A 80 -0.10 5.98 -12.84
C SER A 80 -0.47 7.22 -12.06
N LEU A 81 -0.22 8.41 -12.61
CA LEU A 81 -0.57 9.65 -11.93
C LEU A 81 -2.07 9.75 -11.69
N TRP A 82 -2.86 9.21 -12.61
CA TRP A 82 -4.30 9.13 -12.40
C TRP A 82 -4.62 8.24 -11.22
N ASP A 83 -3.91 7.13 -11.09
CA ASP A 83 -4.23 6.15 -10.05
C ASP A 83 -3.87 6.67 -8.67
N GLN A 84 -2.86 7.55 -8.57
CA GLN A 84 -2.50 8.12 -7.28
C GLN A 84 -3.64 8.96 -6.72
N SER A 85 -4.30 9.73 -7.57
CA SER A 85 -5.32 10.67 -7.09
C SER A 85 -6.53 9.98 -6.49
N LEU A 86 -6.74 8.69 -6.77
CA LEU A 86 -7.90 7.96 -6.27
C LEU A 86 -7.60 7.06 -5.08
N LYS A 87 -6.33 6.82 -4.76
CA LYS A 87 -6.01 5.93 -3.64
C LYS A 87 -6.54 6.42 -2.29
N PRO A 88 -6.34 7.67 -1.87
CA PRO A 88 -6.80 8.06 -0.53
C PRO A 88 -8.28 8.40 -0.44
N CYS A 89 -9.02 8.40 -1.55
CA CYS A 89 -10.40 8.88 -1.56
C CYS A 89 -11.36 7.77 -1.17
N VAL A 90 -12.60 8.19 -0.85
CA VAL A 90 -13.64 7.28 -0.41
C VAL A 90 -13.91 6.26 -1.51
N LYS A 91 -14.20 5.02 -1.11
CA LYS A 91 -14.32 3.89 -2.03
C LYS A 91 -15.76 3.66 -2.53
N LEU A 92 -16.72 4.49 -2.11
CA LEU A 92 -18.13 4.19 -2.31
C LEU A 92 -18.41 2.76 -1.81
N THR A 93 -19.26 1.98 -2.52
CA THR A 93 -19.59 0.56 -2.36
C THR A 93 -20.93 0.36 -1.63
N PRO A 94 -21.25 1.08 -0.55
CA PRO A 94 -22.63 1.00 -0.03
C PRO A 94 -23.68 1.63 -0.92
N LEU A 95 -23.32 2.27 -2.04
CA LEU A 95 -24.32 2.89 -2.89
C LEU A 95 -25.01 1.89 -3.82
N CYS A 96 -24.61 0.62 -3.83
CA CYS A 96 -25.32 -0.38 -4.63
C CYS A 96 -26.68 -0.71 -4.02
N VAL A 97 -26.95 -0.24 -2.79
CA VAL A 97 -28.20 -0.52 -2.11
C VAL A 97 -29.38 0.08 -2.90
N THR A 98 -30.59 -0.38 -2.57
CA THR A 98 -31.81 -0.15 -3.36
C THR A 98 -32.01 1.27 -3.83
N LEU A 99 -32.15 1.43 -5.15
CA LEU A 99 -32.63 2.67 -5.75
C LEU A 99 -34.06 2.47 -6.23
N ILE A 100 -35.00 3.15 -5.58
CA ILE A 100 -36.40 3.22 -6.01
C ILE A 100 -36.62 4.62 -6.56
N CYS A 101 -36.96 4.70 -7.84
CA CYS A 101 -36.92 5.96 -8.58
C CYS A 101 -38.31 6.35 -9.05
N SER A 102 -38.49 7.66 -9.19
CA SER A 102 -39.80 8.23 -9.53
C SER A 102 -40.10 8.06 -11.00
N ASN A 103 -41.39 8.13 -11.33
CA ASN A 103 -41.86 8.11 -12.70
C ASN A 103 -42.03 9.53 -13.23
N ALA A 104 -40.93 10.29 -13.30
CA ALA A 104 -41.00 11.66 -13.76
C ALA A 104 -41.49 11.71 -15.21
N THR A 105 -42.38 12.67 -15.48
CA THR A 105 -43.08 12.73 -16.76
C THR A 105 -43.39 14.19 -17.09
N VAL A 106 -43.45 14.49 -18.38
CA VAL A 106 -43.85 15.80 -18.87
C VAL A 106 -44.67 15.62 -20.14
N LYS A 107 -45.40 16.67 -20.50
CA LYS A 107 -46.35 16.57 -21.62
C LYS A 107 -45.65 16.81 -22.96
N ASN A 108 -44.68 17.73 -23.00
CA ASN A 108 -44.12 18.19 -24.26
C ASN A 108 -42.68 18.63 -24.03
N GLY A 109 -41.95 18.79 -25.13
CA GLY A 109 -40.56 19.19 -25.07
C GLY A 109 -39.61 18.02 -24.98
N THR A 110 -38.32 18.32 -25.13
CA THR A 110 -37.28 17.30 -25.10
C THR A 110 -36.03 17.93 -24.49
N VAL A 111 -35.75 17.59 -23.24
CA VAL A 111 -34.59 18.09 -22.52
C VAL A 111 -34.02 16.94 -21.69
N GLU A 112 -32.83 17.15 -21.15
CA GLU A 112 -32.27 16.19 -20.20
C GLU A 112 -33.15 16.13 -18.96
N GLU A 113 -33.16 14.98 -18.29
CA GLU A 113 -33.95 14.82 -17.08
C GLU A 113 -33.19 13.89 -16.15
N MET A 114 -33.51 13.98 -14.86
CA MET A 114 -32.58 13.59 -13.80
C MET A 114 -32.96 12.29 -13.10
N LYS A 115 -34.18 11.80 -13.26
CA LYS A 115 -34.60 10.53 -12.65
C LYS A 115 -34.34 10.50 -11.15
N ASN A 116 -35.08 11.29 -10.39
CA ASN A 116 -35.02 11.29 -8.93
C ASN A 116 -35.09 9.87 -8.38
N CYS A 117 -34.16 9.54 -7.49
CA CYS A 117 -34.05 8.22 -6.90
C CYS A 117 -33.77 8.36 -5.40
N SER A 118 -34.18 7.34 -4.64
CA SER A 118 -33.98 7.31 -3.19
C SER A 118 -33.45 5.95 -2.79
N PHE A 119 -32.62 5.94 -1.73
CA PHE A 119 -31.97 4.71 -1.33
C PHE A 119 -31.73 4.66 0.17
N ASN A 120 -31.59 3.43 0.67
CA ASN A 120 -31.55 3.12 2.10
C ASN A 120 -30.10 2.96 2.51
N THR A 121 -29.42 4.07 2.74
CA THR A 121 -27.99 4.06 3.06
C THR A 121 -27.77 3.77 4.53
N THR A 122 -26.64 3.13 4.82
CA THR A 122 -26.17 3.07 6.20
C THR A 122 -25.89 4.48 6.68
N THR A 123 -26.40 4.82 7.86
CA THR A 123 -26.36 6.21 8.29
C THR A 123 -25.00 6.57 8.86
N GLU A 124 -24.83 7.87 9.09
CA GLU A 124 -23.55 8.44 9.52
C GLU A 124 -23.03 7.82 10.80
N ILE A 125 -23.92 7.33 11.67
CA ILE A 125 -23.58 6.88 13.02
C ILE A 125 -24.08 5.45 13.18
N ARG A 126 -23.24 4.58 13.77
CA ARG A 126 -23.57 3.20 14.05
C ARG A 126 -23.65 2.41 12.75
N ASP A 127 -24.19 1.19 12.82
CA ASP A 127 -24.75 0.47 11.67
C ASP A 127 -26.27 0.58 11.62
N LYS A 128 -26.81 1.73 12.03
CA LYS A 128 -28.22 2.09 11.85
C LYS A 128 -28.44 2.53 10.40
N GLU A 129 -29.69 2.50 9.96
CA GLU A 129 -30.04 2.78 8.58
C GLU A 129 -31.10 3.88 8.50
N LYS A 130 -31.09 4.60 7.38
CA LYS A 130 -32.09 5.62 7.10
C LYS A 130 -32.26 5.74 5.59
N LYS A 131 -33.27 6.52 5.20
CA LYS A 131 -33.57 6.74 3.78
C LYS A 131 -33.04 8.09 3.33
N GLU A 132 -32.66 8.18 2.07
CA GLU A 132 -32.02 9.37 1.52
C GLU A 132 -32.33 9.44 0.03
N TYR A 133 -32.27 10.65 -0.53
CA TYR A 133 -32.62 10.89 -1.92
C TYR A 133 -31.53 11.69 -2.63
N ALA A 134 -31.43 11.46 -3.94
CA ALA A 134 -30.45 12.14 -4.78
C ALA A 134 -30.89 12.05 -6.23
N LEU A 135 -30.20 12.80 -7.09
CA LEU A 135 -30.44 12.79 -8.53
C LEU A 135 -29.25 12.20 -9.27
N PHE A 136 -29.54 11.45 -10.33
CA PHE A 136 -28.51 10.75 -11.10
C PHE A 136 -28.82 10.84 -12.58
N TYR A 137 -27.83 11.26 -13.37
CA TYR A 137 -28.00 11.31 -14.81
C TYR A 137 -28.28 9.91 -15.37
N LYS A 138 -29.13 9.86 -16.38
CA LYS A 138 -29.67 8.58 -16.86
C LYS A 138 -28.60 7.56 -17.28
N PRO A 139 -27.50 7.93 -17.94
CA PRO A 139 -26.47 6.92 -18.24
C PRO A 139 -25.90 6.22 -17.02
N ASP A 140 -25.93 6.86 -15.85
CA ASP A 140 -25.42 6.22 -14.64
C ASP A 140 -26.37 5.18 -14.06
N ILE A 141 -27.58 5.05 -14.60
CA ILE A 141 -28.62 4.21 -14.03
C ILE A 141 -29.09 3.21 -15.09
N VAL A 142 -29.29 1.96 -14.67
CA VAL A 142 -29.72 0.90 -15.56
C VAL A 142 -30.93 0.21 -14.93
N PRO A 143 -31.99 -0.12 -15.68
CA PRO A 143 -33.06 -0.92 -15.09
C PRO A 143 -32.54 -2.28 -14.66
N LEU A 144 -33.06 -2.77 -13.53
CA LEU A 144 -32.63 -4.06 -13.03
C LEU A 144 -33.57 -5.16 -13.50
N SER A 145 -34.88 -4.92 -13.36
CA SER A 145 -35.80 -5.95 -12.90
C SER A 145 -35.77 -7.20 -13.75
N GLU A 146 -35.66 -8.35 -13.09
CA GLU A 146 -35.74 -9.63 -13.78
C GLU A 146 -37.16 -9.89 -14.27
N THR A 147 -38.16 -9.50 -13.48
CA THR A 147 -39.53 -9.43 -13.94
C THR A 147 -39.77 -8.09 -14.63
N ASN A 148 -40.90 -7.98 -15.32
CA ASN A 148 -41.23 -6.77 -16.07
C ASN A 148 -41.72 -5.70 -15.09
N ASN A 149 -40.76 -5.03 -14.47
CA ASN A 149 -41.03 -3.94 -13.55
C ASN A 149 -39.99 -2.83 -13.77
N THR A 150 -40.44 -1.59 -13.72
CA THR A 150 -39.60 -0.43 -14.01
C THR A 150 -39.46 0.51 -12.80
N SER A 151 -39.79 0.05 -11.60
CA SER A 151 -39.69 0.88 -10.41
C SER A 151 -38.42 0.66 -9.61
N GLU A 152 -37.50 -0.18 -10.08
CA GLU A 152 -36.31 -0.58 -9.33
C GLU A 152 -35.09 -0.51 -10.24
N TYR A 153 -34.02 0.11 -9.75
CA TYR A 153 -32.90 0.52 -10.59
C TYR A 153 -31.58 0.21 -9.93
N ARG A 154 -30.54 0.09 -10.77
CA ARG A 154 -29.18 -0.20 -10.38
C ARG A 154 -28.27 0.90 -10.89
N LEU A 155 -27.14 1.11 -10.21
CA LEU A 155 -26.07 1.90 -10.81
C LEU A 155 -25.38 1.08 -11.88
N ILE A 156 -24.74 1.77 -12.82
CA ILE A 156 -24.03 1.07 -13.89
C ILE A 156 -22.76 0.40 -13.38
N ASN A 157 -22.32 0.72 -12.17
CA ASN A 157 -21.36 -0.11 -11.45
C ASN A 157 -22.12 -1.27 -10.81
N CYS A 158 -21.48 -1.99 -9.88
CA CYS A 158 -22.06 -3.10 -9.14
C CYS A 158 -22.19 -4.36 -9.98
N ASN A 159 -21.86 -4.29 -11.28
CA ASN A 159 -21.74 -5.48 -12.12
C ASN A 159 -20.29 -5.72 -12.51
N THR A 160 -19.48 -4.67 -12.49
CA THR A 160 -18.04 -4.77 -12.69
C THR A 160 -17.40 -4.10 -11.47
N SER A 161 -16.10 -3.79 -11.57
CA SER A 161 -15.31 -3.35 -10.43
C SER A 161 -15.94 -2.20 -9.66
N ALA A 162 -15.88 -2.29 -8.34
CA ALA A 162 -16.36 -1.21 -7.49
C ALA A 162 -15.57 0.06 -7.77
N CYS A 163 -16.26 1.19 -7.75
CA CYS A 163 -15.73 2.41 -8.32
C CYS A 163 -15.04 3.22 -7.21
N THR A 164 -14.73 4.47 -7.51
CA THR A 164 -14.07 5.34 -6.53
C THR A 164 -14.39 6.79 -6.88
N GLN A 165 -14.48 7.62 -5.84
CA GLN A 165 -14.78 9.04 -6.01
C GLN A 165 -13.48 9.83 -6.06
N ALA A 166 -13.46 10.86 -6.89
CA ALA A 166 -12.36 11.81 -6.88
C ALA A 166 -12.56 12.80 -5.74
N CYS A 167 -11.53 12.95 -4.91
CA CYS A 167 -11.62 13.85 -3.76
C CYS A 167 -11.86 15.27 -4.27
N PRO A 168 -12.89 15.98 -3.79
CA PRO A 168 -13.27 17.24 -4.46
C PRO A 168 -12.25 18.37 -4.32
N LYS A 169 -11.18 18.18 -3.54
CA LYS A 169 -10.18 19.23 -3.40
C LYS A 169 -9.24 19.33 -4.60
N VAL A 170 -9.05 18.24 -5.35
CA VAL A 170 -8.17 18.26 -6.53
C VAL A 170 -8.97 18.83 -7.69
N THR A 171 -8.28 19.19 -8.77
CA THR A 171 -8.92 19.72 -9.97
C THR A 171 -8.25 19.13 -11.19
N PHE A 172 -9.01 19.02 -12.29
CA PHE A 172 -8.58 18.30 -13.47
C PHE A 172 -8.03 19.23 -14.56
N GLU A 173 -7.57 20.43 -14.20
CA GLU A 173 -7.09 21.34 -15.22
C GLU A 173 -5.82 20.78 -15.86
N PRO A 174 -5.62 20.98 -17.17
CA PRO A 174 -4.39 20.45 -17.80
C PRO A 174 -3.17 21.36 -17.61
N ILE A 175 -2.49 21.18 -16.47
CA ILE A 175 -1.26 21.95 -16.23
C ILE A 175 -0.20 21.50 -17.24
N PRO A 176 0.60 22.40 -17.83
CA PRO A 176 1.61 21.94 -18.79
C PRO A 176 2.66 21.07 -18.14
N ILE A 177 3.21 20.15 -18.93
CA ILE A 177 4.23 19.20 -18.47
C ILE A 177 5.36 19.21 -19.48
N HIS A 178 6.59 19.45 -18.99
CA HIS A 178 7.79 19.31 -19.80
C HIS A 178 8.44 17.97 -19.49
N TYR A 179 8.67 17.18 -20.53
CA TYR A 179 9.49 15.97 -20.41
C TYR A 179 10.94 16.31 -20.69
N CYS A 180 11.83 15.87 -19.80
CA CYS A 180 13.26 16.04 -19.96
C CYS A 180 13.96 14.71 -19.74
N ALA A 181 15.10 14.54 -20.40
CA ALA A 181 15.90 13.32 -20.27
C ALA A 181 17.02 13.52 -19.26
N PRO A 182 17.45 12.48 -18.55
CA PRO A 182 18.47 12.67 -17.52
C PRO A 182 19.81 12.98 -18.13
N ALA A 183 20.69 13.59 -17.34
CA ALA A 183 22.01 13.97 -17.81
C ALA A 183 22.77 12.74 -18.29
N GLY A 184 23.35 12.85 -19.48
CA GLY A 184 23.88 11.72 -20.21
C GLY A 184 23.05 11.30 -21.41
N TYR A 185 21.98 12.03 -21.70
CA TYR A 185 21.18 11.84 -22.91
C TYR A 185 20.85 13.20 -23.51
N ALA A 186 20.20 13.16 -24.67
CA ALA A 186 19.75 14.38 -25.31
C ALA A 186 18.57 14.06 -26.21
N ILE A 187 17.72 15.07 -26.41
CA ILE A 187 16.53 14.97 -27.24
C ILE A 187 16.81 15.73 -28.53
N LEU A 188 16.67 15.06 -29.67
CA LEU A 188 16.84 15.68 -30.98
C LEU A 188 15.49 16.05 -31.56
N LYS A 189 15.35 17.29 -32.01
CA LYS A 189 14.07 17.89 -32.37
C LYS A 189 14.06 18.22 -33.85
N CYS A 190 13.23 17.51 -34.62
CA CYS A 190 13.07 17.84 -36.02
C CYS A 190 12.48 19.25 -36.15
N ASN A 191 13.07 20.04 -37.04
CA ASN A 191 12.72 21.45 -37.17
C ASN A 191 12.15 21.82 -38.54
N ASP A 192 12.12 20.88 -39.49
CA ASP A 192 11.51 21.15 -40.79
C ASP A 192 10.03 21.41 -40.60
N GLU A 193 9.55 22.56 -41.07
CA GLU A 193 8.20 23.02 -40.77
C GLU A 193 7.14 22.43 -41.71
N THR A 194 7.47 21.36 -42.45
CA THR A 194 6.46 20.60 -43.18
C THR A 194 6.71 19.10 -43.02
N PHE A 195 7.30 18.68 -41.90
CA PHE A 195 7.64 17.28 -41.70
C PHE A 195 6.37 16.45 -41.53
N ASN A 196 6.24 15.40 -42.33
CA ASN A 196 5.02 14.60 -42.38
C ASN A 196 5.09 13.36 -41.48
N GLY A 197 5.94 13.37 -40.46
CA GLY A 197 5.86 12.38 -39.39
C GLY A 197 6.71 11.14 -39.57
N THR A 198 7.33 10.94 -40.72
CA THR A 198 8.20 9.78 -40.93
C THR A 198 9.30 10.16 -41.92
N GLY A 199 10.34 9.35 -41.95
CA GLY A 199 11.44 9.56 -42.85
C GLY A 199 12.42 10.61 -42.33
N PRO A 200 13.43 10.94 -43.13
CA PRO A 200 14.48 11.84 -42.65
C PRO A 200 13.98 13.27 -42.46
N CYS A 201 14.68 14.00 -41.60
CA CYS A 201 14.44 15.41 -41.35
C CYS A 201 15.79 16.12 -41.31
N SER A 202 15.94 17.15 -42.13
CA SER A 202 17.25 17.73 -42.43
C SER A 202 17.60 18.96 -41.62
N ASN A 203 16.65 19.59 -40.95
CA ASN A 203 16.92 20.68 -40.01
C ASN A 203 16.63 20.15 -38.61
N VAL A 204 17.65 20.11 -37.76
CA VAL A 204 17.60 19.39 -36.49
C VAL A 204 18.13 20.29 -35.38
N SER A 205 17.55 20.15 -34.19
CA SER A 205 17.95 20.88 -33.00
C SER A 205 18.11 19.90 -31.84
N THR A 206 18.86 20.32 -30.83
CA THR A 206 19.12 19.51 -29.64
C THR A 206 18.71 20.28 -28.40
N VAL A 207 17.90 19.64 -27.56
CA VAL A 207 17.38 20.25 -26.34
C VAL A 207 17.31 19.17 -25.27
N GLN A 208 17.38 19.58 -24.00
CA GLN A 208 17.12 18.64 -22.92
C GLN A 208 15.64 18.39 -22.71
N CYS A 209 14.83 19.44 -22.57
CA CYS A 209 13.41 19.33 -22.27
C CYS A 209 12.57 19.57 -23.51
N THR A 210 11.42 18.92 -23.57
CA THR A 210 10.52 19.02 -24.70
C THR A 210 9.63 20.26 -24.55
N HIS A 211 8.61 20.36 -25.41
CA HIS A 211 7.58 21.39 -25.28
C HIS A 211 6.91 21.33 -23.93
N GLY A 212 6.16 22.37 -23.59
CA GLY A 212 5.16 22.24 -22.55
C GLY A 212 4.00 21.44 -23.10
N ILE A 213 3.89 20.18 -22.68
CA ILE A 213 2.85 19.30 -23.21
C ILE A 213 1.56 19.54 -22.43
N ARG A 214 0.46 19.69 -23.15
CA ARG A 214 -0.83 19.86 -22.52
C ARG A 214 -1.51 18.50 -22.47
N PRO A 215 -1.71 17.89 -21.29
CA PRO A 215 -2.19 16.50 -21.26
C PRO A 215 -3.70 16.34 -21.42
N VAL A 216 -4.37 17.37 -21.95
CA VAL A 216 -5.83 17.37 -22.06
C VAL A 216 -6.30 16.16 -22.86
N VAL A 217 -7.47 15.66 -22.50
CA VAL A 217 -8.02 14.41 -23.02
C VAL A 217 -9.20 14.72 -23.93
N SER A 218 -9.27 14.05 -25.07
CA SER A 218 -10.41 14.19 -25.97
C SER A 218 -10.41 13.02 -26.95
N THR A 219 -11.57 12.76 -27.53
CA THR A 219 -11.80 11.54 -28.30
C THR A 219 -11.91 11.77 -29.80
N GLN A 220 -12.37 12.94 -30.26
CA GLN A 220 -12.59 13.19 -31.69
C GLN A 220 -11.99 14.50 -32.16
N LEU A 221 -11.68 15.42 -31.24
CA LEU A 221 -11.09 16.70 -31.57
C LEU A 221 -10.00 17.01 -30.55
N LEU A 222 -8.85 17.48 -31.03
CA LEU A 222 -7.70 17.71 -30.16
C LEU A 222 -7.84 19.10 -29.53
N LEU A 223 -8.39 19.12 -28.32
CA LEU A 223 -8.61 20.37 -27.62
C LEU A 223 -7.30 20.98 -27.14
N ASN A 224 -7.25 22.32 -27.12
CA ASN A 224 -6.18 23.09 -26.48
C ASN A 224 -4.79 22.76 -26.99
N GLY A 225 -4.68 22.10 -28.13
CA GLY A 225 -3.38 21.67 -28.61
C GLY A 225 -2.58 22.80 -29.22
N SER A 226 -1.30 22.52 -29.44
CA SER A 226 -0.42 23.45 -30.13
C SER A 226 -0.66 23.39 -31.63
N LEU A 227 -0.55 24.55 -32.28
CA LEU A 227 -0.94 24.66 -33.68
C LEU A 227 0.07 23.95 -34.59
N ALA A 228 -0.34 23.77 -35.85
CA ALA A 228 0.53 23.14 -36.83
C ALA A 228 1.72 24.04 -37.15
N GLU A 229 2.62 23.53 -37.99
CA GLU A 229 3.88 24.23 -38.22
C GLU A 229 3.71 25.42 -39.14
N LYS A 230 3.32 25.18 -40.39
CA LYS A 230 3.18 26.24 -41.40
C LYS A 230 1.90 26.13 -42.21
N GLU A 231 1.36 24.91 -42.32
CA GLU A 231 0.13 24.69 -43.08
C GLU A 231 -0.54 23.43 -42.54
N ILE A 232 -1.77 23.21 -43.01
CA ILE A 232 -2.46 21.97 -42.65
C ILE A 232 -1.69 20.80 -43.22
N VAL A 233 -1.33 19.86 -42.34
CA VAL A 233 -0.51 18.71 -42.69
C VAL A 233 -1.22 17.46 -42.20
N ILE A 234 -1.20 16.42 -43.03
CA ILE A 234 -1.81 15.13 -42.73
C ILE A 234 -0.68 14.16 -42.43
N ARG A 235 -0.89 13.27 -41.47
CA ARG A 235 0.14 12.33 -41.09
C ARG A 235 -0.52 11.01 -40.73
N SER A 236 0.07 9.91 -41.20
CA SER A 236 -0.50 8.58 -40.97
C SER A 236 0.60 7.55 -41.10
N GLU A 237 0.41 6.42 -40.43
CA GLU A 237 1.35 5.31 -40.55
C GLU A 237 1.36 4.78 -41.98
N ASN A 238 0.18 4.59 -42.57
CA ASN A 238 0.08 4.17 -43.97
C ASN A 238 -1.28 4.65 -44.47
N LEU A 239 -1.26 5.72 -45.29
CA LEU A 239 -2.51 6.35 -45.71
C LEU A 239 -3.39 5.39 -46.48
N THR A 240 -2.80 4.46 -47.24
CA THR A 240 -3.59 3.52 -48.03
C THR A 240 -4.42 2.57 -47.17
N ASN A 241 -3.98 2.28 -45.95
CA ASN A 241 -4.71 1.40 -45.07
C ASN A 241 -5.90 2.12 -44.43
N ASN A 242 -6.98 1.38 -44.23
CA ASN A 242 -8.16 1.95 -43.57
C ASN A 242 -7.94 2.11 -42.07
N ALA A 243 -7.33 1.11 -41.43
CA ALA A 243 -7.30 1.07 -39.96
C ALA A 243 -6.42 2.15 -39.37
N LYS A 244 -5.37 2.59 -40.07
CA LYS A 244 -4.43 3.56 -39.52
C LYS A 244 -5.13 4.91 -39.37
N ILE A 245 -5.38 5.27 -38.12
CA ILE A 245 -6.14 6.48 -37.80
C ILE A 245 -5.27 7.68 -38.11
N ILE A 246 -5.67 8.48 -39.09
CA ILE A 246 -4.88 9.62 -39.53
C ILE A 246 -5.03 10.75 -38.51
N ILE A 247 -3.99 11.57 -38.41
CA ILE A 247 -3.96 12.75 -37.56
C ILE A 247 -3.84 13.96 -38.47
N VAL A 248 -4.79 14.88 -38.35
CA VAL A 248 -4.80 16.13 -39.12
C VAL A 248 -4.46 17.27 -38.16
N HIS A 249 -3.46 18.05 -38.52
CA HIS A 249 -2.99 19.17 -37.71
C HIS A 249 -3.35 20.46 -38.44
N LEU A 250 -4.03 21.37 -37.75
CA LEU A 250 -4.59 22.56 -38.38
C LEU A 250 -3.66 23.76 -38.23
N HIS A 251 -3.69 24.64 -39.23
CA HIS A 251 -2.85 25.83 -39.21
C HIS A 251 -3.46 26.96 -38.39
N THR A 252 -4.80 27.00 -38.30
CA THR A 252 -5.51 28.02 -37.54
C THR A 252 -6.52 27.36 -36.62
N PRO A 253 -6.86 27.96 -35.48
CA PRO A 253 -7.80 27.31 -34.57
C PRO A 253 -9.24 27.63 -34.90
N VAL A 254 -10.14 26.78 -34.40
CA VAL A 254 -11.59 27.00 -34.47
C VAL A 254 -12.08 27.08 -33.03
N GLU A 255 -12.59 28.25 -32.64
CA GLU A 255 -12.82 28.55 -31.22
C GLU A 255 -14.15 27.94 -30.80
N ILE A 256 -14.07 26.77 -30.17
CA ILE A 256 -15.26 26.09 -29.65
C ILE A 256 -15.57 26.62 -28.25
N VAL A 257 -16.85 26.61 -27.90
CA VAL A 257 -17.32 27.00 -26.58
C VAL A 257 -18.47 26.07 -26.18
N CYS A 258 -18.50 25.66 -24.91
CA CYS A 258 -19.49 24.74 -24.40
C CYS A 258 -19.91 25.19 -23.01
N THR A 259 -21.08 24.72 -22.58
CA THR A 259 -21.61 25.13 -21.28
C THR A 259 -22.79 24.24 -20.91
N ARG A 260 -23.24 24.38 -19.67
CA ARG A 260 -24.39 23.65 -19.13
C ARG A 260 -25.31 24.64 -18.44
N PRO A 261 -26.45 25.04 -19.04
CA PRO A 261 -27.25 26.10 -18.42
C PRO A 261 -27.84 25.78 -17.06
N ASN A 262 -28.00 24.51 -16.70
CA ASN A 262 -28.62 24.18 -15.43
C ASN A 262 -27.75 24.65 -14.26
N ASN A 263 -28.40 25.00 -13.16
CA ASN A 263 -27.73 25.45 -11.94
C ASN A 263 -27.88 24.35 -10.89
N ASN A 264 -26.98 23.37 -10.91
CA ASN A 264 -27.03 22.31 -9.94
C ASN A 264 -26.60 22.81 -8.56
N THR A 265 -26.96 22.05 -7.54
CA THR A 265 -26.45 22.23 -6.20
C THR A 265 -26.17 20.87 -5.60
N ARG A 266 -25.20 20.81 -4.69
CA ARG A 266 -24.61 19.56 -4.25
C ARG A 266 -25.03 19.25 -2.82
N LYS A 267 -25.30 17.97 -2.56
CA LYS A 267 -25.86 17.49 -1.30
C LYS A 267 -24.85 16.57 -0.63
N SER A 268 -24.76 16.64 0.70
CA SER A 268 -23.77 15.88 1.45
C SER A 268 -24.43 14.66 2.09
N VAL A 269 -24.34 13.52 1.40
CA VAL A 269 -24.76 12.25 1.96
C VAL A 269 -23.58 11.60 2.66
N ARG A 270 -23.85 10.89 3.76
CA ARG A 270 -22.82 10.23 4.56
C ARG A 270 -22.93 8.72 4.39
N ILE A 271 -21.77 8.08 4.20
CA ILE A 271 -21.67 6.66 3.90
C ILE A 271 -20.74 6.02 4.91
N GLY A 272 -21.30 5.46 5.96
CA GLY A 272 -20.49 4.82 6.98
C GLY A 272 -19.77 5.84 7.85
N PRO A 273 -18.76 5.40 8.60
CA PRO A 273 -18.08 6.32 9.52
C PRO A 273 -17.11 7.24 8.80
N GLY A 274 -17.33 8.55 8.97
CA GLY A 274 -16.30 9.53 8.68
C GLY A 274 -16.19 10.01 7.24
N GLN A 275 -16.66 9.22 6.28
CA GLN A 275 -16.45 9.49 4.86
C GLN A 275 -17.76 9.90 4.21
N THR A 276 -17.74 11.04 3.51
CA THR A 276 -18.93 11.60 2.89
C THR A 276 -19.05 11.16 1.44
N PHE A 277 -20.19 11.47 0.85
CA PHE A 277 -20.45 11.22 -0.57
C PHE A 277 -21.37 12.30 -1.09
N TYR A 278 -20.99 12.91 -2.21
CA TYR A 278 -21.70 14.07 -2.77
C TYR A 278 -22.57 13.63 -3.94
N ALA A 279 -23.76 14.20 -4.04
CA ALA A 279 -24.69 13.92 -5.12
C ALA A 279 -25.54 15.15 -5.38
N THR A 280 -26.03 15.27 -6.61
CA THR A 280 -26.79 16.44 -7.01
C THR A 280 -28.13 16.49 -6.29
N GLY A 281 -28.44 17.63 -5.68
CA GLY A 281 -29.71 17.83 -5.01
C GLY A 281 -30.76 18.34 -5.96
N ASP A 282 -31.46 19.40 -5.55
CA ASP A 282 -32.46 20.02 -6.42
C ASP A 282 -31.77 20.83 -7.51
N ILE A 283 -32.57 21.36 -8.43
CA ILE A 283 -32.11 22.26 -9.49
C ILE A 283 -32.89 23.56 -9.34
N ILE A 284 -32.16 24.67 -9.31
CA ILE A 284 -32.76 25.94 -8.91
C ILE A 284 -33.33 26.72 -10.09
N GLY A 285 -32.73 26.62 -11.26
CA GLY A 285 -33.21 27.31 -12.43
C GLY A 285 -34.27 26.51 -13.16
N ASP A 286 -34.47 26.86 -14.43
CA ASP A 286 -35.33 26.11 -15.34
C ASP A 286 -34.44 25.30 -16.27
N ILE A 287 -34.70 24.00 -16.36
CA ILE A 287 -33.76 23.10 -17.03
C ILE A 287 -33.71 23.39 -18.52
N LYS A 288 -32.51 23.35 -19.08
CA LYS A 288 -32.29 23.51 -20.51
C LYS A 288 -31.24 22.51 -20.97
N GLN A 289 -30.91 22.55 -22.25
CA GLN A 289 -30.04 21.56 -22.86
C GLN A 289 -28.59 22.02 -22.80
N ALA A 290 -27.70 21.12 -22.37
CA ALA A 290 -26.28 21.40 -22.44
C ALA A 290 -25.79 21.26 -23.88
N HIS A 291 -24.96 22.21 -24.32
CA HIS A 291 -24.68 22.36 -25.74
C HIS A 291 -23.29 22.92 -25.96
N CYS A 292 -22.86 22.88 -27.23
CA CYS A 292 -21.61 23.45 -27.69
C CYS A 292 -21.87 24.30 -28.92
N ASN A 293 -21.01 25.29 -29.16
CA ASN A 293 -21.18 26.23 -30.26
C ASN A 293 -19.87 26.43 -31.00
N ILE A 294 -19.95 26.39 -32.33
CA ILE A 294 -18.80 26.62 -33.21
C ILE A 294 -19.25 27.54 -34.35
N SER A 295 -18.40 28.51 -34.69
CA SER A 295 -18.71 29.41 -35.79
C SER A 295 -18.68 28.65 -37.11
N GLU A 296 -19.69 28.89 -37.96
CA GLU A 296 -19.85 28.08 -39.17
C GLU A 296 -18.85 28.46 -40.24
N GLU A 297 -18.62 29.77 -40.45
CA GLU A 297 -17.75 30.22 -41.52
C GLU A 297 -16.32 29.74 -41.34
N LYS A 298 -15.81 29.75 -40.11
CA LYS A 298 -14.50 29.18 -39.85
C LYS A 298 -14.48 27.69 -40.15
N TRP A 299 -15.52 26.98 -39.72
CA TRP A 299 -15.50 25.53 -39.76
C TRP A 299 -15.54 25.01 -41.19
N ASN A 300 -16.43 25.57 -42.02
CA ASN A 300 -16.55 25.06 -43.39
C ASN A 300 -15.28 25.35 -44.18
N ASP A 301 -14.69 26.53 -43.99
CA ASP A 301 -13.46 26.86 -44.69
C ASP A 301 -12.34 25.93 -44.26
N THR A 302 -12.20 25.68 -42.95
CA THR A 302 -11.18 24.77 -42.48
C THR A 302 -11.40 23.36 -43.02
N LEU A 303 -12.66 22.94 -43.12
CA LEU A 303 -12.96 21.61 -43.60
C LEU A 303 -12.59 21.48 -45.08
N GLN A 304 -12.84 22.52 -45.87
CA GLN A 304 -12.41 22.51 -47.27
C GLN A 304 -10.89 22.49 -47.39
N LYS A 305 -10.19 23.22 -46.51
CA LYS A 305 -8.73 23.18 -46.55
C LYS A 305 -8.22 21.78 -46.27
N VAL A 306 -8.81 21.10 -45.27
CA VAL A 306 -8.47 19.70 -45.03
C VAL A 306 -8.81 18.87 -46.26
N GLY A 307 -9.87 19.24 -46.98
CA GLY A 307 -10.21 18.52 -48.20
C GLY A 307 -9.12 18.59 -49.24
N ILE A 308 -8.57 19.78 -49.48
CA ILE A 308 -7.51 19.89 -50.48
C ILE A 308 -6.26 19.15 -50.01
N GLU A 309 -5.96 19.22 -48.72
CA GLU A 309 -4.78 18.49 -48.23
C GLU A 309 -4.96 16.99 -48.36
N LEU A 310 -6.21 16.51 -48.25
CA LEU A 310 -6.47 15.09 -48.53
C LEU A 310 -6.34 14.79 -50.02
N GLN A 311 -6.82 15.69 -50.87
CA GLN A 311 -6.73 15.47 -52.31
C GLN A 311 -5.30 15.50 -52.82
N LYS A 312 -4.38 16.13 -52.09
CA LYS A 312 -2.96 16.00 -52.43
C LYS A 312 -2.54 14.54 -52.50
N HIS A 313 -2.97 13.75 -51.52
CA HIS A 313 -2.69 12.31 -51.51
C HIS A 313 -3.74 11.50 -52.26
N PHE A 314 -4.89 12.08 -52.58
CA PHE A 314 -5.95 11.42 -53.34
C PHE A 314 -6.47 12.37 -54.41
N PRO A 315 -5.70 12.60 -55.48
CA PRO A 315 -6.17 13.53 -56.52
C PRO A 315 -7.33 13.00 -57.34
N ASN A 316 -7.65 11.71 -57.24
CA ASN A 316 -8.57 11.05 -58.16
C ASN A 316 -9.98 10.88 -57.60
N LYS A 317 -10.33 11.57 -56.53
CA LYS A 317 -11.59 11.31 -55.84
C LYS A 317 -12.10 12.58 -55.17
N THR A 318 -13.41 12.60 -54.91
CA THR A 318 -14.04 13.61 -54.07
C THR A 318 -14.05 13.14 -52.63
N ILE A 319 -14.42 14.06 -51.73
CA ILE A 319 -14.34 13.84 -50.30
C ILE A 319 -15.72 14.09 -49.69
N LYS A 320 -16.22 13.10 -48.94
CA LYS A 320 -17.53 13.17 -48.31
C LYS A 320 -17.35 12.91 -46.81
N TYR A 321 -17.36 13.97 -46.02
CA TYR A 321 -17.30 13.81 -44.57
C TYR A 321 -18.64 13.25 -44.08
N ASN A 322 -18.55 12.40 -43.06
CA ASN A 322 -19.66 11.54 -42.65
C ASN A 322 -19.89 11.67 -41.16
N GLN A 323 -20.96 11.01 -40.70
CA GLN A 323 -21.26 10.96 -39.28
C GLN A 323 -20.41 9.88 -38.60
N SER A 324 -20.68 9.67 -37.31
CA SER A 324 -19.93 8.69 -36.55
C SER A 324 -20.21 7.28 -37.05
N ALA A 325 -19.37 6.34 -36.64
CA ALA A 325 -19.43 4.96 -37.13
C ALA A 325 -20.24 4.06 -36.20
N GLY A 326 -21.19 4.63 -35.47
CA GLY A 326 -21.96 3.82 -34.55
C GLY A 326 -21.13 3.40 -33.35
N GLY A 327 -21.69 2.48 -32.57
CA GLY A 327 -21.04 2.00 -31.36
C GLY A 327 -21.53 2.74 -30.12
N ASP A 328 -20.92 2.38 -28.99
CA ASP A 328 -21.32 2.94 -27.71
C ASP A 328 -20.76 4.36 -27.54
N MET A 329 -21.28 5.06 -26.54
CA MET A 329 -21.07 6.50 -26.43
C MET A 329 -19.70 6.88 -25.87
N GLU A 330 -18.87 5.91 -25.48
CA GLU A 330 -17.46 6.22 -25.25
C GLU A 330 -16.71 6.45 -26.54
N ILE A 331 -17.23 5.96 -27.67
CA ILE A 331 -16.54 6.00 -28.96
C ILE A 331 -17.23 6.94 -29.95
N THR A 332 -18.55 6.83 -30.06
CA THR A 332 -19.25 7.47 -31.17
C THR A 332 -19.52 8.95 -30.94
N THR A 333 -19.13 9.51 -29.79
CA THR A 333 -19.39 10.91 -29.48
C THR A 333 -18.13 11.60 -29.01
N HIS A 334 -18.08 12.91 -29.24
CA HIS A 334 -16.99 13.74 -28.72
C HIS A 334 -17.15 13.88 -27.22
N SER A 335 -16.06 13.62 -26.48
CA SER A 335 -16.04 13.71 -25.02
C SER A 335 -14.83 14.49 -24.58
N PHE A 336 -14.98 15.26 -23.50
CA PHE A 336 -13.88 16.07 -22.99
C PHE A 336 -14.24 16.56 -21.60
N ASN A 337 -13.27 16.53 -20.69
CA ASN A 337 -13.46 17.12 -19.37
C ASN A 337 -13.58 18.63 -19.51
N CYS A 338 -14.30 19.24 -18.58
CA CYS A 338 -14.52 20.69 -18.61
C CYS A 338 -14.71 21.19 -17.19
N GLY A 339 -13.64 21.66 -16.58
CA GLY A 339 -13.71 22.29 -15.27
C GLY A 339 -14.20 21.38 -14.16
N GLY A 340 -14.16 20.07 -14.37
CA GLY A 340 -14.66 19.10 -13.40
C GLY A 340 -15.90 18.35 -13.83
N GLU A 341 -16.38 18.53 -15.06
CA GLU A 341 -17.49 17.77 -15.62
C GLU A 341 -17.07 17.15 -16.94
N PHE A 342 -17.67 16.01 -17.26
CA PHE A 342 -17.30 15.18 -18.39
C PHE A 342 -18.43 15.20 -19.41
N PHE A 343 -18.33 16.12 -20.36
CA PHE A 343 -19.36 16.24 -21.40
C PHE A 343 -19.24 15.10 -22.39
N TYR A 344 -20.36 14.76 -23.02
CA TYR A 344 -20.39 13.87 -24.17
C TYR A 344 -21.30 14.50 -25.22
N CYS A 345 -20.72 14.90 -26.35
CA CYS A 345 -21.41 15.70 -27.35
C CYS A 345 -21.51 14.94 -28.66
N ASN A 346 -22.64 15.10 -29.33
CA ASN A 346 -22.91 14.43 -30.60
C ASN A 346 -22.32 15.26 -31.74
N THR A 347 -21.57 14.62 -32.63
CA THR A 347 -20.83 15.30 -33.68
C THR A 347 -21.55 15.30 -35.03
N SER A 348 -22.80 14.81 -35.10
CA SER A 348 -23.45 14.61 -36.38
C SER A 348 -23.65 15.89 -37.17
N ASN A 349 -23.67 17.05 -36.50
CA ASN A 349 -23.87 18.31 -37.20
C ASN A 349 -22.58 18.91 -37.75
N LEU A 350 -21.42 18.37 -37.37
CA LEU A 350 -20.15 18.97 -37.79
C LEU A 350 -19.69 18.43 -39.14
N PHE A 351 -19.75 17.12 -39.33
CA PHE A 351 -19.10 16.43 -40.45
C PHE A 351 -20.11 16.03 -41.52
N ASN A 352 -21.09 16.91 -41.80
CA ASN A 352 -22.09 16.66 -42.83
C ASN A 352 -21.70 17.18 -44.21
N GLY A 353 -20.60 17.92 -44.32
CA GLY A 353 -20.22 18.53 -45.59
C GLY A 353 -19.49 17.58 -46.51
N THR A 354 -19.16 18.09 -47.68
CA THR A 354 -18.41 17.34 -48.68
C THR A 354 -17.61 18.31 -49.53
N TYR A 355 -16.63 17.77 -50.25
CA TYR A 355 -15.71 18.56 -51.05
C TYR A 355 -15.49 17.88 -52.39
N ASN A 356 -15.26 18.68 -53.44
CA ASN A 356 -15.17 18.20 -54.81
C ASN A 356 -13.96 18.73 -55.57
N GLY A 357 -13.06 19.45 -54.91
CA GLY A 357 -11.95 20.09 -55.58
C GLY A 357 -12.21 21.51 -56.04
N THR A 358 -13.45 21.98 -55.96
CA THR A 358 -13.77 23.38 -56.24
C THR A 358 -13.40 24.20 -55.00
N TYR A 359 -13.87 25.44 -54.94
CA TYR A 359 -13.74 26.23 -53.72
C TYR A 359 -14.87 27.24 -53.65
N ILE A 360 -15.38 27.45 -52.44
CA ILE A 360 -16.43 28.41 -52.16
C ILE A 360 -15.96 29.22 -50.96
N SER A 361 -15.52 30.44 -51.19
CA SER A 361 -14.92 31.24 -50.12
C SER A 361 -15.99 31.72 -49.16
N THR A 362 -15.73 31.55 -47.86
CA THR A 362 -16.59 32.14 -46.84
C THR A 362 -16.40 33.65 -46.73
N ASN A 363 -15.20 34.15 -47.05
CA ASN A 363 -15.00 35.58 -47.13
C ASN A 363 -15.52 36.10 -48.48
N SER A 364 -16.10 37.31 -48.49
CA SER A 364 -16.40 38.23 -47.39
C SER A 364 -17.59 37.74 -46.58
N SER A 365 -17.69 38.18 -45.33
CA SER A 365 -18.74 37.71 -44.45
C SER A 365 -20.07 38.37 -44.82
N ALA A 366 -21.03 37.56 -45.27
CA ALA A 366 -22.38 38.08 -45.51
C ALA A 366 -23.08 38.41 -44.19
N ASN A 367 -22.99 37.50 -43.22
CA ASN A 367 -23.54 37.75 -41.89
C ASN A 367 -22.67 36.97 -40.91
N SER A 368 -22.19 37.63 -39.87
CA SER A 368 -21.20 37.08 -38.95
C SER A 368 -21.80 36.48 -37.70
N THR A 369 -23.00 35.87 -37.80
CA THR A 369 -23.69 35.33 -36.64
C THR A 369 -24.26 33.93 -36.85
N SER A 370 -23.94 33.25 -37.94
CA SER A 370 -24.39 31.87 -38.13
C SER A 370 -23.47 30.93 -37.37
N THR A 371 -24.05 30.13 -36.47
CA THR A 371 -23.29 29.24 -35.61
C THR A 371 -24.00 27.90 -35.53
N ILE A 372 -23.24 26.83 -35.75
CA ILE A 372 -23.77 25.48 -35.59
C ILE A 372 -23.71 25.09 -34.12
N THR A 373 -24.64 24.22 -33.71
CA THR A 373 -24.83 23.84 -32.32
C THR A 373 -24.90 22.33 -32.21
N LEU A 374 -24.40 21.79 -31.09
CA LEU A 374 -24.37 20.37 -30.82
C LEU A 374 -25.13 20.06 -29.55
N GLN A 375 -25.79 18.90 -29.52
CA GLN A 375 -26.40 18.40 -28.29
C GLN A 375 -25.33 17.70 -27.46
N CYS A 376 -25.42 17.84 -26.14
CA CYS A 376 -24.42 17.28 -25.23
C CYS A 376 -25.10 16.65 -24.02
N ARG A 377 -24.61 15.47 -23.64
CA ARG A 377 -25.12 14.70 -22.51
C ARG A 377 -24.06 14.64 -21.42
N ILE A 378 -24.48 14.84 -20.18
CA ILE A 378 -23.59 14.77 -19.04
C ILE A 378 -23.59 13.34 -18.52
N LYS A 379 -22.47 12.93 -17.93
CA LYS A 379 -22.32 11.58 -17.40
C LYS A 379 -21.30 11.62 -16.26
N GLN A 380 -21.60 10.91 -15.18
CA GLN A 380 -20.76 10.94 -13.98
C GLN A 380 -19.85 9.74 -13.84
N ILE A 381 -20.30 8.54 -14.22
CA ILE A 381 -19.54 7.32 -14.01
C ILE A 381 -18.55 7.15 -15.16
N ILE A 382 -17.36 7.72 -15.01
CA ILE A 382 -16.39 7.83 -16.08
C ILE A 382 -15.50 6.60 -16.09
N ASN A 383 -15.30 6.03 -17.27
CA ASN A 383 -14.58 4.77 -17.42
C ASN A 383 -13.68 4.79 -18.65
N MET A 384 -13.10 5.95 -18.95
CA MET A 384 -12.48 6.19 -20.26
C MET A 384 -11.22 5.36 -20.48
N TRP A 385 -10.46 5.04 -19.44
CA TRP A 385 -9.21 4.30 -19.57
C TRP A 385 -9.46 2.83 -19.27
N GLN A 386 -8.96 1.96 -20.15
CA GLN A 386 -9.18 0.53 -20.00
C GLN A 386 -8.25 -0.11 -18.99
N GLY A 387 -7.21 0.57 -18.55
CA GLY A 387 -6.21 0.01 -17.66
C GLY A 387 -6.55 0.18 -16.20
N VAL A 388 -5.51 0.50 -15.41
CA VAL A 388 -5.65 0.59 -13.96
C VAL A 388 -6.61 1.69 -13.55
N GLY A 389 -6.76 2.74 -14.37
CA GLY A 389 -7.66 3.83 -14.04
C GLY A 389 -9.13 3.58 -14.31
N ARG A 390 -9.59 2.33 -14.23
CA ARG A 390 -10.96 2.03 -14.61
C ARG A 390 -11.96 2.54 -13.57
N CYS A 391 -12.98 3.21 -14.07
CA CYS A 391 -14.12 3.70 -13.30
C CYS A 391 -13.70 4.84 -12.38
N MET A 392 -14.55 5.86 -12.29
CA MET A 392 -14.36 6.98 -11.38
C MET A 392 -15.68 7.72 -11.30
N TYR A 393 -15.97 8.25 -10.12
CA TYR A 393 -17.13 9.09 -9.91
C TYR A 393 -16.66 10.54 -9.85
N ALA A 394 -17.16 11.37 -10.76
CA ALA A 394 -16.83 12.79 -10.76
C ALA A 394 -17.90 13.55 -9.99
N PRO A 395 -17.59 14.15 -8.83
CA PRO A 395 -18.65 14.77 -8.05
C PRO A 395 -19.20 15.99 -8.76
N PRO A 396 -20.47 16.34 -8.55
CA PRO A 396 -21.04 17.46 -9.28
C PRO A 396 -20.45 18.78 -8.80
N ILE A 397 -20.42 19.75 -9.71
CA ILE A 397 -19.90 21.09 -9.44
C ILE A 397 -21.04 22.08 -9.53
N ALA A 398 -21.21 22.87 -8.49
CA ALA A 398 -22.34 23.78 -8.39
C ALA A 398 -22.13 24.99 -9.29
N GLY A 399 -23.24 25.65 -9.64
CA GLY A 399 -23.20 26.81 -10.49
C GLY A 399 -22.96 26.43 -11.94
N ASN A 400 -23.31 27.32 -12.86
CA ASN A 400 -23.09 27.05 -14.27
C ASN A 400 -21.60 27.07 -14.57
N ILE A 401 -21.20 26.36 -15.63
CA ILE A 401 -19.81 26.20 -16.02
C ILE A 401 -19.68 26.47 -17.51
N THR A 402 -18.60 27.15 -17.90
CA THR A 402 -18.31 27.45 -19.29
C THR A 402 -16.86 27.09 -19.58
N CYS A 403 -16.62 26.57 -20.78
CA CYS A 403 -15.29 26.17 -21.22
C CYS A 403 -15.04 26.75 -22.61
N ARG A 404 -14.01 27.59 -22.72
CA ARG A 404 -13.58 28.15 -23.99
C ARG A 404 -12.27 27.50 -24.39
N SER A 405 -12.20 27.02 -25.63
CA SER A 405 -11.06 26.22 -26.06
C SER A 405 -10.89 26.34 -27.57
N ASN A 406 -9.73 25.88 -28.05
CA ASN A 406 -9.39 25.89 -29.46
C ASN A 406 -9.33 24.45 -29.97
N ILE A 407 -10.01 24.19 -31.09
CA ILE A 407 -9.74 23.00 -31.86
C ILE A 407 -8.50 23.25 -32.71
N THR A 408 -7.59 22.28 -32.73
CA THR A 408 -6.38 22.38 -33.52
C THR A 408 -6.06 21.13 -34.32
N GLY A 409 -6.80 20.05 -34.13
CA GLY A 409 -6.55 18.85 -34.91
C GLY A 409 -7.72 17.90 -34.83
N LEU A 410 -7.86 17.10 -35.88
CA LEU A 410 -8.97 16.17 -36.04
C LEU A 410 -8.44 14.76 -36.09
N LEU A 411 -9.28 13.80 -35.68
CA LEU A 411 -9.00 12.38 -35.82
C LEU A 411 -10.01 11.80 -36.80
N LEU A 412 -9.51 11.19 -37.87
CA LEU A 412 -10.35 10.77 -38.99
C LEU A 412 -9.93 9.37 -39.43
N THR A 413 -10.78 8.77 -40.27
CA THR A 413 -10.53 7.41 -40.76
C THR A 413 -11.22 7.23 -42.10
N ARG A 414 -10.46 6.77 -43.09
CA ARG A 414 -11.05 6.42 -44.37
C ARG A 414 -11.96 5.21 -44.20
N ASP A 415 -13.20 5.32 -44.64
CA ASP A 415 -14.10 4.18 -44.61
C ASP A 415 -13.76 3.22 -45.74
N GLY A 416 -14.26 1.99 -45.63
CA GLY A 416 -14.05 1.00 -46.66
C GLY A 416 -14.61 1.43 -48.00
N GLY A 417 -13.78 1.36 -49.04
CA GLY A 417 -14.22 1.76 -50.35
C GLY A 417 -15.31 0.86 -50.90
N THR A 418 -16.12 1.41 -51.80
CA THR A 418 -17.24 0.68 -52.39
C THR A 418 -17.40 1.08 -53.85
N ASN A 419 -17.53 0.07 -54.71
CA ASN A 419 -17.81 0.21 -56.13
C ASN A 419 -16.73 0.97 -56.89
N SER A 420 -15.56 1.19 -56.29
CA SER A 420 -14.51 2.02 -56.88
C SER A 420 -15.04 3.41 -57.23
N ASN A 421 -15.94 3.92 -56.41
CA ASN A 421 -16.63 5.17 -56.71
C ASN A 421 -15.70 6.36 -56.55
N GLU A 422 -16.15 7.51 -57.07
CA GLU A 422 -15.36 8.74 -57.00
C GLU A 422 -15.36 9.33 -55.59
N THR A 423 -16.32 8.98 -54.74
CA THR A 423 -16.41 9.54 -53.40
C THR A 423 -15.57 8.73 -52.43
N GLU A 424 -14.68 9.40 -51.71
CA GLU A 424 -13.89 8.81 -50.64
C GLU A 424 -14.31 9.46 -49.33
N THR A 425 -14.95 8.68 -48.46
CA THR A 425 -15.62 9.20 -47.28
C THR A 425 -14.76 8.99 -46.03
N PHE A 426 -14.83 9.95 -45.12
CA PHE A 426 -14.03 9.97 -43.89
C PHE A 426 -14.98 10.09 -42.70
N ARG A 427 -14.68 9.35 -41.63
CA ARG A 427 -15.49 9.31 -40.41
C ARG A 427 -14.67 9.83 -39.22
N PRO A 428 -15.28 10.57 -38.26
CA PRO A 428 -14.55 10.88 -37.04
C PRO A 428 -14.47 9.71 -36.08
N ALA A 429 -13.48 8.83 -36.29
CA ALA A 429 -13.35 7.65 -35.45
C ALA A 429 -12.75 8.02 -34.10
N GLY A 430 -13.43 7.65 -33.03
CA GLY A 430 -12.91 7.87 -31.69
C GLY A 430 -11.65 7.06 -31.48
N GLY A 431 -10.53 7.73 -31.25
CA GLY A 431 -9.25 7.04 -31.18
C GLY A 431 -8.95 6.53 -29.78
N ASP A 432 -8.18 5.45 -29.72
CA ASP A 432 -7.62 5.02 -28.45
C ASP A 432 -6.66 6.09 -27.93
N MET A 433 -6.42 6.08 -26.63
CA MET A 433 -5.98 7.30 -25.95
C MET A 433 -4.55 7.67 -26.29
N ARG A 434 -3.80 6.80 -26.97
CA ARG A 434 -2.41 7.13 -27.28
C ARG A 434 -2.30 8.30 -28.25
N ASP A 435 -3.24 8.41 -29.18
CA ASP A 435 -3.06 9.32 -30.31
C ASP A 435 -3.02 10.78 -29.86
N ASN A 436 -3.69 11.13 -28.77
CA ASN A 436 -3.71 12.51 -28.32
C ASN A 436 -2.32 13.01 -27.95
N TRP A 437 -1.47 12.12 -27.44
CA TRP A 437 -0.09 12.46 -27.10
C TRP A 437 0.86 12.17 -28.25
N ARG A 438 0.50 11.24 -29.15
CA ARG A 438 1.34 10.98 -30.30
C ARG A 438 1.30 12.13 -31.29
N SER A 439 0.23 12.91 -31.28
CA SER A 439 0.10 14.05 -32.18
C SER A 439 0.92 15.25 -31.72
N GLU A 440 1.62 15.14 -30.58
CA GLU A 440 2.41 16.22 -30.03
C GLU A 440 3.83 15.82 -29.62
N LEU A 441 4.10 14.54 -29.42
CA LEU A 441 5.44 14.06 -29.08
C LEU A 441 6.27 13.71 -30.31
N TYR A 442 5.83 14.10 -31.51
CA TYR A 442 6.43 13.57 -32.75
C TYR A 442 7.80 14.17 -33.05
N LYS A 443 8.03 15.43 -32.66
CA LYS A 443 9.25 16.12 -33.05
C LYS A 443 10.51 15.49 -32.45
N TYR A 444 10.36 14.67 -31.41
CA TYR A 444 11.46 14.34 -30.51
C TYR A 444 11.91 12.89 -30.67
N LYS A 445 13.22 12.69 -30.63
CA LYS A 445 13.83 11.38 -30.47
C LYS A 445 14.86 11.47 -29.37
N VAL A 446 15.02 10.39 -28.60
CA VAL A 446 15.92 10.35 -27.46
C VAL A 446 17.10 9.46 -27.82
N VAL A 447 18.31 9.96 -27.56
CA VAL A 447 19.53 9.32 -28.03
C VAL A 447 20.59 9.30 -26.93
N LYS A 448 21.54 8.38 -27.08
CA LYS A 448 22.73 8.38 -26.23
C LYS A 448 23.61 9.57 -26.57
N ILE A 449 24.43 9.98 -25.60
CA ILE A 449 25.62 10.75 -25.88
C ILE A 449 26.80 9.90 -25.43
N GLU A 450 27.76 9.68 -26.33
CA GLU A 450 28.81 8.69 -26.16
C GLU A 450 30.14 9.41 -26.31
N PRO A 451 30.65 10.07 -25.26
CA PRO A 451 31.78 10.98 -25.44
C PRO A 451 33.13 10.31 -25.68
N LEU A 452 33.18 8.99 -25.81
CA LEU A 452 34.44 8.26 -26.01
C LEU A 452 34.55 7.83 -27.47
N GLY A 453 35.66 8.22 -28.12
CA GLY A 453 35.87 7.91 -29.52
C GLY A 453 37.33 7.58 -29.79
N VAL A 454 37.56 7.04 -30.99
CA VAL A 454 38.86 6.51 -31.38
C VAL A 454 39.19 6.99 -32.78
N ALA A 455 40.45 7.37 -32.99
CA ALA A 455 40.94 7.77 -34.31
C ALA A 455 42.46 7.88 -34.24
N PRO A 456 43.14 7.90 -35.39
CA PRO A 456 44.58 8.18 -35.39
C PRO A 456 44.85 9.69 -35.49
N THR A 457 46.09 10.08 -35.21
CA THR A 457 46.55 11.45 -35.39
C THR A 457 48.07 11.44 -35.26
N ARG A 458 48.67 12.62 -35.05
CA ARG A 458 50.12 12.78 -34.98
C ARG A 458 50.48 13.40 -33.63
N CYS A 459 50.78 12.55 -32.65
CA CYS A 459 51.03 12.90 -31.26
C CYS A 459 51.72 11.82 -30.42
N LYS A 460 52.96 12.08 -30.00
CA LYS A 460 53.76 11.08 -29.28
C LYS A 460 53.49 11.11 -27.77
N ARG A 461 53.35 9.91 -27.20
CA ARG A 461 53.51 9.72 -25.75
C ARG A 461 55.00 9.58 -25.47
N PHE B 11 26.14 23.00 -25.91
CA PHE B 11 26.37 21.66 -25.39
C PHE B 11 26.91 20.75 -26.49
N LEU B 12 26.16 20.65 -27.60
CA LEU B 12 26.49 19.78 -28.72
C LEU B 12 26.56 20.53 -30.04
N GLY B 13 26.92 21.81 -30.01
CA GLY B 13 27.02 22.58 -31.24
C GLY B 13 28.18 22.17 -32.14
N ALA B 14 29.13 21.40 -31.62
CA ALA B 14 30.26 20.97 -32.42
C ALA B 14 29.91 19.81 -33.37
N ALA B 15 28.71 19.25 -33.25
CA ALA B 15 28.31 18.16 -34.14
C ALA B 15 28.25 18.63 -35.58
N GLY B 16 28.60 17.72 -36.50
CA GLY B 16 28.64 18.04 -37.91
C GLY B 16 29.93 18.69 -38.38
N SER B 17 30.81 19.09 -37.46
CA SER B 17 32.05 19.74 -37.83
C SER B 17 33.16 18.68 -37.99
N THR B 18 34.29 19.13 -38.53
CA THR B 18 35.41 18.24 -38.77
C THR B 18 36.13 17.91 -37.46
N MET B 19 36.98 16.88 -37.53
CA MET B 19 37.75 16.45 -36.37
C MET B 19 38.66 17.57 -35.86
N GLY B 20 39.30 18.30 -36.78
CA GLY B 20 40.11 19.43 -36.35
C GLY B 20 39.28 20.50 -35.66
N ALA B 21 38.03 20.67 -36.09
CA ALA B 21 37.17 21.68 -35.51
C ALA B 21 36.69 21.28 -34.12
N ALA B 22 36.11 20.09 -33.99
CA ALA B 22 35.56 19.67 -32.70
C ALA B 22 36.62 19.14 -31.76
N SER B 23 37.87 19.01 -32.21
CA SER B 23 38.95 18.75 -31.28
C SER B 23 39.00 19.83 -30.20
N MET B 24 38.82 21.09 -30.61
CA MET B 24 38.68 22.20 -29.68
C MET B 24 37.28 22.18 -29.07
N THR B 25 37.15 22.90 -27.96
CA THR B 25 35.94 22.96 -27.15
C THR B 25 35.37 21.58 -26.82
N LEU B 26 36.20 20.61 -26.45
CA LEU B 26 35.69 19.34 -25.97
C LEU B 26 35.21 19.45 -24.53
N THR B 27 35.78 20.37 -23.76
CA THR B 27 35.34 20.58 -22.37
C THR B 27 33.90 21.04 -22.30
N VAL B 28 33.38 21.62 -23.38
CA VAL B 28 31.96 21.95 -23.44
C VAL B 28 31.11 20.69 -23.29
N GLN B 29 31.48 19.63 -24.02
CA GLN B 29 30.75 18.37 -23.90
C GLN B 29 31.08 17.66 -22.59
N ALA B 30 32.32 17.77 -22.13
CA ALA B 30 32.73 17.05 -20.93
C ALA B 30 32.00 17.53 -19.68
N ARG B 31 31.54 18.79 -19.67
CA ARG B 31 31.06 19.40 -18.44
C ARG B 31 29.65 18.92 -18.07
N ASN B 32 28.75 18.84 -19.05
CA ASN B 32 27.33 18.93 -18.78
C ASN B 32 26.65 17.61 -18.42
N LEU B 33 27.38 16.62 -17.92
CA LEU B 33 26.84 15.26 -17.79
C LEU B 33 26.33 14.90 -16.40
N LEU B 34 25.95 15.86 -15.56
CA LEU B 34 25.44 15.53 -14.22
C LEU B 34 24.39 16.57 -13.81
N SER B 35 23.22 16.09 -13.37
CA SER B 35 22.15 16.96 -12.85
C SER B 35 20.97 16.11 -12.42
N GLY B 36 20.11 16.68 -11.58
CA GLY B 36 18.83 16.06 -11.24
C GLY B 36 18.36 16.45 -9.85
N THR B 37 17.08 16.15 -9.61
CA THR B 37 16.47 16.24 -8.28
C THR B 37 15.18 15.41 -8.29
N VAL B 38 14.61 15.18 -7.10
CA VAL B 38 13.96 13.91 -6.75
C VAL B 38 12.44 13.94 -6.93
N TRP B 39 11.91 12.80 -7.42
CA TRP B 39 10.52 12.32 -7.22
C TRP B 39 10.56 10.79 -7.35
N GLY B 40 10.59 10.10 -6.21
CA GLY B 40 10.20 8.71 -6.10
C GLY B 40 10.62 7.71 -7.17
N ILE B 41 9.62 7.10 -7.81
CA ILE B 41 9.77 5.83 -8.53
C ILE B 41 10.77 5.93 -9.66
N LYS B 42 10.61 6.91 -10.54
CA LYS B 42 11.38 6.99 -11.78
C LYS B 42 12.52 7.98 -11.72
N GLN B 43 12.31 9.13 -11.09
CA GLN B 43 13.32 10.17 -11.04
C GLN B 43 14.60 9.69 -10.37
N LEU B 44 14.47 9.00 -9.24
CA LEU B 44 15.64 8.44 -8.58
C LEU B 44 16.35 7.45 -9.50
N GLN B 45 15.59 6.63 -10.22
CA GLN B 45 16.18 5.79 -11.24
C GLN B 45 16.79 6.63 -12.35
N ALA B 46 16.24 7.81 -12.60
CA ALA B 46 16.80 8.75 -13.58
C ALA B 46 17.92 9.61 -13.00
N ARG B 47 18.47 9.26 -11.83
CA ARG B 47 19.52 10.03 -11.20
C ARG B 47 20.71 9.19 -10.75
N VAL B 48 20.56 7.87 -10.63
CA VAL B 48 21.72 6.98 -10.54
C VAL B 48 22.21 6.60 -11.93
N LEU B 49 21.43 6.82 -12.98
CA LEU B 49 21.92 6.59 -14.34
C LEU B 49 23.03 7.57 -14.69
N ALA B 50 22.90 8.83 -14.26
CA ALA B 50 23.90 9.83 -14.61
C ALA B 50 25.27 9.46 -14.03
N VAL B 51 25.31 9.19 -12.72
CA VAL B 51 26.59 8.89 -12.08
C VAL B 51 27.14 7.57 -12.61
N GLU B 52 26.28 6.59 -12.87
CA GLU B 52 26.76 5.31 -13.37
C GLU B 52 27.37 5.47 -14.76
N ARG B 53 26.69 6.21 -15.64
CA ARG B 53 27.22 6.43 -16.98
C ARG B 53 28.54 7.18 -16.93
N TYR B 54 28.60 8.23 -16.12
CA TYR B 54 29.84 9.00 -16.02
C TYR B 54 30.97 8.15 -15.47
N LEU B 55 30.68 7.32 -14.46
CA LEU B 55 31.72 6.48 -13.89
C LEU B 55 32.21 5.44 -14.88
N ARG B 56 31.30 4.86 -15.67
CA ARG B 56 31.76 3.89 -16.65
C ARG B 56 32.62 4.53 -17.73
N ASP B 57 32.19 5.70 -18.23
CA ASP B 57 32.99 6.37 -19.25
C ASP B 57 34.34 6.83 -18.69
N GLN B 58 34.39 7.20 -17.40
CA GLN B 58 35.65 7.59 -16.81
C GLN B 58 36.52 6.37 -16.52
N GLN B 59 35.89 5.24 -16.20
CA GLN B 59 36.62 4.00 -15.99
C GLN B 59 37.35 3.57 -17.25
N LEU B 60 36.63 3.52 -18.37
CA LEU B 60 37.25 3.07 -19.60
C LEU B 60 38.35 4.02 -20.07
N LEU B 61 38.25 5.30 -19.68
CA LEU B 61 39.28 6.25 -20.07
C LEU B 61 40.49 6.17 -19.15
N GLY B 62 40.28 6.05 -17.85
CA GLY B 62 41.37 6.04 -16.91
C GLY B 62 42.14 4.74 -16.89
N ILE B 63 41.48 3.64 -17.24
CA ILE B 63 42.16 2.35 -17.28
C ILE B 63 43.19 2.32 -18.40
N TRP B 64 42.97 3.08 -19.48
CA TRP B 64 43.92 3.16 -20.58
C TRP B 64 45.08 4.11 -20.30
N GLY B 65 45.28 4.53 -19.07
CA GLY B 65 46.30 5.52 -18.78
C GLY B 65 45.95 6.92 -19.25
N CYS B 66 44.68 7.17 -19.56
CA CYS B 66 44.22 8.45 -20.09
C CYS B 66 43.30 9.17 -19.10
N SER B 67 43.60 9.07 -17.80
CA SER B 67 42.73 9.68 -16.80
C SER B 67 42.68 11.19 -16.98
N GLY B 68 43.77 11.81 -17.38
CA GLY B 68 43.70 13.16 -17.91
C GLY B 68 42.74 13.11 -19.09
N LYS B 69 41.72 13.96 -19.10
CA LYS B 69 40.65 13.86 -20.07
C LYS B 69 40.96 14.60 -21.37
N LEU B 70 42.23 14.80 -21.65
CA LEU B 70 42.67 15.33 -22.92
C LEU B 70 42.36 14.38 -24.07
N ILE B 71 42.61 14.88 -25.29
CA ILE B 71 42.90 13.97 -26.39
C ILE B 71 44.12 13.15 -26.01
N CYS B 72 43.89 11.88 -25.72
CA CYS B 72 44.94 11.02 -25.19
C CYS B 72 45.49 10.19 -26.33
N CYS B 73 46.78 10.35 -26.58
CA CYS B 73 47.48 9.64 -27.63
C CYS B 73 47.82 8.27 -27.08
N THR B 74 48.26 7.35 -27.94
CA THR B 74 48.61 5.99 -27.51
C THR B 74 49.76 5.45 -28.35
N ASN B 75 50.22 4.25 -27.97
CA ASN B 75 51.33 3.57 -28.61
C ASN B 75 50.94 2.18 -29.14
N VAL B 76 49.76 2.06 -29.73
CA VAL B 76 49.20 0.78 -30.14
C VAL B 76 49.01 0.81 -31.65
N PRO B 77 49.60 -0.14 -32.40
CA PRO B 77 49.64 0.02 -33.86
C PRO B 77 48.27 -0.02 -34.49
N TRP B 78 48.14 0.71 -35.60
CA TRP B 78 46.88 0.78 -36.33
C TRP B 78 46.92 -0.24 -37.44
N ASN B 79 46.40 -1.43 -37.17
CA ASN B 79 46.25 -2.44 -38.21
C ASN B 79 45.42 -1.84 -39.34
N SER B 80 46.03 -1.71 -40.52
CA SER B 80 45.40 -0.95 -41.60
C SER B 80 44.05 -1.55 -42.00
N SER B 81 43.84 -2.84 -41.70
CA SER B 81 42.54 -3.46 -41.93
C SER B 81 41.40 -2.73 -41.22
N TRP B 82 41.69 -2.01 -40.14
CA TRP B 82 40.64 -1.26 -39.45
C TRP B 82 40.02 -0.18 -40.33
N SER B 83 40.81 0.59 -41.10
CA SER B 83 40.28 1.65 -41.94
C SER B 83 40.72 1.54 -43.40
N ASN B 84 42.00 1.23 -43.65
CA ASN B 84 42.56 1.27 -45.00
C ASN B 84 42.30 2.61 -45.67
N ARG B 85 42.48 3.70 -44.93
CA ARG B 85 42.21 5.04 -45.42
C ARG B 85 43.27 6.00 -44.90
N ASN B 86 43.34 7.17 -45.53
CA ASN B 86 44.44 8.11 -45.39
C ASN B 86 43.97 9.39 -44.69
N LEU B 87 44.91 10.05 -44.01
CA LEU B 87 44.60 11.26 -43.25
C LEU B 87 44.04 12.37 -44.15
N SER B 88 44.44 12.39 -45.42
CA SER B 88 44.03 13.48 -46.31
C SER B 88 42.52 13.50 -46.52
N GLU B 89 41.85 12.36 -46.37
CA GLU B 89 40.42 12.25 -46.61
C GLU B 89 39.60 12.33 -45.32
N ILE B 90 40.19 12.78 -44.23
CA ILE B 90 39.59 12.63 -42.90
C ILE B 90 39.40 14.01 -42.26
N TRP B 91 40.49 14.72 -41.95
CA TRP B 91 40.35 15.98 -41.22
C TRP B 91 39.76 17.09 -42.06
N ASP B 92 40.04 17.11 -43.37
CA ASP B 92 39.51 18.16 -44.23
C ASP B 92 37.99 18.11 -44.36
N ASN B 93 37.41 16.92 -44.47
CA ASN B 93 36.01 16.76 -44.89
C ASN B 93 35.16 16.00 -43.89
N MET B 94 35.69 14.89 -43.36
CA MET B 94 34.87 13.93 -42.64
C MET B 94 34.56 14.42 -41.23
N THR B 95 33.40 14.03 -40.70
CA THR B 95 32.91 14.44 -39.41
C THR B 95 32.83 13.25 -38.46
N TRP B 96 32.58 13.53 -37.18
CA TRP B 96 32.74 12.51 -36.15
C TRP B 96 31.76 11.35 -36.29
N LEU B 97 30.47 11.65 -36.44
CA LEU B 97 29.49 10.57 -36.49
C LEU B 97 29.73 9.69 -37.70
N GLN B 98 30.02 10.30 -38.85
CA GLN B 98 30.27 9.53 -40.06
C GLN B 98 31.50 8.64 -39.90
N TRP B 99 32.57 9.18 -39.31
CA TRP B 99 33.76 8.37 -39.06
C TRP B 99 33.46 7.25 -38.07
N ASP B 100 32.67 7.55 -37.04
CA ASP B 100 32.35 6.56 -36.03
C ASP B 100 31.58 5.38 -36.62
N LYS B 101 30.71 5.66 -37.58
CA LYS B 101 30.02 4.55 -38.27
C LYS B 101 31.00 3.62 -38.97
N GLU B 102 32.19 4.10 -39.33
CA GLU B 102 33.21 3.23 -39.92
C GLU B 102 33.99 2.48 -38.86
N ILE B 103 34.64 3.22 -37.95
CA ILE B 103 35.55 2.59 -36.99
C ILE B 103 34.79 1.74 -35.96
N SER B 104 33.47 1.91 -35.86
CA SER B 104 32.69 1.15 -34.87
C SER B 104 32.75 -0.36 -35.09
N ASN B 105 33.18 -0.82 -36.26
CA ASN B 105 33.27 -2.24 -36.56
C ASN B 105 34.39 -2.94 -35.80
N TYR B 106 35.28 -2.21 -35.13
CA TYR B 106 36.49 -2.78 -34.54
C TYR B 106 36.77 -2.35 -33.09
N THR B 107 35.86 -1.62 -32.44
CA THR B 107 36.20 -0.93 -31.19
C THR B 107 36.56 -1.92 -30.07
N GLN B 108 35.74 -2.95 -29.89
CA GLN B 108 35.95 -3.88 -28.80
C GLN B 108 37.27 -4.62 -28.95
N ILE B 109 37.68 -4.91 -30.18
CA ILE B 109 38.98 -5.50 -30.41
C ILE B 109 40.07 -4.49 -30.08
N ILE B 110 39.82 -3.21 -30.35
CA ILE B 110 40.84 -2.18 -30.16
C ILE B 110 41.15 -1.99 -28.69
N TYR B 111 40.13 -2.03 -27.83
CA TYR B 111 40.30 -1.60 -26.44
C TYR B 111 41.35 -2.42 -25.69
N GLY B 112 41.36 -3.74 -25.90
CA GLY B 112 42.32 -4.58 -25.19
C GLY B 112 43.76 -4.27 -25.56
N LEU B 113 43.99 -3.79 -26.78
CA LEU B 113 45.35 -3.43 -27.17
C LEU B 113 45.84 -2.22 -26.38
N LEU B 114 45.00 -1.20 -26.23
CA LEU B 114 45.32 -0.11 -25.31
C LEU B 114 45.56 -0.61 -23.90
N GLU B 115 44.72 -1.55 -23.43
CA GLU B 115 44.91 -2.11 -22.09
C GLU B 115 46.32 -2.68 -21.92
N GLU B 116 46.70 -3.61 -22.80
CA GLU B 116 47.97 -4.29 -22.63
C GLU B 116 49.15 -3.36 -22.89
N SER B 117 48.99 -2.37 -23.77
CA SER B 117 50.06 -1.41 -23.97
C SER B 117 50.30 -0.59 -22.69
N GLN B 118 49.22 -0.12 -22.07
CA GLN B 118 49.36 0.59 -20.79
C GLN B 118 50.01 -0.30 -19.75
N ASN B 119 49.71 -1.60 -19.80
CA ASN B 119 50.23 -2.50 -18.78
C ASN B 119 51.74 -2.73 -18.96
N GLN B 120 52.20 -2.92 -20.20
CA GLN B 120 53.63 -3.01 -20.41
C GLN B 120 54.32 -1.70 -20.07
N GLN B 121 53.63 -0.57 -20.29
CA GLN B 121 54.24 0.72 -19.96
C GLN B 121 54.42 0.88 -18.46
N GLU B 122 53.42 0.51 -17.65
CA GLU B 122 53.58 0.65 -16.20
C GLU B 122 54.61 -0.35 -15.67
N LYS B 123 54.73 -1.52 -16.31
CA LYS B 123 55.84 -2.41 -15.95
C LYS B 123 57.19 -1.77 -16.28
N ASN B 124 57.29 -1.13 -17.44
CA ASN B 124 58.55 -0.50 -17.81
C ASN B 124 58.91 0.65 -16.88
N GLU B 125 57.91 1.46 -16.50
CA GLU B 125 58.15 2.56 -15.57
C GLU B 125 58.60 2.08 -14.20
N GLN B 126 58.21 0.85 -13.83
CA GLN B 126 58.40 0.36 -12.47
C GLN B 126 59.87 0.10 -12.12
N ASP B 127 60.66 -0.40 -13.08
CA ASP B 127 61.96 -0.96 -12.77
C ASP B 127 62.99 0.10 -12.40
N LEU B 128 63.34 0.18 -11.12
CA LEU B 128 64.39 1.07 -10.63
C LEU B 128 65.16 0.35 -9.52
N GLN C 1 -53.74 43.38 -31.39
CA GLN C 1 -52.50 43.44 -30.56
C GLN C 1 -52.51 42.35 -29.51
N VAL C 2 -51.31 41.99 -29.02
CA VAL C 2 -51.21 40.98 -27.97
C VAL C 2 -51.89 41.49 -26.71
N GLN C 3 -52.66 40.62 -26.06
CA GLN C 3 -53.37 40.99 -24.86
C GLN C 3 -53.74 39.73 -24.09
N LEU C 4 -53.90 39.89 -22.77
CA LEU C 4 -54.37 38.85 -21.87
C LEU C 4 -55.64 39.31 -21.19
N VAL C 5 -56.60 38.39 -21.04
CA VAL C 5 -57.88 38.66 -20.41
C VAL C 5 -57.93 37.88 -19.11
N GLN C 6 -58.70 38.37 -18.15
CA GLN C 6 -58.64 37.93 -16.77
C GLN C 6 -60.04 37.79 -16.17
N SER C 7 -60.10 37.11 -15.03
CA SER C 7 -61.36 36.98 -14.30
C SER C 7 -61.78 38.35 -13.75
N GLY C 8 -63.09 38.48 -13.52
CA GLY C 8 -63.64 39.76 -13.10
C GLY C 8 -63.24 40.18 -11.71
N ALA C 9 -63.76 39.48 -10.69
CA ALA C 9 -63.44 39.78 -9.30
C ALA C 9 -63.84 38.61 -8.43
N GLU C 10 -63.27 38.56 -7.23
CA GLU C 10 -63.47 37.46 -6.31
C GLU C 10 -63.73 38.00 -4.90
N VAL C 11 -64.56 37.27 -4.15
CA VAL C 11 -64.80 37.52 -2.73
C VAL C 11 -64.80 36.18 -2.02
N LYS C 12 -64.04 36.08 -0.93
CA LYS C 12 -63.88 34.82 -0.22
C LYS C 12 -63.75 35.10 1.28
N LYS C 13 -63.92 34.03 2.06
CA LYS C 13 -63.76 34.10 3.51
C LYS C 13 -62.33 33.71 3.89
N PRO C 14 -61.84 34.11 5.07
CA PRO C 14 -60.53 33.64 5.50
C PRO C 14 -60.51 32.12 5.66
N GLY C 15 -59.38 31.52 5.30
CA GLY C 15 -59.24 30.08 5.31
C GLY C 15 -59.76 29.38 4.07
N ALA C 16 -60.33 30.11 3.12
CA ALA C 16 -60.89 29.52 1.90
C ALA C 16 -59.82 29.52 0.81
N SER C 17 -60.24 29.22 -0.42
CA SER C 17 -59.35 29.17 -1.58
C SER C 17 -59.98 29.95 -2.74
N VAL C 18 -59.12 30.42 -3.63
CA VAL C 18 -59.54 31.24 -4.77
C VAL C 18 -58.75 30.80 -6.00
N LYS C 19 -59.44 30.74 -7.14
CA LYS C 19 -58.84 30.46 -8.44
C LYS C 19 -59.06 31.66 -9.34
N VAL C 20 -58.01 32.12 -10.01
CA VAL C 20 -58.07 33.22 -10.96
C VAL C 20 -57.46 32.74 -12.28
N SER C 21 -58.01 33.24 -13.39
CA SER C 21 -57.69 32.78 -14.72
C SER C 21 -56.93 33.85 -15.49
N CYS C 22 -56.21 33.42 -16.52
CA CYS C 22 -55.44 34.32 -17.36
C CYS C 22 -55.34 33.68 -18.75
N LYS C 23 -56.16 34.18 -19.69
CA LYS C 23 -56.17 33.70 -21.06
C LYS C 23 -55.51 34.75 -21.95
N ALA C 24 -54.67 34.28 -22.87
CA ALA C 24 -53.85 35.14 -23.72
C ALA C 24 -54.15 34.89 -25.19
N SER C 25 -53.91 35.92 -26.01
CA SER C 25 -54.13 35.84 -27.44
C SER C 25 -53.26 36.87 -28.14
N GLY C 26 -53.11 36.71 -29.45
CA GLY C 26 -52.32 37.60 -30.27
C GLY C 26 -50.91 37.14 -30.54
N TYR C 27 -50.41 36.15 -29.79
CA TYR C 27 -49.09 35.58 -30.02
C TYR C 27 -49.18 34.09 -29.76
N THR C 28 -48.17 33.35 -30.23
CA THR C 28 -48.11 31.92 -29.98
C THR C 28 -48.04 31.69 -28.49
N PHE C 29 -49.13 31.17 -27.92
CA PHE C 29 -49.31 31.21 -26.48
C PHE C 29 -48.33 30.32 -25.72
N THR C 30 -47.65 29.40 -26.42
CA THR C 30 -46.72 28.48 -25.80
C THR C 30 -45.27 28.99 -25.82
N ASP C 31 -45.00 30.12 -26.45
CA ASP C 31 -43.63 30.57 -26.69
C ASP C 31 -43.09 31.51 -25.61
N TYR C 32 -43.88 31.85 -24.59
CA TYR C 32 -43.48 32.87 -23.62
C TYR C 32 -43.82 32.41 -22.21
N TYR C 33 -43.05 32.91 -21.25
CA TYR C 33 -43.34 32.67 -19.84
C TYR C 33 -44.56 33.47 -19.41
N ILE C 34 -45.13 33.07 -18.27
CA ILE C 34 -46.21 33.80 -17.61
C ILE C 34 -45.76 34.11 -16.19
N HIS C 35 -45.73 35.40 -15.86
CA HIS C 35 -45.36 35.88 -14.53
C HIS C 35 -46.58 36.41 -13.81
N TRP C 36 -46.72 36.02 -12.55
CA TRP C 36 -47.82 36.45 -11.69
C TRP C 36 -47.29 37.42 -10.64
N VAL C 37 -47.96 38.56 -10.50
CA VAL C 37 -47.52 39.63 -9.61
C VAL C 37 -48.74 40.21 -8.92
N ARG C 38 -48.58 40.57 -7.65
CA ARG C 38 -49.66 40.99 -6.77
C ARG C 38 -49.51 42.46 -6.44
N GLN C 39 -50.65 43.14 -6.28
CA GLN C 39 -50.70 44.57 -6.02
C GLN C 39 -51.68 44.82 -4.89
N ALA C 40 -51.16 45.01 -3.68
CA ALA C 40 -51.98 45.46 -2.57
C ALA C 40 -52.40 46.91 -2.80
N PRO C 41 -53.53 47.35 -2.24
CA PRO C 41 -54.02 48.70 -2.55
C PRO C 41 -53.08 49.77 -2.00
N GLY C 42 -52.64 50.66 -2.89
CA GLY C 42 -51.79 51.76 -2.50
C GLY C 42 -50.47 51.37 -1.88
N GLN C 43 -49.94 50.20 -2.24
CA GLN C 43 -48.72 49.68 -1.65
C GLN C 43 -47.83 49.06 -2.73
N GLY C 44 -46.69 48.50 -2.33
CA GLY C 44 -45.72 48.03 -3.31
C GLY C 44 -46.19 46.79 -4.05
N LEU C 45 -45.53 46.51 -5.17
CA LEU C 45 -45.80 45.30 -5.93
C LEU C 45 -45.14 44.10 -5.26
N GLU C 46 -45.80 42.94 -5.35
CA GLU C 46 -45.28 41.69 -4.85
C GLU C 46 -45.30 40.65 -5.95
N TRP C 47 -44.12 40.23 -6.41
CA TRP C 47 -44.04 39.19 -7.42
C TRP C 47 -44.31 37.84 -6.76
N MET C 48 -45.00 36.95 -7.47
CA MET C 48 -45.54 35.70 -6.91
C MET C 48 -44.93 34.45 -7.54
N ALA C 49 -44.94 34.29 -8.86
CA ALA C 49 -44.42 33.05 -9.44
C ALA C 49 -44.24 33.19 -10.94
N TRP C 50 -43.66 32.14 -11.54
CA TRP C 50 -43.56 32.00 -12.98
C TRP C 50 -43.82 30.55 -13.37
N ILE C 51 -44.20 30.33 -14.63
CA ILE C 51 -44.50 29.00 -15.16
C ILE C 51 -44.04 28.92 -16.61
N ASN C 52 -43.45 27.79 -16.98
CA ASN C 52 -43.14 27.50 -18.38
C ASN C 52 -44.35 26.80 -19.01
N PRO C 53 -44.93 27.32 -20.09
CA PRO C 53 -46.11 26.65 -20.67
C PRO C 53 -45.87 25.22 -21.12
N THR C 54 -44.71 24.92 -21.70
CA THR C 54 -44.46 23.61 -22.29
C THR C 54 -44.30 22.50 -21.26
N THR C 55 -44.04 22.83 -20.00
CA THR C 55 -43.77 21.83 -18.97
C THR C 55 -44.48 22.26 -17.69
N GLY C 56 -44.28 21.48 -16.64
CA GLY C 56 -44.66 21.91 -15.31
C GLY C 56 -43.53 22.74 -14.72
N ARG C 57 -43.09 22.39 -13.52
CA ARG C 57 -41.95 23.05 -12.86
C ARG C 57 -42.19 24.55 -12.72
N THR C 58 -43.21 24.87 -11.93
CA THR C 58 -43.40 26.22 -11.45
C THR C 58 -42.43 26.51 -10.32
N ASN C 59 -42.25 27.80 -10.03
CA ASN C 59 -41.50 28.22 -8.87
C ASN C 59 -42.02 29.57 -8.41
N SER C 60 -41.88 29.83 -7.11
CA SER C 60 -42.53 30.97 -6.49
C SER C 60 -41.70 31.45 -5.32
N ALA C 61 -41.97 32.68 -4.88
CA ALA C 61 -41.29 33.23 -3.73
C ALA C 61 -41.65 32.42 -2.48
N ARG C 62 -40.76 32.50 -1.47
CA ARG C 62 -40.93 31.67 -0.28
C ARG C 62 -42.17 32.04 0.52
N LYS C 63 -42.76 33.21 0.29
CA LYS C 63 -43.98 33.56 1.00
C LYS C 63 -45.11 32.59 0.69
N PHE C 64 -45.09 31.96 -0.49
CA PHE C 64 -46.23 31.21 -1.00
C PHE C 64 -45.86 29.78 -1.36
N GLN C 65 -44.67 29.31 -0.97
CA GLN C 65 -44.29 27.93 -1.26
C GLN C 65 -45.09 26.97 -0.39
N GLY C 66 -45.46 25.82 -0.98
CA GLY C 66 -46.30 24.87 -0.30
C GLY C 66 -47.72 25.34 -0.05
N ARG C 67 -48.12 26.46 -0.65
CA ARG C 67 -49.44 27.04 -0.45
C ARG C 67 -50.12 27.49 -1.73
N VAL C 68 -49.39 27.67 -2.84
CA VAL C 68 -49.93 28.07 -4.12
C VAL C 68 -49.70 26.94 -5.12
N THR C 69 -50.73 26.61 -5.88
CA THR C 69 -50.66 25.61 -6.94
C THR C 69 -50.77 26.32 -8.28
N MET C 70 -49.96 25.84 -9.24
CA MET C 70 -49.80 26.49 -10.54
C MET C 70 -49.88 25.47 -11.68
N THR C 71 -50.69 25.79 -12.68
CA THR C 71 -50.86 24.98 -13.87
C THR C 71 -51.22 25.89 -15.04
N ARG C 72 -51.11 25.35 -16.25
CA ARG C 72 -51.66 25.99 -17.44
C ARG C 72 -52.35 24.93 -18.27
N ASP C 73 -53.46 25.33 -18.91
CA ASP C 73 -54.23 24.45 -19.79
C ASP C 73 -53.92 24.83 -21.23
N THR C 74 -53.22 23.94 -21.94
CA THR C 74 -52.77 24.23 -23.30
C THR C 74 -53.92 24.27 -24.29
N SER C 75 -55.09 23.70 -23.95
CA SER C 75 -56.18 23.62 -24.92
C SER C 75 -56.71 25.00 -25.29
N ILE C 76 -56.86 25.89 -24.32
CA ILE C 76 -57.52 27.19 -24.53
C ILE C 76 -56.61 28.35 -24.16
N SER C 77 -55.30 28.11 -24.12
CA SER C 77 -54.31 29.17 -23.93
C SER C 77 -54.54 29.93 -22.62
N THR C 78 -54.97 29.22 -21.58
CA THR C 78 -55.36 29.83 -20.31
C THR C 78 -54.46 29.30 -19.20
N ALA C 79 -53.86 30.22 -18.45
CA ALA C 79 -53.13 29.89 -17.24
C ALA C 79 -54.01 30.14 -16.03
N TYR C 80 -53.80 29.31 -14.99
CA TYR C 80 -54.60 29.36 -13.78
C TYR C 80 -53.68 29.44 -12.58
N MET C 81 -54.13 30.22 -11.59
CA MET C 81 -53.43 30.42 -10.34
C MET C 81 -54.35 29.99 -9.21
N GLU C 82 -53.84 29.14 -8.32
CA GLU C 82 -54.60 28.64 -7.17
C GLU C 82 -53.90 29.05 -5.89
N LEU C 83 -54.64 29.76 -5.03
CA LEU C 83 -54.22 30.08 -3.68
C LEU C 83 -55.18 29.36 -2.73
N ARG C 84 -54.62 28.51 -1.87
CA ARG C 84 -55.43 27.47 -1.21
C ARG C 84 -55.81 27.81 0.23
N ARG C 85 -55.03 28.63 0.94
CA ARG C 85 -55.32 28.97 2.33
C ARG C 85 -55.22 30.49 2.48
N LEU C 86 -56.36 31.16 2.33
CA LEU C 86 -56.38 32.61 2.29
C LEU C 86 -56.20 33.21 3.68
N ARG C 87 -55.67 34.43 3.71
CA ARG C 87 -55.62 35.27 4.88
C ARG C 87 -56.21 36.63 4.55
N SER C 88 -56.52 37.40 5.58
CA SER C 88 -57.03 38.75 5.36
C SER C 88 -55.98 39.63 4.68
N ASP C 89 -54.71 39.32 4.89
CA ASP C 89 -53.64 40.09 4.26
C ASP C 89 -53.66 39.96 2.74
N ASP C 90 -54.14 38.84 2.22
CA ASP C 90 -54.07 38.55 0.80
C ASP C 90 -55.07 39.36 -0.04
N THR C 91 -55.88 40.22 0.57
CA THR C 91 -56.75 41.11 -0.18
C THR C 91 -55.91 42.04 -1.05
N ALA C 92 -56.01 41.89 -2.37
CA ALA C 92 -55.16 42.65 -3.29
C ALA C 92 -55.64 42.41 -4.71
N VAL C 93 -54.96 43.07 -5.66
CA VAL C 93 -55.20 42.89 -7.09
C VAL C 93 -54.13 41.97 -7.64
N TYR C 94 -54.55 40.97 -8.41
CA TYR C 94 -53.66 39.95 -8.97
C TYR C 94 -53.53 40.16 -10.46
N TYR C 95 -52.29 40.12 -10.96
CA TYR C 95 -51.98 40.29 -12.37
C TYR C 95 -51.23 39.09 -12.92
N CYS C 96 -51.40 38.86 -14.22
CA CYS C 96 -50.57 37.93 -14.98
C CYS C 96 -49.92 38.69 -16.14
N ALA C 97 -48.69 38.31 -16.46
CA ALA C 97 -47.93 39.02 -17.48
C ALA C 97 -47.05 38.06 -18.26
N ARG C 98 -46.78 38.43 -19.52
CA ARG C 98 -45.99 37.60 -20.42
C ARG C 98 -44.51 37.92 -20.24
N GLY C 99 -43.72 36.89 -19.97
CA GLY C 99 -42.31 37.04 -19.67
C GLY C 99 -41.43 36.98 -20.90
N GLY C 100 -40.15 36.66 -20.68
CA GLY C 100 -39.21 36.55 -21.77
C GLY C 100 -39.45 35.30 -22.61
N TRP C 101 -38.75 35.24 -23.73
CA TRP C 101 -38.93 34.14 -24.67
C TRP C 101 -38.40 32.85 -24.07
N ILE C 102 -39.08 31.74 -24.42
CA ILE C 102 -38.72 30.43 -23.89
C ILE C 102 -37.60 29.84 -24.73
N GLY C 103 -36.37 30.25 -24.44
CA GLY C 103 -35.25 29.71 -25.18
C GLY C 103 -34.97 28.27 -24.80
N LEU C 104 -34.44 27.50 -25.76
CA LEU C 104 -34.10 26.10 -25.54
C LEU C 104 -32.63 25.91 -25.17
N TYR C 105 -31.83 26.99 -25.13
CA TYR C 105 -30.41 26.91 -24.80
C TYR C 105 -29.95 27.97 -23.81
N VAL C 106 -30.82 28.88 -23.38
CA VAL C 106 -30.46 29.94 -22.46
C VAL C 106 -31.58 30.10 -21.43
N ASP C 107 -31.20 30.43 -20.20
CA ASP C 107 -32.15 30.54 -19.09
C ASP C 107 -32.62 31.99 -18.99
N TYR C 108 -33.75 32.28 -19.62
CA TYR C 108 -34.41 33.58 -19.54
C TYR C 108 -35.54 33.60 -18.52
N SER C 109 -35.68 32.57 -17.68
CA SER C 109 -36.85 32.47 -16.81
C SER C 109 -36.92 33.62 -15.81
N GLY C 110 -35.80 33.96 -15.18
CA GLY C 110 -35.79 34.99 -14.17
C GLY C 110 -35.70 36.41 -14.68
N TYR C 111 -35.69 36.61 -15.99
CA TYR C 111 -35.46 37.94 -16.55
C TYR C 111 -36.67 38.83 -16.33
N PRO C 112 -36.54 40.00 -15.65
CA PRO C 112 -37.66 40.95 -15.63
C PRO C 112 -37.73 41.81 -16.88
N ASN C 113 -38.34 41.25 -17.92
CA ASN C 113 -38.59 41.96 -19.17
C ASN C 113 -40.04 41.78 -19.64
N PHE C 114 -40.95 41.50 -18.71
CA PHE C 114 -42.34 41.26 -19.07
C PHE C 114 -43.03 42.58 -19.41
N ASP C 115 -43.81 42.56 -20.49
CA ASP C 115 -44.23 43.80 -21.17
C ASP C 115 -45.68 43.77 -21.63
N SER C 116 -46.52 42.93 -21.02
CA SER C 116 -47.93 42.85 -21.40
C SER C 116 -48.69 42.23 -20.24
N TRP C 117 -49.70 42.94 -19.75
CA TRP C 117 -50.37 42.60 -18.51
C TRP C 117 -51.83 42.23 -18.77
N GLY C 118 -52.45 41.67 -17.75
CA GLY C 118 -53.89 41.53 -17.73
C GLY C 118 -54.55 42.78 -17.19
N GLN C 119 -55.86 42.68 -16.95
CA GLN C 119 -56.62 43.81 -16.43
C GLN C 119 -56.43 43.99 -14.93
N GLY C 120 -56.03 42.94 -14.22
CA GLY C 120 -56.02 42.96 -12.77
C GLY C 120 -57.37 42.55 -12.21
N THR C 121 -57.37 41.53 -11.36
CA THR C 121 -58.58 41.02 -10.73
C THR C 121 -58.50 41.27 -9.23
N LEU C 122 -59.54 41.87 -8.67
CA LEU C 122 -59.56 42.26 -7.27
C LEU C 122 -60.10 41.09 -6.44
N VAL C 123 -59.30 40.65 -5.47
CA VAL C 123 -59.67 39.58 -4.55
C VAL C 123 -59.82 40.19 -3.17
N THR C 124 -60.99 39.98 -2.55
CA THR C 124 -61.31 40.51 -1.23
C THR C 124 -61.53 39.35 -0.27
N VAL C 125 -60.77 39.33 0.82
CA VAL C 125 -60.91 38.35 1.89
C VAL C 125 -61.63 39.04 3.04
N SER C 126 -62.84 38.58 3.34
CA SER C 126 -63.68 39.19 4.36
C SER C 126 -64.45 38.14 5.15
N GLN D 1 -37.83 41.56 4.05
CA GLN D 1 -38.33 41.03 2.75
C GLN D 1 -37.51 41.61 1.58
N SER D 2 -38.01 42.61 0.87
CA SER D 2 -37.28 43.17 -0.25
C SER D 2 -36.10 44.00 0.24
N ALA D 3 -34.95 43.81 -0.41
CA ALA D 3 -33.77 44.65 -0.16
C ALA D 3 -33.74 45.89 -1.04
N LEU D 4 -34.66 46.02 -2.00
CA LEU D 4 -34.64 47.12 -2.97
C LEU D 4 -35.32 48.34 -2.34
N THR D 5 -34.56 49.02 -1.50
CA THR D 5 -35.04 50.27 -0.89
C THR D 5 -35.19 51.35 -1.96
N GLN D 6 -36.16 52.23 -1.75
CA GLN D 6 -36.48 53.27 -2.72
C GLN D 6 -37.00 54.49 -1.97
N PRO D 7 -36.80 55.71 -2.51
CA PRO D 7 -37.41 56.87 -1.86
C PRO D 7 -38.93 56.84 -1.95
N ALA D 8 -39.56 57.72 -1.16
CA ALA D 8 -41.02 57.72 -1.09
C ALA D 8 -41.64 58.49 -2.26
N SER D 9 -41.16 59.70 -2.51
CA SER D 9 -41.78 60.53 -3.54
C SER D 9 -40.85 61.69 -3.90
N VAL D 10 -41.16 62.33 -5.02
CA VAL D 10 -40.47 63.53 -5.48
C VAL D 10 -41.51 64.49 -6.06
N SER D 11 -41.05 65.64 -6.54
CA SER D 11 -41.92 66.62 -7.15
C SER D 11 -41.11 67.50 -8.08
N GLY D 12 -41.80 68.17 -8.99
CA GLY D 12 -41.12 69.02 -9.96
C GLY D 12 -42.09 69.89 -10.72
N SER D 13 -41.54 70.61 -11.70
CA SER D 13 -42.27 71.58 -12.52
C SER D 13 -41.76 71.48 -13.95
N PRO D 14 -42.42 72.12 -14.93
CA PRO D 14 -42.01 71.92 -16.33
C PRO D 14 -40.58 72.35 -16.60
N GLY D 15 -39.91 71.58 -17.46
CA GLY D 15 -38.55 71.86 -17.87
C GLY D 15 -37.47 71.34 -16.95
N GLN D 16 -37.83 70.76 -15.80
CA GLN D 16 -36.84 70.28 -14.85
C GLN D 16 -36.38 68.88 -15.20
N SER D 17 -35.35 68.41 -14.49
CA SER D 17 -34.82 67.06 -14.63
C SER D 17 -34.74 66.42 -13.25
N ILE D 18 -35.22 65.18 -13.15
CA ILE D 18 -35.34 64.45 -11.90
C ILE D 18 -34.76 63.06 -12.10
N THR D 19 -34.05 62.56 -11.08
CA THR D 19 -33.45 61.24 -11.10
C THR D 19 -33.96 60.43 -9.91
N ILE D 20 -34.68 59.34 -10.21
CA ILE D 20 -35.13 58.38 -9.21
C ILE D 20 -34.03 57.33 -9.06
N SER D 21 -33.96 56.71 -7.89
CA SER D 21 -32.96 55.67 -7.65
C SER D 21 -33.48 54.65 -6.65
N CYS D 22 -32.92 53.45 -6.72
CA CYS D 22 -33.19 52.38 -5.77
C CYS D 22 -31.88 51.67 -5.45
N THR D 23 -31.71 51.30 -4.18
CA THR D 23 -30.51 50.65 -3.70
C THR D 23 -30.85 49.20 -3.34
N GLY D 24 -30.10 48.27 -3.91
CA GLY D 24 -30.30 46.85 -3.66
C GLY D 24 -29.24 46.26 -2.75
N THR D 25 -28.58 45.21 -3.24
CA THR D 25 -27.57 44.51 -2.46
C THR D 25 -26.59 43.87 -3.45
N SER D 26 -25.41 43.51 -2.93
CA SER D 26 -24.42 42.82 -3.76
C SER D 26 -24.95 41.51 -4.33
N TYR D 27 -25.90 40.87 -3.65
CA TYR D 27 -26.44 39.60 -4.11
C TYR D 27 -27.23 39.74 -5.41
N ASP D 28 -28.00 40.81 -5.57
CA ASP D 28 -28.95 40.91 -6.67
C ASP D 28 -28.61 42.01 -7.67
N VAL D 29 -28.48 43.26 -7.20
CA VAL D 29 -28.22 44.37 -8.12
C VAL D 29 -26.73 44.47 -8.42
N GLY D 30 -25.88 44.18 -7.45
CA GLY D 30 -24.45 44.23 -7.62
C GLY D 30 -23.83 42.98 -8.20
N SER D 31 -24.65 42.07 -8.76
CA SER D 31 -24.16 40.81 -9.32
C SER D 31 -24.74 40.47 -10.68
N TYR D 32 -25.86 41.07 -11.11
CA TYR D 32 -26.55 40.70 -12.33
C TYR D 32 -26.85 41.93 -13.18
N ASN D 33 -27.13 41.68 -14.45
CA ASN D 33 -27.30 42.71 -15.46
C ASN D 33 -28.77 42.86 -15.81
N LEU D 34 -29.66 42.72 -14.82
CA LEU D 34 -31.08 42.51 -15.05
C LEU D 34 -31.95 43.38 -14.14
N VAL D 35 -31.66 44.69 -14.10
CA VAL D 35 -32.52 45.65 -13.44
C VAL D 35 -33.47 46.25 -14.48
N SER D 36 -34.68 46.57 -14.04
CA SER D 36 -35.69 47.13 -14.93
C SER D 36 -36.61 48.03 -14.12
N TRP D 37 -37.33 48.91 -14.82
CA TRP D 37 -38.17 49.93 -14.21
C TRP D 37 -39.58 49.87 -14.79
N TYR D 38 -40.56 50.15 -13.95
CA TYR D 38 -41.97 50.13 -14.32
C TYR D 38 -42.67 51.33 -13.71
N GLN D 39 -43.79 51.72 -14.33
CA GLN D 39 -44.62 52.82 -13.86
C GLN D 39 -46.08 52.38 -13.88
N GLN D 40 -46.87 52.99 -13.00
CA GLN D 40 -48.31 52.82 -13.02
C GLN D 40 -48.98 54.08 -12.48
N HIS D 41 -50.19 54.32 -12.95
CA HIS D 41 -51.04 55.38 -12.43
C HIS D 41 -52.44 54.80 -12.26
N PRO D 42 -53.30 55.43 -11.44
CA PRO D 42 -54.55 54.78 -11.05
C PRO D 42 -55.44 54.43 -12.23
N GLY D 43 -56.10 53.27 -12.12
CA GLY D 43 -56.99 52.78 -13.13
C GLY D 43 -56.35 51.96 -14.23
N LYS D 44 -55.02 51.84 -14.23
CA LYS D 44 -54.27 51.17 -15.29
C LYS D 44 -53.33 50.13 -14.71
N ALA D 45 -53.06 49.09 -15.50
CA ALA D 45 -51.98 48.18 -15.16
C ALA D 45 -50.64 48.87 -15.42
N PRO D 46 -49.57 48.44 -14.75
CA PRO D 46 -48.28 49.11 -14.95
C PRO D 46 -47.75 48.93 -16.37
N LYS D 47 -46.66 49.63 -16.66
CA LYS D 47 -46.11 49.75 -18.01
C LYS D 47 -44.59 49.77 -17.96
N LEU D 48 -43.96 49.21 -18.99
CA LEU D 48 -42.51 49.12 -19.06
C LEU D 48 -41.93 50.25 -19.89
N MET D 49 -40.79 50.78 -19.45
CA MET D 49 -40.02 51.77 -20.22
C MET D 49 -38.53 51.52 -20.25
N ILE D 50 -37.95 50.82 -19.28
CA ILE D 50 -36.54 50.45 -19.27
C ILE D 50 -36.43 48.99 -18.90
N TYR D 51 -35.70 48.23 -19.71
CA TYR D 51 -35.49 46.81 -19.50
C TYR D 51 -34.03 46.49 -19.81
N GLU D 52 -33.46 45.59 -19.01
CA GLU D 52 -32.04 45.27 -19.06
C GLU D 52 -31.20 46.55 -18.95
N VAL D 53 -31.36 47.20 -17.78
CA VAL D 53 -30.56 48.34 -17.36
C VAL D 53 -30.95 49.62 -18.09
N SER D 54 -30.79 49.65 -19.42
CA SER D 54 -30.88 50.92 -20.16
C SER D 54 -31.63 50.84 -21.49
N LYS D 55 -32.06 49.66 -21.92
CA LYS D 55 -32.71 49.54 -23.21
C LYS D 55 -34.21 49.82 -23.10
N TRP D 56 -34.82 50.21 -24.22
CA TRP D 56 -36.18 50.72 -24.26
C TRP D 56 -37.14 49.70 -24.88
N PRO D 57 -38.42 49.65 -24.46
CA PRO D 57 -39.41 48.84 -25.19
C PRO D 57 -40.02 49.60 -26.36
N SER D 58 -41.05 49.04 -26.98
CA SER D 58 -41.70 49.69 -28.12
C SER D 58 -42.23 51.07 -27.75
N GLY D 59 -41.86 52.06 -28.58
CA GLY D 59 -42.55 53.34 -28.58
C GLY D 59 -42.22 54.29 -27.44
N VAL D 60 -42.48 53.87 -26.20
CA VAL D 60 -42.60 54.83 -25.11
C VAL D 60 -41.24 55.43 -24.75
N SER D 61 -41.18 56.76 -24.74
CA SER D 61 -40.23 57.51 -23.92
C SER D 61 -38.76 57.21 -24.16
N ASN D 62 -38.24 57.61 -25.32
CA ASN D 62 -36.79 57.82 -25.43
C ASN D 62 -36.29 58.83 -24.39
N ARG D 63 -37.17 59.73 -23.93
CA ARG D 63 -36.83 60.70 -22.90
C ARG D 63 -36.22 60.03 -21.66
N PHE D 64 -36.85 58.96 -21.17
CA PHE D 64 -36.31 58.28 -19.99
C PHE D 64 -35.02 57.55 -20.31
N SER D 65 -34.14 57.48 -19.32
CA SER D 65 -32.92 56.68 -19.40
C SER D 65 -32.49 56.34 -17.98
N GLY D 66 -31.69 55.29 -17.87
CA GLY D 66 -31.27 54.81 -16.57
C GLY D 66 -29.99 54.00 -16.64
N SER D 67 -29.37 53.84 -15.47
CA SER D 67 -28.14 53.07 -15.34
C SER D 67 -27.98 52.69 -13.87
N LYS D 68 -26.99 51.85 -13.60
CA LYS D 68 -26.74 51.34 -12.26
C LYS D 68 -25.25 51.27 -12.00
N SER D 69 -24.88 51.41 -10.73
CA SER D 69 -23.50 51.30 -10.28
C SER D 69 -23.52 50.84 -8.83
N GLY D 70 -22.60 49.93 -8.49
CA GLY D 70 -22.62 49.35 -7.16
C GLY D 70 -23.91 48.61 -6.91
N ASN D 71 -24.55 48.89 -5.77
CA ASN D 71 -25.85 48.34 -5.44
C ASN D 71 -27.00 49.29 -5.80
N THR D 72 -26.73 50.35 -6.55
CA THR D 72 -27.71 51.40 -6.83
C THR D 72 -28.05 51.41 -8.30
N ALA D 73 -29.35 51.47 -8.60
CA ALA D 73 -29.87 51.65 -9.94
C ALA D 73 -30.70 52.93 -9.99
N SER D 74 -30.69 53.59 -11.15
CA SER D 74 -31.26 54.92 -11.27
C SER D 74 -32.04 55.07 -12.56
N LEU D 75 -33.07 55.92 -12.50
CA LEU D 75 -33.89 56.30 -13.65
C LEU D 75 -33.87 57.82 -13.73
N THR D 76 -33.59 58.35 -14.92
CA THR D 76 -33.41 59.79 -15.13
C THR D 76 -34.52 60.32 -16.03
N ILE D 77 -35.03 61.51 -15.69
CA ILE D 77 -36.06 62.20 -16.46
C ILE D 77 -35.56 63.61 -16.75
N SER D 78 -35.95 64.13 -17.91
CA SER D 78 -35.63 65.51 -18.29
C SER D 78 -36.73 66.03 -19.20
N GLY D 79 -37.06 67.30 -19.02
CA GLY D 79 -38.23 67.88 -19.67
C GLY D 79 -39.42 67.81 -18.73
N LEU D 80 -39.72 66.60 -18.25
CA LEU D 80 -40.66 66.41 -17.15
C LEU D 80 -42.06 66.92 -17.47
N GLN D 81 -42.73 66.27 -18.42
CA GLN D 81 -44.05 66.69 -18.88
C GLN D 81 -45.12 66.12 -17.94
N ALA D 82 -46.37 66.53 -18.19
CA ALA D 82 -47.47 66.16 -17.30
C ALA D 82 -47.77 64.67 -17.36
N GLU D 83 -47.52 64.02 -18.50
CA GLU D 83 -47.80 62.59 -18.62
C GLU D 83 -46.91 61.73 -17.73
N ASP D 84 -45.81 62.29 -17.20
CA ASP D 84 -44.91 61.54 -16.36
C ASP D 84 -45.43 61.31 -14.95
N GLU D 85 -46.56 61.90 -14.58
CA GLU D 85 -47.14 61.68 -13.26
C GLU D 85 -47.55 60.22 -13.15
N ALA D 86 -46.82 59.46 -12.36
CA ALA D 86 -47.11 58.04 -12.17
C ALA D 86 -46.29 57.53 -11.00
N ASP D 87 -46.59 56.30 -10.60
CA ASP D 87 -45.89 55.62 -9.51
C ASP D 87 -44.84 54.70 -10.12
N TYR D 88 -43.57 55.06 -9.97
CA TYR D 88 -42.45 54.36 -10.60
C TYR D 88 -41.90 53.33 -9.62
N TYR D 89 -41.56 52.15 -10.15
CA TYR D 89 -41.18 51.01 -9.34
C TYR D 89 -39.83 50.46 -9.78
N CYS D 90 -38.99 50.10 -8.81
CA CYS D 90 -37.71 49.47 -9.09
C CYS D 90 -37.87 47.95 -9.12
N CYS D 91 -37.19 47.31 -10.07
CA CYS D 91 -37.28 45.86 -10.26
C CYS D 91 -35.91 45.31 -10.63
N SER D 92 -35.63 44.09 -10.18
CA SER D 92 -34.35 43.46 -10.46
C SER D 92 -34.45 41.96 -10.24
N TYR D 93 -33.67 41.21 -11.01
CA TYR D 93 -33.54 39.78 -10.77
C TYR D 93 -32.78 39.54 -9.48
N ALA D 94 -33.35 38.73 -8.60
CA ALA D 94 -32.86 38.59 -7.24
C ALA D 94 -31.90 37.43 -7.05
N GLY D 95 -31.43 36.83 -8.14
CA GLY D 95 -30.68 35.59 -8.03
C GLY D 95 -31.63 34.45 -7.71
N SER D 96 -31.08 33.25 -7.65
CA SER D 96 -31.89 32.04 -7.46
C SER D 96 -32.91 31.98 -8.59
N SER D 97 -34.16 31.65 -8.31
CA SER D 97 -35.22 31.62 -9.31
C SER D 97 -36.17 32.81 -9.23
N THR D 98 -35.80 33.88 -8.54
CA THR D 98 -36.74 34.92 -8.13
C THR D 98 -36.35 36.29 -8.67
N VAL D 99 -37.36 37.00 -9.17
CA VAL D 99 -37.29 38.45 -9.33
C VAL D 99 -37.87 39.10 -8.08
N ILE D 100 -37.45 40.34 -7.80
CA ILE D 100 -37.91 41.06 -6.62
C ILE D 100 -38.06 42.53 -6.96
N PHE D 101 -39.07 43.16 -6.37
CA PHE D 101 -39.44 44.55 -6.63
C PHE D 101 -38.96 45.45 -5.50
N GLY D 102 -38.97 46.76 -5.77
CA GLY D 102 -38.71 47.76 -4.76
C GLY D 102 -39.99 48.30 -4.14
N GLY D 103 -39.83 49.34 -3.31
CA GLY D 103 -40.96 49.93 -2.62
C GLY D 103 -41.84 50.82 -3.48
N GLY D 104 -41.31 51.37 -4.56
CA GLY D 104 -42.06 52.26 -5.42
C GLY D 104 -41.97 53.71 -4.95
N THR D 105 -42.31 54.62 -5.86
CA THR D 105 -42.26 56.05 -5.56
C THR D 105 -43.16 56.79 -6.55
N LYS D 106 -43.68 57.92 -6.10
CA LYS D 106 -44.56 58.78 -6.90
C LYS D 106 -43.77 59.96 -7.44
N LEU D 107 -43.99 60.29 -8.71
CA LEU D 107 -43.44 61.49 -9.34
C LEU D 107 -44.56 62.52 -9.39
N THR D 108 -44.46 63.54 -8.54
CA THR D 108 -45.53 64.53 -8.40
C THR D 108 -45.33 65.63 -9.43
N VAL D 109 -46.12 65.58 -10.50
CA VAL D 109 -46.10 66.59 -11.55
C VAL D 109 -47.54 66.77 -12.04
N LEU D 110 -47.85 67.90 -12.70
CA LEU D 110 -46.95 68.99 -13.13
C LEU D 110 -47.56 70.33 -12.76
N GLU E 2 54.94 41.30 -9.18
CA GLU E 2 53.94 42.40 -9.08
C GLU E 2 52.56 41.93 -9.50
N ASN E 3 52.40 41.66 -10.79
CA ASN E 3 51.12 41.24 -11.31
C ASN E 3 50.76 39.85 -10.78
N LEU E 4 49.53 39.43 -11.07
CA LEU E 4 48.98 38.20 -10.53
C LEU E 4 48.02 37.57 -11.51
N TRP E 5 48.03 36.24 -11.50
CA TRP E 5 47.11 35.41 -12.26
C TRP E 5 46.54 34.51 -11.16
N VAL E 6 45.47 33.72 -11.40
CA VAL E 6 44.69 33.12 -10.29
C VAL E 6 45.09 31.66 -10.05
N THR E 7 44.70 31.12 -8.88
CA THR E 7 44.79 29.70 -8.54
C THR E 7 43.46 29.17 -7.98
N VAL E 8 43.40 27.86 -7.76
CA VAL E 8 42.24 27.18 -7.20
C VAL E 8 42.72 26.26 -6.07
N TYR E 9 41.94 26.21 -4.99
CA TYR E 9 42.23 25.38 -3.82
C TYR E 9 41.19 24.28 -3.71
N TYR E 10 41.61 23.11 -3.23
CA TYR E 10 40.70 22.06 -2.79
C TYR E 10 40.90 21.81 -1.30
N GLY E 11 39.80 21.60 -0.59
CA GLY E 11 39.83 21.41 0.85
C GLY E 11 39.59 22.68 1.66
N VAL E 12 39.01 23.71 1.06
CA VAL E 12 38.80 24.97 1.80
C VAL E 12 37.67 24.79 2.81
N PRO E 13 37.80 25.30 4.05
CA PRO E 13 36.63 25.35 4.94
C PRO E 13 35.73 26.55 4.66
N VAL E 14 34.58 26.31 4.03
CA VAL E 14 33.58 27.33 3.77
C VAL E 14 32.21 26.73 4.05
N TRP E 15 31.29 27.55 4.56
CA TRP E 15 29.97 27.11 4.99
C TRP E 15 28.90 27.92 4.26
N LYS E 16 27.69 27.35 4.20
CA LYS E 16 26.54 28.04 3.65
C LYS E 16 25.27 27.34 4.13
N GLU E 17 24.24 28.13 4.41
CA GLU E 17 22.96 27.59 4.83
C GLU E 17 22.36 26.73 3.72
N ALA E 18 21.67 25.66 4.10
CA ALA E 18 21.09 24.77 3.11
C ALA E 18 19.98 23.93 3.71
N LYS E 19 19.13 23.40 2.84
CA LYS E 19 18.14 22.38 3.21
C LYS E 19 18.66 21.01 2.81
N THR E 20 18.30 20.00 3.61
CA THR E 20 18.78 18.65 3.32
C THR E 20 17.97 17.64 4.10
N THR E 21 18.02 16.39 3.64
CA THR E 21 17.50 15.27 4.41
C THR E 21 18.49 14.88 5.50
N LEU E 22 18.06 13.99 6.39
CA LEU E 22 18.87 13.60 7.53
C LEU E 22 18.71 12.12 7.83
N PHE E 23 19.74 11.54 8.43
CA PHE E 23 19.72 10.16 8.90
C PHE E 23 18.84 10.04 10.14
N CYS E 24 18.79 8.85 10.71
CA CYS E 24 18.51 8.66 12.12
C CYS E 24 19.49 7.62 12.65
N ALA E 25 20.05 7.90 13.82
CA ALA E 25 21.04 7.03 14.44
C ALA E 25 20.69 6.87 15.92
N SER E 26 20.98 5.69 16.47
CA SER E 26 20.64 5.38 17.85
C SER E 26 21.75 4.58 18.48
N ASP E 27 21.59 4.27 19.76
CA ASP E 27 22.55 3.44 20.46
C ASP E 27 22.54 2.04 19.88
N ALA E 28 23.64 1.31 20.10
CA ALA E 28 23.93 0.14 19.27
C ALA E 28 23.04 -1.05 19.59
N ARG E 29 22.51 -1.16 20.81
CA ARG E 29 21.93 -2.42 21.28
C ARG E 29 20.42 -2.46 21.11
N ALA E 30 19.91 -1.89 20.02
CA ALA E 30 18.46 -1.77 19.81
C ALA E 30 17.86 -2.89 18.95
N TYR E 31 18.66 -3.85 18.51
CA TYR E 31 18.25 -4.79 17.46
C TYR E 31 17.92 -6.19 17.97
N GLU E 32 17.64 -6.35 19.26
CA GLU E 32 17.47 -7.69 19.81
C GLU E 32 16.06 -8.25 19.65
N LYS E 33 15.05 -7.39 19.55
CA LYS E 33 13.65 -7.83 19.56
C LYS E 33 13.15 -8.02 18.12
N GLU E 34 11.84 -8.22 17.98
CA GLU E 34 11.24 -8.41 16.67
C GLU E 34 11.21 -7.10 15.89
N VAL E 35 10.60 -7.15 14.70
CA VAL E 35 10.55 -5.97 13.84
C VAL E 35 9.64 -4.90 14.46
N HIS E 36 10.03 -3.64 14.25
CA HIS E 36 9.23 -2.48 14.66
C HIS E 36 8.90 -2.52 16.16
N ASN E 37 9.83 -3.00 16.96
CA ASN E 37 9.76 -2.93 18.42
C ASN E 37 11.03 -2.23 18.88
N VAL E 38 11.04 -0.89 18.84
CA VAL E 38 10.08 0.13 18.44
C VAL E 38 10.77 0.76 17.20
N TRP E 39 10.20 1.83 16.62
CA TRP E 39 10.66 2.39 15.35
C TRP E 39 12.18 2.51 15.22
N ALA E 40 12.89 2.71 16.33
CA ALA E 40 14.34 2.85 16.29
C ALA E 40 15.04 1.58 15.79
N THR E 41 14.50 0.41 16.09
CA THR E 41 15.18 -0.83 15.70
C THR E 41 15.17 -1.03 14.20
N HIS E 42 14.18 -0.48 13.49
CA HIS E 42 14.02 -0.75 12.08
C HIS E 42 14.99 0.08 11.23
N ALA E 43 15.01 1.40 11.44
CA ALA E 43 15.65 2.30 10.49
C ALA E 43 17.09 2.60 10.87
N CYS E 44 17.32 3.01 12.12
CA CYS E 44 18.51 3.76 12.45
C CYS E 44 19.77 2.92 12.37
N VAL E 45 20.86 3.58 11.99
CA VAL E 45 22.20 3.00 11.91
C VAL E 45 22.81 3.07 13.30
N PRO E 46 23.66 2.11 13.71
CA PRO E 46 24.33 2.26 15.01
C PRO E 46 25.23 3.49 15.05
N THR E 47 25.25 4.15 16.19
CA THR E 47 26.10 5.33 16.36
C THR E 47 27.55 4.91 16.59
N ASP E 48 28.45 5.88 16.41
CA ASP E 48 29.89 5.67 16.55
C ASP E 48 30.47 6.85 17.31
N PRO E 49 31.18 6.65 18.44
CA PRO E 49 31.76 7.79 19.15
C PRO E 49 32.79 8.57 18.33
N SER E 50 33.43 7.95 17.34
CA SER E 50 34.49 8.59 16.58
C SER E 50 33.91 9.35 15.40
N PRO E 51 34.16 10.67 15.22
CA PRO E 51 34.88 11.62 16.09
C PRO E 51 34.00 12.18 17.19
N GLN E 52 34.57 12.55 18.33
CA GLN E 52 33.81 13.28 19.33
C GLN E 52 33.58 14.72 18.85
N GLU E 53 32.80 15.47 19.62
CA GLU E 53 32.49 16.84 19.25
C GLU E 53 33.74 17.70 19.21
N LEU E 54 33.90 18.46 18.14
CA LEU E 54 35.14 19.17 17.83
C LEU E 54 34.94 20.66 17.97
N VAL E 55 35.87 21.33 18.65
CA VAL E 55 35.79 22.77 18.90
C VAL E 55 36.51 23.54 17.79
N LEU E 56 35.91 24.66 17.38
CA LEU E 56 36.50 25.57 16.42
C LEU E 56 36.96 26.81 17.17
N GLY E 57 38.22 27.21 16.93
CA GLY E 57 38.88 28.16 17.81
C GLY E 57 38.61 29.62 17.49
N ASN E 58 38.41 29.96 16.22
CA ASN E 58 38.44 31.36 15.79
C ASN E 58 37.31 31.64 14.80
N VAL E 59 36.08 31.21 15.14
CA VAL E 59 34.93 31.31 14.26
C VAL E 59 33.79 31.99 14.99
N THR E 60 32.77 32.36 14.21
CA THR E 60 31.56 32.99 14.71
C THR E 60 30.46 32.78 13.69
N GLU E 61 29.23 32.58 14.17
CA GLU E 61 28.11 32.20 13.33
C GLU E 61 26.81 32.77 13.86
N ASN E 62 25.79 32.73 13.01
CA ASN E 62 24.42 33.14 13.36
C ASN E 62 23.55 31.90 13.52
N PHE E 63 22.61 31.96 14.45
CA PHE E 63 21.64 30.90 14.69
C PHE E 63 20.25 31.50 14.76
N ASN E 64 19.25 30.69 14.45
CA ASN E 64 17.85 31.12 14.56
C ASN E 64 17.01 29.92 14.97
N MET E 65 16.53 29.96 16.21
CA MET E 65 15.59 28.93 16.68
C MET E 65 14.34 28.85 15.82
N TRP E 66 13.65 29.97 15.63
CA TRP E 66 12.27 29.92 15.16
C TRP E 66 12.17 29.81 13.65
N LYS E 67 13.27 30.03 12.93
CA LYS E 67 13.37 29.74 11.51
C LYS E 67 14.10 28.43 11.22
N ASN E 68 14.47 27.66 12.25
CA ASN E 68 15.25 26.44 12.04
C ASN E 68 14.44 25.43 11.24
N ASP E 69 15.11 24.77 10.29
CA ASP E 69 14.43 23.83 9.42
C ASP E 69 14.30 22.45 10.06
N MET E 70 15.15 22.12 11.02
CA MET E 70 15.19 20.75 11.52
C MET E 70 13.89 20.37 12.22
N VAL E 71 13.24 21.33 12.88
CA VAL E 71 11.95 21.02 13.50
C VAL E 71 10.92 20.70 12.43
N ASP E 72 10.90 21.46 11.33
CA ASP E 72 9.91 21.21 10.29
C ASP E 72 10.12 19.90 9.56
N GLN E 73 11.28 19.25 9.72
CA GLN E 73 11.51 17.88 9.28
C GLN E 73 11.19 16.87 10.36
N MET E 74 11.44 17.23 11.62
CA MET E 74 11.19 16.30 12.73
C MET E 74 9.72 15.97 12.86
N HIS E 75 8.84 16.96 12.66
CA HIS E 75 7.41 16.73 12.76
C HIS E 75 6.95 15.73 11.71
N GLU E 76 7.41 15.90 10.46
CA GLU E 76 7.08 14.96 9.40
C GLU E 76 7.64 13.58 9.72
N ASP E 77 8.86 13.51 10.24
CA ASP E 77 9.46 12.22 10.57
C ASP E 77 8.63 11.48 11.60
N ILE E 78 8.26 12.14 12.69
CA ILE E 78 7.57 11.43 13.77
C ILE E 78 6.13 11.13 13.37
N ILE E 79 5.51 11.99 12.55
CA ILE E 79 4.17 11.66 12.05
C ILE E 79 4.24 10.42 11.16
N SER E 80 5.25 10.33 10.29
CA SER E 80 5.34 9.17 9.42
C SER E 80 5.66 7.90 10.21
N LEU E 81 6.63 7.96 11.12
CA LEU E 81 6.95 6.80 11.93
C LEU E 81 5.77 6.37 12.78
N TRP E 82 4.97 7.33 13.24
CA TRP E 82 3.74 7.01 13.94
C TRP E 82 2.76 6.27 13.05
N ASP E 83 2.71 6.66 11.78
CA ASP E 83 1.72 6.10 10.86
C ASP E 83 2.08 4.67 10.46
N GLN E 84 3.37 4.34 10.45
CA GLN E 84 3.78 2.97 10.13
C GLN E 84 3.25 1.98 11.15
N SER E 85 3.30 2.34 12.43
CA SER E 85 2.94 1.40 13.48
C SER E 85 1.48 0.99 13.46
N LEU E 86 0.61 1.74 12.77
CA LEU E 86 -0.81 1.46 12.74
C LEU E 86 -1.27 0.78 11.46
N LYS E 87 -0.44 0.73 10.43
CA LYS E 87 -0.86 0.13 9.17
C LYS E 87 -1.22 -1.36 9.28
N PRO E 88 -0.41 -2.23 9.89
CA PRO E 88 -0.75 -3.66 9.91
C PRO E 88 -1.76 -4.05 10.98
N CYS E 89 -2.19 -3.13 11.84
CA CYS E 89 -3.01 -3.49 12.98
C CYS E 89 -4.50 -3.51 12.62
N VAL E 90 -5.28 -4.09 13.53
CA VAL E 90 -6.72 -4.25 13.31
C VAL E 90 -7.37 -2.86 13.18
N LYS E 91 -8.36 -2.76 12.30
CA LYS E 91 -8.96 -1.49 11.93
C LYS E 91 -10.18 -1.12 12.78
N LEU E 92 -10.56 -1.94 13.75
CA LEU E 92 -11.84 -1.80 14.45
C LEU E 92 -12.95 -1.69 13.40
N THR E 93 -13.97 -0.83 13.61
CA THR E 93 -15.07 -0.43 12.74
C THR E 93 -16.38 -1.16 13.09
N PRO E 94 -16.40 -2.48 13.34
CA PRO E 94 -17.63 -3.07 13.88
C PRO E 94 -17.99 -2.63 15.29
N LEU E 95 -17.10 -1.92 16.00
CA LEU E 95 -17.43 -1.45 17.34
C LEU E 95 -18.37 -0.26 17.35
N CYS E 96 -18.71 0.31 16.19
CA CYS E 96 -19.61 1.46 16.15
C CYS E 96 -21.05 1.06 16.50
N VAL E 97 -21.33 -0.24 16.62
CA VAL E 97 -22.69 -0.72 16.88
C VAL E 97 -23.25 -0.09 18.16
N THR E 98 -24.58 -0.04 18.24
CA THR E 98 -25.30 0.48 19.41
C THR E 98 -24.71 -0.06 20.71
N LEU E 99 -24.45 0.85 21.65
CA LEU E 99 -23.99 0.52 22.98
C LEU E 99 -25.11 0.80 23.98
N ILE E 100 -25.54 -0.24 24.69
CA ILE E 100 -26.51 -0.13 25.78
C ILE E 100 -25.73 -0.25 27.08
N CYS E 101 -25.85 0.77 27.93
CA CYS E 101 -24.98 0.91 29.10
C CYS E 101 -25.80 1.00 30.37
N SER E 102 -25.17 0.60 31.47
CA SER E 102 -25.85 0.51 32.76
C SER E 102 -25.96 1.88 33.42
N ASN E 103 -26.90 1.99 34.35
CA ASN E 103 -27.08 3.19 35.15
C ASN E 103 -26.34 3.06 36.47
N ALA E 104 -25.01 2.94 36.39
CA ALA E 104 -24.20 2.79 37.60
C ALA E 104 -24.34 4.01 38.50
N THR E 105 -24.47 3.76 39.80
CA THR E 105 -24.80 4.82 40.76
C THR E 105 -24.17 4.49 42.11
N VAL E 106 -23.84 5.53 42.86
CA VAL E 106 -23.33 5.39 44.22
C VAL E 106 -23.91 6.52 45.07
N LYS E 107 -23.83 6.33 46.39
CA LYS E 107 -24.47 7.27 47.32
C LYS E 107 -23.58 8.46 47.61
N ASN E 108 -22.27 8.24 47.72
CA ASN E 108 -21.36 9.26 48.23
C ASN E 108 -19.98 9.04 47.60
N GLY E 109 -19.14 10.06 47.73
CA GLY E 109 -17.79 10.00 47.20
C GLY E 109 -17.71 10.52 45.77
N THR E 110 -16.48 10.69 45.31
CA THR E 110 -16.22 11.19 43.97
C THR E 110 -14.95 10.55 43.44
N VAL E 111 -15.12 9.58 42.55
CA VAL E 111 -14.00 8.86 41.93
C VAL E 111 -14.33 8.65 40.46
N GLU E 112 -13.34 8.21 39.70
CA GLU E 112 -13.59 7.83 38.31
C GLU E 112 -14.53 6.63 38.28
N GLU E 113 -15.27 6.50 37.19
CA GLU E 113 -16.17 5.36 37.04
C GLU E 113 -16.23 5.01 35.56
N MET E 114 -16.59 3.75 35.28
CA MET E 114 -16.24 3.11 34.03
C MET E 114 -17.41 2.92 33.08
N LYS E 115 -18.66 3.11 33.52
CA LYS E 115 -19.81 3.02 32.64
C LYS E 115 -19.87 1.71 31.87
N ASN E 116 -20.12 0.60 32.57
CA ASN E 116 -20.30 -0.70 31.96
C ASN E 116 -21.26 -0.62 30.78
N CYS E 117 -20.84 -1.19 29.65
CA CYS E 117 -21.61 -1.15 28.41
C CYS E 117 -21.58 -2.52 27.74
N SER E 118 -22.62 -2.80 26.94
CA SER E 118 -22.72 -4.02 26.18
C SER E 118 -23.15 -3.69 24.75
N PHE E 119 -22.64 -4.47 23.80
CA PHE E 119 -22.86 -4.20 22.38
C PHE E 119 -22.96 -5.51 21.62
N ASN E 120 -23.65 -5.47 20.48
CA ASN E 120 -23.94 -6.65 19.68
C ASN E 120 -22.89 -6.76 18.58
N THR E 121 -21.88 -7.58 18.82
CA THR E 121 -20.75 -7.72 17.90
C THR E 121 -20.94 -8.91 16.98
N THR E 122 -20.41 -8.80 15.75
CA THR E 122 -20.25 -9.97 14.92
C THR E 122 -19.27 -10.92 15.60
N THR E 123 -19.66 -12.19 15.69
CA THR E 123 -18.91 -13.10 16.54
C THR E 123 -17.64 -13.58 15.83
N GLU E 124 -16.79 -14.25 16.61
CA GLU E 124 -15.46 -14.68 16.16
C GLU E 124 -15.52 -15.50 14.89
N ILE E 125 -16.57 -16.30 14.72
CA ILE E 125 -16.70 -17.24 13.61
C ILE E 125 -17.90 -16.76 12.81
N ARG E 126 -17.85 -16.93 11.49
CA ARG E 126 -19.04 -16.81 10.67
C ARG E 126 -19.56 -15.37 10.67
N ASP E 127 -20.68 -15.10 10.00
CA ASP E 127 -21.43 -13.85 10.15
C ASP E 127 -22.61 -14.03 11.10
N LYS E 128 -22.42 -14.88 12.10
CA LYS E 128 -23.32 -15.02 13.24
C LYS E 128 -23.01 -13.90 14.24
N GLU E 129 -23.97 -13.63 15.13
CA GLU E 129 -23.87 -12.53 16.07
C GLU E 129 -24.09 -13.01 17.50
N LYS E 130 -23.50 -12.28 18.45
CA LYS E 130 -23.67 -12.57 19.87
C LYS E 130 -23.52 -11.27 20.64
N LYS E 131 -23.82 -11.33 21.94
CA LYS E 131 -23.73 -10.18 22.82
C LYS E 131 -22.45 -10.25 23.65
N GLU E 132 -21.91 -9.07 23.99
CA GLU E 132 -20.64 -8.99 24.69
C GLU E 132 -20.63 -7.71 25.51
N TYR E 133 -19.80 -7.67 26.56
CA TYR E 133 -19.73 -6.56 27.49
C TYR E 133 -18.29 -6.11 27.71
N ALA E 134 -18.13 -4.83 27.99
CA ALA E 134 -16.81 -4.24 28.25
C ALA E 134 -17.00 -2.93 29.00
N LEU E 135 -15.89 -2.40 29.51
CA LEU E 135 -15.86 -1.12 30.20
C LEU E 135 -15.15 -0.07 29.35
N PHE E 136 -15.62 1.17 29.45
CA PHE E 136 -15.10 2.27 28.64
C PHE E 136 -15.05 3.54 29.47
N TYR E 137 -13.89 4.18 29.52
CA TYR E 137 -13.77 5.43 30.25
C TYR E 137 -14.66 6.49 29.62
N LYS E 138 -15.24 7.34 30.47
CA LYS E 138 -16.33 8.22 30.05
C LYS E 138 -16.01 9.14 28.88
N PRO E 139 -14.80 9.72 28.75
CA PRO E 139 -14.52 10.53 27.56
C PRO E 139 -14.63 9.78 26.25
N ASP E 140 -14.49 8.45 26.25
CA ASP E 140 -14.65 7.68 25.02
C ASP E 140 -16.11 7.47 24.63
N ILE E 141 -17.06 7.86 25.47
CA ILE E 141 -18.48 7.59 25.27
C ILE E 141 -19.23 8.90 25.30
N VAL E 142 -20.24 9.02 24.43
CA VAL E 142 -21.01 10.26 24.27
C VAL E 142 -22.50 9.94 24.39
N PRO E 143 -23.29 10.68 25.17
CA PRO E 143 -24.75 10.48 25.12
C PRO E 143 -25.28 10.76 23.71
N LEU E 144 -26.25 9.97 23.28
CA LEU E 144 -26.41 9.71 21.86
C LEU E 144 -27.82 10.02 21.37
N SER E 145 -28.83 9.73 22.20
CA SER E 145 -30.21 9.64 21.73
C SER E 145 -30.71 10.96 21.16
N GLU E 146 -31.43 10.88 20.03
CA GLU E 146 -32.07 12.06 19.47
C GLU E 146 -33.28 12.47 20.29
N THR E 147 -34.04 11.51 20.80
CA THR E 147 -35.03 11.77 21.82
C THR E 147 -34.36 11.84 23.19
N ASN E 148 -35.14 12.23 24.20
CA ASN E 148 -34.60 12.40 25.55
C ASN E 148 -34.53 11.02 26.21
N ASN E 149 -33.45 10.29 25.88
CA ASN E 149 -33.18 8.97 26.43
C ASN E 149 -31.69 8.84 26.68
N THR E 150 -31.34 8.24 27.82
CA THR E 150 -29.95 8.13 28.26
C THR E 150 -29.48 6.68 28.35
N SER E 151 -30.18 5.74 27.71
CA SER E 151 -29.85 4.33 27.80
C SER E 151 -29.06 3.80 26.61
N GLU E 152 -28.72 4.65 25.64
CA GLU E 152 -28.01 4.25 24.43
C GLU E 152 -26.84 5.20 24.22
N TYR E 153 -25.71 4.65 23.78
CA TYR E 153 -24.47 5.40 23.75
C TYR E 153 -23.67 5.08 22.50
N ARG E 154 -22.72 5.96 22.21
CA ARG E 154 -21.86 5.92 21.03
C ARG E 154 -20.41 5.99 21.48
N LEU E 155 -19.51 5.48 20.63
CA LEU E 155 -18.11 5.84 20.77
C LEU E 155 -17.88 7.24 20.22
N ILE E 156 -16.85 7.92 20.74
CA ILE E 156 -16.55 9.26 20.24
C ILE E 156 -16.02 9.24 18.82
N ASN E 157 -15.63 8.07 18.31
CA ASN E 157 -15.44 7.89 16.87
C ASN E 157 -16.80 7.69 16.22
N CYS E 158 -16.82 7.25 14.96
CA CYS E 158 -18.03 6.95 14.20
C CYS E 158 -18.78 8.21 13.75
N ASN E 159 -18.32 9.39 14.16
CA ASN E 159 -18.77 10.64 13.57
C ASN E 159 -17.68 11.26 12.72
N THR E 160 -16.43 10.90 12.98
CA THR E 160 -15.29 11.28 12.16
C THR E 160 -14.59 9.97 11.78
N SER E 161 -13.35 10.08 11.29
CA SER E 161 -12.65 8.97 10.68
C SER E 161 -12.62 7.72 11.56
N ALA E 162 -12.82 6.56 10.93
CA ALA E 162 -12.71 5.30 11.65
C ALA E 162 -11.30 5.13 12.19
N CYS E 163 -11.20 4.54 13.37
CA CYS E 163 -9.98 4.62 14.15
C CYS E 163 -9.13 3.37 13.92
N THR E 164 -8.10 3.17 14.73
CA THR E 164 -7.23 2.02 14.59
C THR E 164 -6.61 1.70 15.94
N GLN E 165 -6.36 0.42 16.17
CA GLN E 165 -5.77 -0.05 17.42
C GLN E 165 -4.26 -0.20 17.27
N ALA E 166 -3.54 0.15 18.33
CA ALA E 166 -2.11 -0.10 18.37
C ALA E 166 -1.88 -1.57 18.69
N CYS E 167 -1.06 -2.24 17.88
CA CYS E 167 -0.79 -3.64 18.10
C CYS E 167 -0.09 -3.81 19.45
N PRO E 168 -0.58 -4.65 20.37
CA PRO E 168 -0.07 -4.59 21.75
C PRO E 168 1.37 -5.04 21.91
N LYS E 169 2.02 -5.54 20.86
CA LYS E 169 3.41 -5.97 20.97
C LYS E 169 4.40 -4.82 20.92
N VAL E 170 4.03 -3.68 20.34
CA VAL E 170 4.91 -2.51 20.31
C VAL E 170 4.79 -1.79 21.64
N THR E 171 5.71 -0.87 21.93
CA THR E 171 5.68 -0.10 23.16
C THR E 171 6.07 1.33 22.85
N PHE E 172 5.55 2.26 23.64
CA PHE E 172 5.67 3.68 23.37
C PHE E 172 6.81 4.35 24.12
N GLU E 173 7.80 3.60 24.58
CA GLU E 173 8.87 4.20 25.35
C GLU E 173 9.67 5.16 24.47
N PRO E 174 10.14 6.30 25.01
CA PRO E 174 10.93 7.23 24.16
C PRO E 174 12.40 6.82 24.03
N ILE E 175 12.67 5.95 23.07
CA ILE E 175 14.07 5.56 22.80
C ILE E 175 14.82 6.79 22.29
N PRO E 176 16.06 7.05 22.70
CA PRO E 176 16.76 8.22 22.16
C PRO E 176 17.04 8.06 20.68
N ILE E 177 17.09 9.20 19.98
CA ILE E 177 17.35 9.25 18.55
C ILE E 177 18.40 10.32 18.31
N HIS E 178 19.42 9.98 17.54
CA HIS E 178 20.42 10.93 17.07
C HIS E 178 20.12 11.27 15.61
N TYR E 179 20.06 12.56 15.30
CA TYR E 179 19.95 13.02 13.93
C TYR E 179 21.32 13.42 13.40
N CYS E 180 21.68 12.86 12.23
CA CYS E 180 22.95 13.12 11.59
C CYS E 180 22.73 13.54 10.15
N ALA E 181 23.64 14.37 9.64
CA ALA E 181 23.56 14.84 8.26
C ALA E 181 24.41 13.96 7.35
N PRO E 182 24.06 13.79 6.08
CA PRO E 182 24.84 12.89 5.23
C PRO E 182 26.20 13.48 4.92
N ALA E 183 27.11 12.62 4.48
CA ALA E 183 28.48 13.04 4.17
C ALA E 183 28.48 14.13 3.11
N GLY E 184 29.25 15.18 3.37
CA GLY E 184 29.25 16.39 2.56
C GLY E 184 28.66 17.59 3.27
N TYR E 185 27.88 17.38 4.33
CA TYR E 185 27.34 18.45 5.16
C TYR E 185 27.96 18.38 6.54
N ALA E 186 27.59 19.34 7.38
CA ALA E 186 28.04 19.35 8.77
C ALA E 186 27.05 20.15 9.60
N ILE E 187 26.99 19.80 10.89
CA ILE E 187 26.09 20.44 11.85
C ILE E 187 26.94 21.35 12.74
N LEU E 188 26.59 22.64 12.76
CA LEU E 188 27.26 23.61 13.61
C LEU E 188 26.45 23.81 14.90
N LYS E 189 27.14 23.72 16.03
CA LYS E 189 26.51 23.65 17.35
C LYS E 189 26.93 24.86 18.16
N CYS E 190 25.99 25.75 18.46
CA CYS E 190 26.27 26.86 19.37
C CYS E 190 26.63 26.31 20.74
N ASN E 191 27.69 26.88 21.33
CA ASN E 191 28.23 26.39 22.58
C ASN E 191 28.19 27.41 23.72
N ASP E 192 27.79 28.64 23.44
CA ASP E 192 27.65 29.65 24.50
C ASP E 192 26.58 29.19 25.47
N GLU E 193 26.93 29.08 26.75
CA GLU E 193 26.07 28.46 27.75
C GLU E 193 25.03 29.43 28.33
N THR E 194 24.78 30.56 27.68
CA THR E 194 23.64 31.41 28.01
C THR E 194 22.95 31.92 26.74
N PHE E 195 23.02 31.15 25.66
CA PHE E 195 22.45 31.57 24.38
C PHE E 195 20.93 31.61 24.47
N ASN E 196 20.34 32.77 24.14
CA ASN E 196 18.91 32.99 24.29
C ASN E 196 18.11 32.69 23.02
N GLY E 197 18.65 31.87 22.13
CA GLY E 197 17.87 31.29 21.05
C GLY E 197 17.85 32.05 19.73
N THR E 198 18.40 33.25 19.68
CA THR E 198 18.48 34.01 18.43
C THR E 198 19.72 34.87 18.45
N GLY E 199 20.11 35.35 17.27
CA GLY E 199 21.25 36.20 17.13
C GLY E 199 22.55 35.42 17.10
N PRO E 200 23.67 36.14 17.07
CA PRO E 200 24.97 35.46 16.92
C PRO E 200 25.36 34.65 18.15
N CYS E 201 26.21 33.66 17.91
CA CYS E 201 26.79 32.82 18.96
C CYS E 201 28.27 32.67 18.67
N SER E 202 29.11 33.01 19.65
CA SER E 202 30.53 33.21 19.41
C SER E 202 31.41 32.02 19.76
N ASN E 203 30.91 31.03 20.50
CA ASN E 203 31.61 29.78 20.74
C ASN E 203 30.86 28.69 19.99
N VAL E 204 31.53 28.07 19.02
CA VAL E 204 30.88 27.22 18.02
C VAL E 204 31.65 25.91 17.91
N SER E 205 30.92 24.82 17.68
CA SER E 205 31.48 23.49 17.48
C SER E 205 30.86 22.86 16.24
N THR E 206 31.49 21.79 15.76
CA THR E 206 31.05 21.09 14.56
C THR E 206 30.92 19.60 14.85
N VAL E 207 29.82 19.00 14.38
CA VAL E 207 29.52 17.61 14.62
C VAL E 207 28.79 17.03 13.42
N GLN E 208 28.93 15.72 13.22
CA GLN E 208 28.08 15.04 12.26
C GLN E 208 26.70 14.71 12.82
N CYS E 209 26.58 14.56 14.14
CA CYS E 209 25.36 14.09 14.77
C CYS E 209 25.00 14.97 15.96
N THR E 210 23.71 15.03 16.26
CA THR E 210 23.20 15.87 17.34
C THR E 210 23.19 15.08 18.65
N HIS E 211 22.54 15.64 19.66
CA HIS E 211 22.29 14.95 20.93
C HIS E 211 21.50 13.67 20.71
N GLY E 212 21.39 12.85 21.74
CA GLY E 212 20.33 11.87 21.78
C GLY E 212 19.03 12.58 22.08
N ILE E 213 18.18 12.73 21.07
CA ILE E 213 16.91 13.43 21.24
C ILE E 213 15.90 12.49 21.85
N ARG E 214 15.23 12.95 22.91
CA ARG E 214 14.19 12.17 23.55
C ARG E 214 12.85 12.60 22.95
N PRO E 215 12.16 11.75 22.16
CA PRO E 215 10.96 12.24 21.45
C PRO E 215 9.69 12.26 22.29
N VAL E 216 9.83 12.24 23.62
CA VAL E 216 8.67 12.16 24.52
C VAL E 216 7.72 13.33 24.26
N VAL E 217 6.43 13.05 24.43
CA VAL E 217 5.35 13.97 24.06
C VAL E 217 4.71 14.52 25.32
N SER E 218 4.44 15.82 25.33
CA SER E 218 3.75 16.46 26.46
C SER E 218 3.24 17.81 26.00
N THR E 219 2.24 18.31 26.73
CA THR E 219 1.48 19.49 26.29
C THR E 219 1.76 20.76 27.09
N GLN E 220 2.14 20.65 28.37
CA GLN E 220 2.34 21.82 29.21
C GLN E 220 3.66 21.78 29.98
N LEU E 221 4.25 20.60 30.15
CA LEU E 221 5.51 20.43 30.85
C LEU E 221 6.40 19.50 30.05
N LEU E 222 7.67 19.87 29.90
CA LEU E 222 8.59 19.13 29.04
C LEU E 222 9.19 17.97 29.84
N LEU E 223 8.55 16.81 29.73
CA LEU E 223 8.98 15.64 30.46
C LEU E 223 10.32 15.12 29.92
N ASN E 224 11.12 14.56 30.83
CA ASN E 224 12.33 13.78 30.49
C ASN E 224 13.35 14.54 29.65
N GLY E 225 13.22 15.86 29.55
CA GLY E 225 14.09 16.62 28.68
C GLY E 225 15.48 16.81 29.26
N SER E 226 16.37 17.30 28.41
CA SER E 226 17.72 17.65 28.84
C SER E 226 17.72 18.99 29.54
N LEU E 227 18.57 19.13 30.56
CA LEU E 227 18.55 20.29 31.42
C LEU E 227 19.08 21.52 30.70
N ALA E 228 18.86 22.68 31.30
CA ALA E 228 19.33 23.93 30.75
C ALA E 228 20.86 24.00 30.82
N GLU E 229 21.41 25.07 30.26
CA GLU E 229 22.86 25.14 30.11
C GLU E 229 23.56 25.46 31.43
N LYS E 230 23.31 26.64 31.99
CA LYS E 230 23.94 27.07 33.23
C LYS E 230 22.96 27.69 34.21
N GLU E 231 21.88 28.28 33.71
CA GLU E 231 20.87 28.90 34.57
C GLU E 231 19.53 28.85 33.85
N ILE E 232 18.48 29.24 34.57
CA ILE E 232 17.16 29.33 33.95
C ILE E 232 17.20 30.41 32.90
N VAL E 233 16.81 30.05 31.68
CA VAL E 233 16.85 30.93 30.52
C VAL E 233 15.49 30.90 29.86
N ILE E 234 15.00 32.09 29.47
CA ILE E 234 13.73 32.26 28.79
C ILE E 234 14.06 32.51 27.33
N ARG E 235 13.25 31.98 26.42
CA ARG E 235 13.50 32.14 25.00
C ARG E 235 12.15 32.28 24.30
N SER E 236 12.07 33.20 23.33
CA SER E 236 10.82 33.44 22.63
C SER E 236 11.12 34.14 21.32
N GLU E 237 10.21 33.97 20.35
CA GLU E 237 10.36 34.66 19.08
C GLU E 237 10.28 36.17 19.25
N ASN E 238 9.32 36.63 20.05
CA ASN E 238 9.20 38.06 20.35
C ASN E 238 8.46 38.16 21.69
N LEU E 239 9.20 38.48 22.75
CA LEU E 239 8.63 38.46 24.10
C LEU E 239 7.48 39.44 24.23
N THR E 240 7.54 40.57 23.54
CA THR E 240 6.50 41.58 23.66
C THR E 240 5.16 41.10 23.12
N ASN E 241 5.15 40.17 22.17
CA ASN E 241 3.91 39.65 21.63
C ASN E 241 3.28 38.64 22.58
N ASN E 242 1.95 38.62 22.59
CA ASN E 242 1.23 37.65 23.43
C ASN E 242 1.27 36.27 22.82
N ALA E 243 1.09 36.16 21.49
CA ALA E 243 0.88 34.87 20.86
C ALA E 243 2.13 33.98 20.88
N LYS E 244 3.32 34.57 20.88
CA LYS E 244 4.55 33.80 20.80
C LYS E 244 4.77 33.04 22.11
N ILE E 245 4.42 31.75 22.06
CA ILE E 245 4.53 30.87 23.21
C ILE E 245 5.99 30.77 23.64
N ILE E 246 6.28 31.23 24.85
CA ILE E 246 7.65 31.24 25.35
C ILE E 246 8.03 29.85 25.83
N ILE E 247 9.33 29.56 25.80
CA ILE E 247 9.89 28.31 26.28
C ILE E 247 10.82 28.65 27.43
N VAL E 248 10.57 28.05 28.59
CA VAL E 248 11.39 28.24 29.78
C VAL E 248 12.17 26.96 30.01
N HIS E 249 13.49 27.07 30.08
CA HIS E 249 14.38 25.94 30.28
C HIS E 249 14.94 26.04 31.69
N LEU E 250 14.89 24.94 32.43
CA LEU E 250 15.19 24.96 33.86
C LEU E 250 16.59 24.44 34.13
N HIS E 251 17.22 24.98 35.18
CA HIS E 251 18.57 24.58 35.56
C HIS E 251 18.58 23.31 36.40
N THR E 252 17.51 23.05 37.15
CA THR E 252 17.39 21.87 38.00
C THR E 252 16.05 21.18 37.75
N PRO E 253 15.95 19.87 37.92
CA PRO E 253 14.68 19.19 37.65
C PRO E 253 13.76 19.18 38.86
N VAL E 254 12.47 18.97 38.57
CA VAL E 254 11.44 18.77 39.59
C VAL E 254 10.87 17.38 39.37
N GLU E 255 11.09 16.47 40.33
CA GLU E 255 10.85 15.05 40.11
C GLU E 255 9.37 14.74 40.29
N ILE E 256 8.65 14.69 39.17
CA ILE E 256 7.23 14.36 39.18
C ILE E 256 7.05 12.85 39.18
N VAL E 257 5.98 12.38 39.81
CA VAL E 257 5.62 10.97 39.82
C VAL E 257 4.11 10.86 39.67
N CYS E 258 3.67 9.87 38.89
CA CYS E 258 2.25 9.66 38.60
C CYS E 258 1.95 8.16 38.62
N THR E 259 0.67 7.83 38.79
CA THR E 259 0.28 6.43 38.86
C THR E 259 -1.23 6.32 38.76
N ARG E 260 -1.71 5.07 38.67
CA ARG E 260 -3.12 4.76 38.60
C ARG E 260 -3.42 3.62 39.56
N PRO E 261 -4.00 3.86 40.75
CA PRO E 261 -4.13 2.76 41.73
C PRO E 261 -5.01 1.60 41.31
N ASN E 262 -5.92 1.79 40.35
CA ASN E 262 -6.80 0.69 39.96
C ASN E 262 -6.00 -0.44 39.33
N ASN E 263 -6.49 -1.66 39.50
CA ASN E 263 -5.88 -2.87 38.95
C ASN E 263 -6.81 -3.40 37.86
N ASN E 264 -6.63 -2.90 36.64
CA ASN E 264 -7.44 -3.36 35.53
C ASN E 264 -7.03 -4.76 35.10
N THR E 265 -7.90 -5.40 34.33
CA THR E 265 -7.59 -6.63 33.64
C THR E 265 -8.23 -6.57 32.26
N ARG E 266 -7.61 -7.26 31.29
CA ARG E 266 -7.92 -7.08 29.89
C ARG E 266 -8.66 -8.30 29.35
N LYS E 267 -9.65 -8.05 28.49
CA LYS E 267 -10.57 -9.06 27.97
C LYS E 267 -10.40 -9.15 26.46
N SER E 268 -10.48 -10.37 25.93
CA SER E 268 -10.23 -10.63 24.51
C SER E 268 -11.57 -10.77 23.78
N VAL E 269 -12.06 -9.67 23.23
CA VAL E 269 -13.22 -9.70 22.34
C VAL E 269 -12.73 -9.90 20.92
N ARG E 270 -13.50 -10.67 20.14
CA ARG E 270 -13.17 -11.00 18.76
C ARG E 270 -14.10 -10.27 17.81
N ILE E 271 -13.51 -9.70 16.76
CA ILE E 271 -14.21 -8.84 15.81
C ILE E 271 -13.99 -9.37 14.41
N GLY E 272 -14.91 -10.18 13.91
CA GLY E 272 -14.78 -10.74 12.59
C GLY E 272 -13.75 -11.86 12.56
N PRO E 273 -13.30 -12.24 11.36
CA PRO E 273 -12.37 -13.37 11.27
C PRO E 273 -10.95 -12.98 11.63
N GLY E 274 -10.39 -13.66 12.63
CA GLY E 274 -8.96 -13.67 12.84
C GLY E 274 -8.39 -12.55 13.69
N GLN E 275 -9.07 -11.42 13.78
CA GLN E 275 -8.53 -10.21 14.39
C GLN E 275 -9.25 -9.94 15.71
N THR E 276 -8.47 -9.77 16.78
CA THR E 276 -9.01 -9.58 18.11
C THR E 276 -9.11 -8.10 18.45
N PHE E 277 -9.78 -7.81 19.57
CA PHE E 277 -9.90 -6.46 20.11
C PHE E 277 -9.93 -6.54 21.62
N TYR E 278 -9.07 -5.76 22.28
CA TYR E 278 -8.92 -5.83 23.73
C TYR E 278 -9.67 -4.68 24.39
N ALA E 279 -10.33 -4.99 25.51
CA ALA E 279 -11.08 -4.00 26.27
C ALA E 279 -11.02 -4.37 27.75
N THR E 280 -11.17 -3.36 28.60
CA THR E 280 -11.05 -3.57 30.04
C THR E 280 -12.22 -4.40 30.56
N GLY E 281 -11.90 -5.46 31.30
CA GLY E 281 -12.92 -6.29 31.92
C GLY E 281 -13.33 -5.76 33.27
N ASP E 282 -13.35 -6.63 34.27
CA ASP E 282 -13.66 -6.20 35.63
C ASP E 282 -12.47 -5.46 36.23
N ILE E 283 -12.67 -4.92 37.43
CA ILE E 283 -11.62 -4.29 38.22
C ILE E 283 -11.53 -5.04 39.54
N ILE E 284 -10.31 -5.44 39.90
CA ILE E 284 -10.14 -6.39 41.00
C ILE E 284 -9.98 -5.70 42.35
N GLY E 285 -9.37 -4.53 42.40
CA GLY E 285 -9.17 -3.82 43.64
C GLY E 285 -10.39 -2.96 43.99
N ASP E 286 -10.14 -1.97 44.84
CA ASP E 286 -11.13 -0.95 45.17
C ASP E 286 -10.75 0.33 44.44
N ILE E 287 -11.70 0.92 43.71
CA ILE E 287 -11.36 1.99 42.79
C ILE E 287 -10.98 3.25 43.55
N LYS E 288 -9.85 3.83 43.17
CA LYS E 288 -9.36 5.09 43.72
C LYS E 288 -9.01 6.03 42.58
N GLN E 289 -8.56 7.23 42.94
CA GLN E 289 -8.34 8.27 41.94
C GLN E 289 -6.92 8.19 41.40
N ALA E 290 -6.79 8.34 40.08
CA ALA E 290 -5.46 8.45 39.48
C ALA E 290 -4.94 9.87 39.64
N HIS E 291 -3.64 9.99 39.96
CA HIS E 291 -3.11 11.24 40.46
C HIS E 291 -1.63 11.37 40.12
N CYS E 292 -1.11 12.59 40.33
CA CYS E 292 0.29 12.92 40.19
C CYS E 292 0.75 13.68 41.42
N ASN E 293 2.05 13.59 41.72
CA ASN E 293 2.63 14.19 42.92
C ASN E 293 3.89 14.96 42.59
N ILE E 294 4.00 16.16 43.15
CA ILE E 294 5.17 17.03 42.98
C ILE E 294 5.53 17.59 44.35
N SER E 295 6.83 17.61 44.65
CA SER E 295 7.27 18.17 45.92
C SER E 295 7.09 19.68 45.92
N GLU E 296 6.54 20.21 47.01
CA GLU E 296 6.14 21.62 47.04
C GLU E 296 7.34 22.55 47.16
N GLU E 297 8.29 22.22 48.03
CA GLU E 297 9.40 23.12 48.30
C GLU E 297 10.27 23.33 47.07
N LYS E 298 10.50 22.27 46.29
CA LYS E 298 11.19 22.42 45.01
C LYS E 298 10.40 23.32 44.08
N TRP E 299 9.09 23.09 43.99
CA TRP E 299 8.29 23.74 42.95
C TRP E 299 8.19 25.24 43.19
N ASN E 300 7.90 25.65 44.43
CA ASN E 300 7.72 27.08 44.69
C ASN E 300 9.02 27.85 44.48
N ASP E 301 10.14 27.27 44.90
CA ASP E 301 11.44 27.91 44.68
C ASP E 301 11.73 28.03 43.20
N THR E 302 11.47 26.96 42.44
CA THR E 302 11.69 27.01 41.00
C THR E 302 10.81 28.06 40.35
N LEU E 303 9.56 28.17 40.81
CA LEU E 303 8.64 29.13 40.24
C LEU E 303 9.11 30.56 40.51
N GLN E 304 9.62 30.81 41.71
CA GLN E 304 10.19 32.14 42.00
C GLN E 304 11.42 32.43 41.14
N LYS E 305 12.25 31.41 40.90
CA LYS E 305 13.41 31.63 40.04
C LYS E 305 12.97 32.00 38.62
N VAL E 306 11.95 31.31 38.10
CA VAL E 306 11.39 31.70 36.82
C VAL E 306 10.81 33.11 36.90
N GLY E 307 10.29 33.49 38.06
CA GLY E 307 9.80 34.85 38.24
C GLY E 307 10.87 35.89 38.06
N ILE E 308 12.04 35.69 38.68
CA ILE E 308 13.10 36.67 38.53
C ILE E 308 13.62 36.70 37.10
N GLU E 309 13.69 35.53 36.45
CA GLU E 309 14.15 35.53 35.07
C GLU E 309 13.16 36.24 34.15
N LEU E 310 11.86 36.17 34.49
CA LEU E 310 10.89 36.97 33.74
C LEU E 310 11.05 38.45 34.04
N GLN E 311 11.31 38.80 35.30
CA GLN E 311 11.47 40.21 35.66
C GLN E 311 12.71 40.83 35.05
N LYS E 312 13.70 40.02 34.66
CA LYS E 312 14.81 40.56 33.90
C LYS E 312 14.31 41.27 32.64
N HIS E 313 13.37 40.64 31.92
CA HIS E 313 12.77 41.26 30.74
C HIS E 313 11.58 42.14 31.06
N PHE E 314 11.03 42.05 32.28
CA PHE E 314 9.92 42.89 32.72
C PHE E 314 10.20 43.40 34.13
N PRO E 315 11.12 44.37 34.27
CA PRO E 315 11.40 44.91 35.61
C PRO E 315 10.28 45.74 36.21
N ASN E 316 9.26 46.09 35.42
CA ASN E 316 8.27 47.09 35.82
C ASN E 316 6.98 46.49 36.37
N LYS E 317 6.92 45.18 36.63
CA LYS E 317 5.66 44.53 36.94
C LYS E 317 5.88 43.35 37.87
N THR E 318 4.82 42.97 38.56
CA THR E 318 4.76 41.73 39.32
C THR E 318 4.22 40.60 38.44
N ILE E 319 4.38 39.38 38.91
CA ILE E 319 4.09 38.18 38.13
C ILE E 319 3.03 37.37 38.87
N LYS E 320 1.96 37.01 38.16
CA LYS E 320 0.85 36.23 38.72
C LYS E 320 0.61 35.02 37.83
N TYR E 321 1.09 33.87 38.26
CA TYR E 321 0.80 32.63 37.54
C TYR E 321 -0.68 32.27 37.72
N ASN E 322 -1.23 31.61 36.70
CA ASN E 322 -2.68 31.50 36.55
C ASN E 322 -3.06 30.08 36.15
N GLN E 323 -4.37 29.85 36.14
CA GLN E 323 -4.94 28.59 35.67
C GLN E 323 -4.96 28.57 34.14
N SER E 324 -5.17 27.37 33.59
CA SER E 324 -5.27 27.20 32.14
C SER E 324 -6.35 28.11 31.56
N ALA E 325 -6.28 28.29 30.24
CA ALA E 325 -7.11 29.28 29.55
C ALA E 325 -8.40 28.68 29.03
N GLY E 326 -8.92 27.65 29.69
CA GLY E 326 -10.15 27.05 29.21
C GLY E 326 -9.92 26.26 27.94
N GLY E 327 -11.03 25.86 27.31
CA GLY E 327 -10.99 25.03 26.11
C GLY E 327 -11.13 23.56 26.43
N ASP E 328 -11.03 22.76 25.37
CA ASP E 328 -11.22 21.32 25.48
C ASP E 328 -9.98 20.67 26.11
N MET E 329 -10.13 19.41 26.51
CA MET E 329 -9.13 18.77 27.37
C MET E 329 -7.91 18.28 26.61
N GLU E 330 -7.87 18.41 25.29
CA GLU E 330 -6.59 18.24 24.59
C GLU E 330 -5.66 19.41 24.82
N ILE E 331 -6.17 20.56 25.25
CA ILE E 331 -5.41 21.80 25.37
C ILE E 331 -5.26 22.23 26.82
N THR E 332 -6.37 22.26 27.57
CA THR E 332 -6.37 22.91 28.87
C THR E 332 -5.73 22.08 29.97
N THR E 333 -5.37 20.83 29.71
CA THR E 333 -4.83 19.92 30.72
C THR E 333 -3.48 19.37 30.29
N HIS E 334 -2.63 19.10 31.27
CA HIS E 334 -1.37 18.42 31.02
C HIS E 334 -1.64 16.98 30.65
N SER E 335 -1.04 16.52 29.55
CA SER E 335 -1.20 15.16 29.05
C SER E 335 0.16 14.57 28.71
N PHE E 336 0.31 13.27 28.94
CA PHE E 336 1.57 12.61 28.67
C PHE E 336 1.35 11.10 28.67
N ASN E 337 1.98 10.42 27.71
CA ASN E 337 1.95 8.96 27.70
C ASN E 337 2.73 8.42 28.89
N CYS E 338 2.34 7.25 29.39
CA CYS E 338 2.96 6.65 30.56
C CYS E 338 2.90 5.13 30.44
N GLY E 339 3.96 4.55 29.88
CA GLY E 339 4.10 3.11 29.83
C GLY E 339 3.01 2.38 29.05
N GLY E 340 2.29 3.11 28.18
CA GLY E 340 1.19 2.56 27.43
C GLY E 340 -0.17 3.14 27.78
N GLU E 341 -0.26 4.10 28.68
CA GLU E 341 -1.50 4.82 29.00
C GLU E 341 -1.29 6.31 28.85
N PHE E 342 -2.38 7.01 28.55
CA PHE E 342 -2.37 8.42 28.20
C PHE E 342 -3.12 9.20 29.28
N PHE E 343 -2.39 9.64 30.29
CA PHE E 343 -3.01 10.41 31.37
C PHE E 343 -3.36 11.81 30.87
N TYR E 344 -4.42 12.37 31.44
CA TYR E 344 -4.75 13.79 31.30
C TYR E 344 -4.98 14.36 32.68
N CYS E 345 -4.11 15.29 33.08
CA CYS E 345 -4.06 15.77 34.46
C CYS E 345 -4.37 17.26 34.51
N ASN E 346 -5.13 17.66 35.53
CA ASN E 346 -5.52 19.05 35.72
C ASN E 346 -4.39 19.79 36.44
N THR E 347 -4.01 20.95 35.91
CA THR E 347 -2.85 21.69 36.40
C THR E 347 -3.22 22.87 37.28
N SER E 348 -4.47 22.99 37.72
CA SER E 348 -4.90 24.18 38.45
C SER E 348 -4.17 24.35 39.77
N ASN E 349 -3.60 23.29 40.34
CA ASN E 349 -2.93 23.39 41.63
C ASN E 349 -1.47 23.80 41.51
N LEU E 350 -0.88 23.74 40.31
CA LEU E 350 0.53 24.10 40.18
C LEU E 350 0.73 25.61 40.12
N PHE E 351 -0.04 26.29 39.29
CA PHE E 351 0.23 27.66 38.88
C PHE E 351 -0.66 28.66 39.60
N ASN E 352 -0.91 28.44 40.90
CA ASN E 352 -1.70 29.34 41.71
C ASN E 352 -0.86 30.42 42.40
N GLY E 353 0.47 30.35 42.33
CA GLY E 353 1.30 31.29 43.03
C GLY E 353 1.50 32.60 42.29
N THR E 354 2.26 33.48 42.93
CA THR E 354 2.57 34.79 42.35
C THR E 354 3.91 35.25 42.91
N TYR E 355 4.51 36.24 42.24
CA TYR E 355 5.82 36.75 42.59
C TYR E 355 5.80 38.27 42.51
N ASN E 356 6.60 38.91 43.36
CA ASN E 356 6.61 40.36 43.52
C ASN E 356 8.00 40.98 43.48
N GLY E 357 9.04 40.20 43.20
CA GLY E 357 10.41 40.67 43.25
C GLY E 357 11.09 40.47 44.59
N THR E 358 10.36 40.05 45.62
CA THR E 358 10.94 39.69 46.90
C THR E 358 11.53 38.29 46.79
N TYR E 359 11.84 37.66 47.92
CA TYR E 359 12.23 36.26 47.92
C TYR E 359 11.93 35.66 49.28
N ILE E 360 11.42 34.42 49.24
CA ILE E 360 11.07 33.66 50.45
C ILE E 360 11.73 32.29 50.26
N SER E 361 12.79 32.04 51.00
CA SER E 361 13.56 30.82 50.82
C SER E 361 12.81 29.61 51.38
N THR E 362 12.75 28.54 50.60
CA THR E 362 12.25 27.26 51.10
C THR E 362 13.24 26.57 52.01
N ASN E 363 14.54 26.80 51.79
CA ASN E 363 15.56 26.32 52.72
C ASN E 363 15.64 27.26 53.93
N SER E 364 15.87 26.71 55.12
CA SER E 364 15.99 25.31 55.52
C SER E 364 14.62 24.65 55.55
N SER E 365 14.60 23.32 55.42
CA SER E 365 13.34 22.60 55.35
C SER E 365 12.70 22.51 56.74
N ALA E 366 11.53 23.12 56.89
CA ALA E 366 10.78 22.98 58.14
C ALA E 366 10.21 21.57 58.26
N ASN E 367 9.61 21.07 57.18
CA ASN E 367 9.11 19.69 57.15
C ASN E 367 9.22 19.23 55.71
N SER E 368 9.83 18.06 55.50
CA SER E 368 10.18 17.57 54.17
C SER E 368 9.14 16.61 53.58
N THR E 369 7.85 16.82 53.88
CA THR E 369 6.81 15.90 53.45
C THR E 369 5.59 16.60 52.86
N SER E 370 5.61 17.90 52.62
CA SER E 370 4.50 18.58 51.97
C SER E 370 4.58 18.38 50.47
N THR E 371 3.51 17.84 49.89
CA THR E 371 3.47 17.52 48.47
C THR E 371 2.13 17.91 47.90
N ILE E 372 2.14 18.59 46.76
CA ILE E 372 0.92 18.94 46.05
C ILE E 372 0.51 17.77 45.17
N THR E 373 -0.80 17.63 44.95
CA THR E 373 -1.39 16.49 44.26
C THR E 373 -2.38 16.98 43.22
N LEU E 374 -2.53 16.22 42.14
CA LEU E 374 -3.38 16.58 41.01
C LEU E 374 -4.36 15.46 40.70
N GLN E 375 -5.53 15.82 40.18
CA GLN E 375 -6.47 14.86 39.65
C GLN E 375 -6.12 14.55 38.21
N CYS E 376 -6.24 13.27 37.83
CA CYS E 376 -5.89 12.82 36.49
C CYS E 376 -6.97 11.91 35.93
N ARG E 377 -7.32 12.12 34.67
CA ARG E 377 -8.34 11.37 33.96
C ARG E 377 -7.68 10.55 32.86
N ILE E 378 -8.01 9.27 32.80
CA ILE E 378 -7.48 8.38 31.77
C ILE E 378 -8.44 8.41 30.59
N LYS E 379 -7.87 8.31 29.39
CA LYS E 379 -8.62 8.37 28.15
C LYS E 379 -7.95 7.46 27.14
N GLN E 380 -8.75 6.74 26.37
CA GLN E 380 -8.24 5.74 25.44
C GLN E 380 -8.20 6.20 23.99
N ILE E 381 -9.19 6.97 23.54
CA ILE E 381 -9.30 7.38 22.15
C ILE E 381 -8.40 8.59 21.90
N ILE E 382 -7.16 8.36 21.51
CA ILE E 382 -6.16 9.41 21.43
C ILE E 382 -6.20 10.04 20.06
N ASN E 383 -6.19 11.39 20.03
CA ASN E 383 -6.34 12.14 18.78
C ASN E 383 -5.41 13.35 18.79
N MET E 384 -4.23 13.21 19.39
CA MET E 384 -3.39 14.36 19.70
C MET E 384 -2.79 15.05 18.47
N TRP E 385 -2.53 14.31 17.39
CA TRP E 385 -1.93 14.86 16.19
C TRP E 385 -3.02 15.17 15.18
N GLN E 386 -2.98 16.37 14.61
CA GLN E 386 -4.00 16.80 13.67
C GLN E 386 -3.77 16.24 12.25
N GLY E 387 -2.60 15.68 11.97
CA GLY E 387 -2.27 15.21 10.64
C GLY E 387 -2.67 13.78 10.39
N VAL E 388 -1.78 13.05 9.70
CA VAL E 388 -2.06 11.68 9.29
C VAL E 388 -2.24 10.75 10.50
N GLY E 389 -1.66 11.08 11.64
CA GLY E 389 -1.80 10.23 12.81
C GLY E 389 -3.09 10.41 13.58
N ARG E 390 -4.18 10.81 12.94
CA ARG E 390 -5.41 11.11 13.65
C ARG E 390 -6.07 9.83 14.16
N CYS E 391 -6.48 9.88 15.44
CA CYS E 391 -7.22 8.83 16.11
C CYS E 391 -6.37 7.58 16.32
N MET E 392 -6.43 7.03 17.52
CA MET E 392 -5.79 5.77 17.84
C MET E 392 -6.47 5.22 19.08
N TYR E 393 -6.56 3.91 19.17
CA TYR E 393 -7.04 3.22 20.37
C TYR E 393 -5.84 2.64 21.08
N ALA E 394 -5.64 3.06 22.33
CA ALA E 394 -4.56 2.52 23.15
C ALA E 394 -5.10 1.39 24.00
N PRO E 395 -4.69 0.13 23.78
CA PRO E 395 -5.31 -0.97 24.52
C PRO E 395 -4.95 -0.88 26.00
N PRO E 396 -5.82 -1.36 26.89
CA PRO E 396 -5.52 -1.25 28.32
C PRO E 396 -4.40 -2.18 28.71
N ILE E 397 -3.66 -1.80 29.74
CA ILE E 397 -2.52 -2.55 30.25
C ILE E 397 -2.80 -2.94 31.70
N ALA E 398 -2.65 -4.22 31.99
CA ALA E 398 -3.06 -4.77 33.28
C ALA E 398 -2.05 -4.40 34.36
N GLY E 399 -2.50 -4.49 35.60
CA GLY E 399 -1.65 -4.18 36.74
C GLY E 399 -1.46 -2.70 36.93
N ASN E 400 -1.13 -2.29 38.15
CA ASN E 400 -0.88 -0.88 38.41
C ASN E 400 0.40 -0.45 37.71
N ILE E 401 0.50 0.85 37.43
CA ILE E 401 1.60 1.43 36.67
C ILE E 401 2.07 2.70 37.33
N THR E 402 3.38 2.94 37.30
CA THR E 402 4.01 4.11 37.88
C THR E 402 5.00 4.70 36.88
N CYS E 403 5.01 6.03 36.78
CA CYS E 403 5.94 6.75 35.93
C CYS E 403 6.70 7.76 36.78
N ARG E 404 8.03 7.65 36.78
CA ARG E 404 8.89 8.63 37.44
C ARG E 404 9.64 9.40 36.37
N SER E 405 9.59 10.73 36.46
CA SER E 405 10.13 11.58 35.40
C SER E 405 10.56 12.91 35.98
N ASN E 406 11.32 13.66 35.17
CA ASN E 406 11.81 14.98 35.54
C ASN E 406 11.12 16.04 34.70
N ILE E 407 10.58 17.06 35.35
CA ILE E 407 10.22 18.28 34.66
C ILE E 407 11.50 19.09 34.44
N THR E 408 11.68 19.62 33.22
CA THR E 408 12.84 20.42 32.90
C THR E 408 12.50 21.70 32.15
N GLY E 409 11.26 21.89 31.74
CA GLY E 409 10.89 23.11 31.05
C GLY E 409 9.40 23.29 31.03
N LEU E 410 8.98 24.54 30.96
CA LEU E 410 7.59 24.94 31.02
C LEU E 410 7.21 25.64 29.73
N LEU E 411 5.93 25.53 29.37
CA LEU E 411 5.36 26.27 28.25
C LEU E 411 4.36 27.27 28.81
N LEU E 412 4.57 28.55 28.53
CA LEU E 412 3.83 29.64 29.15
C LEU E 412 3.44 30.67 28.10
N THR E 413 2.53 31.55 28.48
CA THR E 413 2.03 32.57 27.57
C THR E 413 1.57 33.78 28.37
N ARG E 414 2.07 34.97 27.99
CA ARG E 414 1.58 36.19 28.60
C ARG E 414 0.13 36.42 28.20
N ASP E 415 -0.74 36.63 29.18
CA ASP E 415 -2.12 36.96 28.88
C ASP E 415 -2.23 38.42 28.45
N GLY E 416 -3.35 38.76 27.83
CA GLY E 416 -3.60 40.12 27.40
C GLY E 416 -3.58 41.09 28.56
N GLY E 417 -2.79 42.16 28.44
CA GLY E 417 -2.71 43.13 29.51
C GLY E 417 -4.01 43.88 29.71
N THR E 418 -4.20 44.38 30.93
CA THR E 418 -5.42 45.09 31.29
C THR E 418 -5.08 46.25 32.23
N ASN E 419 -5.61 47.43 31.90
CA ASN E 419 -5.52 48.63 32.71
C ASN E 419 -4.08 49.11 32.92
N SER E 420 -3.12 48.59 32.17
CA SER E 420 -1.69 48.89 32.40
C SER E 420 -1.29 48.59 33.84
N ASN E 421 -1.89 47.54 34.41
CA ASN E 421 -1.69 47.24 35.82
C ASN E 421 -0.28 46.70 36.09
N GLU E 422 0.07 46.66 37.37
CA GLU E 422 1.38 46.19 37.78
C GLU E 422 1.52 44.68 37.65
N THR E 423 0.42 43.93 37.59
CA THR E 423 0.46 42.48 37.52
C THR E 423 0.51 42.02 36.07
N GLU E 424 1.51 41.19 35.75
CA GLU E 424 1.64 40.57 34.44
C GLU E 424 1.46 39.06 34.62
N THR E 425 0.38 38.52 34.08
CA THR E 425 -0.05 37.16 34.38
C THR E 425 0.33 36.22 33.24
N PHE E 426 0.69 34.99 33.60
CA PHE E 426 1.15 33.97 32.67
C PHE E 426 0.29 32.72 32.85
N ARG E 427 -0.07 32.08 31.72
CA ARG E 427 -0.92 30.90 31.68
C ARG E 427 -0.16 29.71 31.09
N PRO E 428 -0.36 28.47 31.60
CA PRO E 428 0.22 27.31 30.90
C PRO E 428 -0.55 26.96 29.65
N ALA E 429 -0.24 27.62 28.54
CA ALA E 429 -0.94 27.38 27.29
C ALA E 429 -0.45 26.09 26.64
N GLY E 430 -1.37 25.18 26.37
CA GLY E 430 -1.02 23.95 25.68
C GLY E 430 -0.51 24.25 24.29
N GLY E 431 0.72 23.84 24.00
CA GLY E 431 1.35 24.22 22.74
C GLY E 431 1.08 23.21 21.65
N ASP E 432 1.08 23.69 20.40
CA ASP E 432 1.09 22.79 19.27
C ASP E 432 2.40 22.02 19.25
N MET E 433 2.38 20.86 18.60
CA MET E 433 3.33 19.81 18.96
C MET E 433 4.77 20.13 18.54
N ARG E 434 4.96 21.18 17.73
CA ARG E 434 6.31 21.49 17.27
C ARG E 434 7.22 21.91 18.42
N ASP E 435 6.67 22.61 19.42
CA ASP E 435 7.51 23.26 20.41
C ASP E 435 8.32 22.27 21.25
N ASN E 436 7.79 21.06 21.45
CA ASN E 436 8.49 20.09 22.29
C ASN E 436 9.84 19.71 21.70
N TRP E 437 9.97 19.74 20.38
CA TRP E 437 11.22 19.45 19.70
C TRP E 437 12.00 20.72 19.40
N ARG E 438 11.32 21.86 19.24
CA ARG E 438 12.00 23.12 19.02
C ARG E 438 12.78 23.54 20.26
N SER E 439 12.31 23.14 21.44
CA SER E 439 12.97 23.51 22.69
C SER E 439 14.28 22.75 22.89
N GLU E 440 14.60 21.78 22.02
CA GLU E 440 15.80 20.97 22.15
C GLU E 440 16.67 20.97 20.90
N LEU E 441 16.13 21.18 19.71
CA LEU E 441 16.92 21.20 18.48
C LEU E 441 17.52 22.57 18.17
N TYR E 442 17.52 23.49 19.14
CA TYR E 442 17.87 24.88 18.86
C TYR E 442 19.36 25.08 18.60
N LYS E 443 20.22 24.28 19.23
CA LYS E 443 21.65 24.51 19.18
C LYS E 443 22.23 24.35 17.78
N TYR E 444 21.51 23.71 16.86
CA TYR E 444 22.08 23.15 15.65
C TYR E 444 21.65 23.94 14.43
N LYS E 445 22.59 24.10 13.49
CA LYS E 445 22.31 24.55 12.13
C LYS E 445 23.05 23.62 11.18
N VAL E 446 22.48 23.43 9.99
CA VAL E 446 23.01 22.50 8.99
C VAL E 446 23.49 23.31 7.80
N VAL E 447 24.72 23.02 7.34
CA VAL E 447 25.40 23.86 6.36
C VAL E 447 26.08 22.99 5.30
N LYS E 448 26.40 23.64 4.17
CA LYS E 448 27.20 23.00 3.13
C LYS E 448 28.65 22.91 3.58
N ILE E 449 29.37 21.93 3.03
CA ILE E 449 30.82 21.96 2.97
C ILE E 449 31.20 22.08 1.51
N GLU E 450 31.86 23.19 1.16
CA GLU E 450 32.15 23.56 -0.23
C GLU E 450 33.66 23.56 -0.39
N PRO E 451 34.27 22.39 -0.66
CA PRO E 451 35.73 22.31 -0.58
C PRO E 451 36.48 22.95 -1.74
N LEU E 452 35.80 23.66 -2.65
CA LEU E 452 36.43 24.26 -3.81
C LEU E 452 36.52 25.78 -3.62
N GLY E 453 37.74 26.32 -3.73
CA GLY E 453 37.96 27.73 -3.52
C GLY E 453 38.99 28.27 -4.50
N VAL E 454 39.07 29.60 -4.54
CA VAL E 454 39.84 30.33 -5.56
C VAL E 454 40.60 31.45 -4.87
N ALA E 455 41.86 31.64 -5.27
CA ALA E 455 42.69 32.72 -4.76
C ALA E 455 43.97 32.78 -5.61
N PRO E 456 44.71 33.89 -5.54
CA PRO E 456 46.03 33.93 -6.20
C PRO E 456 47.14 33.51 -5.24
N THR E 457 48.33 33.30 -5.79
CA THR E 457 49.53 33.01 -5.00
C THR E 457 50.73 33.10 -5.91
N ARG E 458 51.87 32.56 -5.46
CA ARG E 458 53.14 32.59 -6.20
C ARG E 458 53.57 31.16 -6.50
N CYS E 459 53.20 30.68 -7.70
CA CYS E 459 53.10 29.26 -8.00
C CYS E 459 53.01 28.92 -9.49
N LYS E 460 54.09 28.64 -10.18
CA LYS E 460 53.97 28.50 -11.64
C LYS E 460 53.74 27.06 -12.07
N ARG E 461 52.69 26.86 -12.88
CA ARG E 461 52.51 25.61 -13.61
C ARG E 461 53.56 25.59 -14.71
N ARG E 462 54.43 24.59 -14.68
CA ARG E 462 55.49 24.50 -15.66
C ARG E 462 55.01 23.75 -16.91
N VAL E 463 55.34 24.31 -18.08
CA VAL E 463 54.93 23.74 -19.35
C VAL E 463 56.17 23.38 -20.18
N PHE F 11 38.25 17.16 11.39
CA PHE F 11 37.57 17.27 10.10
C PHE F 11 37.63 18.70 9.60
N LEU F 12 37.13 19.65 10.39
CA LEU F 12 37.07 21.05 10.03
C LEU F 12 37.75 21.96 11.04
N GLY F 13 38.77 21.46 11.74
CA GLY F 13 39.48 22.28 12.70
C GLY F 13 40.30 23.39 12.09
N ALA F 14 40.56 23.35 10.78
CA ALA F 14 41.33 24.39 10.13
C ALA F 14 40.54 25.67 9.92
N ALA F 15 39.23 25.66 10.18
CA ALA F 15 38.42 26.86 9.98
C ALA F 15 38.87 27.97 10.92
N GLY F 16 38.77 29.21 10.44
CA GLY F 16 39.21 30.36 11.19
C GLY F 16 40.68 30.66 11.08
N SER F 17 41.48 29.78 10.51
CA SER F 17 42.92 29.99 10.38
C SER F 17 43.23 30.68 9.06
N THR F 18 44.48 31.11 8.93
CA THR F 18 44.91 31.82 7.73
C THR F 18 45.10 30.85 6.57
N MET F 19 45.21 31.43 5.37
CA MET F 19 45.41 30.64 4.16
C MET F 19 46.70 29.84 4.22
N GLY F 20 47.77 30.44 4.73
CA GLY F 20 49.00 29.69 4.92
C GLY F 20 48.82 28.53 5.88
N ALA F 21 48.02 28.73 6.92
CA ALA F 21 47.83 27.69 7.93
C ALA F 21 47.04 26.51 7.37
N ALA F 22 45.91 26.78 6.72
CA ALA F 22 45.08 25.70 6.20
C ALA F 22 45.53 25.21 4.84
N SER F 23 46.54 25.84 4.23
CA SER F 23 47.17 25.25 3.05
C SER F 23 47.69 23.86 3.37
N MET F 24 48.15 23.64 4.60
CA MET F 24 48.49 22.33 5.11
C MET F 24 47.26 21.65 5.67
N THR F 25 47.36 20.32 5.81
CA THR F 25 46.26 19.45 6.21
C THR F 25 44.99 19.69 5.40
N LEU F 26 45.08 19.83 4.08
CA LEU F 26 43.89 19.86 3.25
C LEU F 26 43.33 18.46 3.03
N THR F 27 44.20 17.44 3.07
CA THR F 27 43.73 16.07 2.91
C THR F 27 42.80 15.64 4.04
N VAL F 28 42.88 16.33 5.19
CA VAL F 28 41.93 16.07 6.27
C VAL F 28 40.51 16.36 5.80
N GLN F 29 40.32 17.49 5.13
CA GLN F 29 38.99 17.81 4.61
C GLN F 29 38.67 16.98 3.37
N ALA F 30 39.69 16.63 2.58
CA ALA F 30 39.44 15.91 1.34
C ALA F 30 38.92 14.49 1.59
N ARG F 31 39.20 13.91 2.75
CA ARG F 31 38.93 12.49 2.96
C ARG F 31 37.45 12.24 3.27
N ASN F 32 36.90 12.97 4.23
CA ASN F 32 35.75 12.49 5.00
C ASN F 32 34.40 12.63 4.29
N LEU F 33 34.36 12.71 2.97
CA LEU F 33 33.15 13.08 2.24
C LEU F 33 32.34 11.89 1.70
N LEU F 34 32.38 10.72 2.34
CA LEU F 34 31.57 9.58 1.90
C LEU F 34 31.29 8.65 3.07
N SER F 35 30.02 8.27 3.26
CA SER F 35 29.62 7.30 4.28
C SER F 35 28.11 7.09 4.20
N GLY F 36 27.66 5.97 4.75
CA GLY F 36 26.24 5.75 4.96
C GLY F 36 25.87 4.28 4.89
N THR F 37 24.65 4.00 5.37
CA THR F 37 23.96 2.73 5.18
C THR F 37 22.46 3.06 5.09
N VAL F 38 21.60 2.02 5.11
CA VAL F 38 20.28 2.10 4.47
C VAL F 38 19.12 2.03 5.46
N TRP F 39 18.16 2.95 5.27
CA TRP F 39 16.72 2.78 5.57
C TRP F 39 15.92 3.53 4.51
N GLY F 40 15.37 2.78 3.55
CA GLY F 40 14.24 3.20 2.75
C GLY F 40 14.14 4.63 2.23
N ILE F 41 13.05 5.30 2.59
CA ILE F 41 12.54 6.47 1.88
C ILE F 41 13.56 7.59 1.80
N LYS F 42 14.11 7.98 2.95
CA LYS F 42 14.96 9.16 3.04
C LYS F 42 16.44 8.86 3.04
N GLN F 43 16.86 7.83 3.77
CA GLN F 43 18.27 7.54 3.91
C GLN F 43 18.92 7.21 2.57
N LEU F 44 18.23 6.44 1.72
CA LEU F 44 18.74 6.20 0.38
C LEU F 44 18.89 7.50 -0.39
N GLN F 45 17.91 8.40 -0.26
CA GLN F 45 18.07 9.73 -0.82
C GLN F 45 19.22 10.48 -0.15
N ALA F 46 19.50 10.17 1.11
CA ALA F 46 20.63 10.78 1.81
C ALA F 46 21.96 10.12 1.47
N ARG F 47 21.95 9.05 0.66
CA ARG F 47 23.16 8.31 0.33
C ARG F 47 23.56 8.43 -1.14
N VAL F 48 22.67 8.87 -2.03
CA VAL F 48 23.09 9.25 -3.38
C VAL F 48 23.48 10.72 -3.43
N LEU F 49 23.16 11.51 -2.39
CA LEU F 49 23.63 12.89 -2.34
C LEU F 49 25.13 12.95 -2.16
N ALA F 50 25.69 12.04 -1.37
CA ALA F 50 27.13 12.06 -1.11
C ALA F 50 27.92 11.84 -2.39
N VAL F 51 27.60 10.77 -3.12
CA VAL F 51 28.37 10.47 -4.33
C VAL F 51 28.15 11.53 -5.39
N GLU F 52 26.92 12.06 -5.48
CA GLU F 52 26.65 13.10 -6.48
C GLU F 52 27.43 14.37 -6.17
N ARG F 53 27.44 14.79 -4.90
CA ARG F 53 28.20 15.98 -4.52
C ARG F 53 29.69 15.79 -4.78
N TYR F 54 30.22 14.62 -4.39
CA TYR F 54 31.64 14.37 -4.61
C TYR F 54 31.97 14.37 -6.10
N LEU F 55 31.11 13.76 -6.91
CA LEU F 55 31.38 13.68 -8.34
C LEU F 55 31.34 15.07 -8.97
N ARG F 56 30.40 15.92 -8.55
CA ARG F 56 30.35 17.26 -9.12
C ARG F 56 31.59 18.07 -8.72
N ASP F 57 31.99 18.00 -7.45
CA ASP F 57 33.16 18.74 -7.03
C ASP F 57 34.42 18.21 -7.70
N GLN F 58 34.47 16.91 -8.00
CA GLN F 58 35.62 16.36 -8.72
C GLN F 58 35.57 16.74 -10.20
N GLN F 59 34.37 16.84 -10.76
CA GLN F 59 34.20 17.21 -12.15
C GLN F 59 34.73 18.62 -12.39
N LEU F 60 34.27 19.58 -11.58
CA LEU F 60 34.71 20.96 -11.78
C LEU F 60 36.22 21.10 -11.59
N LEU F 61 36.80 20.28 -10.72
CA LEU F 61 38.25 20.31 -10.54
C LEU F 61 38.97 19.63 -11.68
N GLY F 62 38.33 18.66 -12.34
CA GLY F 62 38.94 17.92 -13.43
C GLY F 62 38.88 18.63 -14.77
N ILE F 63 37.88 19.50 -14.95
CA ILE F 63 37.83 20.26 -16.19
C ILE F 63 39.02 21.21 -16.28
N TRP F 64 39.43 21.77 -15.14
CA TRP F 64 40.49 22.79 -15.10
C TRP F 64 41.89 22.19 -15.11
N GLY F 65 42.04 20.94 -15.53
CA GLY F 65 43.36 20.33 -15.53
C GLY F 65 43.95 20.10 -14.17
N CYS F 66 43.11 20.08 -13.13
CA CYS F 66 43.55 19.98 -11.74
C CYS F 66 43.04 18.71 -11.08
N SER F 67 43.02 17.59 -11.81
CA SER F 67 42.51 16.34 -11.24
C SER F 67 43.35 15.89 -10.06
N GLY F 68 44.65 16.14 -10.10
CA GLY F 68 45.44 16.07 -8.89
C GLY F 68 44.86 17.09 -7.92
N LYS F 69 44.57 16.66 -6.69
CA LYS F 69 43.80 17.49 -5.77
C LYS F 69 44.67 18.43 -4.95
N LEU F 70 45.84 18.79 -5.49
CA LEU F 70 46.70 19.77 -4.87
C LEU F 70 46.10 21.17 -4.93
N ILE F 71 46.86 22.11 -4.37
CA ILE F 71 46.62 23.52 -4.67
C ILE F 71 47.08 23.75 -6.10
N CYS F 72 46.13 23.81 -7.02
CA CYS F 72 46.41 23.80 -8.45
C CYS F 72 46.50 25.23 -8.94
N CYS F 73 47.48 25.50 -9.78
CA CYS F 73 47.86 26.85 -10.15
C CYS F 73 47.70 27.02 -11.65
N THR F 74 47.38 28.25 -12.05
CA THR F 74 46.67 28.51 -13.28
C THR F 74 47.28 29.72 -13.99
N ASN F 75 47.10 29.75 -15.32
CA ASN F 75 47.72 30.82 -16.13
C ASN F 75 46.64 31.78 -16.64
N VAL F 76 45.63 32.07 -15.80
CA VAL F 76 44.61 33.07 -16.21
C VAL F 76 44.81 34.33 -15.35
N PRO F 77 45.05 35.51 -15.96
CA PRO F 77 45.33 36.74 -15.20
C PRO F 77 44.31 37.15 -14.13
N TRP F 78 44.80 37.68 -13.01
CA TRP F 78 43.87 38.17 -11.96
C TRP F 78 43.43 39.59 -12.27
N ASN F 79 42.35 39.75 -13.04
CA ASN F 79 41.79 41.05 -13.31
C ASN F 79 41.56 41.77 -11.99
N SER F 80 42.28 42.88 -11.79
CA SER F 80 42.35 43.51 -10.46
C SER F 80 40.97 43.94 -9.98
N SER F 81 40.02 44.14 -10.90
CA SER F 81 38.64 44.42 -10.52
C SER F 81 38.04 43.34 -9.65
N TRP F 82 38.54 42.10 -9.72
CA TRP F 82 38.04 41.04 -8.86
C TRP F 82 38.29 41.33 -7.38
N SER F 83 39.48 41.81 -6.99
CA SER F 83 39.78 42.09 -5.59
C SER F 83 40.30 43.51 -5.35
N ASN F 84 41.20 44.00 -6.21
CA ASN F 84 41.90 45.27 -5.98
C ASN F 84 42.56 45.28 -4.61
N ARG F 85 43.22 44.18 -4.25
CA ARG F 85 43.84 44.03 -2.95
C ARG F 85 45.17 43.29 -3.10
N ASN F 86 45.99 43.37 -2.05
CA ASN F 86 47.38 42.96 -2.08
C ASN F 86 47.62 41.76 -1.18
N LEU F 87 48.66 40.99 -1.51
CA LEU F 87 48.99 39.79 -0.74
C LEU F 87 49.30 40.09 0.72
N SER F 88 49.82 41.29 0.99
CA SER F 88 50.25 41.61 2.35
C SER F 88 49.08 41.63 3.33
N GLU F 89 47.86 41.87 2.85
CA GLU F 89 46.68 41.97 3.69
C GLU F 89 45.88 40.68 3.72
N ILE F 90 46.45 39.56 3.25
CA ILE F 90 45.68 38.36 2.98
C ILE F 90 46.23 37.19 3.79
N TRP F 91 47.47 36.77 3.53
CA TRP F 91 47.97 35.57 4.21
C TRP F 91 48.27 35.80 5.68
N ASP F 92 48.70 37.01 6.06
CA ASP F 92 49.02 37.28 7.45
C ASP F 92 47.80 37.22 8.36
N ASN F 93 46.66 37.74 7.90
CA ASN F 93 45.52 37.99 8.76
C ASN F 93 44.24 37.29 8.31
N MET F 94 43.98 37.32 7.00
CA MET F 94 42.66 36.98 6.49
C MET F 94 42.45 35.47 6.44
N THR F 95 41.19 35.06 6.60
CA THR F 95 40.81 33.65 6.68
C THR F 95 39.90 33.27 5.52
N TRP F 96 39.67 31.96 5.37
CA TRP F 96 39.06 31.46 4.13
C TRP F 96 37.63 31.93 3.95
N LEU F 97 36.79 31.77 4.96
CA LEU F 97 35.39 32.17 4.80
C LEU F 97 35.28 33.67 4.56
N GLN F 98 36.04 34.46 5.30
CA GLN F 98 35.98 35.91 5.15
C GLN F 98 36.46 36.33 3.76
N TRP F 99 37.51 35.70 3.26
CA TRP F 99 37.97 35.97 1.90
C TRP F 99 36.94 35.51 0.87
N ASP F 100 36.33 34.35 1.11
CA ASP F 100 35.35 33.80 0.17
C ASP F 100 34.16 34.71 0.03
N LYS F 101 33.77 35.38 1.12
CA LYS F 101 32.68 36.34 1.03
C LYS F 101 32.99 37.48 0.07
N GLU F 102 34.26 37.76 -0.20
CA GLU F 102 34.64 38.79 -1.17
C GLU F 102 34.68 38.23 -2.58
N ILE F 103 35.52 37.21 -2.82
CA ILE F 103 35.73 36.68 -4.16
C ILE F 103 34.47 35.99 -4.70
N SER F 104 33.49 35.68 -3.85
CA SER F 104 32.28 34.99 -4.30
C SER F 104 31.49 35.79 -5.33
N ASN F 105 31.75 37.10 -5.46
CA ASN F 105 31.05 37.94 -6.42
C ASN F 105 31.45 37.67 -7.86
N TYR F 106 32.50 36.86 -8.12
CA TYR F 106 33.06 36.71 -9.46
C TYR F 106 33.33 35.26 -9.88
N THR F 107 32.91 34.27 -9.10
CA THR F 107 33.40 32.90 -9.30
C THR F 107 32.97 32.31 -10.64
N GLN F 108 31.69 32.46 -10.99
CA GLN F 108 31.17 31.85 -12.21
C GLN F 108 31.85 32.43 -13.44
N ILE F 109 32.25 33.70 -13.39
CA ILE F 109 33.01 34.29 -14.49
C ILE F 109 34.40 33.68 -14.53
N ILE F 110 34.97 33.38 -13.35
CA ILE F 110 36.35 32.87 -13.29
C ILE F 110 36.43 31.48 -13.89
N TYR F 111 35.42 30.62 -13.63
CA TYR F 111 35.55 29.20 -13.95
C TYR F 111 35.72 28.94 -15.44
N GLY F 112 34.88 29.57 -16.27
CA GLY F 112 34.96 29.32 -17.71
C GLY F 112 36.31 29.69 -18.29
N LEU F 113 36.94 30.74 -17.77
CA LEU F 113 38.28 31.10 -18.19
C LEU F 113 39.26 29.98 -17.88
N LEU F 114 39.12 29.35 -16.71
CA LEU F 114 39.98 28.21 -16.40
C LEU F 114 39.79 27.08 -17.38
N GLU F 115 38.53 26.79 -17.73
CA GLU F 115 38.24 25.72 -18.69
C GLU F 115 38.93 26.00 -20.02
N GLU F 116 38.73 27.19 -20.57
CA GLU F 116 39.30 27.49 -21.87
C GLU F 116 40.82 27.51 -21.82
N SER F 117 41.42 28.07 -20.76
CA SER F 117 42.88 28.11 -20.64
C SER F 117 43.46 26.71 -20.60
N GLN F 118 42.82 25.80 -19.86
CA GLN F 118 43.21 24.40 -19.91
C GLN F 118 43.17 23.89 -21.34
N ASN F 119 42.16 24.30 -22.11
CA ASN F 119 42.04 23.73 -23.45
C ASN F 119 43.07 24.33 -24.44
N GLN F 120 43.47 25.59 -24.26
CA GLN F 120 44.54 26.09 -25.13
C GLN F 120 45.88 25.48 -24.75
N GLN F 121 46.13 25.29 -23.44
CA GLN F 121 47.27 24.49 -23.04
C GLN F 121 47.21 23.09 -23.65
N GLU F 122 46.00 22.56 -23.83
CA GLU F 122 45.87 21.27 -24.51
C GLU F 122 46.27 21.34 -25.98
N LYS F 123 45.76 22.34 -26.70
CA LYS F 123 46.14 22.46 -28.11
C LYS F 123 47.65 22.64 -28.26
N ASN F 124 48.28 23.28 -27.28
CA ASN F 124 49.73 23.45 -27.34
C ASN F 124 50.47 22.13 -27.15
N GLU F 125 49.97 21.28 -26.24
CA GLU F 125 50.68 20.04 -25.92
C GLU F 125 50.62 19.02 -27.05
N GLN F 126 49.51 18.99 -27.79
CA GLN F 126 49.24 17.90 -28.73
C GLN F 126 50.14 17.94 -29.97
N ASP F 127 50.60 19.12 -30.38
CA ASP F 127 51.26 19.28 -31.67
C ASP F 127 52.65 18.67 -31.67
N LEU F 128 52.79 17.51 -32.32
CA LEU F 128 54.08 16.84 -32.49
C LEU F 128 54.12 16.24 -33.89
N GLN G 1 -13.51 4.30 74.55
CA GLN G 1 -12.62 3.68 73.52
C GLN G 1 -13.44 3.16 72.33
N VAL G 2 -12.77 3.02 71.19
CA VAL G 2 -13.43 2.50 70.00
C VAL G 2 -13.89 1.07 70.26
N GLN G 3 -15.10 0.75 69.81
CA GLN G 3 -15.65 -0.58 70.01
C GLN G 3 -16.78 -0.81 69.03
N LEU G 4 -17.01 -2.08 68.71
CA LEU G 4 -18.13 -2.53 67.90
C LEU G 4 -18.97 -3.50 68.71
N VAL G 5 -20.28 -3.47 68.48
CA VAL G 5 -21.23 -4.31 69.21
C VAL G 5 -21.88 -5.26 68.22
N GLN G 6 -21.98 -6.53 68.60
CA GLN G 6 -22.43 -7.61 67.73
C GLN G 6 -23.78 -8.15 68.23
N SER G 7 -24.53 -8.75 67.31
CA SER G 7 -25.78 -9.40 67.67
C SER G 7 -25.50 -10.55 68.64
N GLY G 8 -26.54 -10.95 69.37
CA GLY G 8 -26.39 -11.93 70.44
C GLY G 8 -26.05 -13.32 69.95
N ALA G 9 -27.01 -13.99 69.31
CA ALA G 9 -26.80 -15.34 68.81
C ALA G 9 -27.93 -15.69 67.86
N GLU G 10 -27.69 -16.70 67.03
CA GLU G 10 -28.63 -17.12 66.00
C GLU G 10 -28.75 -18.63 65.98
N VAL G 11 -29.95 -19.11 65.66
CA VAL G 11 -30.21 -20.54 65.43
C VAL G 11 -31.10 -20.64 64.19
N LYS G 12 -30.70 -21.50 63.25
CA LYS G 12 -31.40 -21.61 61.98
C LYS G 12 -31.38 -23.06 61.52
N LYS G 13 -32.23 -23.36 60.53
CA LYS G 13 -32.28 -24.68 59.91
C LYS G 13 -31.40 -24.70 58.66
N PRO G 14 -30.97 -25.87 58.20
CA PRO G 14 -30.25 -25.91 56.92
C PRO G 14 -31.13 -25.44 55.77
N GLY G 15 -30.51 -24.74 54.83
CA GLY G 15 -31.21 -24.13 53.72
C GLY G 15 -31.85 -22.80 54.02
N ALA G 16 -31.75 -22.30 55.26
CA ALA G 16 -32.35 -21.04 55.64
C ALA G 16 -31.32 -19.91 55.46
N SER G 17 -31.66 -18.72 55.96
CA SER G 17 -30.80 -17.55 55.88
C SER G 17 -30.68 -16.90 57.25
N VAL G 18 -29.58 -16.18 57.46
CA VAL G 18 -29.28 -15.53 58.73
C VAL G 18 -28.72 -14.14 58.46
N LYS G 19 -29.11 -13.18 59.28
CA LYS G 19 -28.59 -11.82 59.26
C LYS G 19 -27.94 -11.52 60.59
N VAL G 20 -26.73 -10.95 60.55
CA VAL G 20 -26.00 -10.55 61.75
C VAL G 20 -25.58 -9.09 61.58
N SER G 21 -25.56 -8.36 62.69
CA SER G 21 -25.38 -6.92 62.71
C SER G 21 -24.04 -6.56 63.34
N CYS G 22 -23.54 -5.38 62.97
CA CYS G 22 -22.27 -4.90 63.49
C CYS G 22 -22.34 -3.37 63.53
N LYS G 23 -22.56 -2.82 64.72
CA LYS G 23 -22.63 -1.38 64.94
C LYS G 23 -21.37 -0.92 65.65
N ALA G 24 -20.81 0.20 65.19
CA ALA G 24 -19.54 0.71 65.65
C ALA G 24 -19.71 2.09 66.29
N SER G 25 -18.81 2.41 67.20
CA SER G 25 -18.84 3.70 67.90
C SER G 25 -17.43 4.03 68.36
N GLY G 26 -17.24 5.31 68.72
CA GLY G 26 -15.97 5.81 69.18
C GLY G 26 -15.09 6.41 68.11
N TYR G 27 -15.42 6.22 66.83
CA TYR G 27 -14.68 6.82 65.73
C TYR G 27 -15.65 7.07 64.58
N THR G 28 -15.23 7.92 63.65
CA THR G 28 -16.04 8.21 62.48
C THR G 28 -16.15 6.92 61.67
N PHE G 29 -17.34 6.32 61.67
CA PHE G 29 -17.51 4.98 61.09
C PHE G 29 -17.23 4.97 59.59
N THR G 30 -17.38 6.11 58.92
CA THR G 30 -17.22 6.17 57.47
C THR G 30 -15.76 6.18 57.03
N ASP G 31 -14.81 6.35 57.96
CA ASP G 31 -13.41 6.51 57.61
C ASP G 31 -12.62 5.21 57.56
N TYR G 32 -13.23 4.06 57.86
CA TYR G 32 -12.51 2.80 57.97
C TYR G 32 -13.27 1.67 57.29
N TYR G 33 -12.51 0.67 56.83
CA TYR G 33 -13.10 -0.53 56.27
C TYR G 33 -13.70 -1.39 57.38
N ILE G 34 -14.54 -2.34 56.97
CA ILE G 34 -15.08 -3.37 57.86
C ILE G 34 -14.77 -4.72 57.25
N HIS G 35 -14.02 -5.54 57.98
CA HIS G 35 -13.66 -6.89 57.58
C HIS G 35 -14.48 -7.90 58.36
N TRP G 36 -15.05 -8.87 57.63
CA TRP G 36 -15.80 -9.97 58.23
C TRP G 36 -14.93 -11.22 58.24
N VAL G 37 -14.89 -11.90 59.38
CA VAL G 37 -14.06 -13.09 59.55
C VAL G 37 -14.83 -14.09 60.42
N ARG G 38 -14.70 -15.37 60.10
CA ARG G 38 -15.45 -16.44 60.72
C ARG G 38 -14.51 -17.37 61.48
N GLN G 39 -15.02 -17.94 62.57
CA GLN G 39 -14.23 -18.78 63.48
C GLN G 39 -15.06 -20.01 63.84
N ALA G 40 -14.74 -21.14 63.21
CA ALA G 40 -15.34 -22.41 63.58
C ALA G 40 -14.80 -22.85 64.95
N PRO G 41 -15.55 -23.66 65.70
CA PRO G 41 -15.13 -23.97 67.08
C PRO G 41 -13.85 -24.79 67.10
N GLY G 42 -12.84 -24.26 67.77
CA GLY G 42 -11.57 -24.96 67.91
C GLY G 42 -10.86 -25.25 66.62
N GLN G 43 -11.08 -24.45 65.57
CA GLN G 43 -10.45 -24.63 64.28
C GLN G 43 -9.91 -23.30 63.77
N GLY G 44 -9.43 -23.28 62.53
CA GLY G 44 -8.76 -22.10 62.03
C GLY G 44 -9.72 -20.97 61.72
N LEU G 45 -9.16 -19.76 61.59
CA LEU G 45 -9.94 -18.60 61.19
C LEU G 45 -10.19 -18.64 59.69
N GLU G 46 -11.35 -18.11 59.28
CA GLU G 46 -11.72 -18.01 57.87
C GLU G 46 -12.13 -16.57 57.58
N TRP G 47 -11.33 -15.87 56.78
CA TRP G 47 -11.71 -14.53 56.35
C TRP G 47 -12.81 -14.64 55.30
N MET G 48 -13.75 -13.68 55.34
CA MET G 48 -14.97 -13.75 54.55
C MET G 48 -15.10 -12.63 53.53
N ALA G 49 -14.99 -11.36 53.94
CA ALA G 49 -15.26 -10.26 53.00
C ALA G 49 -14.82 -8.94 53.60
N TRP G 50 -14.90 -7.89 52.79
CA TRP G 50 -14.69 -6.51 53.23
C TRP G 50 -15.68 -5.60 52.54
N ILE G 51 -15.88 -4.41 53.10
CA ILE G 51 -16.80 -3.42 52.55
C ILE G 51 -16.27 -2.01 52.82
N ASN G 52 -16.45 -1.13 51.83
CA ASN G 52 -16.23 0.30 51.99
C ASN G 52 -17.53 0.96 52.44
N PRO G 53 -17.57 1.66 53.58
CA PRO G 53 -18.82 2.32 53.96
C PRO G 53 -19.31 3.37 52.96
N THR G 54 -18.40 4.14 52.34
CA THR G 54 -18.80 5.24 51.48
C THR G 54 -19.47 4.78 50.19
N THR G 55 -19.26 3.54 49.77
CA THR G 55 -19.76 3.04 48.50
C THR G 55 -20.28 1.63 48.70
N GLY G 56 -20.73 1.03 47.60
CA GLY G 56 -21.00 -0.39 47.59
C GLY G 56 -19.72 -1.15 47.31
N ARG G 57 -19.75 -2.06 46.35
CA ARG G 57 -18.57 -2.79 45.88
C ARG G 57 -17.93 -3.57 47.04
N THR G 58 -18.71 -4.51 47.56
CA THR G 58 -18.15 -5.52 48.45
C THR G 58 -17.39 -6.56 47.63
N ASN G 59 -16.54 -7.31 48.30
CA ASN G 59 -15.86 -8.45 47.70
C ASN G 59 -15.60 -9.48 48.78
N SER G 60 -15.51 -10.74 48.36
CA SER G 60 -15.47 -11.84 49.30
C SER G 60 -14.72 -13.02 48.67
N ALA G 61 -14.31 -13.95 49.52
CA ALA G 61 -13.63 -15.14 49.05
C ALA G 61 -14.58 -15.98 48.20
N ARG G 62 -13.99 -16.82 47.34
CA ARG G 62 -14.78 -17.58 46.38
C ARG G 62 -15.70 -18.60 47.05
N LYS G 63 -15.45 -18.95 48.30
CA LYS G 63 -16.34 -19.87 49.00
C LYS G 63 -17.76 -19.32 49.12
N PHE G 64 -17.90 -18.00 49.13
CA PHE G 64 -19.17 -17.34 49.45
C PHE G 64 -19.64 -16.39 48.36
N GLN G 65 -18.99 -16.39 47.19
CA GLN G 65 -19.42 -15.52 46.10
C GLN G 65 -20.76 -16.01 45.55
N GLY G 66 -21.62 -15.06 45.18
CA GLY G 66 -22.95 -15.40 44.73
C GLY G 66 -23.85 -15.97 45.78
N ARG G 67 -23.44 -15.94 47.05
CA ARG G 67 -24.19 -16.52 48.16
C ARG G 67 -24.29 -15.62 49.38
N VAL G 68 -23.43 -14.60 49.50
CA VAL G 68 -23.44 -13.66 50.61
C VAL G 68 -23.72 -12.27 50.06
N THR G 69 -24.60 -11.53 50.74
CA THR G 69 -24.91 -10.15 50.41
C THR G 69 -24.44 -9.26 51.55
N MET G 70 -23.87 -8.11 51.20
CA MET G 70 -23.20 -7.23 52.16
C MET G 70 -23.67 -5.80 51.97
N THR G 71 -23.97 -5.13 53.08
CA THR G 71 -24.38 -3.73 53.07
C THR G 71 -23.95 -3.07 54.36
N ARG G 72 -23.89 -1.73 54.34
CA ARG G 72 -23.81 -0.94 55.56
C ARG G 72 -24.85 0.16 55.50
N ASP G 73 -25.50 0.41 56.64
CA ASP G 73 -26.50 1.46 56.78
C ASP G 73 -25.84 2.66 57.44
N THR G 74 -25.68 3.74 56.67
CA THR G 74 -24.98 4.93 57.16
C THR G 74 -25.75 5.68 58.25
N SER G 75 -27.05 5.43 58.40
CA SER G 75 -27.84 6.20 59.35
C SER G 75 -27.41 5.92 60.79
N ILE G 76 -27.17 4.65 61.14
CA ILE G 76 -26.92 4.26 62.53
C ILE G 76 -25.56 3.55 62.67
N SER G 77 -24.66 3.77 61.72
CA SER G 77 -23.28 3.29 61.84
C SER G 77 -23.22 1.76 61.94
N THR G 78 -24.16 1.08 61.31
CA THR G 78 -24.32 -0.36 61.46
C THR G 78 -24.06 -1.06 60.13
N ALA G 79 -23.14 -2.02 60.14
CA ALA G 79 -22.89 -2.90 59.01
C ALA G 79 -23.66 -4.19 59.18
N TYR G 80 -24.21 -4.69 58.08
CA TYR G 80 -25.03 -5.90 58.08
C TYR G 80 -24.45 -6.92 57.12
N MET G 81 -24.46 -8.18 57.55
CA MET G 81 -24.07 -9.32 56.73
C MET G 81 -25.31 -10.17 56.48
N GLU G 82 -25.39 -10.77 55.29
CA GLU G 82 -26.48 -11.67 54.92
C GLU G 82 -25.88 -12.93 54.31
N LEU G 83 -26.17 -14.07 54.94
CA LEU G 83 -25.84 -15.38 54.40
C LEU G 83 -27.16 -16.07 54.09
N ARG G 84 -27.33 -16.48 52.83
CA ARG G 84 -28.66 -16.74 52.28
C ARG G 84 -29.00 -18.21 52.10
N ARG G 85 -28.00 -19.10 51.99
CA ARG G 85 -28.24 -20.54 51.83
C ARG G 85 -27.31 -21.27 52.80
N LEU G 86 -27.83 -21.55 53.99
CA LEU G 86 -27.02 -22.13 55.05
C LEU G 86 -26.79 -23.61 54.81
N ARG G 87 -25.66 -24.10 55.31
CA ARG G 87 -25.36 -25.51 55.42
C ARG G 87 -24.97 -25.80 56.85
N SER G 88 -24.87 -27.09 57.19
CA SER G 88 -24.47 -27.46 58.55
C SER G 88 -23.03 -27.03 58.85
N ASP G 89 -22.18 -26.91 57.82
CA ASP G 89 -20.79 -26.57 58.08
C ASP G 89 -20.63 -25.15 58.60
N ASP G 90 -21.57 -24.27 58.27
CA ASP G 90 -21.46 -22.85 58.58
C ASP G 90 -21.65 -22.53 60.06
N THR G 91 -21.91 -23.53 60.90
CA THR G 91 -21.99 -23.31 62.35
C THR G 91 -20.64 -22.81 62.86
N ALA G 92 -20.60 -21.55 63.32
CA ALA G 92 -19.34 -20.93 63.70
C ALA G 92 -19.63 -19.59 64.35
N VAL G 93 -18.56 -18.93 64.81
CA VAL G 93 -18.63 -17.56 65.30
C VAL G 93 -18.38 -16.60 64.15
N TYR G 94 -19.05 -15.47 64.15
CA TYR G 94 -18.94 -14.47 63.10
C TYR G 94 -18.52 -13.13 63.71
N TYR G 95 -17.36 -12.64 63.28
CA TYR G 95 -16.79 -11.38 63.77
C TYR G 95 -16.82 -10.33 62.68
N CYS G 96 -16.87 -9.07 63.11
CA CYS G 96 -16.63 -7.91 62.27
C CYS G 96 -15.51 -7.09 62.89
N ALA G 97 -14.66 -6.49 62.04
CA ALA G 97 -13.50 -5.77 62.52
C ALA G 97 -13.20 -4.58 61.62
N ARG G 98 -12.58 -3.57 62.23
CA ARG G 98 -12.26 -2.31 61.57
C ARG G 98 -10.92 -2.43 60.85
N GLY G 99 -10.91 -2.15 59.55
CA GLY G 99 -9.72 -2.29 58.72
C GLY G 99 -8.87 -1.03 58.66
N GLY G 100 -8.05 -0.96 57.62
CA GLY G 100 -7.18 0.20 57.44
C GLY G 100 -7.97 1.43 57.02
N TRP G 101 -7.30 2.58 57.05
CA TRP G 101 -7.97 3.84 56.77
C TRP G 101 -8.37 3.87 55.30
N ILE G 102 -9.50 4.53 55.00
CA ILE G 102 -10.03 4.57 53.65
C ILE G 102 -9.35 5.70 52.86
N GLY G 103 -8.24 5.35 52.20
CA GLY G 103 -7.51 6.36 51.45
C GLY G 103 -8.17 6.65 50.11
N LEU G 104 -8.04 7.91 49.68
CA LEU G 104 -8.58 8.33 48.39
C LEU G 104 -7.52 8.29 47.28
N TYR G 105 -6.28 7.88 47.60
CA TYR G 105 -5.20 7.81 46.62
C TYR G 105 -4.37 6.54 46.72
N VAL G 106 -4.55 5.72 47.75
CA VAL G 106 -3.79 4.49 47.93
C VAL G 106 -4.75 3.38 48.32
N ASP G 107 -4.59 2.22 47.70
CA ASP G 107 -5.50 1.08 47.88
C ASP G 107 -5.09 0.31 49.14
N TYR G 108 -5.78 0.61 50.24
CA TYR G 108 -5.55 -0.03 51.53
C TYR G 108 -6.54 -1.16 51.82
N SER G 109 -7.36 -1.56 50.85
CA SER G 109 -8.45 -2.49 51.13
C SER G 109 -7.93 -3.85 51.61
N GLY G 110 -6.95 -4.40 50.92
CA GLY G 110 -6.47 -5.73 51.24
C GLY G 110 -5.55 -5.82 52.43
N TYR G 111 -5.23 -4.71 53.06
CA TYR G 111 -4.23 -4.71 54.13
C TYR G 111 -4.76 -5.42 55.37
N PRO G 112 -4.07 -6.44 55.92
CA PRO G 112 -4.46 -6.94 57.25
C PRO G 112 -3.84 -6.13 58.39
N ASN G 113 -4.44 -4.97 58.67
CA ASN G 113 -4.07 -4.13 59.80
C ASN G 113 -5.21 -3.99 60.81
N PHE G 114 -6.25 -4.81 60.71
CA PHE G 114 -7.44 -4.57 61.50
C PHE G 114 -7.20 -4.90 62.98
N ASP G 115 -7.62 -3.96 63.85
CA ASP G 115 -7.17 -3.91 65.24
C ASP G 115 -8.32 -3.57 66.19
N SER G 116 -9.54 -4.00 65.87
CA SER G 116 -10.68 -3.78 66.75
C SER G 116 -11.79 -4.70 66.29
N TRP G 117 -12.33 -5.50 67.23
CA TRP G 117 -13.26 -6.58 66.91
C TRP G 117 -14.56 -6.37 67.64
N GLY G 118 -15.59 -7.07 67.18
CA GLY G 118 -16.83 -7.19 67.93
C GLY G 118 -16.75 -8.34 68.93
N GLN G 119 -17.89 -8.63 69.55
CA GLN G 119 -17.95 -9.72 70.51
C GLN G 119 -18.00 -11.08 69.83
N GLY G 120 -18.56 -11.16 68.62
CA GLY G 120 -18.73 -12.42 67.93
C GLY G 120 -20.05 -13.07 68.27
N THR G 121 -20.81 -13.43 67.24
CA THR G 121 -22.13 -14.05 67.39
C THR G 121 -22.06 -15.51 66.97
N LEU G 122 -22.65 -16.38 67.79
CA LEU G 122 -22.70 -17.80 67.49
C LEU G 122 -23.91 -18.09 66.60
N VAL G 123 -23.65 -18.63 65.41
CA VAL G 123 -24.68 -19.10 64.50
C VAL G 123 -24.64 -20.62 64.53
N THR G 124 -25.80 -21.23 64.82
CA THR G 124 -25.93 -22.68 64.93
C THR G 124 -26.94 -23.16 63.90
N VAL G 125 -26.48 -24.02 62.98
CA VAL G 125 -27.32 -24.61 61.96
C VAL G 125 -27.68 -26.02 62.41
N SER G 126 -28.96 -26.24 62.67
CA SER G 126 -29.44 -27.52 63.20
C SER G 126 -30.77 -27.91 62.57
N GLN H 1 -7.11 -25.43 50.19
CA GLN H 1 -7.56 -24.05 50.51
C GLN H 1 -6.36 -23.13 50.84
N SER H 2 -6.28 -22.58 52.06
CA SER H 2 -5.16 -21.72 52.43
C SER H 2 -3.82 -22.40 52.24
N ALA H 3 -2.89 -21.68 51.62
CA ALA H 3 -1.51 -22.14 51.47
C ALA H 3 -0.65 -21.82 52.68
N LEU H 4 -1.17 -21.08 53.66
CA LEU H 4 -0.38 -20.65 54.81
C LEU H 4 -0.30 -21.78 55.83
N THR H 5 0.58 -22.74 55.52
CA THR H 5 0.82 -23.85 56.43
C THR H 5 1.46 -23.35 57.72
N GLN H 6 1.17 -24.04 58.82
CA GLN H 6 1.63 -23.62 60.14
C GLN H 6 1.80 -24.85 61.01
N PRO H 7 2.73 -24.85 61.97
CA PRO H 7 2.82 -25.98 62.89
C PRO H 7 1.60 -26.08 63.79
N ALA H 8 1.47 -27.22 64.47
CA ALA H 8 0.29 -27.46 65.29
C ALA H 8 0.41 -26.80 66.65
N SER H 9 1.53 -27.00 67.35
CA SER H 9 1.66 -26.48 68.71
C SER H 9 3.12 -26.52 69.13
N VAL H 10 3.42 -25.79 70.20
CA VAL H 10 4.73 -25.79 70.84
C VAL H 10 4.52 -25.77 72.35
N SER H 11 5.63 -25.78 73.09
CA SER H 11 5.57 -25.72 74.54
C SER H 11 6.87 -25.13 75.07
N GLY H 12 6.84 -24.66 76.32
CA GLY H 12 8.03 -24.06 76.90
C GLY H 12 7.86 -23.84 78.39
N SER H 13 8.87 -23.20 78.97
CA SER H 13 8.96 -22.95 80.40
C SER H 13 9.55 -21.55 80.61
N PRO H 14 9.53 -20.99 81.83
CA PRO H 14 9.96 -19.60 82.02
C PRO H 14 11.41 -19.37 81.58
N GLY H 15 11.64 -18.19 80.99
CA GLY H 15 12.97 -17.79 80.57
C GLY H 15 13.39 -18.29 79.19
N GLN H 16 12.58 -19.12 78.54
CA GLN H 16 12.95 -19.67 77.25
C GLN H 16 12.56 -18.72 76.12
N SER H 17 13.01 -19.06 74.91
CA SER H 17 12.69 -18.32 73.70
C SER H 17 12.16 -19.29 72.66
N ILE H 18 11.05 -18.92 72.01
CA ILE H 18 10.35 -19.76 71.06
C ILE H 18 10.06 -18.94 69.82
N THR H 19 10.15 -19.59 68.65
CA THR H 19 9.89 -18.95 67.37
C THR H 19 8.84 -19.75 66.61
N ILE H 20 7.68 -19.13 66.38
CA ILE H 20 6.62 -19.69 65.55
C ILE H 20 6.87 -19.26 64.11
N SER H 21 6.41 -20.07 63.16
CA SER H 21 6.58 -19.73 61.75
C SER H 21 5.41 -20.28 60.94
N CYS H 22 5.19 -19.65 59.78
CA CYS H 22 4.20 -20.09 58.81
C CYS H 22 4.79 -19.92 57.42
N THR H 23 4.55 -20.91 56.56
CA THR H 23 5.07 -20.92 55.19
C THR H 23 3.90 -20.73 54.23
N GLY H 24 4.01 -19.73 53.36
CA GLY H 24 3.00 -19.46 52.37
C GLY H 24 3.38 -19.92 50.98
N THR H 25 3.40 -18.99 50.03
CA THR H 25 3.71 -19.28 48.64
C THR H 25 4.28 -18.02 48.00
N SER H 26 4.95 -18.20 46.86
CA SER H 26 5.48 -17.05 46.13
C SER H 26 4.37 -16.09 45.70
N TYR H 27 3.14 -16.57 45.54
CA TYR H 27 2.05 -15.70 45.14
C TYR H 27 1.70 -14.66 46.19
N ASP H 28 1.70 -15.03 47.48
CA ASP H 28 1.17 -14.17 48.53
C ASP H 28 2.23 -13.66 49.50
N VAL H 29 2.97 -14.58 50.15
CA VAL H 29 3.92 -14.16 51.17
C VAL H 29 5.24 -13.74 50.52
N GLY H 30 5.62 -14.39 49.44
CA GLY H 30 6.84 -14.08 48.72
C GLY H 30 6.69 -12.98 47.69
N SER H 31 5.60 -12.21 47.72
CA SER H 31 5.35 -11.16 46.75
C SER H 31 4.88 -9.84 47.36
N TYR H 32 4.39 -9.82 48.60
CA TYR H 32 3.81 -8.64 49.21
C TYR H 32 4.38 -8.41 50.60
N ASN H 33 4.21 -7.18 51.08
CA ASN H 33 4.84 -6.70 52.31
C ASN H 33 3.80 -6.60 53.43
N LEU H 34 2.85 -7.53 53.47
CA LEU H 34 1.62 -7.39 54.25
C LEU H 34 1.29 -8.66 55.01
N VAL H 35 2.27 -9.21 55.75
CA VAL H 35 2.02 -10.32 56.66
C VAL H 35 1.78 -9.74 58.06
N SER H 36 0.98 -10.44 58.85
CA SER H 36 0.64 -10.01 60.19
C SER H 36 0.29 -11.22 61.04
N TRP H 37 0.31 -11.03 62.36
CA TRP H 37 0.12 -12.11 63.33
C TRP H 37 -0.95 -11.72 64.34
N TYR H 38 -1.73 -12.72 64.75
CA TYR H 38 -2.81 -12.54 65.71
C TYR H 38 -2.77 -13.65 66.75
N GLN H 39 -3.36 -13.39 67.91
CA GLN H 39 -3.49 -14.36 68.98
C GLN H 39 -4.91 -14.34 69.51
N GLN H 40 -5.35 -15.47 70.06
CA GLN H 40 -6.61 -15.55 70.77
C GLN H 40 -6.50 -16.62 71.84
N HIS H 41 -7.27 -16.43 72.91
CA HIS H 41 -7.44 -17.44 73.94
C HIS H 41 -8.93 -17.51 74.28
N PRO H 42 -9.39 -18.60 74.89
CA PRO H 42 -10.83 -18.83 75.02
C PRO H 42 -11.55 -17.72 75.76
N GLY H 43 -12.76 -17.40 75.28
CA GLY H 43 -13.59 -16.37 75.86
C GLY H 43 -13.29 -14.95 75.41
N LYS H 44 -12.40 -14.78 74.43
CA LYS H 44 -11.99 -13.46 73.96
C LYS H 44 -11.88 -13.45 72.44
N ALA H 45 -12.13 -12.28 71.86
CA ALA H 45 -11.85 -12.09 70.45
C ALA H 45 -10.34 -11.99 70.26
N PRO H 46 -9.83 -12.29 69.05
CA PRO H 46 -8.38 -12.25 68.86
C PRO H 46 -7.80 -10.86 69.01
N LYS H 47 -6.47 -10.80 68.99
CA LYS H 47 -5.71 -9.59 69.32
C LYS H 47 -4.55 -9.45 68.35
N LEU H 48 -4.19 -8.21 68.04
CA LEU H 48 -3.07 -7.93 67.14
C LEU H 48 -1.83 -7.52 67.95
N MET H 49 -0.66 -8.01 67.51
CA MET H 49 0.61 -7.61 68.10
C MET H 49 1.72 -7.33 67.09
N ILE H 50 1.70 -7.92 65.90
CA ILE H 50 2.60 -7.59 64.80
C ILE H 50 1.77 -7.33 63.56
N TYR H 51 2.05 -6.20 62.89
CA TYR H 51 1.43 -5.89 61.61
C TYR H 51 2.48 -5.27 60.71
N GLU H 52 2.25 -5.39 59.40
CA GLU H 52 3.20 -4.92 58.38
C GLU H 52 4.59 -5.53 58.65
N VAL H 53 4.61 -6.86 58.76
CA VAL H 53 5.79 -7.69 58.93
C VAL H 53 6.33 -7.60 60.35
N SER H 54 6.68 -6.38 60.83
CA SER H 54 7.43 -6.27 62.07
C SER H 54 7.00 -5.14 63.01
N LYS H 55 6.04 -4.29 62.65
CA LYS H 55 5.70 -3.16 63.51
C LYS H 55 4.67 -3.56 64.56
N TRP H 56 4.62 -2.77 65.66
CA TRP H 56 3.83 -3.09 66.84
C TRP H 56 2.60 -2.18 66.95
N PRO H 57 1.44 -2.68 67.45
CA PRO H 57 0.31 -1.79 67.72
C PRO H 57 0.42 -1.12 69.08
N SER H 58 -0.64 -0.42 69.51
CA SER H 58 -0.63 0.27 70.78
C SER H 58 -0.32 -0.66 71.94
N GLY H 59 0.69 -0.30 72.73
CA GLY H 59 0.88 -0.89 74.05
C GLY H 59 1.47 -2.29 74.08
N VAL H 60 0.83 -3.24 73.40
CA VAL H 60 1.04 -4.65 73.71
C VAL H 60 2.39 -5.12 73.18
N SER H 61 3.21 -5.63 74.09
CA SER H 61 4.27 -6.59 73.77
C SER H 61 5.32 -6.10 72.77
N ASN H 62 6.16 -5.16 73.19
CA ASN H 62 7.44 -4.98 72.52
C ASN H 62 8.32 -6.23 72.62
N ARG H 63 8.02 -7.13 73.55
CA ARG H 63 8.71 -8.42 73.64
C ARG H 63 8.65 -9.17 72.32
N PHE H 64 7.46 -9.28 71.72
CA PHE H 64 7.32 -10.01 70.47
C PHE H 64 7.99 -9.27 69.32
N SER H 65 8.49 -10.04 68.35
CA SER H 65 9.02 -9.50 67.12
C SER H 65 8.95 -10.58 66.05
N GLY H 66 8.98 -10.17 64.79
CA GLY H 66 8.84 -11.11 63.70
C GLY H 66 9.40 -10.56 62.40
N SER H 67 9.64 -11.47 61.47
CA SER H 67 10.14 -11.13 60.15
C SER H 67 9.83 -12.29 59.22
N LYS H 68 10.12 -12.08 57.93
CA LYS H 68 9.84 -13.08 56.91
C LYS H 68 10.96 -13.11 55.88
N SER H 69 11.16 -14.29 55.29
CA SER H 69 12.12 -14.50 54.22
C SER H 69 11.61 -15.63 53.34
N GLY H 70 11.83 -15.49 52.04
CA GLY H 70 11.29 -16.45 51.10
C GLY H 70 9.78 -16.47 51.18
N ASN H 71 9.21 -17.66 51.33
CA ASN H 71 7.78 -17.85 51.52
C ASN H 71 7.40 -18.06 52.98
N THR H 72 8.31 -17.78 53.92
CA THR H 72 8.12 -18.10 55.33
C THR H 72 8.15 -16.82 56.16
N ALA H 73 7.17 -16.67 57.05
CA ALA H 73 7.11 -15.61 58.04
C ALA H 73 7.22 -16.22 59.43
N SER H 74 7.75 -15.43 60.37
CA SER H 74 8.07 -15.95 61.69
C SER H 74 7.74 -14.93 62.77
N LEU H 75 7.37 -15.44 63.94
CA LEU H 75 7.11 -14.66 65.14
C LEU H 75 8.00 -15.20 66.23
N THR H 76 8.72 -14.32 66.93
CA THR H 76 9.72 -14.69 67.92
C THR H 76 9.29 -14.23 69.30
N ILE H 77 9.51 -15.09 70.30
CA ILE H 77 9.18 -14.80 71.69
C ILE H 77 10.43 -15.07 72.53
N SER H 78 10.61 -14.28 73.59
CA SER H 78 11.71 -14.47 74.53
C SER H 78 11.27 -13.97 75.89
N GLY H 79 11.70 -14.69 76.92
CA GLY H 79 11.20 -14.47 78.27
C GLY H 79 10.04 -15.41 78.54
N LEU H 80 9.04 -15.40 77.67
CA LEU H 80 8.01 -16.43 77.64
C LEU H 80 7.22 -16.52 78.95
N GLN H 81 6.44 -15.48 79.26
CA GLN H 81 5.68 -15.40 80.49
C GLN H 81 4.36 -16.16 80.33
N ALA H 82 3.62 -16.25 81.44
CA ALA H 82 2.40 -17.05 81.46
C ALA H 82 1.29 -16.42 80.61
N GLU H 83 1.30 -15.09 80.46
CA GLU H 83 0.26 -14.44 79.67
C GLU H 83 0.35 -14.78 78.19
N ASP H 84 1.47 -15.33 77.74
CA ASP H 84 1.65 -15.67 76.33
C ASP H 84 0.88 -16.91 75.91
N GLU H 85 0.25 -17.63 76.85
CA GLU H 85 -0.55 -18.81 76.50
C GLU H 85 -1.74 -18.37 75.66
N ALA H 86 -1.71 -18.68 74.37
CA ALA H 86 -2.77 -18.29 73.46
C ALA H 86 -2.59 -19.06 72.16
N ASP H 87 -3.60 -18.95 71.30
CA ASP H 87 -3.58 -19.57 69.98
C ASP H 87 -3.18 -18.53 68.95
N TYR H 88 -1.96 -18.67 68.42
CA TYR H 88 -1.37 -17.68 67.52
C TYR H 88 -1.67 -18.07 66.08
N TYR H 89 -1.99 -17.07 65.25
CA TYR H 89 -2.45 -17.29 63.89
C TYR H 89 -1.61 -16.50 62.89
N CYS H 90 -1.31 -17.14 61.76
CA CYS H 90 -0.60 -16.47 60.68
C CYS H 90 -1.60 -15.83 59.72
N CYS H 91 -1.27 -14.64 59.24
CA CYS H 91 -2.14 -13.88 58.35
C CYS H 91 -1.30 -13.15 57.30
N SER H 92 -1.84 -13.02 56.10
CA SER H 92 -1.13 -12.37 55.01
C SER H 92 -2.10 -11.99 53.90
N TYR H 93 -1.79 -10.87 53.24
CA TYR H 93 -2.54 -10.49 52.05
C TYR H 93 -2.24 -11.48 50.93
N ALA H 94 -3.30 -12.00 50.32
CA ALA H 94 -3.18 -13.13 49.40
C ALA H 94 -3.10 -12.70 47.94
N GLY H 95 -2.89 -11.41 47.68
CA GLY H 95 -3.02 -10.92 46.32
C GLY H 95 -4.48 -10.86 45.94
N SER H 96 -4.74 -10.36 44.73
CA SER H 96 -6.11 -10.13 44.29
C SER H 96 -6.79 -9.20 45.29
N SER H 97 -8.04 -9.49 45.68
CA SER H 97 -8.76 -8.70 46.66
C SER H 97 -8.88 -9.38 48.02
N THR H 98 -8.06 -10.38 48.32
CA THR H 98 -8.29 -11.29 49.43
C THR H 98 -7.11 -11.31 50.40
N VAL H 99 -7.44 -11.26 51.69
CA VAL H 99 -6.53 -11.69 52.74
C VAL H 99 -6.79 -13.16 53.05
N ILE H 100 -5.78 -13.84 53.59
CA ILE H 100 -5.91 -15.27 53.88
C ILE H 100 -5.13 -15.59 55.16
N PHE H 101 -5.67 -16.52 55.94
CA PHE H 101 -5.13 -16.90 57.24
C PHE H 101 -4.41 -18.24 57.15
N GLY H 102 -3.62 -18.54 58.19
CA GLY H 102 -3.01 -19.83 58.34
C GLY H 102 -3.82 -20.76 59.23
N GLY H 103 -3.23 -21.91 59.54
CA GLY H 103 -3.92 -22.91 60.34
C GLY H 103 -3.98 -22.61 61.82
N GLY H 104 -3.09 -21.77 62.33
CA GLY H 104 -3.04 -21.46 63.74
C GLY H 104 -2.21 -22.46 64.53
N THR H 105 -1.84 -22.04 65.74
CA THR H 105 -1.02 -22.88 66.60
C THR H 105 -1.16 -22.40 68.04
N LYS H 106 -1.00 -23.34 68.98
CA LYS H 106 -1.09 -23.06 70.41
C LYS H 106 0.31 -22.96 71.02
N LEU H 107 0.51 -21.96 71.87
CA LEU H 107 1.74 -21.81 72.65
C LEU H 107 1.43 -22.33 74.05
N THR H 108 1.97 -23.50 74.39
CA THR H 108 1.65 -24.17 75.65
C THR H 108 2.60 -23.66 76.72
N VAL H 109 2.10 -22.78 77.59
CA VAL H 109 2.86 -22.24 78.71
C VAL H 109 1.89 -22.04 79.87
N LEU H 110 2.40 -21.93 81.10
CA LEU H 110 3.82 -21.89 81.52
C LEU H 110 4.04 -22.85 82.68
N GLU I 2 69.39 -2.09 1.02
CA GLU I 2 69.23 -2.74 2.35
C GLU I 2 67.91 -2.32 3.00
N LEU I 4 64.29 -0.41 3.65
CA LEU I 4 63.08 -0.45 2.85
C LEU I 4 62.09 0.60 3.31
N TRP I 5 61.29 1.05 2.36
CA TRP I 5 60.18 1.97 2.56
C TRP I 5 59.00 1.27 1.87
N VAL I 6 57.78 1.85 1.90
CA VAL I 6 56.56 1.11 1.57
C VAL I 6 56.03 1.49 0.18
N THR I 7 55.14 0.65 -0.37
CA THR I 7 54.37 0.93 -1.58
C THR I 7 52.92 0.51 -1.41
N VAL I 8 52.08 0.82 -2.42
CA VAL I 8 50.68 0.42 -2.45
C VAL I 8 50.36 -0.15 -3.82
N TYR I 9 49.62 -1.26 -3.84
CA TYR I 9 49.16 -1.91 -5.06
C TYR I 9 47.69 -1.60 -5.29
N TYR I 10 47.27 -1.60 -6.55
CA TYR I 10 45.86 -1.65 -6.92
C TYR I 10 45.64 -2.87 -7.80
N GLY I 11 44.53 -3.57 -7.57
CA GLY I 11 44.21 -4.79 -8.28
C GLY I 11 44.62 -6.06 -7.57
N VAL I 12 44.82 -6.02 -6.26
CA VAL I 12 45.25 -7.22 -5.53
C VAL I 12 44.08 -8.20 -5.42
N PRO I 13 44.30 -9.52 -5.62
CA PRO I 13 43.26 -10.48 -5.24
C PRO I 13 43.27 -10.82 -3.75
N VAL I 14 42.30 -10.30 -3.00
CA VAL I 14 42.13 -10.61 -1.59
C VAL I 14 40.63 -10.77 -1.33
N TRP I 15 40.29 -11.68 -0.41
CA TRP I 15 38.91 -12.04 -0.12
C TRP I 15 38.62 -11.84 1.36
N LYS I 16 37.33 -11.71 1.67
CA LYS I 16 36.87 -11.62 3.05
C LYS I 16 35.38 -11.93 3.10
N GLU I 17 34.97 -12.62 4.16
CA GLU I 17 33.55 -12.91 4.36
C GLU I 17 32.76 -11.62 4.53
N ALA I 18 31.53 -11.61 4.02
CA ALA I 18 30.70 -10.41 4.11
C ALA I 18 29.24 -10.75 3.92
N LYS I 19 28.38 -9.85 4.39
CA LYS I 19 26.95 -9.89 4.11
C LYS I 19 26.63 -8.91 2.98
N THR I 20 25.65 -9.25 2.16
CA THR I 20 25.31 -8.40 1.03
C THR I 20 23.96 -8.79 0.47
N THR I 21 23.36 -7.85 -0.27
CA THR I 21 22.18 -8.14 -1.06
C THR I 21 22.59 -8.83 -2.36
N LEU I 22 21.59 -9.34 -3.09
CA LEU I 22 21.85 -10.13 -4.29
C LEU I 22 20.81 -9.84 -5.36
N PHE I 23 21.24 -9.99 -6.61
CA PHE I 23 20.37 -9.85 -7.77
C PHE I 23 19.39 -11.04 -7.83
N CYS I 24 18.56 -11.05 -8.85
CA CYS I 24 18.00 -12.28 -9.39
C CYS I 24 18.13 -12.22 -10.90
N ALA I 25 18.55 -13.35 -11.49
CA ALA I 25 18.72 -13.45 -12.94
C ALA I 25 18.12 -14.77 -13.42
N SER I 26 17.64 -14.77 -14.66
CA SER I 26 16.97 -15.92 -15.23
C SER I 26 17.33 -16.04 -16.70
N ASP I 27 16.82 -17.10 -17.32
CA ASP I 27 17.01 -17.27 -18.75
C ASP I 27 16.28 -16.17 -19.51
N ALA I 28 16.71 -15.94 -20.76
CA ALA I 28 16.40 -14.69 -21.43
C ALA I 28 14.95 -14.58 -21.88
N ARG I 29 14.29 -15.71 -22.15
CA ARG I 29 13.03 -15.67 -22.90
C ARG I 29 11.80 -15.70 -21.97
N ALA I 30 11.88 -15.01 -20.83
CA ALA I 30 10.82 -15.03 -19.83
C ALA I 30 9.83 -13.88 -19.94
N TYR I 31 9.98 -12.98 -20.92
CA TYR I 31 9.28 -11.70 -20.92
C TYR I 31 8.13 -11.63 -21.93
N GLU I 32 7.62 -12.78 -22.39
CA GLU I 32 6.63 -12.74 -23.47
C GLU I 32 5.20 -12.53 -22.98
N LYS I 33 4.89 -12.91 -21.74
CA LYS I 33 3.51 -12.90 -21.25
C LYS I 33 3.23 -11.59 -20.52
N GLU I 34 2.09 -11.53 -19.84
CA GLU I 34 1.68 -10.33 -19.10
C GLU I 34 2.54 -10.16 -17.84
N VAL I 35 2.21 -9.13 -17.06
CA VAL I 35 2.96 -8.84 -15.86
C VAL I 35 2.75 -9.94 -14.81
N HIS I 36 3.81 -10.23 -14.06
CA HIS I 36 3.77 -11.17 -12.93
C HIS I 36 3.24 -12.54 -13.36
N ASN I 37 3.60 -12.97 -14.56
CA ASN I 37 3.36 -14.32 -15.05
C ASN I 37 4.72 -14.88 -15.47
N VAL I 38 5.50 -15.38 -14.51
CA VAL I 38 5.37 -15.55 -13.05
C VAL I 38 6.47 -14.61 -12.52
N TRP I 39 6.73 -14.58 -11.21
CA TRP I 39 7.62 -13.60 -10.56
C TRP I 39 8.93 -13.36 -11.33
N ALA I 40 9.43 -14.37 -12.05
CA ALA I 40 10.68 -14.21 -12.76
C ALA I 40 10.60 -13.16 -13.87
N THR I 41 9.45 -13.01 -14.52
CA THR I 41 9.34 -12.08 -15.64
C THR I 41 9.45 -10.62 -15.17
N HIS I 42 9.08 -10.34 -13.93
CA HIS I 42 9.01 -8.97 -13.46
C HIS I 42 10.39 -8.42 -13.10
N ALA I 43 11.13 -9.13 -12.26
CA ALA I 43 12.31 -8.57 -11.62
C ALA I 43 13.59 -8.87 -12.40
N CYS I 44 13.80 -10.13 -12.74
CA CYS I 44 15.16 -10.60 -13.03
C CYS I 44 15.70 -10.04 -14.32
N VAL I 45 17.02 -9.84 -14.33
CA VAL I 45 17.78 -9.38 -15.49
C VAL I 45 18.09 -10.60 -16.35
N PRO I 46 18.17 -10.47 -17.68
CA PRO I 46 18.59 -11.63 -18.48
C PRO I 46 20.01 -12.06 -18.15
N THR I 47 20.24 -13.38 -18.16
CA THR I 47 21.56 -13.91 -17.88
C THR I 47 22.46 -13.78 -19.11
N ASP I 48 23.76 -13.87 -18.88
CA ASP I 48 24.77 -13.74 -19.91
C ASP I 48 25.81 -14.85 -19.72
N PRO I 49 26.08 -15.71 -20.71
CA PRO I 49 27.11 -16.75 -20.52
C PRO I 49 28.50 -16.21 -20.24
N SER I 50 28.81 -14.98 -20.67
CA SER I 50 30.15 -14.43 -20.53
C SER I 50 30.31 -13.74 -19.18
N PRO I 51 31.29 -14.10 -18.32
CA PRO I 51 32.27 -15.18 -18.42
C PRO I 51 31.72 -16.52 -17.94
N GLN I 52 32.20 -17.63 -18.47
CA GLN I 52 31.86 -18.92 -17.90
C GLN I 52 32.58 -19.09 -16.55
N GLU I 53 32.25 -20.18 -15.87
CA GLU I 53 32.85 -20.43 -14.56
C GLU I 53 34.35 -20.58 -14.68
N LEU I 54 35.08 -19.89 -13.79
CA LEU I 54 36.52 -19.77 -13.86
C LEU I 54 37.18 -20.57 -12.75
N VAL I 55 38.25 -21.28 -13.10
CA VAL I 55 38.98 -22.11 -12.14
C VAL I 55 40.15 -21.33 -11.57
N LEU I 56 40.41 -21.53 -10.29
CA LEU I 56 41.55 -20.97 -9.58
C LEU I 56 42.52 -22.10 -9.29
N GLY I 57 43.80 -21.90 -9.65
CA GLY I 57 44.74 -23.01 -9.67
C GLY I 57 45.39 -23.35 -8.35
N ASN I 58 45.62 -22.37 -7.49
CA ASN I 58 46.51 -22.55 -6.34
C ASN I 58 45.90 -21.90 -5.09
N VAL I 59 44.63 -22.18 -4.82
CA VAL I 59 43.89 -21.55 -3.72
C VAL I 59 43.24 -22.63 -2.85
N THR I 60 42.76 -22.20 -1.69
CA THR I 60 42.08 -23.07 -0.75
C THR I 60 41.23 -22.18 0.16
N GLU I 61 40.04 -22.68 0.53
CA GLU I 61 39.06 -21.88 1.25
C GLU I 61 38.26 -22.76 2.20
N ASN I 62 37.53 -22.09 3.09
CA ASN I 62 36.62 -22.73 4.03
C ASN I 62 35.17 -22.48 3.59
N PHE I 63 34.31 -23.47 3.82
CA PHE I 63 32.89 -23.37 3.52
C PHE I 63 32.10 -23.87 4.73
N ASN I 64 30.86 -23.42 4.85
CA ASN I 64 29.98 -23.86 5.93
C ASN I 64 28.55 -23.86 5.39
N MET I 65 27.97 -25.05 5.24
CA MET I 65 26.57 -25.16 4.83
C MET I 65 25.65 -24.46 5.81
N TRP I 66 25.76 -24.76 7.09
CA TRP I 66 24.71 -24.45 8.04
C TRP I 66 24.79 -23.05 8.61
N LYS I 67 25.95 -22.40 8.47
CA LYS I 67 26.09 -20.97 8.78
C LYS I 67 25.97 -20.09 7.54
N ASN I 68 25.66 -20.66 6.38
CA ASN I 68 25.62 -19.89 5.15
C ASN I 68 24.51 -18.84 5.21
N ASP I 69 24.81 -17.64 4.70
CA ASP I 69 23.85 -16.55 4.78
C ASP I 69 22.86 -16.57 3.62
N MET I 70 23.21 -17.22 2.50
CA MET I 70 22.38 -17.13 1.31
C MET I 70 21.01 -17.76 1.54
N VAL I 71 20.94 -18.83 2.33
CA VAL I 71 19.65 -19.44 2.60
C VAL I 71 18.77 -18.49 3.39
N ASP I 72 19.35 -17.76 4.35
CA ASP I 72 18.56 -16.82 5.14
C ASP I 72 18.09 -15.61 4.35
N GLN I 73 18.60 -15.42 3.12
CA GLN I 73 18.10 -14.40 2.21
C GLN I 73 17.10 -14.95 1.22
N MET I 74 17.32 -16.17 0.73
CA MET I 74 16.37 -16.76 -0.22
C MET I 74 15.01 -16.95 0.43
N HIS I 75 14.98 -17.29 1.72
CA HIS I 75 13.70 -17.49 2.38
C HIS I 75 12.89 -16.20 2.40
N GLU I 76 13.53 -15.09 2.77
CA GLU I 76 12.85 -13.81 2.74
C GLU I 76 12.44 -13.44 1.32
N ASP I 77 13.30 -13.71 0.35
CA ASP I 77 12.98 -13.39 -1.04
C ASP I 77 11.72 -14.13 -1.50
N ILE I 78 11.66 -15.44 -1.25
CA ILE I 78 10.53 -16.21 -1.76
C ILE I 78 9.26 -15.89 -0.96
N ILE I 79 9.40 -15.59 0.33
CA ILE I 79 8.23 -15.18 1.08
C ILE I 79 7.68 -13.86 0.54
N SER I 80 8.57 -12.92 0.20
CA SER I 80 8.10 -11.66 -0.34
C SER I 80 7.49 -11.82 -1.72
N LEU I 81 8.17 -12.53 -2.62
CA LEU I 81 7.64 -12.75 -3.97
C LEU I 81 6.31 -13.50 -3.91
N TRP I 82 6.17 -14.41 -2.95
CA TRP I 82 4.89 -15.08 -2.74
C TRP I 82 3.82 -14.08 -2.33
N ASP I 83 4.21 -13.09 -1.51
CA ASP I 83 3.23 -12.15 -0.98
C ASP I 83 2.76 -11.16 -2.03
N GLN I 84 3.61 -10.86 -3.02
CA GLN I 84 3.21 -9.95 -4.08
C GLN I 84 2.06 -10.53 -4.90
N SER I 85 2.10 -11.83 -5.18
CA SER I 85 1.10 -12.43 -6.05
C SER I 85 -0.30 -12.42 -5.46
N LEU I 86 -0.45 -12.21 -4.15
CA LEU I 86 -1.75 -12.24 -3.49
C LEU I 86 -2.30 -10.85 -3.18
N LYS I 87 -1.50 -9.79 -3.28
CA LYS I 87 -1.99 -8.45 -2.97
C LYS I 87 -3.14 -8.00 -3.87
N PRO I 88 -3.06 -8.11 -5.20
CA PRO I 88 -4.16 -7.57 -6.03
C PRO I 88 -5.37 -8.48 -6.15
N CYS I 89 -5.32 -9.70 -5.61
CA CYS I 89 -6.39 -10.66 -5.82
C CYS I 89 -7.53 -10.46 -4.83
N VAL I 90 -8.67 -11.08 -5.13
CA VAL I 90 -9.86 -10.96 -4.29
C VAL I 90 -9.56 -11.52 -2.92
N LYS I 91 -10.18 -10.93 -1.89
CA LYS I 91 -9.82 -11.20 -0.50
C LYS I 91 -10.75 -12.18 0.19
N LEU I 92 -11.66 -12.85 -0.52
CA LEU I 92 -12.70 -13.67 0.08
C LEU I 92 -13.40 -12.88 1.20
N THR I 93 -13.77 -13.55 2.32
CA THR I 93 -14.38 -13.05 3.56
C THR I 93 -15.89 -13.27 3.59
N PRO I 94 -16.66 -12.98 2.54
CA PRO I 94 -18.08 -13.38 2.56
C PRO I 94 -18.34 -14.89 2.52
N LEU I 95 -17.31 -15.72 2.36
CA LEU I 95 -17.53 -17.16 2.32
C LEU I 95 -17.64 -17.80 3.70
N CYS I 96 -17.52 -17.03 4.79
CA CYS I 96 -17.69 -17.56 6.13
C CYS I 96 -19.17 -17.75 6.48
N VAL I 97 -20.07 -17.34 5.57
CA VAL I 97 -21.51 -17.39 5.79
C VAL I 97 -21.98 -18.86 5.88
N THR I 98 -23.25 -19.05 6.25
CA THR I 98 -23.90 -20.36 6.36
C THR I 98 -23.40 -21.38 5.34
N LEU I 99 -22.92 -22.52 5.83
CA LEU I 99 -22.74 -23.73 5.03
C LEU I 99 -23.59 -24.85 5.58
N ILE I 100 -24.56 -25.30 4.78
CA ILE I 100 -25.39 -26.45 5.08
C ILE I 100 -25.04 -27.52 4.05
N CYS I 101 -24.63 -28.70 4.52
CA CYS I 101 -24.01 -29.71 3.66
C CYS I 101 -24.81 -31.00 3.70
N SER I 102 -24.71 -31.75 2.61
CA SER I 102 -25.51 -32.95 2.43
C SER I 102 -24.91 -34.12 3.21
N ASN I 103 -25.75 -35.12 3.46
CA ASN I 103 -25.33 -36.36 4.11
C ASN I 103 -25.01 -37.40 3.05
N ALA I 104 -23.99 -37.14 2.23
CA ALA I 104 -23.60 -38.06 1.17
C ALA I 104 -23.17 -39.40 1.77
N THR I 105 -23.61 -40.49 1.15
CA THR I 105 -23.41 -41.82 1.70
C THR I 105 -23.31 -42.83 0.57
N VAL I 106 -22.56 -43.91 0.82
CA VAL I 106 -22.44 -45.02 -0.12
C VAL I 106 -22.39 -46.32 0.68
N LYS I 107 -22.63 -47.43 -0.02
CA LYS I 107 -22.74 -48.72 0.66
C LYS I 107 -21.38 -49.37 0.86
N ASN I 108 -20.48 -49.22 -0.10
CA ASN I 108 -19.24 -49.98 -0.12
C ASN I 108 -18.16 -49.18 -0.82
N GLY I 109 -16.91 -49.61 -0.64
CA GLY I 109 -15.78 -48.95 -1.25
C GLY I 109 -15.20 -47.86 -0.38
N THR I 110 -14.04 -47.35 -0.79
CA THR I 110 -13.34 -46.31 -0.05
C THR I 110 -12.63 -45.42 -1.05
N VAL I 111 -13.14 -44.20 -1.24
CA VAL I 111 -12.58 -43.22 -2.16
C VAL I 111 -12.76 -41.84 -1.54
N GLU I 112 -12.07 -40.86 -2.12
CA GLU I 112 -12.28 -39.48 -1.70
C GLU I 112 -13.71 -39.08 -2.02
N GLU I 113 -14.26 -38.15 -1.22
CA GLU I 113 -15.62 -37.68 -1.44
C GLU I 113 -15.66 -36.21 -1.06
N MET I 114 -16.65 -35.49 -1.61
CA MET I 114 -16.55 -34.06 -1.80
C MET I 114 -17.44 -33.24 -0.87
N LYS I 115 -18.39 -33.86 -0.17
CA LYS I 115 -19.23 -33.14 0.80
C LYS I 115 -19.91 -31.92 0.19
N ASN I 116 -20.85 -32.14 -0.72
CA ASN I 116 -21.65 -31.06 -1.31
C ASN I 116 -22.20 -30.14 -0.23
N CYS I 117 -21.99 -28.83 -0.43
CA CYS I 117 -22.39 -27.80 0.51
C CYS I 117 -23.04 -26.64 -0.24
N SER I 118 -23.91 -25.91 0.46
CA SER I 118 -24.61 -24.76 -0.10
C SER I 118 -24.52 -23.60 0.88
N PHE I 119 -24.45 -22.38 0.34
CA PHE I 119 -24.24 -21.20 1.18
C PHE I 119 -24.98 -20.00 0.62
N ASN I 120 -25.32 -19.08 1.52
CA ASN I 120 -26.18 -17.92 1.23
C ASN I 120 -25.29 -16.72 0.97
N THR I 121 -24.76 -16.63 -0.23
CA THR I 121 -23.81 -15.58 -0.59
C THR I 121 -24.53 -14.29 -0.94
N THR I 122 -23.87 -13.17 -0.67
CA THR I 122 -24.29 -11.91 -1.26
C THR I 122 -24.15 -12.00 -2.76
N THR I 123 -25.20 -11.60 -3.48
CA THR I 123 -25.25 -11.88 -4.90
C THR I 123 -24.46 -10.84 -5.70
N GLU I 124 -24.27 -11.14 -6.98
CA GLU I 124 -23.42 -10.37 -7.87
C GLU I 124 -23.80 -8.90 -7.93
N ILE I 125 -25.09 -8.59 -7.83
CA ILE I 125 -25.63 -7.25 -7.96
C ILE I 125 -26.22 -6.90 -6.60
N ARG I 126 -26.04 -5.66 -6.15
CA ARG I 126 -26.64 -5.19 -4.89
C ARG I 126 -26.02 -5.80 -3.64
N ASP I 127 -26.62 -5.46 -2.49
CA ASP I 127 -26.54 -6.23 -1.25
C ASP I 127 -27.76 -7.15 -1.10
N LYS I 128 -28.33 -7.61 -2.22
CA LYS I 128 -29.32 -8.68 -2.26
C LYS I 128 -28.60 -10.02 -2.07
N GLU I 129 -29.36 -11.04 -1.65
CA GLU I 129 -28.81 -12.34 -1.30
C GLU I 129 -29.50 -13.44 -2.09
N LYS I 130 -28.75 -14.51 -2.34
CA LYS I 130 -29.28 -15.70 -3.01
C LYS I 130 -28.54 -16.92 -2.48
N LYS I 131 -29.02 -18.10 -2.86
CA LYS I 131 -28.42 -19.37 -2.44
C LYS I 131 -27.57 -19.93 -3.58
N GLU I 132 -26.50 -20.63 -3.21
CA GLU I 132 -25.53 -21.14 -4.17
C GLU I 132 -24.91 -22.41 -3.59
N TYR I 133 -24.40 -23.26 -4.47
CA TYR I 133 -23.85 -24.56 -4.09
C TYR I 133 -22.46 -24.76 -4.68
N ALA I 134 -21.65 -25.55 -3.99
CA ALA I 134 -20.30 -25.85 -4.41
C ALA I 134 -19.82 -27.10 -3.69
N LEU I 135 -18.67 -27.61 -4.14
CA LEU I 135 -18.02 -28.78 -3.55
C LEU I 135 -16.68 -28.39 -2.92
N PHE I 136 -16.40 -28.98 -1.77
CA PHE I 136 -15.20 -28.65 -0.99
C PHE I 136 -14.56 -29.91 -0.44
N TYR I 137 -13.27 -30.07 -0.66
CA TYR I 137 -12.56 -31.22 -0.11
C TYR I 137 -12.64 -31.20 1.41
N LYS I 138 -12.74 -32.39 2.01
CA LYS I 138 -13.03 -32.51 3.43
C LYS I 138 -12.07 -31.78 4.35
N PRO I 139 -10.75 -31.77 4.12
CA PRO I 139 -9.87 -30.99 5.01
C PRO I 139 -10.20 -29.51 5.09
N ASP I 140 -10.80 -28.93 4.06
CA ASP I 140 -11.17 -27.52 4.08
C ASP I 140 -12.39 -27.24 4.95
N ILE I 141 -13.09 -28.26 5.43
CA ILE I 141 -14.36 -28.11 6.13
C ILE I 141 -14.25 -28.72 7.51
N VAL I 142 -14.81 -28.04 8.51
CA VAL I 142 -14.78 -28.48 9.90
C VAL I 142 -16.21 -28.44 10.44
N PRO I 143 -16.67 -29.44 11.18
CA PRO I 143 -17.99 -29.31 11.83
C PRO I 143 -18.01 -28.15 12.80
N LEU I 144 -19.15 -27.45 12.85
CA LEU I 144 -19.30 -26.31 13.74
C LEU I 144 -19.93 -26.69 15.06
N SER I 145 -21.02 -27.46 15.02
CA SER I 145 -22.13 -27.30 15.96
C SER I 145 -21.69 -27.38 17.41
N GLU I 146 -22.10 -26.38 18.20
CA GLU I 146 -21.88 -26.41 19.64
C GLU I 146 -22.76 -27.45 20.30
N THR I 147 -23.98 -27.62 19.80
CA THR I 147 -24.80 -28.78 20.14
C THR I 147 -24.42 -29.95 19.24
N ASN I 148 -24.98 -31.12 19.55
CA ASN I 148 -24.65 -32.34 18.80
C ASN I 148 -25.49 -32.36 17.52
N ASN I 149 -24.98 -31.67 16.51
CA ASN I 149 -25.59 -31.60 15.19
C ASN I 149 -24.51 -31.62 14.13
N THR I 150 -24.74 -32.37 13.05
CA THR I 150 -23.76 -32.55 11.98
C THR I 150 -24.23 -31.99 10.65
N SER I 151 -25.26 -31.15 10.63
CA SER I 151 -25.79 -30.60 9.39
C SER I 151 -25.28 -29.19 9.10
N GLU I 152 -24.34 -28.67 9.88
CA GLU I 152 -23.88 -27.29 9.75
C GLU I 152 -22.36 -27.27 9.86
N TYR I 153 -21.72 -26.48 9.00
CA TYR I 153 -20.29 -26.57 8.78
C TYR I 153 -19.64 -25.20 8.63
N ARG I 154 -18.33 -25.18 8.81
CA ARG I 154 -17.49 -24.00 8.73
C ARG I 154 -16.30 -24.29 7.82
N LEU I 155 -15.76 -23.25 7.20
CA LEU I 155 -14.46 -23.40 6.57
C LEU I 155 -13.37 -23.45 7.63
N ILE I 156 -12.23 -24.05 7.28
CA ILE I 156 -11.12 -24.11 8.23
C ILE I 156 -10.49 -22.75 8.46
N ASN I 157 -10.77 -21.77 7.60
CA ASN I 157 -10.52 -20.37 7.92
C ASN I 157 -11.64 -19.87 8.82
N CYS I 158 -11.73 -18.55 9.02
CA CYS I 158 -12.77 -17.90 9.81
C CYS I 158 -12.54 -18.07 11.32
N ASN I 159 -11.53 -18.85 11.72
CA ASN I 159 -11.08 -18.89 13.11
C ASN I 159 -9.71 -18.23 13.25
N THR I 160 -8.95 -18.18 12.17
CA THR I 160 -7.69 -17.46 12.11
C THR I 160 -7.81 -16.51 10.92
N SER I 161 -6.68 -15.96 10.48
CA SER I 161 -6.65 -14.86 9.51
C SER I 161 -7.47 -15.15 8.26
N ALA I 162 -8.18 -14.13 7.79
CA ALA I 162 -8.93 -14.25 6.54
C ALA I 162 -7.97 -14.50 5.40
N CYS I 163 -8.43 -15.25 4.41
CA CYS I 163 -7.54 -15.87 3.44
C CYS I 163 -7.57 -15.07 2.13
N THR I 164 -6.96 -15.60 1.09
CA THR I 164 -6.89 -14.92 -0.20
C THR I 164 -6.78 -15.95 -1.31
N GLN I 165 -7.34 -15.63 -2.47
CA GLN I 165 -7.30 -16.50 -3.63
C GLN I 165 -6.13 -16.09 -4.51
N ALA I 166 -5.46 -17.08 -5.10
CA ALA I 166 -4.46 -16.80 -6.12
C ALA I 166 -5.16 -16.51 -7.43
N CYS I 167 -4.83 -15.39 -8.05
CA CYS I 167 -5.49 -14.98 -9.28
C CYS I 167 -5.22 -16.04 -10.35
N PRO I 168 -6.24 -16.60 -11.00
CA PRO I 168 -6.02 -17.82 -11.80
C PRO I 168 -5.15 -17.62 -13.04
N LYS I 169 -4.74 -16.39 -13.36
CA LYS I 169 -3.91 -16.17 -14.53
C LYS I 169 -2.43 -16.45 -14.27
N VAL I 170 -1.99 -16.45 -13.01
CA VAL I 170 -0.61 -16.79 -12.69
C VAL I 170 -0.50 -18.31 -12.63
N THR I 171 0.73 -18.82 -12.62
CA THR I 171 0.97 -20.26 -12.53
C THR I 171 2.15 -20.51 -11.61
N PHE I 172 2.16 -21.67 -10.97
CA PHE I 172 3.11 -21.98 -9.90
C PHE I 172 4.30 -22.80 -10.39
N GLU I 173 4.59 -22.79 -11.68
CA GLU I 173 5.68 -23.61 -12.19
C GLU I 173 7.02 -23.11 -11.63
N PRO I 174 7.97 -24.01 -11.31
CA PRO I 174 9.26 -23.52 -10.78
C PRO I 174 10.23 -23.06 -11.86
N ILE I 175 10.10 -21.81 -12.26
CA ILE I 175 11.04 -21.23 -13.24
C ILE I 175 12.42 -21.17 -12.59
N PRO I 176 13.52 -21.49 -13.28
CA PRO I 176 14.83 -21.41 -12.64
C PRO I 176 15.20 -19.98 -12.28
N ILE I 177 15.99 -19.84 -11.22
CA ILE I 177 16.42 -18.54 -10.71
C ILE I 177 17.93 -18.61 -10.51
N HIS I 178 18.66 -17.66 -11.08
CA HIS I 178 20.08 -17.49 -10.85
C HIS I 178 20.29 -16.37 -9.84
N TYR I 179 21.00 -16.68 -8.76
CA TYR I 179 21.43 -15.68 -7.80
C TYR I 179 22.80 -15.15 -8.16
N CYS I 180 22.92 -13.82 -8.27
CA CYS I 180 24.17 -13.17 -8.61
C CYS I 180 24.45 -12.06 -7.60
N ALA I 181 25.73 -11.80 -7.36
CA ALA I 181 26.15 -10.76 -6.44
C ALA I 181 26.50 -9.48 -7.19
N PRO I 182 26.33 -8.30 -6.60
CA PRO I 182 26.58 -7.07 -7.34
C PRO I 182 28.06 -6.88 -7.59
N ALA I 183 28.38 -6.04 -8.57
CA ALA I 183 29.76 -5.79 -8.94
C ALA I 183 30.55 -5.25 -7.77
N GLY I 184 31.75 -5.80 -7.57
CA GLY I 184 32.55 -5.56 -6.39
C GLY I 184 32.66 -6.75 -5.46
N TYR I 185 31.75 -7.72 -5.58
CA TYR I 185 31.79 -8.97 -4.84
C TYR I 185 32.04 -10.12 -5.81
N ALA I 186 32.18 -11.32 -5.25
CA ALA I 186 32.32 -12.53 -6.04
C ALA I 186 31.85 -13.72 -5.22
N ILE I 187 31.43 -14.76 -5.92
CA ILE I 187 30.93 -15.99 -5.33
C ILE I 187 31.98 -17.08 -5.54
N LEU I 188 32.43 -17.68 -4.43
CA LEU I 188 33.40 -18.77 -4.49
C LEU I 188 32.68 -20.11 -4.38
N LYS I 189 32.99 -21.01 -5.29
CA LYS I 189 32.25 -22.26 -5.49
C LYS I 189 33.16 -23.44 -5.20
N CYS I 190 32.86 -24.17 -4.13
CA CYS I 190 33.59 -25.40 -3.87
C CYS I 190 33.36 -26.40 -5.00
N ASN I 191 34.44 -27.02 -5.46
CA ASN I 191 34.41 -27.88 -6.63
C ASN I 191 34.79 -29.32 -6.32
N ASP I 192 35.21 -29.64 -5.10
CA ASP I 192 35.52 -31.01 -4.73
C ASP I 192 34.23 -31.84 -4.80
N GLU I 193 34.26 -32.91 -5.60
CA GLU I 193 33.06 -33.66 -5.93
C GLU I 193 32.69 -34.70 -4.87
N THR I 194 33.24 -34.60 -3.65
CA THR I 194 32.76 -35.39 -2.52
C THR I 194 32.69 -34.53 -1.26
N PHE I 195 32.48 -33.23 -1.41
CA PHE I 195 32.45 -32.31 -0.27
C PHE I 195 31.24 -32.59 0.60
N ASN I 196 31.47 -32.80 1.90
CA ASN I 196 30.42 -33.20 2.83
C ASN I 196 29.81 -32.03 3.59
N GLY I 197 29.88 -30.82 3.04
CA GLY I 197 29.08 -29.71 3.53
C GLY I 197 29.72 -28.82 4.57
N THR I 198 30.86 -29.20 5.13
CA THR I 198 31.55 -28.38 6.11
C THR I 198 33.05 -28.61 5.99
N GLY I 199 33.82 -27.70 6.58
CA GLY I 199 35.26 -27.80 6.57
C GLY I 199 35.86 -27.29 5.28
N PRO I 200 37.18 -27.41 5.14
CA PRO I 200 37.84 -26.84 3.97
C PRO I 200 37.51 -27.58 2.68
N CYS I 201 37.67 -26.87 1.57
CA CYS I 201 37.50 -27.41 0.23
C CYS I 201 38.64 -26.89 -0.62
N SER I 202 39.38 -27.82 -1.26
CA SER I 202 40.66 -27.52 -1.85
C SER I 202 40.63 -27.24 -3.34
N ASN I 203 39.54 -27.57 -4.04
CA ASN I 203 39.35 -27.19 -5.44
C ASN I 203 38.24 -26.15 -5.46
N VAL I 204 38.56 -24.95 -5.93
CA VAL I 204 37.71 -23.78 -5.77
C VAL I 204 37.59 -23.05 -7.11
N SER I 205 36.42 -22.47 -7.35
CA SER I 205 36.14 -21.68 -8.54
C SER I 205 35.48 -20.38 -8.14
N THR I 206 35.43 -19.43 -9.08
CA THR I 206 34.87 -18.11 -8.84
C THR I 206 33.86 -17.77 -9.94
N VAL I 207 32.70 -17.25 -9.53
CA VAL I 207 31.61 -16.94 -10.45
C VAL I 207 30.89 -15.71 -9.94
N GLN I 208 30.27 -14.97 -10.87
CA GLN I 208 29.35 -13.91 -10.48
C GLN I 208 27.96 -14.45 -10.14
N CYS I 209 27.57 -15.59 -10.72
CA CYS I 209 26.22 -16.12 -10.60
C CYS I 209 26.26 -17.59 -10.22
N THR I 210 25.24 -18.03 -9.50
CA THR I 210 25.15 -19.40 -9.04
C THR I 210 24.50 -20.28 -10.10
N HIS I 211 24.13 -21.50 -9.72
CA HIS I 211 23.34 -22.39 -10.57
C HIS I 211 22.00 -21.75 -10.93
N GLY I 212 21.29 -22.35 -11.87
CA GLY I 212 19.87 -22.10 -11.97
C GLY I 212 19.17 -22.85 -10.86
N ILE I 213 18.72 -22.12 -9.83
CA ILE I 213 18.09 -22.76 -8.68
C ILE I 213 16.63 -23.03 -9.01
N ARG I 214 16.18 -24.25 -8.72
CA ARG I 214 14.79 -24.61 -8.94
C ARG I 214 14.06 -24.40 -7.62
N PRO I 215 13.13 -23.43 -7.50
CA PRO I 215 12.56 -23.13 -6.18
C PRO I 215 11.42 -24.04 -5.75
N VAL I 216 11.31 -25.22 -6.37
CA VAL I 216 10.20 -26.14 -6.10
C VAL I 216 10.16 -26.48 -4.61
N VAL I 217 8.94 -26.69 -4.12
CA VAL I 217 8.66 -26.85 -2.69
C VAL I 217 8.26 -28.30 -2.44
N SER I 218 8.79 -28.88 -1.36
CA SER I 218 8.41 -30.23 -0.97
C SER I 218 8.86 -30.45 0.48
N THR I 219 8.22 -31.43 1.12
CA THR I 219 8.34 -31.62 2.57
C THR I 219 9.17 -32.82 2.97
N GLN I 220 9.21 -33.89 2.17
CA GLN I 220 9.89 -35.12 2.55
C GLN I 220 10.81 -35.65 1.45
N LEU I 221 10.61 -35.21 0.21
CA LEU I 221 11.44 -35.63 -0.92
C LEU I 221 11.75 -34.40 -1.76
N LEU I 222 13.00 -34.27 -2.18
CA LEU I 222 13.46 -33.08 -2.90
C LEU I 222 13.16 -33.27 -4.38
N LEU I 223 12.00 -32.75 -4.80
CA LEU I 223 11.56 -32.89 -6.18
C LEU I 223 12.42 -32.05 -7.11
N ASN I 224 12.59 -32.54 -8.33
CA ASN I 224 13.18 -31.80 -9.46
C ASN I 224 14.56 -31.22 -9.19
N GLY I 225 15.23 -31.67 -8.14
CA GLY I 225 16.50 -31.09 -7.76
C GLY I 225 17.63 -31.54 -8.66
N SER I 226 18.77 -30.86 -8.51
CA SER I 226 19.98 -31.23 -9.22
C SER I 226 20.63 -32.43 -8.54
N LEU I 227 21.25 -33.29 -9.35
CA LEU I 227 21.77 -34.56 -8.83
C LEU I 227 23.02 -34.33 -7.98
N ALA I 228 23.41 -35.39 -7.27
CA ALA I 228 24.60 -35.33 -6.44
C ALA I 228 25.85 -35.25 -7.31
N GLU I 229 27.00 -35.13 -6.66
CA GLU I 229 28.23 -34.85 -7.39
C GLU I 229 28.78 -36.09 -8.09
N LYS I 230 29.17 -37.10 -7.30
CA LYS I 230 29.77 -38.32 -7.85
C LYS I 230 29.20 -39.59 -7.21
N GLU I 231 28.67 -39.48 -6.00
CA GLU I 231 28.11 -40.63 -5.30
C GLU I 231 27.10 -40.12 -4.28
N ILE I 232 26.37 -41.05 -3.68
CA ILE I 232 25.45 -40.68 -2.61
C ILE I 232 26.25 -40.14 -1.44
N VAL I 233 25.91 -38.94 -0.99
CA VAL I 233 26.64 -38.24 0.05
C VAL I 233 25.66 -37.76 1.10
N ILE I 234 26.06 -37.89 2.36
CA ILE I 234 25.25 -37.49 3.51
C ILE I 234 25.88 -36.23 4.08
N ARG I 235 25.03 -35.26 4.42
CA ARG I 235 25.48 -33.99 4.99
C ARG I 235 24.58 -33.64 6.17
N SER I 236 25.19 -33.22 7.28
CA SER I 236 24.42 -32.85 8.46
C SER I 236 25.25 -31.89 9.30
N GLU I 237 24.56 -31.10 10.12
CA GLU I 237 25.24 -30.21 11.04
C GLU I 237 26.04 -30.99 12.07
N ASN I 238 25.43 -32.01 12.67
CA ASN I 238 26.12 -32.88 13.62
C ASN I 238 25.39 -34.21 13.60
N LEU I 239 26.00 -35.23 12.97
CA LEU I 239 25.33 -36.50 12.76
C LEU I 239 24.94 -37.16 14.07
N THR I 240 25.75 -36.98 15.12
CA THR I 240 25.47 -37.62 16.40
C THR I 240 24.20 -37.11 17.04
N ASN I 241 23.80 -35.87 16.76
CA ASN I 241 22.59 -35.31 17.32
C ASN I 241 21.36 -35.84 16.60
N ASN I 242 20.27 -36.01 17.37
CA ASN I 242 19.01 -36.46 16.76
C ASN I 242 18.34 -35.35 15.98
N ALA I 243 18.33 -34.13 16.53
CA ALA I 243 17.51 -33.06 15.98
C ALA I 243 17.99 -32.57 14.62
N LYS I 244 19.30 -32.65 14.35
CA LYS I 244 19.86 -32.10 13.12
C LYS I 244 19.38 -32.93 11.93
N ILE I 245 18.44 -32.34 11.18
CA ILE I 245 17.82 -33.00 10.04
C ILE I 245 18.87 -33.23 8.97
N ILE I 246 19.18 -34.49 8.68
CA ILE I 246 20.21 -34.81 7.71
C ILE I 246 19.64 -34.64 6.31
N ILE I 247 20.51 -34.32 5.36
CA ILE I 247 20.17 -34.18 3.95
C ILE I 247 20.95 -35.24 3.19
N VAL I 248 20.23 -36.08 2.46
CA VAL I 248 20.81 -37.13 1.64
C VAL I 248 20.66 -36.73 0.19
N HIS I 249 21.76 -36.73 -0.54
CA HIS I 249 21.80 -36.34 -1.95
C HIS I 249 22.09 -37.59 -2.78
N LEU I 250 21.24 -37.87 -3.76
CA LEU I 250 21.31 -39.12 -4.51
C LEU I 250 22.11 -38.96 -5.79
N HIS I 251 22.77 -40.06 -6.19
CA HIS I 251 23.58 -40.05 -7.40
C HIS I 251 22.75 -40.28 -8.65
N THR I 252 21.62 -40.99 -8.53
CA THR I 252 20.73 -41.28 -9.64
C THR I 252 19.30 -40.93 -9.26
N PRO I 253 18.44 -40.57 -10.22
CA PRO I 253 17.07 -40.19 -9.86
C PRO I 253 16.13 -41.38 -9.81
N VAL I 254 15.04 -41.22 -9.07
CA VAL I 254 13.94 -42.17 -9.01
C VAL I 254 12.71 -41.47 -9.58
N GLU I 255 12.24 -41.94 -10.73
CA GLU I 255 11.26 -41.20 -11.52
C GLU I 255 9.86 -41.42 -10.94
N ILE I 256 9.43 -40.45 -10.13
CA ILE I 256 8.09 -40.49 -9.54
C ILE I 256 7.08 -39.89 -10.50
N VAL I 257 5.84 -40.39 -10.46
CA VAL I 257 4.74 -39.88 -11.25
C VAL I 257 3.48 -39.87 -10.39
N CYS I 258 2.67 -38.82 -10.53
CA CYS I 258 1.47 -38.65 -9.73
C CYS I 258 0.37 -38.09 -10.62
N THR I 259 -0.88 -38.27 -10.20
CA THR I 259 -2.01 -37.80 -10.99
C THR I 259 -3.28 -37.85 -10.14
N ARG I 260 -4.35 -37.31 -10.71
CA ARG I 260 -5.67 -37.28 -10.09
C ARG I 260 -6.70 -37.73 -11.12
N PRO I 261 -7.22 -38.98 -11.08
CA PRO I 261 -8.09 -39.43 -12.17
C PRO I 261 -9.40 -38.67 -12.33
N ASN I 262 -9.90 -37.98 -11.31
CA ASN I 262 -11.17 -37.30 -11.42
C ASN I 262 -11.08 -36.17 -12.45
N ASN I 263 -12.22 -35.86 -13.06
CA ASN I 263 -12.34 -34.80 -14.05
C ASN I 263 -13.22 -33.70 -13.46
N ASN I 264 -12.61 -32.78 -12.73
CA ASN I 264 -13.36 -31.68 -12.14
C ASN I 264 -13.76 -30.66 -13.21
N THR I 265 -14.72 -29.81 -12.85
CA THR I 265 -15.06 -28.64 -13.63
C THR I 265 -15.32 -27.49 -12.67
N ARG I 266 -15.07 -26.28 -13.12
CA ARG I 266 -15.00 -25.10 -12.26
C ARG I 266 -16.20 -24.21 -12.48
N LYS I 267 -16.74 -23.69 -11.38
CA LYS I 267 -17.99 -22.93 -11.36
C LYS I 267 -17.68 -21.51 -10.91
N SER I 268 -18.32 -20.52 -11.56
CA SER I 268 -18.05 -19.11 -11.29
C SER I 268 -19.11 -18.56 -10.33
N VAL I 269 -18.78 -18.52 -9.05
CA VAL I 269 -19.61 -17.84 -8.05
C VAL I 269 -19.13 -16.41 -7.92
N ARG I 270 -20.08 -15.49 -7.72
CA ARG I 270 -19.80 -14.07 -7.60
C ARG I 270 -19.97 -13.61 -6.16
N ILE I 271 -19.01 -12.82 -5.68
CA ILE I 271 -18.93 -12.40 -4.29
C ILE I 271 -18.84 -10.88 -4.25
N GLY I 272 -19.97 -10.22 -4.10
CA GLY I 272 -19.98 -8.77 -4.06
C GLY I 272 -19.78 -8.16 -5.43
N PRO I 273 -19.44 -6.88 -5.49
CA PRO I 273 -19.32 -6.21 -6.79
C PRO I 273 -18.01 -6.51 -7.49
N GLY I 274 -18.10 -7.15 -8.65
CA GLY I 274 -17.00 -7.18 -9.60
C GLY I 274 -15.94 -8.26 -9.42
N GLN I 275 -15.95 -8.96 -8.29
CA GLN I 275 -14.92 -9.94 -7.97
C GLN I 275 -15.55 -11.33 -7.87
N THR I 276 -14.96 -12.29 -8.57
CA THR I 276 -15.49 -13.64 -8.69
C THR I 276 -14.80 -14.58 -7.73
N PHE I 277 -15.39 -15.76 -7.57
CA PHE I 277 -14.84 -16.86 -6.78
C PHE I 277 -15.10 -18.17 -7.52
N TYR I 278 -14.09 -19.03 -7.58
CA TYR I 278 -14.14 -20.29 -8.30
C TYR I 278 -14.21 -21.46 -7.34
N ALA I 279 -15.12 -22.39 -7.60
CA ALA I 279 -15.28 -23.58 -6.78
C ALA I 279 -15.65 -24.76 -7.67
N THR I 280 -15.30 -25.96 -7.22
CA THR I 280 -15.53 -27.16 -8.02
C THR I 280 -17.02 -27.45 -8.15
N GLY I 281 -17.49 -27.59 -9.38
CA GLY I 281 -18.88 -27.92 -9.64
C GLY I 281 -19.12 -29.42 -9.57
N ASP I 282 -19.82 -29.96 -10.56
CA ASP I 282 -20.04 -31.39 -10.62
C ASP I 282 -18.74 -32.10 -11.03
N ILE I 283 -18.79 -33.43 -11.02
CA ILE I 283 -17.69 -34.27 -11.50
C ILE I 283 -18.24 -35.14 -12.62
N ILE I 284 -17.54 -35.16 -13.75
CA ILE I 284 -18.10 -35.75 -14.96
C ILE I 284 -17.77 -37.23 -15.08
N GLY I 285 -16.59 -37.66 -14.65
CA GLY I 285 -16.21 -39.05 -14.72
C GLY I 285 -16.74 -39.85 -13.55
N ASP I 286 -16.13 -41.01 -13.34
CA ASP I 286 -16.39 -41.85 -12.17
C ASP I 286 -15.23 -41.68 -11.19
N ILE I 287 -15.54 -41.36 -9.94
CA ILE I 287 -14.51 -40.93 -9.01
C ILE I 287 -13.56 -42.07 -8.69
N LYS I 288 -12.28 -41.76 -8.59
CA LYS I 288 -11.25 -42.72 -8.21
C LYS I 288 -10.24 -42.02 -7.31
N GLN I 289 -9.25 -42.78 -6.85
CA GLN I 289 -8.32 -42.30 -5.85
C GLN I 289 -7.14 -41.60 -6.52
N ALA I 290 -6.75 -40.45 -5.97
CA ALA I 290 -5.53 -39.79 -6.42
C ALA I 290 -4.32 -40.46 -5.80
N HIS I 291 -3.28 -40.67 -6.61
CA HIS I 291 -2.20 -41.58 -6.23
C HIS I 291 -0.90 -41.16 -6.86
N CYS I 292 0.19 -41.79 -6.39
CA CYS I 292 1.53 -41.63 -6.92
C CYS I 292 2.13 -43.01 -7.16
N ASN I 293 3.08 -43.10 -8.09
CA ASN I 293 3.70 -44.36 -8.46
C ASN I 293 5.21 -44.22 -8.52
N ILE I 294 5.90 -45.24 -8.00
CA ILE I 294 7.36 -45.30 -8.01
C ILE I 294 7.76 -46.72 -8.39
N SER I 295 8.77 -46.84 -9.25
CA SER I 295 9.28 -48.16 -9.61
C SER I 295 10.00 -48.78 -8.41
N GLU I 296 9.68 -50.04 -8.12
CA GLU I 296 10.17 -50.67 -6.89
C GLU I 296 11.64 -51.02 -6.96
N GLU I 297 12.09 -51.56 -8.09
CA GLU I 297 13.46 -52.04 -8.19
C GLU I 297 14.46 -50.90 -8.06
N LYS I 298 14.16 -49.74 -8.63
CA LYS I 298 15.00 -48.56 -8.42
C LYS I 298 15.01 -48.16 -6.96
N TRP I 299 13.83 -48.14 -6.33
CA TRP I 299 13.71 -47.55 -5.00
C TRP I 299 14.44 -48.39 -3.96
N ASN I 300 14.26 -49.71 -4.00
CA ASN I 300 14.89 -50.56 -2.98
C ASN I 300 16.42 -50.51 -3.11
N ASP I 301 16.92 -50.53 -4.35
CA ASP I 301 18.36 -50.44 -4.57
C ASP I 301 18.91 -49.12 -4.05
N THR I 302 18.23 -48.02 -4.37
CA THR I 302 18.68 -46.71 -3.89
C THR I 302 18.64 -46.65 -2.37
N LEU I 303 17.62 -47.28 -1.77
CA LEU I 303 17.50 -47.24 -0.32
C LEU I 303 18.64 -48.02 0.34
N GLN I 304 19.01 -49.16 -0.24
CA GLN I 304 20.18 -49.90 0.26
C GLN I 304 21.46 -49.11 0.10
N LYS I 305 21.60 -48.38 -1.01
CA LYS I 305 22.80 -47.56 -1.19
C LYS I 305 22.89 -46.48 -0.10
N VAL I 306 21.75 -45.84 0.19
CA VAL I 306 21.72 -44.91 1.33
C VAL I 306 22.06 -45.63 2.62
N GLY I 307 21.65 -46.90 2.73
CA GLY I 307 22.01 -47.67 3.91
C GLY I 307 23.50 -47.81 4.10
N ILE I 308 24.22 -48.15 3.03
CA ILE I 308 25.68 -48.30 3.18
C ILE I 308 26.32 -46.95 3.46
N GLU I 309 25.82 -45.89 2.84
CA GLU I 309 26.40 -44.57 3.12
C GLU I 309 26.14 -44.15 4.56
N LEU I 310 25.03 -44.59 5.14
CA LEU I 310 24.81 -44.35 6.57
C LEU I 310 25.74 -45.21 7.42
N GLN I 311 25.96 -46.47 7.01
CA GLN I 311 26.83 -47.35 7.77
C GLN I 311 28.29 -46.89 7.73
N LYS I 312 28.68 -46.10 6.73
CA LYS I 312 30.00 -45.48 6.77
C LYS I 312 30.21 -44.69 8.06
N HIS I 313 29.20 -43.92 8.46
CA HIS I 313 29.25 -43.17 9.72
C HIS I 313 28.75 -43.97 10.91
N PHE I 314 28.08 -45.10 10.68
CA PHE I 314 27.59 -45.98 11.75
C PHE I 314 27.92 -47.43 11.38
N PRO I 315 29.18 -47.84 11.47
CA PRO I 315 29.53 -49.22 11.09
C PRO I 315 29.00 -50.27 12.06
N ASN I 316 28.54 -49.88 13.24
CA ASN I 316 28.27 -50.81 14.32
C ASN I 316 26.78 -51.12 14.51
N LYS I 317 25.94 -50.85 13.50
CA LYS I 317 24.50 -50.97 13.67
C LYS I 317 23.84 -51.31 12.34
N THR I 318 22.64 -51.87 12.44
CA THR I 318 21.77 -52.06 11.29
C THR I 318 20.87 -50.84 11.12
N ILE I 319 20.11 -50.83 10.03
CA ILE I 319 19.32 -49.68 9.62
C ILE I 319 17.89 -50.14 9.39
N LYS I 320 16.93 -49.46 10.02
CA LYS I 320 15.50 -49.78 9.91
C LYS I 320 14.76 -48.50 9.52
N TYR I 321 14.39 -48.38 8.25
CA TYR I 321 13.57 -47.26 7.84
C TYR I 321 12.14 -47.44 8.35
N ASN I 322 11.51 -46.31 8.65
CA ASN I 322 10.29 -46.28 9.45
C ASN I 322 9.28 -45.34 8.81
N GLN I 323 8.03 -45.45 9.26
CA GLN I 323 6.99 -44.53 8.83
C GLN I 323 7.19 -43.15 9.46
N SER I 324 6.28 -42.25 9.14
CA SER I 324 6.37 -40.89 9.67
C SER I 324 6.17 -40.89 11.18
N ALA I 325 6.49 -39.76 11.81
CA ALA I 325 6.47 -39.62 13.26
C ALA I 325 5.17 -39.06 13.80
N GLY I 326 4.06 -39.29 13.11
CA GLY I 326 2.80 -38.74 13.59
C GLY I 326 2.75 -37.24 13.39
N GLY I 327 1.72 -36.62 13.99
CA GLY I 327 1.51 -35.19 13.85
C GLY I 327 0.49 -34.88 12.75
N ASP I 328 0.27 -33.58 12.56
CA ASP I 328 -0.70 -33.11 11.59
C ASP I 328 -0.17 -33.26 10.17
N MET I 329 -1.07 -33.13 9.19
CA MET I 329 -0.76 -33.52 7.82
C MET I 329 0.03 -32.48 7.05
N GLU I 330 0.35 -31.33 7.65
CA GLU I 330 1.39 -30.48 7.07
C GLU I 330 2.78 -31.07 7.25
N ILE I 331 2.96 -32.00 8.19
CA ILE I 331 4.27 -32.53 8.56
C ILE I 331 4.39 -34.01 8.21
N THR I 332 3.38 -34.82 8.56
CA THR I 332 3.55 -36.26 8.51
C THR I 332 3.31 -36.86 7.12
N THR I 333 2.99 -36.04 6.11
CA THR I 333 2.75 -36.51 4.76
C THR I 333 3.62 -35.77 3.76
N HIS I 334 3.92 -36.43 2.65
CA HIS I 334 4.61 -35.80 1.54
C HIS I 334 3.65 -34.86 0.82
N SER I 335 4.08 -33.62 0.61
CA SER I 335 3.28 -32.59 -0.04
C SER I 335 4.08 -31.89 -1.12
N PHE I 336 3.44 -31.58 -2.24
CA PHE I 336 4.11 -30.92 -3.34
C PHE I 336 3.09 -30.32 -4.28
N ASN I 337 3.34 -29.10 -4.74
CA ASN I 337 2.48 -28.49 -5.75
C ASN I 337 2.62 -29.26 -7.06
N CYS I 338 1.56 -29.27 -7.85
CA CYS I 338 1.52 -30.02 -9.11
C CYS I 338 0.63 -29.29 -10.10
N GLY I 339 1.23 -28.43 -10.90
CA GLY I 339 0.51 -27.77 -11.99
C GLY I 339 -0.66 -26.90 -11.54
N GLY I 340 -0.67 -26.50 -10.28
CA GLY I 340 -1.76 -25.73 -9.70
C GLY I 340 -2.58 -26.45 -8.66
N GLU I 341 -2.24 -27.68 -8.29
CA GLU I 341 -2.88 -28.41 -7.21
C GLU I 341 -1.83 -28.87 -6.20
N PHE I 342 -2.26 -29.02 -4.95
CA PHE I 342 -1.39 -29.28 -3.82
C PHE I 342 -1.72 -30.66 -3.27
N PHE I 343 -1.03 -31.68 -3.77
CA PHE I 343 -1.25 -33.03 -3.29
C PHE I 343 -0.67 -33.18 -1.89
N TYR I 344 -1.26 -34.08 -1.12
CA TYR I 344 -0.71 -34.56 0.15
C TYR I 344 -0.77 -36.07 0.14
N CYS I 345 0.40 -36.72 0.18
CA CYS I 345 0.52 -38.14 -0.07
C CYS I 345 1.11 -38.85 1.14
N ASN I 346 0.55 -40.03 1.46
CA ASN I 346 0.99 -40.79 2.62
C ASN I 346 2.26 -41.57 2.27
N THR I 347 3.23 -41.56 3.17
CA THR I 347 4.55 -42.11 2.90
C THR I 347 4.74 -43.53 3.42
N SER I 348 3.72 -44.14 4.03
CA SER I 348 3.92 -45.36 4.81
C SER I 348 4.44 -46.52 3.97
N ASN I 349 4.19 -46.53 2.67
CA ASN I 349 4.67 -47.62 1.83
C ASN I 349 6.09 -47.41 1.34
N LEU I 350 6.63 -46.20 1.42
CA LEU I 350 7.95 -45.93 0.87
C LEU I 350 9.05 -46.50 1.76
N PHE I 351 8.94 -46.31 3.08
CA PHE I 351 10.03 -46.48 4.02
C PHE I 351 9.78 -47.64 4.98
N ASN I 352 9.32 -48.78 4.45
CA ASN I 352 9.06 -49.96 5.25
C ASN I 352 10.24 -50.94 5.28
N GLY I 353 11.29 -50.69 4.49
CA GLY I 353 12.39 -51.61 4.41
C GLY I 353 13.41 -51.45 5.52
N THR I 354 14.44 -52.31 5.47
CA THR I 354 15.53 -52.26 6.42
C THR I 354 16.78 -52.80 5.76
N TYR I 355 17.94 -52.52 6.38
CA TYR I 355 19.23 -52.89 5.83
C TYR I 355 20.11 -53.42 6.95
N ASN I 356 20.99 -54.37 6.60
CA ASN I 356 21.80 -55.09 7.59
C ASN I 356 23.29 -55.14 7.22
N GLY I 357 23.71 -54.45 6.17
CA GLY I 357 25.08 -54.55 5.68
C GLY I 357 25.30 -55.60 4.62
N THR I 358 24.31 -56.46 4.36
CA THR I 358 24.37 -57.41 3.25
C THR I 358 24.03 -56.65 1.97
N TYR I 359 23.75 -57.38 0.89
CA TYR I 359 23.28 -56.74 -0.32
C TYR I 359 22.49 -57.76 -1.13
N ILE I 360 21.38 -57.29 -1.70
CA ILE I 360 20.49 -58.11 -2.52
C ILE I 360 20.27 -57.31 -3.79
N SER I 361 20.80 -57.80 -4.91
CA SER I 361 20.75 -57.05 -6.15
C SER I 361 19.37 -57.13 -6.79
N THR I 362 18.85 -55.98 -7.21
CA THR I 362 17.66 -55.95 -8.03
C THR I 362 17.94 -56.36 -9.47
N ASN I 363 19.15 -56.12 -9.96
CA ASN I 363 19.57 -56.64 -11.26
C ASN I 363 19.99 -58.09 -11.12
N SER I 364 19.68 -58.92 -12.11
CA SER I 364 18.92 -58.70 -13.34
C SER I 364 17.42 -58.62 -13.02
N SER I 365 16.67 -57.97 -13.90
CA SER I 365 15.24 -57.75 -13.65
C SER I 365 14.47 -59.04 -13.89
N ALA I 366 13.85 -59.57 -12.84
CA ALA I 366 12.98 -60.72 -13.00
C ALA I 366 11.68 -60.32 -13.71
N ASN I 367 11.08 -59.21 -13.30
CA ASN I 367 9.90 -58.67 -13.96
C ASN I 367 9.93 -57.17 -13.77
N SER I 368 9.79 -56.42 -14.86
CA SER I 368 10.00 -54.98 -14.86
C SER I 368 8.70 -54.18 -14.71
N THR I 369 7.73 -54.69 -13.94
CA THR I 369 6.42 -54.05 -13.81
C THR I 369 5.92 -53.97 -12.37
N SER I 370 6.73 -54.27 -11.37
CA SER I 370 6.31 -54.10 -9.98
C SER I 370 6.50 -52.64 -9.58
N THR I 371 5.45 -52.03 -9.03
CA THR I 371 5.46 -50.61 -8.70
C THR I 371 4.75 -50.38 -7.39
N ILE I 372 5.35 -49.57 -6.53
CA ILE I 372 4.71 -49.15 -5.28
C ILE I 372 3.78 -47.98 -5.56
N THR I 373 2.66 -47.96 -4.83
CA THR I 373 1.62 -46.94 -5.00
C THR I 373 1.34 -46.29 -3.65
N LEU I 374 1.07 -44.99 -3.69
CA LEU I 374 0.75 -44.20 -2.50
C LEU I 374 -0.65 -43.63 -2.61
N GLN I 375 -1.32 -43.50 -1.48
CA GLN I 375 -2.58 -42.77 -1.42
C GLN I 375 -2.30 -41.28 -1.28
N CYS I 376 -3.12 -40.45 -1.91
CA CYS I 376 -2.93 -39.00 -1.92
C CYS I 376 -4.25 -38.27 -1.72
N ARG I 377 -4.22 -37.25 -0.88
CA ARG I 377 -5.37 -36.41 -0.56
C ARG I 377 -5.13 -35.01 -1.09
N ILE I 378 -6.14 -34.45 -1.75
CA ILE I 378 -6.07 -33.09 -2.27
C ILE I 378 -6.64 -32.14 -1.23
N LYS I 379 -6.05 -30.95 -1.15
CA LYS I 379 -6.43 -29.94 -0.18
C LYS I 379 -6.27 -28.57 -0.83
N GLN I 380 -7.21 -27.67 -0.58
CA GLN I 380 -7.22 -26.37 -1.21
C GLN I 380 -6.69 -25.24 -0.33
N ILE I 381 -6.99 -25.27 0.98
CA ILE I 381 -6.62 -24.17 1.87
C ILE I 381 -5.18 -24.34 2.32
N ILE I 382 -4.24 -23.76 1.57
CA ILE I 382 -2.82 -24.01 1.79
C ILE I 382 -2.29 -23.02 2.82
N ASN I 383 -1.50 -23.55 3.77
CA ASN I 383 -1.00 -22.76 4.89
C ASN I 383 0.44 -23.13 5.20
N MET I 384 1.21 -23.47 4.17
CA MET I 384 2.51 -24.12 4.36
C MET I 384 3.56 -23.21 4.99
N TRP I 385 3.52 -21.92 4.74
CA TRP I 385 4.50 -20.97 5.25
C TRP I 385 3.95 -20.30 6.52
N GLN I 386 4.77 -20.29 7.57
CA GLN I 386 4.34 -19.73 8.84
C GLN I 386 4.41 -18.21 8.88
N GLY I 387 5.07 -17.58 7.92
CA GLY I 387 5.27 -16.14 7.93
C GLY I 387 4.18 -15.37 7.25
N VAL I 388 4.58 -14.35 6.49
CA VAL I 388 3.64 -13.45 5.84
C VAL I 388 2.77 -14.17 4.82
N GLY I 389 3.24 -15.27 4.24
CA GLY I 389 2.48 -16.01 3.27
C GLY I 389 1.42 -16.94 3.83
N ARG I 390 0.86 -16.63 5.00
CA ARG I 390 -0.07 -17.55 5.64
C ARG I 390 -1.41 -17.58 4.92
N CYS I 391 -1.91 -18.78 4.69
CA CYS I 391 -3.21 -19.06 4.10
C CYS I 391 -3.26 -18.64 2.64
N MET I 392 -3.83 -19.50 1.80
CA MET I 392 -4.08 -19.19 0.41
C MET I 392 -5.10 -20.19 -0.10
N TYR I 393 -5.95 -19.75 -1.01
CA TYR I 393 -6.92 -20.61 -1.68
C TYR I 393 -6.39 -20.89 -3.09
N ALA I 394 -6.18 -22.17 -3.39
CA ALA I 394 -5.75 -22.57 -4.72
C ALA I 394 -6.97 -22.93 -5.55
N PRO I 395 -7.33 -22.17 -6.60
CA PRO I 395 -8.56 -22.47 -7.31
C PRO I 395 -8.44 -23.80 -8.05
N PRO I 396 -9.55 -24.51 -8.24
CA PRO I 396 -9.45 -25.83 -8.89
C PRO I 396 -9.11 -25.68 -10.36
N ILE I 397 -8.44 -26.70 -10.89
CA ILE I 397 -8.02 -26.74 -12.29
C ILE I 397 -8.77 -27.88 -12.97
N ALA I 398 -9.42 -27.54 -14.08
CA ALA I 398 -10.28 -28.51 -14.77
C ALA I 398 -9.43 -29.52 -15.53
N GLY I 399 -10.05 -30.65 -15.83
CA GLY I 399 -9.37 -31.72 -16.55
C GLY I 399 -8.39 -32.46 -15.67
N ASN I 400 -8.02 -33.67 -16.07
CA ASN I 400 -7.05 -34.43 -15.29
C ASN I 400 -5.67 -33.80 -15.42
N ILE I 401 -4.82 -34.04 -14.42
CA ILE I 401 -3.50 -33.46 -14.32
C ILE I 401 -2.49 -34.54 -13.99
N THR I 402 -1.32 -34.46 -14.60
CA THR I 402 -0.23 -35.41 -14.38
C THR I 402 1.07 -34.64 -14.16
N CYS I 403 1.88 -35.12 -13.21
CA CYS I 403 3.18 -34.54 -12.89
C CYS I 403 4.22 -35.64 -12.96
N ARG I 404 5.23 -35.45 -13.83
CA ARG I 404 6.38 -36.33 -13.91
C ARG I 404 7.59 -35.61 -13.37
N SER I 405 8.31 -36.24 -12.45
CA SER I 405 9.38 -35.58 -11.72
C SER I 405 10.40 -36.60 -11.25
N ASN I 406 11.56 -36.08 -10.82
CA ASN I 406 12.65 -36.88 -10.32
C ASN I 406 12.84 -36.64 -8.83
N ILE I 407 12.90 -37.72 -8.05
CA ILE I 407 13.43 -37.64 -6.70
C ILE I 407 14.94 -37.61 -6.79
N THR I 408 15.58 -36.71 -6.04
CA THR I 408 17.03 -36.62 -6.01
C THR I 408 17.59 -36.49 -4.61
N GLY I 409 16.76 -36.36 -3.59
CA GLY I 409 17.27 -36.29 -2.23
C GLY I 409 16.17 -36.54 -1.24
N LEU I 410 16.58 -37.00 -0.06
CA LEU I 410 15.67 -37.38 1.01
C LEU I 410 15.96 -36.53 2.24
N LEU I 411 14.93 -36.34 3.07
CA LEU I 411 15.07 -35.72 4.37
C LEU I 411 14.75 -36.74 5.44
N LEU I 412 15.71 -36.99 6.32
CA LEU I 412 15.64 -38.10 7.28
C LEU I 412 16.04 -37.61 8.65
N THR I 413 15.82 -38.46 9.65
CA THR I 413 16.07 -38.09 11.04
C THR I 413 16.31 -39.35 11.87
N ARG I 414 17.46 -39.41 12.54
CA ARG I 414 17.71 -40.48 13.49
C ARG I 414 16.72 -40.38 14.65
N ASP I 415 16.00 -41.46 14.90
CA ASP I 415 15.12 -41.49 16.05
C ASP I 415 15.94 -41.71 17.33
N GLY I 416 15.31 -41.42 18.46
CA GLY I 416 15.95 -41.64 19.75
C GLY I 416 16.34 -43.08 19.97
N GLY I 417 17.60 -43.31 20.33
CA GLY I 417 18.06 -44.67 20.54
C GLY I 417 17.39 -45.32 21.73
N THR I 418 17.32 -46.64 21.71
CA THR I 418 16.67 -47.41 22.76
C THR I 418 17.46 -48.69 23.02
N ASN I 419 17.75 -48.94 24.31
CA ASN I 419 18.39 -50.16 24.79
C ASN I 419 19.79 -50.37 24.23
N SER I 420 20.38 -49.36 23.59
CA SER I 420 21.67 -49.51 22.91
C SER I 420 21.62 -50.64 21.89
N ASN I 421 20.47 -50.81 21.25
CA ASN I 421 20.25 -51.94 20.36
C ASN I 421 21.03 -51.78 19.06
N GLU I 422 21.12 -52.87 18.31
CA GLU I 422 21.84 -52.86 17.04
C GLU I 422 21.08 -52.11 15.96
N THR I 423 19.78 -51.92 16.10
CA THR I 423 18.98 -51.26 15.07
C THR I 423 18.98 -49.75 15.30
N GLU I 424 19.39 -49.01 14.27
CA GLU I 424 19.32 -47.55 14.25
C GLU I 424 18.31 -47.15 13.20
N THR I 425 17.20 -46.55 13.65
CA THR I 425 16.04 -46.33 12.80
C THR I 425 15.97 -44.87 12.36
N PHE I 426 15.52 -44.65 11.13
CA PHE I 426 15.45 -43.34 10.50
C PHE I 426 14.02 -43.07 10.05
N ARG I 427 13.53 -41.85 10.31
CA ARG I 427 12.17 -41.43 9.98
C ARG I 427 12.20 -40.35 8.90
N PRO I 428 11.22 -40.30 7.97
CA PRO I 428 11.13 -39.13 7.08
C PRO I 428 10.49 -37.94 7.76
N ALA I 429 11.29 -37.18 8.49
CA ALA I 429 10.78 -36.02 9.20
C ALA I 429 10.55 -34.87 8.26
N GLY I 430 9.32 -34.36 8.23
CA GLY I 430 9.00 -33.21 7.41
C GLY I 430 9.79 -32.00 7.87
N GLY I 431 10.61 -31.44 6.98
CA GLY I 431 11.51 -30.38 7.38
C GLY I 431 10.85 -29.02 7.24
N ASP I 432 11.31 -28.07 8.07
CA ASP I 432 10.93 -26.68 7.86
C ASP I 432 11.50 -26.21 6.53
N MET I 433 10.96 -25.09 6.03
CA MET I 433 11.04 -24.81 4.60
C MET I 433 12.47 -24.48 4.15
N ARG I 434 13.36 -24.15 5.08
CA ARG I 434 14.70 -23.70 4.70
C ARG I 434 15.49 -24.80 4.00
N ASP I 435 15.34 -26.05 4.44
CA ASP I 435 16.25 -27.11 4.04
C ASP I 435 16.21 -27.37 2.53
N ASN I 436 15.07 -27.12 1.88
CA ASN I 436 14.96 -27.38 0.45
C ASN I 436 15.93 -26.52 -0.35
N TRP I 437 16.23 -25.32 0.13
CA TRP I 437 17.18 -24.42 -0.52
C TRP I 437 18.58 -24.57 0.05
N ARG I 438 18.70 -25.04 1.30
CA ARG I 438 20.01 -25.28 1.86
C ARG I 438 20.71 -26.46 1.19
N SER I 439 19.93 -27.40 0.67
CA SER I 439 20.48 -28.58 0.01
C SER I 439 21.00 -28.28 -1.39
N GLU I 440 20.86 -27.03 -1.85
CA GLU I 440 21.34 -26.61 -3.17
C GLU I 440 22.22 -25.37 -3.14
N LEU I 441 22.18 -24.56 -2.09
CA LEU I 441 23.02 -23.38 -1.96
C LEU I 441 24.35 -23.66 -1.25
N TYR I 442 24.64 -24.94 -0.95
CA TYR I 442 25.78 -25.26 -0.10
C TYR I 442 27.12 -24.95 -0.76
N LYS I 443 27.20 -25.00 -2.08
CA LYS I 443 28.49 -24.86 -2.75
C LYS I 443 29.09 -23.47 -2.62
N TYR I 444 28.30 -22.47 -2.25
CA TYR I 444 28.64 -21.07 -2.51
C TYR I 444 28.93 -20.31 -1.22
N LYS I 445 29.93 -19.41 -1.31
CA LYS I 445 30.19 -18.38 -0.31
C LYS I 445 30.40 -17.07 -1.04
N VAL I 446 30.01 -15.97 -0.39
CA VAL I 446 30.06 -14.63 -0.98
C VAL I 446 31.09 -13.81 -0.21
N VAL I 447 31.98 -13.13 -0.94
CA VAL I 447 33.16 -12.50 -0.35
C VAL I 447 33.37 -11.11 -0.94
N LYS I 448 34.16 -10.31 -0.21
CA LYS I 448 34.62 -9.02 -0.71
C LYS I 448 35.67 -9.21 -1.79
N ILE I 449 35.76 -8.23 -2.69
CA ILE I 449 36.96 -8.02 -3.50
C ILE I 449 37.56 -6.70 -3.05
N GLU I 450 38.77 -6.75 -2.51
CA GLU I 450 39.42 -5.60 -1.86
C GLU I 450 40.66 -5.27 -2.68
N PRO I 451 40.53 -4.47 -3.75
CA PRO I 451 41.66 -4.33 -4.69
C PRO I 451 42.78 -3.42 -4.21
N LEU I 452 42.81 -3.02 -2.94
CA LEU I 452 43.84 -2.13 -2.43
C LEU I 452 44.74 -2.90 -1.48
N GLY I 453 46.06 -2.89 -1.76
CA GLY I 453 47.02 -3.64 -0.98
C GLY I 453 48.30 -2.85 -0.78
N VAL I 454 49.14 -3.36 0.13
CA VAL I 454 50.34 -2.67 0.60
C VAL I 454 51.49 -3.66 0.65
N ALA I 455 52.66 -3.22 0.19
CA ALA I 455 53.88 -4.01 0.26
C ALA I 455 55.06 -3.13 -0.11
N PRO I 456 56.29 -3.52 0.26
CA PRO I 456 57.48 -2.79 -0.21
C PRO I 456 57.98 -3.35 -1.53
N THR I 457 58.85 -2.58 -2.20
CA THR I 457 59.51 -3.02 -3.43
C THR I 457 60.61 -2.02 -3.78
N ARG I 458 61.09 -2.05 -5.02
CA ARG I 458 62.21 -1.23 -5.49
C ARG I 458 61.76 -0.37 -6.68
N CYS I 459 61.35 0.86 -6.36
CA CYS I 459 60.73 1.84 -7.27
C CYS I 459 60.70 3.24 -6.67
N LYS I 460 61.50 4.19 -7.14
CA LYS I 460 61.53 5.50 -6.48
C LYS I 460 60.58 6.49 -7.14
N ARG I 461 59.83 7.21 -6.30
CA ARG I 461 59.12 8.43 -6.72
C ARG I 461 60.17 9.51 -6.94
N ARG I 462 60.60 9.66 -8.18
CA ARG I 462 61.60 10.67 -8.50
C ARG I 462 60.96 12.05 -8.39
N VAL I 463 61.37 12.80 -7.36
CA VAL I 463 60.85 14.13 -7.10
C VAL I 463 62.01 15.09 -6.91
N PHE J 11 38.86 -12.82 -14.56
CA PHE J 11 38.59 -11.78 -13.58
C PHE J 11 39.57 -11.85 -12.41
N LEU J 12 39.68 -13.04 -11.80
CA LEU J 12 40.46 -13.26 -10.60
C LEU J 12 41.40 -14.46 -10.73
N GLY J 13 41.78 -14.82 -11.95
CA GLY J 13 42.68 -15.95 -12.14
C GLY J 13 44.08 -15.75 -11.60
N ALA J 14 44.45 -14.50 -11.29
CA ALA J 14 45.77 -14.23 -10.72
C ALA J 14 45.88 -14.66 -9.26
N ALA J 15 44.77 -15.03 -8.62
CA ALA J 15 44.82 -15.45 -7.22
C ALA J 15 45.66 -16.71 -7.07
N GLY J 16 46.34 -16.80 -5.93
CA GLY J 16 47.25 -17.89 -5.67
C GLY J 16 48.62 -17.75 -6.26
N SER J 17 48.84 -16.75 -7.12
CA SER J 17 50.14 -16.54 -7.75
C SER J 17 50.99 -15.60 -6.90
N THR J 18 52.27 -15.51 -7.27
CA THR J 18 53.20 -14.69 -6.53
C THR J 18 52.99 -13.20 -6.85
N MET J 19 53.60 -12.37 -6.00
CA MET J 19 53.50 -10.92 -6.16
C MET J 19 54.09 -10.47 -7.49
N GLY J 20 55.20 -11.08 -7.90
CA GLY J 20 55.73 -10.80 -9.22
C GLY J 20 54.77 -11.19 -10.34
N ALA J 21 54.09 -12.33 -10.18
CA ALA J 21 53.20 -12.81 -11.22
C ALA J 21 51.96 -11.92 -11.37
N ALA J 22 51.27 -11.64 -10.27
CA ALA J 22 50.05 -10.86 -10.35
C ALA J 22 50.31 -9.36 -10.41
N SER J 23 51.57 -8.93 -10.25
CA SER J 23 51.91 -7.55 -10.58
C SER J 23 51.50 -7.22 -12.01
N MET J 24 51.66 -8.17 -12.91
CA MET J 24 51.10 -8.08 -14.24
C MET J 24 49.62 -8.42 -14.20
N THR J 25 48.89 -7.93 -15.21
CA THR J 25 47.45 -8.10 -15.34
C THR J 25 46.68 -7.68 -14.11
N LEU J 26 47.03 -6.54 -13.49
CA LEU J 26 46.20 -5.97 -12.44
C LEU J 26 44.97 -5.27 -13.03
N THR J 27 45.10 -4.75 -14.26
CA THR J 27 43.98 -4.05 -14.88
C THR J 27 42.83 -4.99 -15.21
N VAL J 28 43.11 -6.31 -15.26
CA VAL J 28 42.02 -7.28 -15.38
C VAL J 28 41.09 -7.19 -14.18
N GLN J 29 41.67 -7.10 -12.98
CA GLN J 29 40.86 -6.90 -11.78
C GLN J 29 40.30 -5.49 -11.72
N ALA J 30 41.04 -4.51 -12.23
CA ALA J 30 40.59 -3.12 -12.12
C ALA J 30 39.35 -2.85 -12.94
N ARG J 31 39.16 -3.58 -14.05
CA ARG J 31 38.12 -3.21 -15.00
C ARG J 31 36.71 -3.55 -14.48
N ASN J 32 36.53 -4.73 -13.91
CA ASN J 32 35.22 -5.39 -13.91
C ASN J 32 34.32 -4.98 -12.75
N LEU J 33 34.48 -3.81 -12.16
CA LEU J 33 33.81 -3.48 -10.90
C LEU J 33 32.55 -2.63 -11.06
N LEU J 34 31.88 -2.64 -12.21
CA LEU J 34 30.65 -1.85 -12.39
C LEU J 34 29.70 -2.60 -13.32
N SER J 35 28.44 -2.75 -12.91
CA SER J 35 27.38 -3.33 -13.74
C SER J 35 26.07 -3.32 -12.97
N GLY J 36 24.96 -3.44 -13.71
CA GLY J 36 23.67 -3.69 -13.10
C GLY J 36 22.53 -3.09 -13.91
N THR J 37 21.32 -3.58 -13.59
CA THR J 37 20.06 -2.98 -14.02
C THR J 37 19.07 -3.20 -12.88
N VAL J 38 17.76 -2.91 -13.13
CA VAL J 38 16.84 -2.51 -12.06
C VAL J 38 15.73 -3.52 -11.80
N TRP J 39 15.48 -3.77 -10.49
CA TRP J 39 14.19 -4.18 -9.92
C TRP J 39 14.12 -3.62 -8.50
N GLY J 40 13.40 -2.52 -8.33
CA GLY J 40 12.85 -2.09 -7.04
C GLY J 40 13.68 -2.22 -5.78
N ILE J 41 13.15 -2.97 -4.81
CA ILE J 41 13.53 -2.88 -3.41
C ILE J 41 15.00 -3.17 -3.19
N LYS J 42 15.47 -4.31 -3.69
CA LYS J 42 16.81 -4.80 -3.39
C LYS J 42 17.83 -4.51 -4.47
N GLN J 43 17.45 -4.69 -5.72
CA GLN J 43 18.41 -4.52 -6.81
C GLN J 43 18.96 -3.11 -6.89
N LEU J 44 18.10 -2.10 -6.71
CA LEU J 44 18.57 -0.72 -6.66
C LEU J 44 19.56 -0.54 -5.52
N GLN J 45 19.27 -1.12 -4.36
CA GLN J 45 20.25 -1.14 -3.28
C GLN J 45 21.50 -1.90 -3.69
N ALA J 46 21.36 -2.88 -4.58
CA ALA J 46 22.50 -3.61 -5.12
C ALA J 46 23.16 -2.91 -6.30
N ARG J 47 22.86 -1.63 -6.53
CA ARG J 47 23.43 -0.88 -7.64
C ARG J 47 24.01 0.46 -7.24
N VAL J 48 23.67 0.99 -6.06
CA VAL J 48 24.44 2.08 -5.47
C VAL J 48 25.60 1.55 -4.64
N LEU J 49 25.61 0.25 -4.31
CA LEU J 49 26.77 -0.33 -3.64
C LEU J 49 27.99 -0.34 -4.54
N ALA J 50 27.79 -0.62 -5.82
CA ALA J 50 28.92 -0.70 -6.76
C ALA J 50 29.63 0.64 -6.86
N VAL J 51 28.88 1.71 -7.14
CA VAL J 51 29.50 3.01 -7.32
C VAL J 51 30.10 3.49 -6.01
N GLU J 52 29.43 3.22 -4.89
CA GLU J 52 29.96 3.67 -3.60
C GLU J 52 31.26 2.96 -3.27
N ARG J 53 31.33 1.65 -3.48
CA ARG J 53 32.56 0.91 -3.24
C ARG J 53 33.68 1.39 -4.14
N TYR J 54 33.38 1.58 -5.43
CA TYR J 54 34.42 2.05 -6.34
C TYR J 54 34.90 3.43 -5.95
N LEU J 55 33.99 4.32 -5.57
CA LEU J 55 34.39 5.67 -5.20
C LEU J 55 35.25 5.67 -3.94
N ARG J 56 34.91 4.83 -2.97
CA ARG J 56 35.73 4.79 -1.76
C ARG J 56 37.13 4.25 -2.06
N ASP J 57 37.21 3.17 -2.85
CA ASP J 57 38.52 2.61 -3.17
C ASP J 57 39.32 3.58 -4.04
N GLN J 58 38.67 4.40 -4.84
CA GLN J 58 39.39 5.40 -5.61
C GLN J 58 39.80 6.58 -4.73
N GLN J 59 38.98 6.92 -3.74
CA GLN J 59 39.31 8.01 -2.83
C GLN J 59 40.57 7.70 -2.04
N LEU J 60 40.63 6.52 -1.44
CA LEU J 60 41.79 6.19 -0.62
C LEU J 60 43.06 6.12 -1.48
N LEU J 61 42.92 5.75 -2.75
CA LEU J 61 44.07 5.75 -3.64
C LEU J 61 44.43 7.17 -4.09
N GLY J 62 43.45 8.06 -4.17
CA GLY J 62 43.68 9.41 -4.65
C GLY J 62 44.24 10.34 -3.60
N ILE J 63 43.96 10.08 -2.32
CA ILE J 63 44.54 10.92 -1.27
C ILE J 63 46.04 10.73 -1.21
N TRP J 64 46.52 9.51 -1.48
CA TRP J 64 47.93 9.18 -1.38
C TRP J 64 48.73 9.60 -2.61
N GLY J 65 48.19 10.46 -3.47
CA GLY J 65 48.91 10.84 -4.67
C GLY J 65 49.08 9.74 -5.69
N CYS J 66 48.26 8.70 -5.61
CA CYS J 66 48.39 7.51 -6.46
C CYS J 66 47.20 7.33 -7.39
N SER J 67 46.62 8.43 -7.88
CA SER J 67 45.46 8.32 -8.76
C SER J 67 45.77 7.54 -10.03
N GLY J 68 47.00 7.65 -10.52
CA GLY J 68 47.47 6.74 -11.55
C GLY J 68 47.46 5.32 -11.01
N LYS J 69 46.63 4.46 -11.58
CA LYS J 69 46.30 3.19 -10.96
C LYS J 69 47.30 2.08 -11.28
N LEU J 70 48.52 2.43 -11.68
CA LEU J 70 49.60 1.46 -11.69
C LEU J 70 50.03 1.13 -10.26
N ILE J 71 51.05 0.28 -10.14
CA ILE J 71 51.73 0.15 -8.86
C ILE J 71 52.31 1.50 -8.47
N CYS J 72 51.80 2.06 -7.38
CA CYS J 72 52.26 3.35 -6.87
C CYS J 72 53.22 3.11 -5.73
N CYS J 73 54.50 3.31 -5.98
CA CYS J 73 55.55 3.27 -4.98
C CYS J 73 55.60 4.62 -4.27
N THR J 74 56.01 4.63 -3.00
CA THR J 74 55.80 5.77 -2.11
C THR J 74 57.03 6.05 -1.27
N ASN J 75 57.03 7.22 -0.62
CA ASN J 75 58.22 7.78 0.04
C ASN J 75 58.07 7.90 1.55
N VAL J 76 57.46 6.93 2.21
CA VAL J 76 57.30 6.92 3.67
C VAL J 76 57.93 5.63 4.19
N PRO J 77 58.64 5.66 5.33
CA PRO J 77 59.50 4.51 5.64
C PRO J 77 58.78 3.31 6.22
N TRP J 78 59.41 2.15 6.02
CA TRP J 78 58.88 0.87 6.43
C TRP J 78 59.47 0.51 7.79
N ASN J 79 58.75 0.83 8.85
CA ASN J 79 59.15 0.38 10.18
C ASN J 79 59.23 -1.14 10.18
N SER J 80 60.42 -1.68 10.50
CA SER J 80 60.65 -3.11 10.37
C SER J 80 59.71 -3.91 11.26
N SER J 81 59.19 -3.29 12.33
CA SER J 81 58.23 -3.97 13.21
C SER J 81 56.99 -4.42 12.47
N TRP J 82 56.66 -3.80 11.32
CA TRP J 82 55.51 -4.24 10.54
C TRP J 82 55.64 -5.66 10.03
N SER J 83 56.81 -6.04 9.50
CA SER J 83 57.00 -7.40 8.96
C SER J 83 58.20 -8.13 9.59
N ASN J 84 59.32 -7.44 9.74
CA ASN J 84 60.58 -8.08 10.17
C ASN J 84 60.92 -9.27 9.27
N ARG J 85 60.76 -9.08 7.96
CA ARG J 85 60.99 -10.13 6.98
C ARG J 85 61.65 -9.54 5.75
N ASN J 86 62.23 -10.43 4.93
CA ASN J 86 63.13 -10.06 3.84
C ASN J 86 62.47 -10.35 2.50
N LEU J 87 62.91 -9.59 1.48
CA LEU J 87 62.35 -9.73 0.14
C LEU J 87 62.57 -11.13 -0.43
N SER J 88 63.64 -11.82 -0.01
CA SER J 88 63.95 -13.12 -0.57
C SER J 88 62.88 -14.16 -0.27
N GLU J 89 62.12 -13.97 0.81
CA GLU J 89 61.09 -14.90 1.23
C GLU J 89 59.70 -14.49 0.76
N ILE J 90 59.60 -13.56 -0.19
CA ILE J 90 58.34 -12.90 -0.51
C ILE J 90 57.99 -13.12 -1.98
N TRP J 91 58.77 -12.55 -2.91
CA TRP J 91 58.38 -12.63 -4.31
C TRP J 91 58.54 -14.02 -4.90
N ASP J 92 59.48 -14.82 -4.42
CA ASP J 92 59.70 -16.14 -4.99
C ASP J 92 58.57 -17.11 -4.66
N ASN J 93 58.00 -17.05 -3.45
CA ASN J 93 57.13 -18.11 -2.94
C ASN J 93 55.75 -17.62 -2.50
N MET J 94 55.71 -16.50 -1.78
CA MET J 94 54.52 -16.09 -1.06
C MET J 94 53.50 -15.47 -2.02
N THR J 95 52.22 -15.54 -1.65
CA THR J 95 51.11 -15.07 -2.48
C THR J 95 50.36 -13.95 -1.77
N TRP J 96 49.43 -13.32 -2.50
CA TRP J 96 48.84 -12.06 -2.03
C TRP J 96 48.00 -12.23 -0.78
N LEU J 97 47.06 -13.18 -0.80
CA LEU J 97 46.19 -13.35 0.36
C LEU J 97 46.99 -13.74 1.59
N GLN J 98 47.96 -14.65 1.42
CA GLN J 98 48.79 -15.08 2.54
C GLN J 98 49.60 -13.92 3.10
N TRP J 99 50.18 -13.10 2.23
CA TRP J 99 50.93 -11.93 2.68
C TRP J 99 50.00 -10.93 3.35
N ASP J 100 48.79 -10.77 2.82
CA ASP J 100 47.84 -9.80 3.36
C ASP J 100 47.44 -10.17 4.78
N LYS J 101 47.32 -11.47 5.08
CA LYS J 101 47.01 -11.86 6.45
C LYS J 101 48.10 -11.43 7.42
N GLU J 102 49.33 -11.20 6.95
CA GLU J 102 50.38 -10.69 7.83
C GLU J 102 50.31 -9.17 7.97
N ILE J 103 50.39 -8.44 6.84
CA ILE J 103 50.47 -6.98 6.89
C ILE J 103 49.15 -6.36 7.34
N SER J 104 48.05 -7.13 7.36
CA SER J 104 46.76 -6.59 7.76
C SER J 104 46.74 -6.06 9.19
N ASN J 105 47.71 -6.45 10.02
CA ASN J 105 47.77 -6.01 11.41
C ASN J 105 48.15 -4.55 11.58
N TYR J 106 48.57 -3.85 10.50
CA TYR J 106 49.13 -2.51 10.60
C TYR J 106 48.58 -1.51 9.59
N THR J 107 47.55 -1.85 8.83
CA THR J 107 47.18 -1.06 7.65
C THR J 107 46.70 0.35 8.02
N GLN J 108 45.81 0.45 9.01
CA GLN J 108 45.23 1.74 9.35
C GLN J 108 46.29 2.70 9.85
N ILE J 109 47.34 2.19 10.51
CA ILE J 109 48.44 3.04 10.91
C ILE J 109 49.21 3.50 9.68
N ILE J 110 49.32 2.64 8.67
CA ILE J 110 50.13 2.94 7.50
C ILE J 110 49.48 4.06 6.68
N TYR J 111 48.15 4.04 6.56
CA TYR J 111 47.47 4.92 5.61
C TYR J 111 47.71 6.40 5.93
N GLY J 112 47.59 6.77 7.21
CA GLY J 112 47.78 8.17 7.57
C GLY J 112 49.15 8.69 7.24
N LEU J 113 50.18 7.85 7.39
CA LEU J 113 51.52 8.26 7.03
C LEU J 113 51.61 8.56 5.54
N LEU J 114 50.95 7.75 4.71
CA LEU J 114 50.92 8.03 3.27
C LEU J 114 50.25 9.36 3.01
N GLU J 115 49.13 9.63 3.70
CA GLU J 115 48.42 10.89 3.51
C GLU J 115 49.33 12.08 3.80
N GLU J 116 49.96 12.07 4.98
CA GLU J 116 50.78 13.21 5.37
C GLU J 116 52.01 13.34 4.48
N SER J 117 52.64 12.22 4.11
CA SER J 117 53.82 12.28 3.24
C SER J 117 53.48 12.88 1.88
N GLN J 118 52.34 12.48 1.31
CA GLN J 118 51.85 13.14 0.11
C GLN J 118 51.73 14.63 0.33
N ASN J 119 51.25 15.04 1.50
CA ASN J 119 51.01 16.47 1.68
C ASN J 119 52.31 17.26 1.89
N GLN J 120 53.32 16.67 2.54
CA GLN J 120 54.59 17.40 2.63
C GLN J 120 55.27 17.48 1.27
N GLN J 121 55.22 16.39 0.49
CA GLN J 121 55.66 16.50 -0.90
C GLN J 121 54.91 17.60 -1.63
N GLU J 122 53.64 17.79 -1.32
CA GLU J 122 52.88 18.86 -1.95
C GLU J 122 53.38 20.24 -1.53
N LYS J 123 53.65 20.44 -0.24
CA LYS J 123 54.21 21.72 0.19
C LYS J 123 55.54 21.98 -0.50
N ASN J 124 56.31 20.92 -0.74
CA ASN J 124 57.60 21.09 -1.41
C ASN J 124 57.42 21.51 -2.87
N GLU J 125 56.49 20.88 -3.57
CA GLU J 125 56.30 21.18 -4.99
C GLU J 125 55.86 22.62 -5.22
N GLN J 126 55.04 23.15 -4.32
CA GLN J 126 54.39 24.44 -4.47
C GLN J 126 55.37 25.62 -4.46
N ASP J 127 56.47 25.56 -3.73
CA ASP J 127 57.26 26.78 -3.52
C ASP J 127 58.01 27.21 -4.79
N LEU J 128 57.52 28.29 -5.42
CA LEU J 128 58.17 28.88 -6.59
C LEU J 128 58.08 30.40 -6.50
N GLN K 1 -19.86 -70.86 -18.62
CA GLN K 1 -19.33 -69.58 -19.18
C GLN K 1 -20.08 -68.38 -18.61
N VAL K 2 -19.44 -67.21 -18.67
CA VAL K 2 -20.08 -65.99 -18.19
C VAL K 2 -21.31 -65.69 -19.04
N GLN K 3 -22.39 -65.31 -18.38
CA GLN K 3 -23.63 -65.01 -19.08
C GLN K 3 -24.52 -64.16 -18.19
N LEU K 4 -25.40 -63.39 -18.83
CA LEU K 4 -26.41 -62.58 -18.16
C LEU K 4 -27.78 -63.03 -18.65
N VAL K 5 -28.74 -63.10 -17.73
CA VAL K 5 -30.11 -63.49 -18.03
C VAL K 5 -31.01 -62.28 -17.83
N GLN K 6 -32.14 -62.26 -18.54
CA GLN K 6 -32.93 -61.06 -18.71
C GLN K 6 -34.43 -61.37 -18.61
N SER K 7 -35.22 -60.33 -18.43
CA SER K 7 -36.67 -60.46 -18.43
C SER K 7 -37.17 -60.88 -19.81
N GLY K 8 -38.33 -61.52 -19.82
CA GLY K 8 -38.87 -62.06 -21.06
C GLY K 8 -39.31 -61.00 -22.05
N ALA K 9 -40.39 -60.28 -21.73
CA ALA K 9 -40.90 -59.24 -22.61
C ALA K 9 -41.86 -58.38 -21.83
N GLU K 10 -42.13 -57.18 -22.36
CA GLU K 10 -42.96 -56.18 -21.70
C GLU K 10 -43.92 -55.56 -22.70
N VAL K 11 -45.11 -55.21 -22.21
CA VAL K 11 -46.09 -54.44 -22.96
C VAL K 11 -46.67 -53.39 -22.03
N LYS K 12 -46.72 -52.14 -22.50
CA LYS K 12 -47.15 -51.03 -21.67
C LYS K 12 -47.89 -50.01 -22.53
N LYS K 13 -48.61 -49.11 -21.86
CA LYS K 13 -49.30 -48.01 -22.51
C LYS K 13 -48.41 -46.77 -22.52
N PRO K 14 -48.66 -45.82 -23.43
CA PRO K 14 -47.91 -44.56 -23.37
C PRO K 14 -48.17 -43.81 -22.07
N GLY K 15 -47.12 -43.17 -21.55
CA GLY K 15 -47.18 -42.49 -20.28
C GLY K 15 -46.98 -43.39 -19.08
N ALA K 16 -46.80 -44.70 -19.27
CA ALA K 16 -46.61 -45.63 -18.17
C ALA K 16 -45.12 -45.80 -17.91
N SER K 17 -44.77 -46.79 -17.07
CA SER K 17 -43.39 -47.10 -16.71
C SER K 17 -43.13 -48.58 -16.87
N VAL K 18 -41.87 -48.93 -17.09
CA VAL K 18 -41.44 -50.30 -17.30
C VAL K 18 -40.14 -50.56 -16.54
N LYS K 19 -40.05 -51.74 -15.94
CA LYS K 19 -38.84 -52.20 -15.26
C LYS K 19 -38.34 -53.46 -15.94
N VAL K 20 -37.05 -53.50 -16.24
CA VAL K 20 -36.41 -54.67 -16.85
C VAL K 20 -35.21 -55.05 -16.00
N SER K 21 -34.95 -56.35 -15.92
CA SER K 21 -33.96 -56.92 -15.02
C SER K 21 -32.77 -57.47 -15.80
N CYS K 22 -31.65 -57.62 -15.10
CA CYS K 22 -30.43 -58.15 -15.70
C CYS K 22 -29.62 -58.81 -14.58
N LYS K 23 -29.66 -60.14 -14.55
CA LYS K 23 -28.94 -60.94 -13.56
C LYS K 23 -27.76 -61.62 -14.24
N ALA K 24 -26.60 -61.57 -13.59
CA ALA K 24 -25.35 -62.05 -14.15
C ALA K 24 -24.79 -63.21 -13.33
N SER K 25 -24.00 -64.05 -13.99
CA SER K 25 -23.38 -65.20 -13.34
C SER K 25 -22.13 -65.59 -14.11
N GLY K 26 -21.29 -66.39 -13.46
CA GLY K 26 -20.06 -66.88 -14.05
C GLY K 26 -18.83 -66.06 -13.74
N TYR K 27 -18.98 -64.86 -13.18
CA TYR K 27 -17.85 -64.02 -12.80
C TYR K 27 -18.24 -63.26 -11.55
N THR K 28 -17.22 -62.72 -10.87
CA THR K 28 -17.48 -61.91 -9.68
C THR K 28 -18.32 -60.70 -10.07
N PHE K 29 -19.56 -60.68 -9.60
CA PHE K 29 -20.55 -59.80 -10.20
C PHE K 29 -20.29 -58.33 -9.87
N THR K 30 -19.47 -58.05 -8.87
CA THR K 30 -19.18 -56.70 -8.43
C THR K 30 -17.97 -56.08 -9.13
N ASP K 31 -17.22 -56.87 -9.90
CA ASP K 31 -15.94 -56.41 -10.43
C ASP K 31 -16.03 -55.73 -11.79
N TYR K 32 -17.22 -55.60 -12.38
CA TYR K 32 -17.35 -55.10 -13.75
C TYR K 32 -18.49 -54.10 -13.84
N TYR K 33 -18.37 -53.18 -14.79
CA TYR K 33 -19.46 -52.27 -15.10
C TYR K 33 -20.62 -52.99 -15.77
N ILE K 34 -21.77 -52.33 -15.82
CA ILE K 34 -22.93 -52.78 -16.57
C ILE K 34 -23.37 -51.64 -17.48
N HIS K 35 -23.36 -51.90 -18.79
CA HIS K 35 -23.79 -50.93 -19.79
C HIS K 35 -25.16 -51.31 -20.33
N TRP K 36 -26.06 -50.33 -20.43
CA TRP K 36 -27.40 -50.52 -20.96
C TRP K 36 -27.49 -49.90 -22.34
N VAL K 37 -27.91 -50.70 -23.32
CA VAL K 37 -27.97 -50.29 -24.72
C VAL K 37 -29.27 -50.80 -25.33
N ARG K 38 -29.87 -49.99 -26.20
CA ARG K 38 -31.19 -50.21 -26.76
C ARG K 38 -31.08 -50.43 -28.27
N GLN K 39 -32.00 -51.23 -28.81
CA GLN K 39 -32.01 -51.62 -30.22
C GLN K 39 -33.43 -51.49 -30.77
N ALA K 40 -33.66 -50.45 -31.57
CA ALA K 40 -34.93 -50.31 -32.26
C ALA K 40 -34.99 -51.29 -33.42
N PRO K 41 -36.18 -51.74 -33.83
CA PRO K 41 -36.24 -52.89 -34.74
C PRO K 41 -35.72 -52.52 -36.12
N GLY K 42 -34.53 -53.02 -36.43
CA GLY K 42 -33.91 -52.72 -37.71
C GLY K 42 -33.42 -51.29 -37.88
N GLN K 43 -33.03 -50.63 -36.80
CA GLN K 43 -32.38 -49.33 -36.88
C GLN K 43 -31.09 -49.38 -36.06
N GLY K 44 -30.44 -48.23 -35.87
CA GLY K 44 -29.15 -48.23 -35.20
C GLY K 44 -29.26 -48.50 -33.71
N LEU K 45 -28.11 -48.80 -33.11
CA LEU K 45 -28.04 -49.01 -31.67
C LEU K 45 -28.06 -47.67 -30.94
N GLU K 46 -28.69 -47.64 -29.78
CA GLU K 46 -28.71 -46.48 -28.91
C GLU K 46 -28.23 -46.88 -27.53
N TRP K 47 -27.09 -46.33 -27.12
CA TRP K 47 -26.56 -46.59 -25.79
C TRP K 47 -27.33 -45.76 -24.76
N MET K 48 -27.61 -46.37 -23.60
CA MET K 48 -28.44 -45.75 -22.58
C MET K 48 -27.66 -45.22 -21.39
N ALA K 49 -26.89 -46.06 -20.70
CA ALA K 49 -26.30 -45.64 -19.43
C ALA K 49 -25.27 -46.65 -18.97
N TRP K 50 -24.62 -46.34 -17.85
CA TRP K 50 -23.72 -47.26 -17.16
C TRP K 50 -23.88 -47.10 -15.66
N ILE K 51 -23.45 -48.11 -14.91
CA ILE K 51 -23.55 -48.13 -13.46
C ILE K 51 -22.35 -48.86 -12.89
N ASN K 52 -21.80 -48.33 -11.80
CA ASN K 52 -20.77 -49.03 -11.03
C ASN K 52 -21.46 -49.89 -9.96
N PRO K 53 -21.22 -51.20 -9.90
CA PRO K 53 -21.92 -52.00 -8.88
C PRO K 53 -21.63 -51.60 -7.45
N THR K 54 -20.40 -51.23 -7.12
CA THR K 54 -20.00 -50.97 -5.75
C THR K 54 -20.60 -49.69 -5.17
N THR K 55 -21.09 -48.77 -6.00
CA THR K 55 -21.58 -47.49 -5.56
C THR K 55 -22.84 -47.16 -6.35
N GLY K 56 -23.40 -45.98 -6.07
CA GLY K 56 -24.42 -45.42 -6.93
C GLY K 56 -23.77 -44.71 -8.10
N ARG K 57 -24.17 -43.46 -8.35
CA ARG K 57 -23.57 -42.62 -9.37
C ARG K 57 -23.67 -43.27 -10.75
N THR K 58 -24.91 -43.44 -11.18
CA THR K 58 -25.17 -43.77 -12.57
C THR K 58 -25.06 -42.52 -13.42
N ASN K 59 -24.90 -42.72 -14.73
CA ASN K 59 -24.91 -41.63 -15.68
C ASN K 59 -25.44 -42.15 -17.01
N SER K 60 -26.03 -41.26 -17.78
CA SER K 60 -26.77 -41.66 -18.97
C SER K 60 -26.74 -40.53 -19.98
N ALA K 61 -27.08 -40.87 -21.22
CA ALA K 61 -27.14 -39.88 -22.29
C ALA K 61 -28.25 -38.87 -21.99
N ARG K 62 -28.11 -37.68 -22.60
CA ARG K 62 -29.02 -36.59 -22.30
C ARG K 62 -30.45 -36.87 -22.74
N LYS K 63 -30.66 -37.83 -23.64
CA LYS K 63 -32.02 -38.19 -24.03
C LYS K 63 -32.85 -38.68 -22.86
N PHE K 64 -32.20 -39.25 -21.84
CA PHE K 64 -32.88 -39.96 -20.77
C PHE K 64 -32.60 -39.40 -19.39
N GLN K 65 -31.89 -38.26 -19.29
CA GLN K 65 -31.58 -37.69 -18.00
C GLN K 65 -32.85 -37.16 -17.34
N GLY K 66 -32.94 -37.33 -16.02
CA GLY K 66 -34.13 -36.93 -15.29
C GLY K 66 -35.35 -37.76 -15.60
N ARG K 67 -35.19 -38.87 -16.31
CA ARG K 67 -36.30 -39.72 -16.74
C ARG K 67 -36.05 -41.21 -16.52
N VAL K 68 -34.81 -41.64 -16.36
CA VAL K 68 -34.44 -43.04 -16.14
C VAL K 68 -33.79 -43.15 -14.77
N THR K 69 -34.19 -44.15 -14.00
CA THR K 69 -33.60 -44.46 -12.71
C THR K 69 -32.84 -45.79 -12.81
N MET K 70 -31.68 -45.85 -12.17
CA MET K 70 -30.78 -46.98 -12.31
C MET K 70 -30.29 -47.40 -10.93
N THR K 71 -30.38 -48.70 -10.65
CA THR K 71 -29.89 -49.27 -9.40
C THR K 71 -29.39 -50.68 -9.67
N ARG K 72 -28.68 -51.24 -8.69
CA ARG K 72 -28.34 -52.65 -8.70
C ARG K 72 -28.54 -53.22 -7.31
N ASP K 73 -29.02 -54.46 -7.23
CA ASP K 73 -29.23 -55.15 -5.98
C ASP K 73 -28.11 -56.16 -5.79
N THR K 74 -27.21 -55.89 -4.84
CA THR K 74 -26.05 -56.74 -4.62
C THR K 74 -26.39 -58.12 -4.09
N SER K 75 -27.60 -58.31 -3.53
CA SER K 75 -27.93 -59.59 -2.92
C SER K 75 -27.97 -60.72 -3.94
N ILE K 76 -28.56 -60.48 -5.11
CA ILE K 76 -28.81 -61.53 -6.09
C ILE K 76 -28.17 -61.21 -7.44
N SER K 77 -27.16 -60.34 -7.44
CA SER K 77 -26.35 -60.11 -8.64
C SER K 77 -27.16 -59.55 -9.80
N THR K 78 -28.21 -58.79 -9.48
CA THR K 78 -29.19 -58.35 -10.47
C THR K 78 -29.18 -56.83 -10.57
N ALA K 79 -29.03 -56.33 -11.80
CA ALA K 79 -29.17 -54.92 -12.11
C ALA K 79 -30.55 -54.65 -12.69
N TYR K 80 -31.09 -53.47 -12.38
CA TYR K 80 -32.43 -53.09 -12.78
C TYR K 80 -32.40 -51.75 -13.49
N MET K 81 -33.17 -51.66 -14.58
CA MET K 81 -33.33 -50.45 -15.36
C MET K 81 -34.78 -50.00 -15.25
N GLU K 82 -34.99 -48.73 -14.91
CA GLU K 82 -36.31 -48.16 -14.73
C GLU K 82 -36.50 -47.02 -15.71
N LEU K 83 -37.51 -47.13 -16.56
CA LEU K 83 -37.93 -46.06 -17.47
C LEU K 83 -39.33 -45.65 -17.07
N ARG K 84 -39.51 -44.36 -16.74
CA ARG K 84 -40.65 -43.93 -15.94
C ARG K 84 -41.75 -43.24 -16.74
N ARG K 85 -41.43 -42.62 -17.89
CA ARG K 85 -42.43 -41.91 -18.71
C ARG K 85 -42.24 -42.37 -20.16
N LEU K 86 -43.01 -43.40 -20.54
CA LEU K 86 -42.83 -44.02 -21.83
C LEU K 86 -43.44 -43.18 -22.95
N ARG K 87 -42.86 -43.33 -24.14
CA ARG K 87 -43.43 -42.81 -25.38
C ARG K 87 -43.53 -43.97 -26.38
N SER K 88 -44.30 -43.74 -27.45
CA SER K 88 -44.41 -44.75 -28.50
C SER K 88 -43.07 -44.98 -29.19
N ASP K 89 -42.20 -43.98 -29.19
CA ASP K 89 -40.89 -44.13 -29.81
C ASP K 89 -40.04 -45.17 -29.09
N ASP K 90 -40.25 -45.35 -27.79
CA ASP K 90 -39.40 -46.20 -26.97
C ASP K 90 -39.63 -47.69 -27.20
N THR K 91 -40.56 -48.07 -28.09
CA THR K 91 -40.72 -49.47 -28.46
C THR K 91 -39.44 -49.98 -29.10
N ALA K 92 -38.76 -50.92 -28.44
CA ALA K 92 -37.46 -51.39 -28.90
C ALA K 92 -37.03 -52.57 -28.04
N VAL K 93 -35.87 -53.12 -28.37
CA VAL K 93 -35.23 -54.17 -27.57
C VAL K 93 -34.18 -53.53 -26.68
N TYR K 94 -34.09 -54.02 -25.44
CA TYR K 94 -33.20 -53.48 -24.42
C TYR K 94 -32.19 -54.54 -24.01
N TYR K 95 -30.90 -54.16 -23.98
CA TYR K 95 -29.82 -55.07 -23.61
C TYR K 95 -29.07 -54.52 -22.40
N CYS K 96 -28.44 -55.44 -21.67
CA CYS K 96 -27.45 -55.14 -20.65
C CYS K 96 -26.17 -55.91 -20.97
N ALA K 97 -25.03 -55.28 -20.70
CA ALA K 97 -23.74 -55.86 -21.05
C ALA K 97 -22.70 -55.52 -20.02
N ARG K 98 -21.72 -56.42 -19.87
CA ARG K 98 -20.64 -56.28 -18.91
C ARG K 98 -19.52 -55.43 -19.51
N GLY K 99 -19.14 -54.36 -18.82
CA GLY K 99 -18.14 -53.43 -19.31
C GLY K 99 -16.73 -53.76 -18.85
N GLY K 100 -15.89 -52.74 -18.83
CA GLY K 100 -14.51 -52.92 -18.41
C GLY K 100 -14.39 -53.13 -16.92
N TRP K 101 -13.19 -53.53 -16.50
CA TRP K 101 -12.94 -53.85 -15.11
C TRP K 101 -13.02 -52.60 -14.25
N ILE K 102 -13.48 -52.76 -13.01
CA ILE K 102 -13.62 -51.65 -12.09
C ILE K 102 -12.29 -51.38 -11.40
N GLY K 103 -11.44 -50.61 -12.07
CA GLY K 103 -10.15 -50.26 -11.48
C GLY K 103 -10.33 -49.23 -10.39
N LEU K 104 -9.45 -49.29 -9.39
CA LEU K 104 -9.48 -48.35 -8.28
C LEU K 104 -8.54 -47.17 -8.48
N TYR K 105 -7.79 -47.12 -9.58
CA TYR K 105 -6.84 -46.05 -9.86
C TYR K 105 -6.93 -45.50 -11.28
N VAL K 106 -7.77 -46.08 -12.14
CA VAL K 106 -7.90 -45.66 -13.54
C VAL K 106 -9.38 -45.63 -13.89
N ASP K 107 -9.76 -44.64 -14.70
CA ASP K 107 -11.17 -44.43 -15.08
C ASP K 107 -11.45 -45.22 -16.36
N TYR K 108 -11.99 -46.42 -16.17
CA TYR K 108 -12.39 -47.29 -17.28
C TYR K 108 -13.88 -47.20 -17.61
N SER K 109 -14.60 -46.23 -17.03
CA SER K 109 -16.05 -46.21 -17.16
C SER K 109 -16.50 -46.03 -18.60
N GLY K 110 -15.89 -45.11 -19.34
CA GLY K 110 -16.33 -44.82 -20.68
C GLY K 110 -15.81 -45.77 -21.75
N TYR K 111 -15.06 -46.80 -21.38
CA TYR K 111 -14.38 -47.63 -22.36
C TYR K 111 -15.39 -48.53 -23.07
N PRO K 112 -15.52 -48.47 -24.42
CA PRO K 112 -16.31 -49.52 -25.10
C PRO K 112 -15.50 -50.80 -25.31
N ASN K 113 -15.46 -51.62 -24.26
CA ASN K 113 -14.81 -52.93 -24.31
C ASN K 113 -15.77 -54.04 -23.87
N PHE K 114 -17.07 -53.76 -23.81
CA PHE K 114 -18.01 -54.76 -23.32
C PHE K 114 -18.14 -55.90 -24.31
N ASP K 115 -18.20 -57.13 -23.76
CA ASP K 115 -18.01 -58.35 -24.56
C ASP K 115 -18.96 -59.48 -24.15
N SER K 116 -20.05 -59.16 -23.47
CA SER K 116 -21.00 -60.18 -23.02
C SER K 116 -22.34 -59.52 -22.82
N TRP K 117 -23.38 -60.09 -23.42
CA TRP K 117 -24.69 -59.45 -23.53
C TRP K 117 -25.76 -60.33 -22.89
N GLY K 118 -26.92 -59.72 -22.66
CA GLY K 118 -28.10 -60.47 -22.33
C GLY K 118 -28.81 -60.97 -23.57
N GLN K 119 -30.01 -61.51 -23.36
CA GLN K 119 -30.80 -62.03 -24.47
C GLN K 119 -31.50 -60.93 -25.26
N GLY K 120 -31.71 -59.77 -24.65
CA GLY K 120 -32.53 -58.73 -25.26
C GLY K 120 -33.98 -58.93 -24.90
N THR K 121 -34.61 -57.91 -24.31
CA THR K 121 -36.01 -57.95 -23.92
C THR K 121 -36.78 -56.94 -24.75
N LEU K 122 -37.88 -57.39 -25.35
CA LEU K 122 -38.68 -56.58 -26.25
C LEU K 122 -39.73 -55.82 -25.46
N VAL K 123 -39.71 -54.49 -25.56
CA VAL K 123 -40.67 -53.62 -24.89
C VAL K 123 -41.54 -52.99 -25.98
N THR K 124 -42.85 -53.13 -25.85
CA THR K 124 -43.81 -52.60 -26.81
C THR K 124 -44.69 -51.57 -26.11
N VAL K 125 -44.71 -50.36 -26.64
CA VAL K 125 -45.57 -49.28 -26.15
C VAL K 125 -46.73 -49.15 -27.12
N SER K 126 -47.93 -49.45 -26.63
CA SER K 126 -49.13 -49.45 -27.47
C SER K 126 -50.33 -48.91 -26.70
N GLN L 1 -27.97 -35.92 -33.82
CA GLN L 1 -27.60 -36.82 -32.69
C GLN L 1 -26.16 -37.36 -32.88
N SER L 2 -25.97 -38.67 -33.02
CA SER L 2 -24.63 -39.22 -33.20
C SER L 2 -23.92 -38.61 -34.40
N ALA L 3 -22.66 -38.23 -34.17
CA ALA L 3 -21.79 -37.75 -35.24
C ALA L 3 -21.09 -38.87 -36.00
N LEU L 4 -21.23 -40.13 -35.55
CA LEU L 4 -20.53 -41.25 -36.17
C LEU L 4 -21.28 -41.69 -37.42
N THR L 5 -21.07 -40.92 -38.49
CA THR L 5 -21.65 -41.27 -39.79
C THR L 5 -21.04 -42.55 -40.32
N GLN L 6 -21.84 -43.31 -41.07
CA GLN L 6 -21.43 -44.61 -41.57
C GLN L 6 -22.14 -44.88 -42.89
N PRO L 7 -21.53 -45.64 -43.81
CA PRO L 7 -22.26 -46.01 -45.03
C PRO L 7 -23.43 -46.94 -44.73
N ALA L 8 -24.29 -47.10 -45.74
CA ALA L 8 -25.50 -47.88 -45.55
C ALA L 8 -25.24 -49.37 -45.68
N SER L 9 -24.56 -49.79 -46.75
CA SER L 9 -24.36 -51.20 -47.00
C SER L 9 -23.27 -51.40 -48.05
N VAL L 10 -22.77 -52.64 -48.13
CA VAL L 10 -21.83 -53.05 -49.15
C VAL L 10 -22.21 -54.46 -49.61
N SER L 11 -21.44 -54.99 -50.55
CA SER L 11 -21.66 -56.33 -51.06
C SER L 11 -20.37 -56.89 -51.62
N GLY L 12 -20.32 -58.21 -51.77
CA GLY L 12 -19.10 -58.84 -52.28
C GLY L 12 -19.34 -60.29 -52.62
N SER L 13 -18.23 -60.97 -52.94
CA SER L 13 -18.23 -62.35 -53.38
C SER L 13 -16.98 -63.04 -52.82
N PRO L 14 -16.87 -64.38 -52.89
CA PRO L 14 -15.75 -65.05 -52.23
C PRO L 14 -14.39 -64.60 -52.74
N GLY L 15 -13.44 -64.50 -51.81
CA GLY L 15 -12.07 -64.12 -52.13
C GLY L 15 -11.82 -62.63 -52.19
N GLN L 16 -12.85 -61.80 -52.05
CA GLN L 16 -12.67 -60.35 -52.14
C GLN L 16 -12.26 -59.77 -50.79
N SER L 17 -11.91 -58.48 -50.81
CA SER L 17 -11.56 -57.72 -49.62
C SER L 17 -12.38 -56.45 -49.59
N ILE L 18 -12.97 -56.16 -48.43
CA ILE L 18 -13.88 -55.03 -48.23
C ILE L 18 -13.45 -54.27 -46.98
N THR L 19 -13.56 -52.95 -47.04
CA THR L 19 -13.21 -52.07 -45.93
C THR L 19 -14.41 -51.20 -45.58
N ILE L 20 -14.94 -51.37 -44.37
CA ILE L 20 -15.99 -50.52 -43.83
C ILE L 20 -15.32 -49.36 -43.10
N SER L 21 -16.01 -48.23 -43.01
CA SER L 21 -15.46 -47.07 -42.32
C SER L 21 -16.59 -46.26 -41.70
N CYS L 22 -16.23 -45.49 -40.67
CA CYS L 22 -17.14 -44.55 -40.03
C CYS L 22 -16.35 -43.30 -39.68
N THR L 23 -16.98 -42.13 -39.90
CA THR L 23 -16.36 -40.83 -39.67
C THR L 23 -17.05 -40.17 -38.48
N GLY L 24 -16.25 -39.78 -37.49
CA GLY L 24 -16.76 -39.11 -36.30
C GLY L 24 -16.51 -37.62 -36.32
N THR L 25 -15.81 -37.13 -35.29
CA THR L 25 -15.52 -35.71 -35.13
C THR L 25 -14.24 -35.59 -34.32
N SER L 26 -13.63 -34.40 -34.37
CA SER L 26 -12.43 -34.15 -33.58
C SER L 26 -12.70 -34.29 -32.07
N TYR L 27 -13.94 -34.10 -31.64
CA TYR L 27 -14.26 -34.21 -30.23
C TYR L 27 -14.10 -35.64 -29.70
N ASP L 28 -14.51 -36.65 -30.48
CA ASP L 28 -14.60 -38.02 -29.96
C ASP L 28 -13.61 -38.98 -30.62
N VAL L 29 -13.64 -39.11 -31.95
CA VAL L 29 -12.79 -40.08 -32.61
C VAL L 29 -11.38 -39.52 -32.82
N GLY L 30 -11.29 -38.22 -33.09
CA GLY L 30 -10.02 -37.55 -33.28
C GLY L 30 -9.33 -37.09 -32.01
N SER L 31 -9.80 -37.55 -30.84
CA SER L 31 -9.24 -37.14 -29.56
C SER L 31 -8.97 -38.28 -28.59
N TYR L 32 -9.52 -39.48 -28.81
CA TYR L 32 -9.40 -40.59 -27.87
C TYR L 32 -9.03 -41.87 -28.60
N ASN L 33 -8.51 -42.83 -27.83
CA ASN L 33 -7.93 -44.05 -28.36
C ASN L 33 -8.86 -45.24 -28.15
N LEU L 34 -10.18 -45.00 -28.24
CA LEU L 34 -11.18 -45.94 -27.75
C LEU L 34 -12.31 -46.12 -28.75
N VAL L 35 -11.97 -46.41 -30.01
CA VAL L 35 -12.96 -46.82 -31.01
C VAL L 35 -13.03 -48.35 -30.99
N SER L 36 -14.21 -48.87 -31.33
CA SER L 36 -14.43 -50.31 -31.35
C SER L 36 -15.54 -50.63 -32.34
N TRP L 37 -15.62 -51.90 -32.72
CA TRP L 37 -16.53 -52.38 -33.75
C TRP L 37 -17.33 -53.57 -33.25
N TYR L 38 -18.59 -53.67 -33.69
CA TYR L 38 -19.50 -54.72 -33.31
C TYR L 38 -20.27 -55.20 -34.53
N GLN L 39 -20.78 -56.43 -34.46
CA GLN L 39 -21.61 -57.02 -35.50
C GLN L 39 -22.82 -57.67 -34.87
N GLN L 40 -23.91 -57.75 -35.64
CA GLN L 40 -25.07 -58.52 -35.25
C GLN L 40 -25.77 -59.01 -36.49
N HIS L 41 -26.43 -60.17 -36.36
CA HIS L 41 -27.30 -60.71 -37.38
C HIS L 41 -28.59 -61.17 -36.71
N PRO L 42 -29.68 -61.32 -37.47
CA PRO L 42 -30.99 -61.49 -36.84
C PRO L 42 -31.07 -62.69 -35.90
N GLY L 43 -31.79 -62.51 -34.80
CA GLY L 43 -31.99 -63.54 -33.81
C GLY L 43 -30.91 -63.62 -32.74
N LYS L 44 -29.85 -62.83 -32.85
CA LYS L 44 -28.70 -62.90 -31.95
C LYS L 44 -28.38 -61.53 -31.37
N ALA L 45 -27.82 -61.52 -30.17
CA ALA L 45 -27.26 -60.30 -29.63
C ALA L 45 -25.96 -59.98 -30.35
N PRO L 46 -25.53 -58.71 -30.36
CA PRO L 46 -24.30 -58.36 -31.10
C PRO L 46 -23.07 -59.03 -30.50
N LYS L 47 -21.94 -58.84 -31.21
CA LYS L 47 -20.70 -59.53 -30.91
C LYS L 47 -19.53 -58.58 -31.10
N LEU L 48 -18.47 -58.76 -30.31
CA LEU L 48 -17.27 -57.95 -30.41
C LEU L 48 -16.18 -58.68 -31.18
N MET L 49 -15.45 -57.94 -32.04
CA MET L 49 -14.29 -58.47 -32.74
C MET L 49 -13.10 -57.52 -32.79
N ILE L 50 -13.29 -56.20 -32.69
CA ILE L 50 -12.20 -55.24 -32.56
C ILE L 50 -12.52 -54.33 -31.38
N TYR L 51 -11.55 -54.16 -30.49
CA TYR L 51 -11.63 -53.20 -29.40
C TYR L 51 -10.28 -52.52 -29.26
N GLU L 52 -10.28 -51.32 -28.68
CA GLU L 52 -9.08 -50.50 -28.54
C GLU L 52 -8.40 -50.33 -29.90
N VAL L 53 -9.19 -49.87 -30.86
CA VAL L 53 -8.75 -49.53 -32.22
C VAL L 53 -8.48 -50.79 -33.05
N SER L 54 -7.58 -51.67 -32.58
CA SER L 54 -7.10 -52.78 -33.42
C SER L 54 -6.95 -54.12 -32.73
N LYS L 55 -7.18 -54.25 -31.43
CA LYS L 55 -6.94 -55.52 -30.76
C LYS L 55 -8.16 -56.45 -30.88
N TRP L 56 -7.91 -57.75 -30.72
CA TRP L 56 -8.90 -58.80 -30.96
C TRP L 56 -9.39 -59.40 -29.64
N PRO L 57 -10.69 -59.78 -29.51
CA PRO L 57 -11.12 -60.51 -28.32
C PRO L 57 -10.87 -62.00 -28.45
N SER L 58 -11.39 -62.80 -27.52
CA SER L 58 -11.18 -64.24 -27.52
C SER L 58 -11.65 -64.87 -28.83
N GLY L 59 -10.75 -65.59 -29.49
CA GLY L 59 -11.13 -66.52 -30.54
C GLY L 59 -11.47 -65.91 -31.90
N VAL L 60 -12.43 -64.99 -31.92
CA VAL L 60 -13.11 -64.67 -33.18
C VAL L 60 -12.20 -63.84 -34.08
N SER L 61 -11.99 -64.35 -35.29
CA SER L 61 -11.62 -63.54 -36.46
C SER L 61 -10.34 -62.73 -36.32
N ASN L 62 -9.20 -63.41 -36.30
CA ASN L 62 -7.94 -62.75 -36.65
C ASN L 62 -8.00 -62.14 -38.06
N ARG L 63 -8.86 -62.70 -38.93
CA ARG L 63 -9.07 -62.16 -40.28
C ARG L 63 -9.39 -60.66 -40.25
N PHE L 64 -10.30 -60.23 -39.39
CA PHE L 64 -10.65 -58.82 -39.32
C PHE L 64 -9.50 -58.01 -38.72
N SER L 65 -9.39 -56.76 -39.17
CA SER L 65 -8.46 -55.80 -38.61
C SER L 65 -8.98 -54.41 -38.91
N GLY L 66 -8.51 -53.43 -38.14
CA GLY L 66 -8.99 -52.07 -38.29
C GLY L 66 -8.03 -51.05 -37.72
N SER L 67 -8.23 -49.81 -38.13
CA SER L 67 -7.42 -48.69 -37.66
C SER L 67 -8.19 -47.41 -37.93
N LYS L 68 -7.64 -46.30 -37.44
CA LYS L 68 -8.29 -45.00 -37.57
C LYS L 68 -7.25 -43.92 -37.84
N SER L 69 -7.68 -42.88 -38.56
CA SER L 69 -6.86 -41.73 -38.84
C SER L 69 -7.78 -40.52 -39.00
N GLY L 70 -7.32 -39.38 -38.52
CA GLY L 70 -8.18 -38.20 -38.51
C GLY L 70 -9.41 -38.44 -37.67
N ASN L 71 -10.58 -38.17 -38.25
CA ASN L 71 -11.86 -38.44 -37.61
C ASN L 71 -12.51 -39.73 -38.12
N THR L 72 -11.76 -40.58 -38.83
CA THR L 72 -12.31 -41.75 -39.51
C THR L 72 -11.67 -43.02 -38.94
N ALA L 73 -12.53 -44.00 -38.62
CA ALA L 73 -12.10 -45.33 -38.23
C ALA L 73 -12.57 -46.33 -39.27
N SER L 74 -11.84 -47.44 -39.40
CA SER L 74 -12.08 -48.38 -40.49
C SER L 74 -11.93 -49.82 -39.99
N LEU L 75 -12.71 -50.70 -40.62
CA LEU L 75 -12.66 -52.14 -40.38
C LEU L 75 -12.41 -52.81 -41.73
N THR L 76 -11.42 -53.69 -41.79
CA THR L 76 -10.99 -54.32 -43.03
C THR L 76 -11.29 -55.81 -43.00
N ILE L 77 -11.76 -56.34 -44.13
CA ILE L 77 -12.05 -57.76 -44.29
C ILE L 77 -11.32 -58.25 -45.53
N SER L 78 -10.86 -59.50 -45.48
CA SER L 78 -10.23 -60.14 -46.63
C SER L 78 -10.53 -61.63 -46.57
N GLY L 79 -10.75 -62.22 -47.74
CA GLY L 79 -11.25 -63.58 -47.83
C GLY L 79 -12.76 -63.59 -47.94
N LEU L 80 -13.43 -62.91 -47.00
CA LEU L 80 -14.85 -62.61 -47.11
C LEU L 80 -15.71 -63.86 -47.22
N GLN L 81 -15.77 -64.64 -46.15
CA GLN L 81 -16.53 -65.89 -46.12
C GLN L 81 -17.99 -65.61 -45.85
N ALA L 82 -18.80 -66.67 -45.92
CA ALA L 82 -20.25 -66.52 -45.78
C ALA L 82 -20.66 -66.13 -44.37
N GLU L 83 -19.88 -66.53 -43.36
CA GLU L 83 -20.22 -66.21 -41.98
C GLU L 83 -20.12 -64.72 -41.70
N ASP L 84 -19.46 -63.95 -42.57
CA ASP L 84 -19.31 -62.51 -42.35
C ASP L 84 -20.58 -61.72 -42.62
N GLU L 85 -21.64 -62.36 -43.14
CA GLU L 85 -22.90 -61.66 -43.37
C GLU L 85 -23.48 -61.22 -42.02
N ALA L 86 -23.43 -59.92 -41.75
CA ALA L 86 -23.94 -59.38 -40.50
C ALA L 86 -24.03 -57.87 -40.62
N ASP L 87 -24.65 -57.26 -39.62
CA ASP L 87 -24.80 -55.81 -39.56
C ASP L 87 -23.72 -55.25 -38.64
N TYR L 88 -22.74 -54.57 -39.24
CA TYR L 88 -21.57 -54.09 -38.52
C TYR L 88 -21.81 -52.67 -38.05
N TYR L 89 -21.36 -52.35 -36.84
CA TYR L 89 -21.66 -51.09 -36.17
C TYR L 89 -20.38 -50.41 -35.70
N CYS L 90 -20.33 -49.09 -35.88
CA CYS L 90 -19.20 -48.29 -35.39
C CYS L 90 -19.50 -47.80 -33.98
N CYS L 91 -18.46 -47.80 -33.13
CA CYS L 91 -18.60 -47.40 -31.74
C CYS L 91 -17.34 -46.68 -31.29
N SER L 92 -17.51 -45.67 -30.42
CA SER L 92 -16.39 -44.88 -29.95
C SER L 92 -16.78 -44.15 -28.67
N TYR L 93 -15.79 -43.96 -27.80
CA TYR L 93 -15.98 -43.14 -26.62
C TYR L 93 -16.15 -41.69 -27.05
N ALA L 94 -17.21 -41.05 -26.56
CA ALA L 94 -17.63 -39.75 -27.04
C ALA L 94 -17.09 -38.59 -26.21
N GLY L 95 -16.15 -38.86 -25.31
CA GLY L 95 -15.75 -37.85 -24.35
C GLY L 95 -16.84 -37.68 -23.31
N SER L 96 -16.57 -36.81 -22.34
CA SER L 96 -17.47 -36.63 -21.21
C SER L 96 -17.63 -37.99 -20.52
N SER L 97 -18.85 -38.37 -20.13
CA SER L 97 -19.11 -39.67 -19.54
C SER L 97 -19.74 -40.66 -20.51
N THR L 98 -19.74 -40.37 -21.82
CA THR L 98 -20.61 -41.05 -22.76
C THR L 98 -19.84 -41.79 -23.85
N VAL L 99 -20.28 -43.02 -24.12
CA VAL L 99 -19.98 -43.70 -25.37
C VAL L 99 -21.06 -43.37 -26.39
N ILE L 100 -20.76 -43.57 -27.67
CA ILE L 100 -21.72 -43.28 -28.72
C ILE L 100 -21.48 -44.22 -29.90
N PHE L 101 -22.57 -44.59 -30.57
CA PHE L 101 -22.56 -45.54 -31.68
C PHE L 101 -22.74 -44.84 -33.01
N GLY L 102 -22.45 -45.57 -34.09
CA GLY L 102 -22.71 -45.10 -35.44
C GLY L 102 -24.03 -45.62 -35.97
N GLY L 103 -24.26 -45.36 -37.26
CA GLY L 103 -25.50 -45.75 -37.90
C GLY L 103 -25.61 -47.23 -38.22
N GLY L 104 -24.49 -47.92 -38.37
CA GLY L 104 -24.49 -49.33 -38.73
C GLY L 104 -24.53 -49.54 -40.24
N THR L 105 -24.17 -50.75 -40.64
CA THR L 105 -24.12 -51.10 -42.05
C THR L 105 -24.19 -52.61 -42.20
N LYS L 106 -24.74 -53.06 -43.34
CA LYS L 106 -24.87 -54.48 -43.66
C LYS L 106 -23.78 -54.89 -44.63
N LEU L 107 -23.18 -56.06 -44.38
CA LEU L 107 -22.22 -56.68 -45.30
C LEU L 107 -22.96 -57.78 -46.05
N THR L 108 -23.27 -57.53 -47.32
CA THR L 108 -24.09 -58.43 -48.11
C THR L 108 -23.20 -59.50 -48.73
N VAL L 109 -23.20 -60.68 -48.13
CA VAL L 109 -22.45 -61.84 -48.64
C VAL L 109 -23.29 -63.08 -48.39
N LEU L 110 -23.01 -64.19 -49.11
CA LEU L 110 -21.91 -64.41 -50.07
C LEU L 110 -22.46 -65.05 -51.34
C1 NAG M . -27.54 29.09 -8.57
C2 NAG M . -27.96 30.56 -8.51
C3 NAG M . -27.35 31.24 -7.29
C4 NAG M . -27.70 30.46 -6.02
C5 NAG M . -27.30 29.00 -6.19
C6 NAG M . -27.71 28.13 -5.03
C7 NAG M . -28.33 31.34 -10.82
C8 NAG M . -27.76 32.10 -11.97
N2 NAG M . -27.56 31.26 -9.73
O3 NAG M . -27.87 32.56 -7.18
O4 NAG M . -26.99 31.00 -4.91
O5 NAG M . -27.92 28.45 -7.35
O6 NAG M . -27.18 26.83 -5.13
O7 NAG M . -29.43 30.81 -10.87
C1 NAG M . -27.83 31.66 -3.92
C2 NAG M . -27.00 31.80 -2.64
C3 NAG M . -27.84 32.50 -1.56
C4 NAG M . -28.39 33.82 -2.08
C5 NAG M . -29.11 33.61 -3.41
C6 NAG M . -29.53 34.92 -4.05
C7 NAG M . -25.28 30.08 -2.31
C8 NAG M . -24.99 28.71 -1.77
N2 NAG M . -26.55 30.50 -2.17
O3 NAG M . -27.02 32.73 -0.43
O4 NAG M . -29.32 34.36 -1.16
O5 NAG M . -28.26 32.95 -4.35
O6 NAG M . -30.64 34.74 -4.92
O7 NAG M . -24.42 30.75 -2.86
C1 BMA M . -28.76 35.15 -0.08
C2 BMA M . -29.85 36.14 0.38
C3 BMA M . -29.33 36.96 1.56
C4 BMA M . -28.77 36.07 2.66
C5 BMA M . -27.77 35.04 2.11
C6 BMA M . -27.39 34.01 3.15
O2 BMA M . -30.99 35.45 0.85
O3 BMA M . -30.37 37.79 2.12
O4 BMA M . -28.12 36.87 3.64
O5 BMA M . -28.36 34.33 1.00
O6 BMA M . -26.15 33.43 2.77
C1 MAN M . -30.18 39.22 1.96
C2 MAN M . -31.11 39.92 2.95
C3 MAN M . -32.56 39.59 2.59
C4 MAN M . -32.85 39.93 1.12
C5 MAN M . -31.80 39.28 0.18
C6 MAN M . -31.92 39.78 -1.24
O2 MAN M . -31.02 41.37 2.84
O3 MAN M . -33.47 40.26 3.44
O4 MAN M . -34.14 39.44 0.77
O5 MAN M . -30.46 39.60 0.63
O6 MAN M . -30.82 39.26 -1.99
C1 MAN M . -30.47 41.97 4.04
C2 MAN M . -30.66 43.52 3.94
C3 MAN M . -29.72 44.09 2.88
C4 MAN M . -28.28 43.65 3.14
C5 MAN M . -28.21 42.13 3.17
C6 MAN M . -26.82 41.60 3.46
O2 MAN M . -30.27 44.19 5.16
O3 MAN M . -29.81 45.51 2.81
O4 MAN M . -27.43 44.15 2.13
O5 MAN M . -29.10 41.63 4.20
O6 MAN M . -26.48 42.00 4.79
C1 NAG N . -25.06 28.87 -28.70
C2 NAG N . -25.32 29.99 -27.70
C3 NAG N . -26.82 30.17 -27.50
C4 NAG N . -27.55 30.30 -28.82
C5 NAG N . -27.17 29.17 -29.76
C6 NAG N . -27.74 29.32 -31.14
C7 NAG N . -23.49 30.26 -26.09
C8 NAG N . -22.96 29.87 -24.74
N2 NAG N . -24.67 29.73 -26.44
O3 NAG N . -27.05 31.34 -26.71
O4 NAG N . -28.96 30.24 -28.59
O5 NAG N . -25.74 29.13 -29.90
O6 NAG N . -27.70 28.10 -31.87
O7 NAG N . -22.87 31.03 -26.83
C1 NAG N . -29.60 31.47 -28.99
C2 NAG N . -31.09 31.28 -28.76
C3 NAG N . -31.85 32.56 -29.10
C4 NAG N . -31.25 33.75 -28.37
C5 NAG N . -29.75 33.81 -28.62
C6 NAG N . -29.06 34.91 -27.83
C7 NAG N . -32.67 29.46 -29.19
C8 NAG N . -33.05 28.34 -30.11
N2 NAG N . -31.60 30.16 -29.54
O3 NAG N . -33.22 32.40 -28.75
O4 NAG N . -31.84 34.96 -28.84
O5 NAG N . -29.13 32.58 -28.23
O6 NAG N . -29.20 34.71 -26.44
O7 NAG N . -33.32 29.69 -28.17
C1 BMA N . -33.11 35.33 -28.26
C2 BMA N . -33.06 36.83 -27.99
C3 BMA N . -34.39 37.32 -27.47
C4 BMA N . -35.56 36.82 -28.34
C5 BMA N . -35.46 35.31 -28.64
C6 BMA N . -36.47 34.86 -29.67
O2 BMA N . -32.82 37.54 -29.20
O3 BMA N . -34.36 38.77 -27.41
O4 BMA N . -36.79 37.03 -27.69
O5 BMA N . -34.16 35.03 -29.15
O6 BMA N . -36.18 35.59 -30.84
C1 MAN N . -35.26 39.39 -26.45
C2 MAN N . -34.98 40.91 -26.45
C3 MAN N . -33.59 41.17 -25.87
C4 MAN N . -33.42 40.48 -24.50
C5 MAN N . -33.78 39.00 -24.61
C6 MAN N . -33.76 38.27 -23.28
O2 MAN N . -35.92 41.66 -25.62
O3 MAN N . -33.32 42.56 -25.76
O4 MAN N . -32.07 40.58 -24.06
O5 MAN N . -35.10 38.88 -25.14
O6 MAN N . -34.57 39.00 -22.37
C1 MAN N . -37.12 42.08 -26.33
C2 MAN N . -37.92 43.09 -25.49
C3 MAN N . -38.35 42.40 -24.20
C4 MAN N . -39.23 41.19 -24.52
C5 MAN N . -38.51 40.25 -25.51
C6 MAN N . -39.42 39.19 -26.10
O2 MAN N . -39.13 43.42 -26.17
O3 MAN N . -39.02 43.28 -23.32
O4 MAN N . -39.50 40.48 -23.33
O5 MAN N . -37.96 40.99 -26.64
O6 MAN N . -38.96 38.89 -27.41
C1 MAN N . -39.59 44.78 -25.97
C2 MAN N . -40.94 44.89 -26.72
C3 MAN N . -40.70 44.74 -28.20
C4 MAN N . -39.71 45.79 -28.69
C5 MAN N . -38.40 45.73 -27.88
C6 MAN N . -37.52 46.93 -28.17
O2 MAN N . -41.53 46.18 -26.54
O3 MAN N . -41.91 44.83 -28.94
O4 MAN N . -39.41 45.55 -30.06
O5 MAN N . -38.67 45.74 -26.46
O6 MAN N . -36.22 46.68 -27.63
C1 MAN N . -36.92 35.20 -32.02
C2 MAN N . -36.37 36.13 -33.11
C3 MAN N . -36.81 37.55 -32.81
C4 MAN N . -38.34 37.63 -32.81
C5 MAN N . -38.89 36.67 -31.73
C6 MAN N . -40.40 36.55 -31.79
O2 MAN N . -36.90 35.79 -34.40
O3 MAN N . -36.22 38.51 -33.73
O4 MAN N . -38.74 38.95 -32.51
O5 MAN N . -38.34 35.33 -31.89
O6 MAN N . -40.72 36.07 -33.09
C1 MAN N . -42.13 36.22 -33.37
C2 MAN N . -42.40 35.36 -34.67
C3 MAN N . -42.02 36.14 -35.94
C4 MAN N . -42.47 37.60 -35.89
C5 MAN N . -41.91 38.25 -34.63
C6 MAN N . -42.23 39.73 -34.51
O2 MAN N . -43.78 34.96 -34.87
O3 MAN N . -42.53 35.51 -37.10
O4 MAN N . -42.01 38.29 -37.03
O5 MAN N . -42.49 37.58 -33.50
O6 MAN N . -41.63 40.22 -33.32
C1 MAN N . -44.47 34.25 -33.80
C2 MAN N . -43.62 33.11 -33.13
C3 MAN N . -43.30 32.03 -34.14
C4 MAN N . -44.60 31.50 -34.76
C5 MAN N . -45.43 32.64 -35.35
C6 MAN N . -46.78 32.19 -35.84
O2 MAN N . -44.37 32.47 -32.10
O3 MAN N . -42.57 30.97 -33.54
O4 MAN N . -44.28 30.57 -35.79
O5 MAN N . -45.65 33.67 -34.35
O6 MAN N . -46.60 31.02 -36.65
C1 MAN N . -35.24 39.42 -33.15
C2 MAN N . -35.92 40.83 -33.06
C3 MAN N . -35.92 41.52 -34.42
C4 MAN N . -34.53 41.50 -35.02
C5 MAN N . -34.09 40.05 -35.20
C6 MAN N . -32.70 39.93 -35.80
O2 MAN N . -35.18 41.70 -32.18
O3 MAN N . -36.41 42.86 -34.32
O4 MAN N . -34.54 42.16 -36.29
O5 MAN N . -34.04 39.43 -33.92
O6 MAN N . -31.78 40.57 -34.92
C1 NAG O . -36.92 13.53 -4.97
C2 NAG O . -37.34 14.93 -4.58
C3 NAG O . -37.45 15.05 -3.06
C4 NAG O . -38.32 13.94 -2.49
C5 NAG O . -37.88 12.58 -3.01
C6 NAG O . -38.83 11.47 -2.63
C7 NAG O . -36.43 16.37 -6.36
C8 NAG O . -35.40 17.38 -6.71
N2 NAG O . -36.41 15.92 -5.09
O3 NAG O . -38.00 16.32 -2.73
O4 NAG O . -38.20 13.92 -1.07
O5 NAG O . -37.84 12.59 -4.45
O6 NAG O . -38.43 10.23 -3.18
O7 NAG O . -37.25 15.96 -7.18
C1 NAG O . -39.40 14.36 -0.42
C2 NAG O . -39.26 14.07 1.06
C3 NAG O . -40.53 14.49 1.80
C4 NAG O . -40.93 15.93 1.44
C5 NAG O . -40.82 16.22 -0.06
C6 NAG O . -40.87 17.70 -0.39
C7 NAG O . -37.79 12.18 1.60
C8 NAG O . -37.71 10.69 1.78
N2 NAG O . -38.99 12.66 1.28
O3 NAG O . -40.31 14.38 3.19
O4 NAG O . -42.30 16.07 1.81
O5 NAG O . -39.59 15.73 -0.60
O6 NAG O . -40.11 18.48 0.52
O7 NAG O . -36.80 12.90 1.71
C1 NAG P . -22.44 31.48 -15.99
C2 NAG P . -20.93 31.48 -16.22
C3 NAG P . -20.40 32.91 -16.44
C4 NAG P . -21.21 33.62 -17.51
C5 NAG P . -22.68 33.57 -17.15
C6 NAG P . -23.58 34.21 -18.18
C7 NAG P . -19.11 30.16 -15.23
C8 NAG P . -18.53 29.61 -13.95
N2 NAG P . -20.23 30.86 -15.10
O3 NAG P . -19.04 32.85 -16.82
O4 NAG P . -20.78 34.97 -17.60
O5 NAG P . -23.08 32.19 -17.04
O6 NAG P . -24.94 34.21 -17.74
O7 NAG P . -18.56 29.98 -16.32
C1 NAG P . -20.46 35.33 -18.96
C2 NAG P . -20.03 36.80 -18.98
C3 NAG P . -19.68 37.22 -20.40
C4 NAG P . -18.62 36.30 -20.97
C5 NAG P . -19.08 34.84 -20.86
C6 NAG P . -18.01 33.86 -21.30
C7 NAG P . -22.29 37.79 -18.84
C8 NAG P . -23.17 38.74 -18.10
N2 NAG P . -21.03 37.67 -18.39
O3 NAG P . -19.21 38.57 -20.38
O4 NAG P . -18.41 36.57 -22.36
O5 NAG P . -19.41 34.52 -19.51
O6 NAG P . -18.55 32.57 -21.53
O7 NAG P . -22.68 37.18 -19.83
C1 NAG Q . -4.15 -7.39 40.10
C2 NAG Q . -3.66 -8.08 41.37
C3 NAG Q . -2.98 -9.41 41.00
C4 NAG Q . -3.89 -10.27 40.15
C5 NAG Q . -4.38 -9.46 38.94
C6 NAG Q . -5.39 -10.21 38.11
C7 NAG Q . -3.16 -6.38 43.05
C8 NAG Q . -2.09 -5.58 43.73
N2 NAG Q . -2.75 -7.23 42.12
O3 NAG Q . -2.64 -10.09 42.20
O4 NAG Q . -3.17 -11.41 39.67
O5 NAG Q . -5.01 -8.26 39.38
O6 NAG Q . -5.70 -9.51 36.91
O7 NAG Q . -4.34 -6.25 43.35
C1 NAG Q . -3.63 -12.67 40.21
C2 NAG Q . -3.09 -13.79 39.33
C3 NAG Q . -3.53 -15.14 39.87
C4 NAG Q . -3.16 -15.30 41.34
C5 NAG Q . -3.65 -14.10 42.15
C6 NAG Q . -3.15 -14.11 43.57
C7 NAG Q . -2.68 -13.25 36.97
C8 NAG Q . -3.31 -13.12 35.61
N2 NAG Q . -3.51 -13.62 37.95
O3 NAG Q . -2.92 -16.17 39.10
O4 NAG Q . -3.78 -16.46 41.87
O5 NAG Q . -3.19 -12.87 41.56
O6 NAG Q . -4.02 -13.39 44.43
O7 NAG Q . -1.49 -13.03 37.16
C1 BMA Q . -3.06 -17.70 41.70
C2 BMA Q . -3.46 -18.65 42.84
C3 BMA Q . -2.73 -19.96 42.68
C4 BMA Q . -2.96 -20.54 41.29
C5 BMA Q . -2.64 -19.50 40.19
C6 BMA Q . -3.07 -19.99 38.82
O2 BMA Q . -4.85 -18.94 42.77
O3 BMA Q . -3.13 -20.94 43.65
O4 BMA Q . -2.11 -21.68 41.11
O5 BMA Q . -3.35 -18.28 40.45
O6 BMA Q . -2.32 -19.28 37.84
C1 MAN Q . -2.10 -21.30 44.61
C2 MAN Q . -2.50 -22.63 45.29
C3 MAN Q . -3.80 -22.42 46.05
C4 MAN Q . -3.66 -21.26 47.05
C5 MAN Q . -3.13 -19.98 46.35
C6 MAN Q . -2.75 -18.90 47.35
O2 MAN Q . -1.52 -23.01 46.27
O3 MAN Q . -4.21 -23.60 46.72
O4 MAN Q . -4.93 -20.97 47.62
O5 MAN Q . -1.94 -20.29 45.58
O6 MAN Q . -2.10 -17.85 46.64
C1 MAN Q . -1.05 -24.37 46.07
C2 MAN Q . -0.13 -24.72 47.27
C3 MAN Q . 1.14 -23.88 47.19
C4 MAN Q . 1.83 -24.10 45.84
C5 MAN Q . 0.88 -23.77 44.68
C6 MAN Q . 1.46 -24.13 43.34
O2 MAN Q . 0.33 -26.07 47.22
O3 MAN Q . 2.02 -24.16 48.27
O4 MAN Q . 2.98 -23.27 45.75
O5 MAN Q . -0.36 -24.51 44.83
O6 MAN Q . 1.55 -25.55 43.27
C1 MAN Q . -2.99 -19.23 36.56
C2 MAN Q . -3.09 -20.64 35.90
C3 MAN Q . -1.69 -21.15 35.70
C4 MAN Q . -0.88 -20.16 34.82
C5 MAN Q . -0.89 -18.76 35.49
C6 MAN Q . -0.21 -17.68 34.65
O2 MAN Q . -3.68 -20.56 34.61
O3 MAN Q . -1.65 -22.48 35.15
O4 MAN Q . 0.46 -20.61 34.68
O5 MAN Q . -2.26 -18.36 35.73
O6 MAN Q . -0.97 -17.45 33.46
C1 NAG R . 0.81 11.23 46.42
C2 NAG R . 1.11 9.84 46.99
C3 NAG R . -0.02 9.40 47.91
C4 NAG R . -0.30 10.45 48.97
C5 NAG R . -0.54 11.80 48.31
C6 NAG R . -0.71 12.92 49.31
C7 NAG R . 2.49 8.43 45.52
C8 NAG R . 2.48 7.44 44.39
N2 NAG R . 1.29 8.89 45.91
O3 NAG R . 0.34 8.17 48.53
O4 NAG R . -1.47 10.10 49.70
O5 NAG R . 0.58 12.15 47.49
O6 NAG R . -1.29 14.08 48.69
O7 NAG R . 3.54 8.79 46.06
C1 NAG R . -1.19 9.86 51.09
C2 NAG R . -2.51 9.55 51.79
C3 NAG R . -2.28 9.25 53.25
C4 NAG R . -1.26 8.12 53.39
C5 NAG R . 0.01 8.49 52.65
C6 NAG R . 1.05 7.38 52.65
C7 NAG R . -4.73 10.50 51.34
C8 NAG R . -5.53 11.77 51.21
N2 NAG R . -3.43 10.67 51.63
O3 NAG R . -3.52 8.92 53.87
O4 NAG R . -0.95 7.88 54.77
O5 NAG R . -0.29 8.77 51.27
O6 NAG R . 0.56 6.23 52.01
O7 NAG R . -5.23 9.40 51.19
C1 BMA R . -1.94 7.12 55.52
C2 BMA R . -1.16 6.16 56.42
C3 BMA R . -2.08 5.47 57.42
C4 BMA R . -2.99 6.49 58.10
C5 BMA R . -3.74 7.30 57.05
C6 BMA R . -4.67 8.34 57.68
O2 BMA R . -0.21 6.87 57.20
O3 BMA R . -1.28 4.74 58.38
O4 BMA R . -3.95 5.86 58.91
O5 BMA R . -2.77 7.99 56.27
O6 BMA R . -3.87 9.09 58.56
C1 MAN R . -1.94 3.65 59.09
C2 MAN R . -0.83 2.88 59.84
C3 MAN R . 0.11 2.27 58.82
C4 MAN R . -0.67 1.33 57.88
C5 MAN R . -1.87 2.06 57.24
C6 MAN R . -2.82 1.11 56.55
O2 MAN R . -1.36 1.77 60.60
O3 MAN R . 1.18 1.57 59.42
O4 MAN R . 0.18 0.88 56.86
O5 MAN R . -2.64 2.76 58.24
O6 MAN R . -3.40 0.28 57.55
C1 MAN R . -1.94 2.14 61.88
C2 MAN R . -2.03 0.89 62.76
C3 MAN R . -2.90 -0.13 62.06
C4 MAN R . -4.30 0.44 61.83
C5 MAN R . -4.23 1.80 61.11
C6 MAN R . -5.54 2.53 61.15
O2 MAN R . -2.71 1.22 63.98
O3 MAN R . -2.98 -1.36 62.76
O4 MAN R . -5.04 -0.46 61.03
O5 MAN R . -3.24 2.67 61.73
O6 MAN R . -5.36 3.82 60.58
C1 MAN R . -2.26 0.48 65.13
C2 MAN R . -3.18 0.92 66.29
C3 MAN R . -2.92 2.39 66.58
C4 MAN R . -1.44 2.61 66.92
C5 MAN R . -0.51 2.05 65.82
C6 MAN R . 0.93 1.96 66.31
O2 MAN R . -2.88 0.23 67.49
O3 MAN R . -3.74 2.86 67.63
O4 MAN R . -1.20 4.00 67.08
O5 MAN R . -0.89 0.71 65.45
O6 MAN R . 1.78 1.85 65.17
C1 MAN R . -4.49 10.27 59.13
C2 MAN R . -3.34 10.96 59.88
C3 MAN R . -2.92 10.08 61.06
C4 MAN R . -4.10 9.91 62.00
C5 MAN R . -5.26 9.23 61.24
C6 MAN R . -6.53 9.15 62.05
O2 MAN R . -3.74 12.22 60.43
O3 MAN R . -1.74 10.61 61.73
O4 MAN R . -3.72 9.09 63.09
O5 MAN R . -5.57 9.97 60.03
O6 MAN R . -6.89 10.47 62.42
C1 MAN R . -7.90 10.45 63.44
C2 MAN R . -8.47 11.91 63.51
C3 MAN R . -7.54 12.84 64.31
C4 MAN R . -7.04 12.17 65.60
C5 MAN R . -6.38 10.83 65.24
C6 MAN R . -5.79 10.12 66.45
O2 MAN R . -9.77 12.04 64.16
O3 MAN R . -8.17 14.07 64.63
O4 MAN R . -6.10 13.00 66.25
O5 MAN R . -7.38 9.99 64.67
O6 MAN R . -5.17 8.91 65.98
C1 MAN R . -10.87 11.23 63.68
C2 MAN R . -11.00 11.17 62.11
C3 MAN R . -11.32 12.55 61.57
C4 MAN R . -12.59 13.11 62.24
C5 MAN R . -12.43 13.09 63.78
C6 MAN R . -13.70 13.49 64.49
O2 MAN R . -12.10 10.36 61.73
O3 MAN R . -11.48 12.54 60.16
O4 MAN R . -12.82 14.44 61.82
O5 MAN R . -12.08 11.75 64.22
O6 MAN R . -14.16 14.71 63.92
C1 MAN R . -0.52 9.85 61.49
C2 MAN R . -0.29 8.93 62.72
C3 MAN R . 0.39 9.69 63.86
C4 MAN R . 1.60 10.44 63.35
C5 MAN R . 1.14 11.45 62.30
C6 MAN R . 2.28 12.27 61.74
O2 MAN R . 0.60 7.83 62.42
O3 MAN R . 0.76 8.83 64.93
O4 MAN R . 2.24 11.13 64.41
O5 MAN R . 0.58 10.72 61.20
O6 MAN R . 3.23 11.38 61.17
C1 NAG S . -21.19 -5.42 33.10
C2 NAG S . -20.78 -6.40 34.18
C3 NAG S . -21.04 -7.83 33.71
C4 NAG S . -22.46 -8.00 33.19
C5 NAG S . -22.80 -6.91 32.19
C6 NAG S . -24.26 -6.91 31.80
C7 NAG S . -18.95 -5.28 35.38
C8 NAG S . -17.48 -5.25 35.63
N2 NAG S . -19.39 -6.23 34.53
O3 NAG S . -20.81 -8.72 34.80
O4 NAG S . -22.58 -9.25 32.53
O5 NAG S . -22.55 -5.62 32.76
O6 NAG S . -24.56 -5.86 30.88
O7 NAG S . -19.72 -4.49 35.90
C1 NAG S . -23.40 -10.18 33.29
C2 NAG S . -23.67 -11.39 32.40
C3 NAG S . -24.55 -12.38 33.15
C4 NAG S . -24.01 -12.69 34.54
C5 NAG S . -23.53 -11.44 35.28
C6 NAG S . -22.68 -11.74 36.49
C7 NAG S . -23.64 -10.95 29.98
C8 NAG S . -24.46 -10.49 28.81
N2 NAG S . -24.29 -10.98 31.15
O3 NAG S . -24.65 -13.58 32.39
O4 NAG S . -25.09 -13.25 35.28
O5 NAG S . -22.72 -10.60 34.45
O6 NAG S . -21.74 -12.78 36.25
O7 NAG S . -22.46 -11.25 29.87
C1 NAG T . 2.51 -1.07 41.74
C2 NAG T . 3.74 -0.68 40.92
C3 NAG T . 5.03 -0.98 41.70
C4 NAG T . 4.97 -0.40 43.11
C5 NAG T . 3.71 -0.88 43.80
C6 NAG T . 3.53 -0.31 45.18
C7 NAG T . 4.26 -0.85 38.53
C8 NAG T . 4.20 -1.72 37.31
N2 NAG T . 3.75 -1.37 39.65
O3 NAG T . 6.14 -0.45 41.00
O4 NAG T . 6.12 -0.80 43.84
O5 NAG T . 2.57 -0.47 43.04
O6 NAG T . 2.35 -0.82 45.80
O7 NAG T . 4.74 0.28 38.50
C1 NAG T . 6.77 0.32 44.47
C2 NAG T . 7.97 -0.22 45.24
C3 NAG T . 8.69 0.92 45.95
C4 NAG T . 9.08 1.99 44.94
C5 NAG T . 7.85 2.44 44.16
C6 NAG T . 8.19 3.42 43.06
C7 NAG T . 6.74 -1.11 47.19
C8 NAG T . 6.47 -2.33 48.03
N2 NAG T . 7.60 -1.27 46.18
O3 NAG T . 9.86 0.41 46.61
O4 NAG T . 9.62 3.14 45.59
O5 NAG T . 7.21 1.31 43.54
O6 NAG T . 7.03 4.05 42.55
O7 NAG T . 6.19 -0.03 47.42
C1 NAG U . -13.71 -33.79 -18.72
C2 NAG U . -13.90 -34.59 -20.01
C3 NAG U . -14.06 -33.65 -21.20
C4 NAG U . -15.15 -32.62 -20.94
C5 NAG U . -14.89 -31.91 -19.61
C6 NAG U . -16.01 -30.97 -19.23
C7 NAG U . -12.78 -36.76 -19.75
C8 NAG U . -11.56 -37.57 -20.06
N2 NAG U . -12.80 -35.51 -20.23
O3 NAG U . -14.36 -34.41 -22.36
O4 NAG U . -15.15 -31.65 -21.99
O5 NAG U . -14.79 -32.87 -18.55
O6 NAG U . -15.65 -30.19 -18.09
O7 NAG U . -13.70 -37.21 -19.08
C1 NAG U . -16.34 -31.67 -22.83
C2 NAG U . -16.40 -30.36 -23.60
C3 NAG U . -17.62 -30.33 -24.50
C4 NAG U . -17.64 -31.57 -25.41
C5 NAG U . -17.46 -32.84 -24.59
C6 NAG U . -17.30 -34.06 -25.46
C7 NAG U . -15.40 -28.39 -22.50
C8 NAG U . -15.62 -27.29 -21.51
N2 NAG U . -16.43 -29.23 -22.67
O3 NAG U . -17.60 -29.15 -25.29
O4 NAG U . -18.88 -31.65 -26.09
O5 NAG U . -16.30 -32.76 -23.76
O6 NAG U . -17.70 -35.25 -24.78
O7 NAG U . -14.34 -28.52 -23.10
C1 BMA U . -18.99 -30.90 -27.32
C2 BMA U . -20.04 -31.59 -28.20
C3 BMA U . -20.17 -30.82 -29.51
C4 BMA U . -20.47 -29.34 -29.23
C5 BMA U . -19.45 -28.74 -28.25
C6 BMA U . -19.87 -27.35 -27.80
O2 BMA U . -21.30 -31.57 -27.58
O3 BMA U . -21.21 -31.35 -30.36
O4 BMA U . -20.44 -28.62 -30.45
O5 BMA U . -19.37 -29.56 -27.07
O6 BMA U . -18.71 -26.67 -27.34
C1 MAN U . -20.73 -31.95 -31.58
C2 MAN U . -21.92 -32.07 -32.56
C3 MAN U . -22.96 -33.00 -31.96
C4 MAN U . -22.34 -34.36 -31.60
C5 MAN U . -21.07 -34.19 -30.73
C6 MAN U . -20.30 -35.47 -30.58
O2 MAN U . -21.50 -32.69 -33.79
O3 MAN U . -24.07 -33.19 -32.83
O4 MAN U . -23.28 -35.15 -30.89
O5 MAN U . -20.17 -33.22 -31.34
O6 MAN U . -19.07 -35.19 -29.91
C1 NAG V . 0.00 -46.55 -10.90
C2 NAG V . -0.66 -46.45 -12.27
C3 NAG V . -1.97 -47.22 -12.29
C4 NAG V . -1.78 -48.65 -11.78
C5 NAG V . -1.07 -48.63 -10.43
C6 NAG V . -0.71 -50.02 -9.95
C7 NAG V . -0.11 -44.38 -13.48
C8 NAG V . -0.51 -42.95 -13.73
N2 NAG V . -0.88 -45.06 -12.63
O3 NAG V . -2.47 -47.26 -13.62
O4 NAG V . -3.06 -49.25 -11.62
O5 NAG V . 0.17 -47.91 -10.55
O6 NAG V . -0.42 -50.00 -8.56
O7 NAG V . 0.86 -44.88 -14.02
C1 NAG V . -3.21 -50.41 -12.47
C2 NAG V . -4.57 -51.02 -12.16
C3 NAG V . -4.82 -52.21 -13.07
C4 NAG V . -4.63 -51.83 -14.53
C5 NAG V . -3.26 -51.19 -14.72
C6 NAG V . -3.02 -50.68 -16.12
C7 NAG V . -5.79 -51.50 -10.09
C8 NAG V . -5.69 -51.93 -8.66
N2 NAG V . -4.64 -51.42 -10.77
O3 NAG V . -6.16 -52.68 -12.86
O4 NAG V . -4.68 -53.00 -15.36
O5 NAG V . -3.14 -50.05 -13.84
O6 NAG V . -3.95 -49.67 -16.48
O7 NAG V . -6.88 -51.25 -10.62
C1 BMA V . -6.01 -53.47 -15.69
C2 BMA V . -6.00 -53.79 -17.18
C3 BMA V . -7.35 -54.37 -17.62
C4 BMA V . -7.83 -55.48 -16.65
C5 BMA V . -7.67 -55.07 -15.17
C6 BMA V . -7.91 -56.23 -14.21
O2 BMA V . -5.04 -54.79 -17.46
O3 BMA V . -7.21 -54.87 -18.98
O4 BMA V . -9.19 -55.75 -16.86
O5 BMA V . -6.34 -54.61 -14.95
O6 BMA V . -7.00 -57.25 -14.58
C1 MAN V . -8.44 -55.17 -19.68
C2 MAN V . -8.08 -55.44 -21.16
C3 MAN V . -7.51 -54.16 -21.75
C4 MAN V . -8.52 -53.02 -21.64
C5 MAN V . -9.00 -52.85 -20.18
C6 MAN V . -10.21 -51.94 -20.08
O2 MAN V . -9.24 -55.75 -21.97
O3 MAN V . -7.13 -54.34 -23.10
O4 MAN V . -7.93 -51.82 -22.06
O5 MAN V . -9.39 -54.12 -19.61
O6 MAN V . -11.29 -52.58 -20.76
C1 MAN V . -9.62 -57.16 -21.92
C2 MAN V . -10.61 -57.45 -23.06
C3 MAN V . -11.84 -56.58 -22.83
C4 MAN V . -12.48 -56.90 -21.48
C5 MAN V . -11.44 -56.80 -20.35
C6 MAN V . -11.93 -57.39 -19.04
O2 MAN V . -11.06 -58.80 -22.96
O3 MAN V . -12.81 -56.72 -23.88
O4 MAN V . -13.52 -55.97 -21.23
O5 MAN V . -10.22 -57.51 -20.69
O6 MAN V . -10.80 -57.72 -18.25
C1 MAN V . -11.34 -59.44 -24.22
C2 MAN V . -12.00 -60.79 -23.86
C3 MAN V . -10.97 -61.68 -23.20
C4 MAN V . -9.76 -61.87 -24.11
C5 MAN V . -9.16 -60.50 -24.51
C6 MAN V . -8.13 -60.67 -25.61
O2 MAN V . -12.42 -61.49 -25.04
O3 MAN V . -11.52 -62.94 -22.85
O4 MAN V . -8.78 -62.64 -23.43
O5 MAN V . -10.18 -59.62 -25.03
O6 MAN V . -7.40 -59.46 -25.73
C1 MAN V . -6.85 -58.30 -13.61
C2 MAN V . -5.62 -59.08 -14.08
C3 MAN V . -5.98 -59.78 -15.39
C4 MAN V . -7.15 -60.73 -15.17
C5 MAN V . -8.36 -59.92 -14.66
C6 MAN V . -9.53 -60.78 -14.28
O2 MAN V . -5.25 -60.10 -13.17
O3 MAN V . -4.83 -60.45 -15.98
O4 MAN V . -7.50 -61.36 -16.39
O5 MAN V . -7.98 -59.14 -13.48
O6 MAN V . -9.07 -61.65 -13.26
C1 MAN V . -10.04 -62.71 -13.03
C2 MAN V . -9.63 -63.38 -11.67
C3 MAN V . -8.47 -64.37 -11.87
C4 MAN V . -8.67 -65.24 -13.12
C5 MAN V . -8.87 -64.33 -14.32
C6 MAN V . -8.99 -65.09 -15.63
O2 MAN V . -10.68 -64.15 -11.02
O3 MAN V . -8.29 -65.21 -10.73
O4 MAN V . -7.52 -66.05 -13.33
O5 MAN V . -10.08 -63.60 -14.12
O6 MAN V . -9.14 -64.14 -16.68
C1 MAN V . -11.95 -63.51 -10.73
C2 MAN V . -11.83 -62.06 -10.14
C3 MAN V . -11.15 -62.13 -8.79
C4 MAN V . -11.90 -63.09 -7.85
C5 MAN V . -12.07 -64.47 -8.52
C6 MAN V . -12.95 -65.40 -7.70
O2 MAN V . -13.12 -61.51 -9.89
O3 MAN V . -11.05 -60.84 -8.19
O4 MAN V . -11.19 -63.24 -6.64
O5 MAN V . -12.67 -64.33 -9.83
O6 MAN V . -12.51 -65.34 -6.35
C1 MAN V . -4.25 -59.77 -17.13
C2 MAN V . -4.73 -60.54 -18.40
C3 MAN V . -3.88 -61.78 -18.64
C4 MAN V . -2.40 -61.44 -18.59
C5 MAN V . -2.09 -60.90 -17.20
C6 MAN V . -0.62 -60.53 -17.03
O2 MAN V . -4.58 -59.74 -19.59
O3 MAN V . -4.20 -62.39 -19.89
O4 MAN V . -1.62 -62.60 -18.82
O5 MAN V . -2.83 -59.68 -17.01
O6 MAN V . -0.29 -59.57 -18.01
C1 NAG W . -25.21 -30.26 -4.62
C2 NAG W . -25.61 -30.79 -5.99
C3 NAG W . -26.56 -29.83 -6.68
C4 NAG W . -27.73 -29.46 -5.77
C5 NAG W . -27.23 -29.03 -4.39
C6 NAG W . -28.35 -28.85 -3.39
C7 NAG W . -23.67 -32.12 -6.72
C8 NAG W . -22.50 -32.18 -7.66
N2 NAG W . -24.44 -31.02 -6.82
O3 NAG W . -27.05 -30.42 -7.87
O4 NAG W . -28.45 -28.37 -6.33
O5 NAG W . -26.36 -30.04 -3.85
O6 NAG W . -27.85 -28.51 -2.10
O7 NAG W . -23.89 -32.99 -5.90
C1 NAG W . -29.76 -28.77 -6.80
C2 NAG W . -30.53 -27.52 -7.15
C3 NAG W . -31.93 -27.90 -7.62
C4 NAG W . -31.89 -28.96 -8.72
C5 NAG W . -30.90 -30.10 -8.40
C6 NAG W . -30.58 -30.97 -9.58
C7 NAG W . -29.87 -25.51 -5.89
C8 NAG W . -30.09 -24.72 -4.63
N2 NAG W . -30.61 -26.62 -6.01
O3 NAG W . -32.58 -26.73 -8.12
O4 NAG W . -33.19 -29.53 -8.78
O5 NAG W . -29.64 -29.57 -7.94
O6 NAG W . -30.39 -30.21 -10.77
O7 NAG W . -29.07 -25.16 -6.75
C1 NAG X . -4.96 -37.07 -18.71
C2 NAG X . -3.62 -36.35 -18.85
C3 NAG X . -2.89 -36.80 -20.13
C4 NAG X . -2.82 -38.31 -20.22
C5 NAG X . -4.22 -38.88 -20.10
C6 NAG X . -4.25 -40.39 -20.13
C7 NAG X . -2.93 -34.04 -18.34
C8 NAG X . -3.29 -32.59 -18.46
N2 NAG X . -3.81 -34.91 -18.86
O3 NAG X . -1.57 -36.24 -20.14
O4 NAG X . -2.25 -38.67 -21.47
O5 NAG X . -4.77 -38.48 -18.84
O6 NAG X . -5.59 -40.88 -20.07
O7 NAG X . -1.89 -34.42 -17.80
C1 NAG X . -1.17 -39.63 -21.31
C2 NAG X . -0.62 -39.96 -22.70
C3 NAG X . 0.51 -40.97 -22.59
C4 NAG X . 1.58 -40.43 -21.66
C5 NAG X . 0.97 -40.04 -20.30
C6 NAG X . 1.97 -39.39 -19.38
C7 NAG X . -2.41 -41.52 -23.36
C8 NAG X . -3.45 -41.83 -24.41
N2 NAG X . -1.67 -40.43 -23.59
O3 NAG X . 1.06 -41.21 -23.88
O4 NAG X . 2.59 -41.41 -21.41
O5 NAG X . -0.10 -39.12 -20.49
O6 NAG X . 1.50 -39.36 -18.05
O7 NAG X . -2.27 -42.22 -22.37
#